data_2RQ6
#
_entry.id   2RQ6
#
_entity_poly.entity_id   1
_entity_poly.type   'polypeptide(L)'
_entity_poly.pdbx_seq_one_letter_code
;MVMTVRVIAPDKTVWDAPAEEVILPSTTGQLGILSNHAPLLTALETGVMRVRQDREWVAIALMGGFAEVENNEVTILVNG
AERGDTIDLEKAKAEFAAAQAALAQAEQGESKQAKIQATQAFRRARARLQAAGGVVEI
;
_entity_poly.pdbx_strand_id   A
#
# COMPACT_ATOMS: atom_id res chain seq x y z
N MET A 1 -5.58 14.62 21.29
CA MET A 1 -7.02 14.45 21.10
C MET A 1 -7.30 13.57 19.88
N VAL A 2 -6.44 13.67 18.87
CA VAL A 2 -6.59 12.89 17.65
C VAL A 2 -5.24 12.50 17.07
N MET A 3 -5.25 11.62 16.08
CA MET A 3 -4.02 11.17 15.43
C MET A 3 -3.77 11.94 14.16
N THR A 4 -2.51 11.94 13.70
CA THR A 4 -2.15 12.66 12.48
C THR A 4 -1.27 11.78 11.59
N VAL A 5 -1.89 11.22 10.55
CA VAL A 5 -1.17 10.36 9.61
C VAL A 5 -0.65 11.16 8.41
N ARG A 6 0.57 10.87 8.00
CA ARG A 6 1.18 11.56 6.87
C ARG A 6 2.00 10.60 6.01
N VAL A 7 1.80 10.66 4.70
CA VAL A 7 2.52 9.80 3.77
C VAL A 7 3.70 10.52 3.15
N ILE A 8 4.78 9.79 2.90
CA ILE A 8 5.97 10.36 2.31
C ILE A 8 6.63 9.38 1.33
N ALA A 9 7.25 9.92 0.29
CA ALA A 9 7.93 9.09 -0.70
C ALA A 9 9.40 9.46 -0.83
N PRO A 10 10.20 8.55 -1.39
CA PRO A 10 11.63 8.75 -1.58
C PRO A 10 11.93 9.80 -2.64
N ASP A 11 10.88 10.24 -3.35
CA ASP A 11 11.03 11.25 -4.39
C ASP A 11 10.51 12.59 -3.92
N LYS A 12 9.65 12.58 -2.91
CA LYS A 12 9.08 13.80 -2.37
C LYS A 12 8.09 13.48 -1.25
N THR A 13 7.34 14.50 -0.82
CA THR A 13 6.36 14.33 0.24
C THR A 13 4.95 14.26 -0.32
N VAL A 14 4.11 13.43 0.30
CA VAL A 14 2.73 13.26 -0.15
C VAL A 14 1.82 14.27 0.54
N TRP A 15 1.61 14.09 1.84
CA TRP A 15 0.76 14.99 2.61
C TRP A 15 0.69 14.55 4.07
N ASP A 16 -0.10 15.27 4.86
CA ASP A 16 -0.25 14.95 6.28
C ASP A 16 -1.63 15.37 6.78
N ALA A 17 -2.58 14.44 6.75
CA ALA A 17 -3.94 14.71 7.20
C ALA A 17 -4.21 14.02 8.53
N PRO A 18 -5.23 14.53 9.26
CA PRO A 18 -5.62 13.99 10.56
C PRO A 18 -6.26 12.61 10.45
N ALA A 19 -6.54 12.01 11.59
CA ALA A 19 -7.17 10.69 11.63
C ALA A 19 -7.43 10.23 13.05
N GLU A 20 -8.49 9.44 13.24
CA GLU A 20 -8.84 8.94 14.55
C GLU A 20 -8.45 7.47 14.71
N GLU A 21 -8.34 6.78 13.58
CA GLU A 21 -7.97 5.37 13.59
C GLU A 21 -7.61 4.89 12.19
N VAL A 22 -6.48 4.20 12.07
CA VAL A 22 -6.03 3.68 10.78
C VAL A 22 -5.98 2.16 10.79
N ILE A 23 -6.72 1.54 9.89
CA ILE A 23 -6.76 0.09 9.78
C ILE A 23 -6.31 -0.38 8.40
N LEU A 24 -5.36 -1.30 8.38
CA LEU A 24 -4.85 -1.85 7.13
C LEU A 24 -4.12 -3.16 7.35
N PRO A 25 -3.94 -3.93 6.27
CA PRO A 25 -3.25 -5.23 6.33
C PRO A 25 -1.76 -5.08 6.58
N SER A 26 -1.26 -5.75 7.61
CA SER A 26 0.15 -5.69 7.96
C SER A 26 0.75 -7.09 8.04
N THR A 27 1.99 -7.17 8.52
CA THR A 27 2.67 -8.45 8.64
C THR A 27 1.80 -9.49 9.33
N THR A 28 1.38 -9.19 10.55
CA THR A 28 0.54 -10.10 11.32
C THR A 28 -0.83 -10.26 10.66
N GLY A 29 -1.14 -9.36 9.72
CA GLY A 29 -2.42 -9.43 9.04
C GLY A 29 -3.30 -8.24 9.35
N GLN A 30 -3.38 -7.87 10.62
CA GLN A 30 -4.19 -6.74 11.04
C GLN A 30 -3.34 -5.68 11.73
N LEU A 31 -3.56 -4.42 11.36
CA LEU A 31 -2.81 -3.32 11.96
C LEU A 31 -3.73 -2.15 12.28
N GLY A 32 -3.95 -1.92 13.58
CA GLY A 32 -4.81 -0.83 14.00
C GLY A 32 -4.11 0.15 14.91
N ILE A 33 -3.72 1.30 14.36
CA ILE A 33 -3.03 2.32 15.12
C ILE A 33 -3.95 3.52 15.39
N LEU A 34 -3.85 4.06 16.60
CA LEU A 34 -4.66 5.22 16.98
C LEU A 34 -3.79 6.36 17.48
N SER A 35 -4.42 7.46 17.85
CA SER A 35 -3.71 8.63 18.35
C SER A 35 -3.04 8.33 19.69
N ASN A 36 -3.79 7.68 20.59
CA ASN A 36 -3.28 7.33 21.91
C ASN A 36 -2.12 6.35 21.79
N HIS A 37 -2.00 5.71 20.64
CA HIS A 37 -0.94 4.74 20.41
C HIS A 37 0.41 5.30 20.84
N ALA A 38 1.37 4.41 21.08
CA ALA A 38 2.70 4.81 21.49
C ALA A 38 3.65 4.88 20.30
N PRO A 39 4.81 5.53 20.49
CA PRO A 39 5.83 5.69 19.44
C PRO A 39 6.51 4.36 19.12
N LEU A 40 6.12 3.76 18.01
CA LEU A 40 6.70 2.49 17.58
C LEU A 40 6.82 2.42 16.06
N LEU A 41 7.80 1.67 15.58
CA LEU A 41 8.02 1.53 14.14
C LEU A 41 7.52 0.17 13.65
N THR A 42 7.03 0.13 12.42
CA THR A 42 6.53 -1.11 11.83
C THR A 42 6.78 -1.14 10.33
N ALA A 43 6.47 -2.28 9.71
CA ALA A 43 6.66 -2.44 8.27
C ALA A 43 5.36 -2.88 7.60
N LEU A 44 5.18 -2.46 6.36
CA LEU A 44 3.99 -2.80 5.59
C LEU A 44 4.34 -3.12 4.14
N GLU A 45 3.52 -3.96 3.52
CA GLU A 45 3.75 -4.36 2.13
C GLU A 45 2.77 -3.64 1.21
N THR A 46 2.91 -3.89 -0.10
CA THR A 46 2.04 -3.26 -1.09
C THR A 46 0.57 -3.53 -0.78
N GLY A 47 -0.28 -2.53 -1.04
CA GLY A 47 -1.70 -2.67 -0.78
C GLY A 47 -2.34 -1.36 -0.36
N VAL A 48 -3.66 -1.32 -0.41
CA VAL A 48 -4.40 -0.12 -0.03
C VAL A 48 -4.70 -0.11 1.47
N MET A 49 -4.91 1.09 2.01
CA MET A 49 -5.21 1.24 3.43
C MET A 49 -6.43 2.13 3.65
N ARG A 50 -7.12 1.92 4.76
CA ARG A 50 -8.31 2.70 5.08
C ARG A 50 -8.06 3.61 6.28
N VAL A 51 -8.51 4.86 6.17
CA VAL A 51 -8.33 5.83 7.23
C VAL A 51 -9.68 6.36 7.72
N ARG A 52 -9.83 6.43 9.04
CA ARG A 52 -11.07 6.93 9.63
C ARG A 52 -10.82 8.19 10.45
N GLN A 53 -11.34 9.32 9.96
CA GLN A 53 -11.17 10.60 10.63
C GLN A 53 -12.22 10.77 11.73
N ASP A 54 -13.39 10.19 11.53
CA ASP A 54 -14.47 10.28 12.49
C ASP A 54 -15.68 9.49 12.03
N ARG A 55 -16.40 10.01 11.05
CA ARG A 55 -17.59 9.35 10.52
C ARG A 55 -17.36 8.91 9.09
N GLU A 56 -16.46 9.58 8.38
CA GLU A 56 -16.14 9.25 7.00
C GLU A 56 -14.88 8.40 6.92
N TRP A 57 -14.52 8.02 5.70
CA TRP A 57 -13.33 7.19 5.48
C TRP A 57 -12.75 7.43 4.09
N VAL A 58 -11.44 7.23 3.96
CA VAL A 58 -10.77 7.42 2.68
C VAL A 58 -9.89 6.22 2.34
N ALA A 59 -9.73 5.96 1.05
CA ALA A 59 -8.91 4.85 0.58
C ALA A 59 -7.71 5.34 -0.22
N ILE A 60 -6.52 4.90 0.17
CA ILE A 60 -5.30 5.30 -0.52
C ILE A 60 -4.41 4.08 -0.82
N ALA A 61 -4.12 3.88 -2.10
CA ALA A 61 -3.28 2.76 -2.51
C ALA A 61 -1.79 3.09 -2.34
N LEU A 62 -1.15 2.38 -1.42
CA LEU A 62 0.27 2.60 -1.15
C LEU A 62 1.06 1.31 -1.32
N MET A 63 2.03 1.33 -2.23
CA MET A 63 2.86 0.15 -2.48
C MET A 63 3.74 -0.16 -1.28
N GLY A 64 4.69 -1.08 -1.47
CA GLY A 64 5.58 -1.45 -0.39
C GLY A 64 6.25 -0.24 0.26
N GLY A 65 6.30 -0.24 1.58
CA GLY A 65 6.90 0.86 2.30
C GLY A 65 6.98 0.61 3.80
N PHE A 66 7.49 1.60 4.53
CA PHE A 66 7.61 1.48 5.98
C PHE A 66 6.70 2.46 6.70
N ALA A 67 6.13 2.03 7.81
CA ALA A 67 5.23 2.88 8.58
C ALA A 67 5.70 2.99 10.04
N GLU A 68 5.58 4.19 10.59
CA GLU A 68 5.99 4.44 11.98
C GLU A 68 5.12 5.50 12.63
N VAL A 69 4.44 5.11 13.70
CA VAL A 69 3.55 6.03 14.42
C VAL A 69 4.18 6.46 15.74
N GLU A 70 3.94 7.72 16.12
CA GLU A 70 4.48 8.25 17.37
C GLU A 70 3.89 9.64 17.65
N ASN A 71 3.26 9.78 18.82
CA ASN A 71 2.66 11.04 19.21
C ASN A 71 1.78 11.60 18.10
N ASN A 72 0.89 10.77 17.57
CA ASN A 72 0.00 11.18 16.50
C ASN A 72 0.78 11.57 15.25
N GLU A 73 1.87 10.84 15.00
CA GLU A 73 2.71 11.12 13.84
C GLU A 73 3.03 9.82 13.10
N VAL A 74 2.27 9.56 12.03
CA VAL A 74 2.48 8.36 11.23
C VAL A 74 3.27 8.67 9.97
N THR A 75 4.48 8.11 9.89
CA THR A 75 5.34 8.34 8.72
C THR A 75 5.34 7.12 7.80
N ILE A 76 4.73 7.27 6.64
CA ILE A 76 4.66 6.18 5.66
C ILE A 76 5.63 6.42 4.51
N LEU A 77 6.82 5.84 4.61
CA LEU A 77 7.84 5.99 3.58
C LEU A 77 7.68 4.92 2.51
N VAL A 78 6.69 5.10 1.63
CA VAL A 78 6.44 4.16 0.56
C VAL A 78 7.12 4.60 -0.74
N ASN A 79 7.41 3.63 -1.61
CA ASN A 79 8.06 3.93 -2.88
C ASN A 79 7.05 4.47 -3.89
N GLY A 80 5.78 4.11 -3.71
CA GLY A 80 4.74 4.58 -4.61
C GLY A 80 3.46 4.95 -3.88
N ALA A 81 2.83 6.03 -4.31
CA ALA A 81 1.60 6.49 -3.70
C ALA A 81 0.48 6.62 -4.72
N GLU A 82 -0.75 6.42 -4.28
CA GLU A 82 -1.91 6.52 -5.16
C GLU A 82 -3.14 7.01 -4.41
N ARG A 83 -3.82 8.01 -4.97
CA ARG A 83 -5.00 8.57 -4.35
C ARG A 83 -6.27 7.93 -4.92
N GLY A 84 -6.12 6.71 -5.41
CA GLY A 84 -7.26 6.00 -5.98
C GLY A 84 -7.45 6.29 -7.45
N ASP A 85 -6.77 7.31 -7.95
CA ASP A 85 -6.86 7.70 -9.35
C ASP A 85 -5.75 7.05 -10.17
N THR A 86 -5.44 5.80 -9.85
CA THR A 86 -4.39 5.07 -10.55
C THR A 86 -4.95 3.83 -11.24
N ILE A 87 -6.27 3.75 -11.32
CA ILE A 87 -6.92 2.61 -11.96
C ILE A 87 -6.66 2.59 -13.46
N ASP A 88 -6.07 1.50 -13.93
CA ASP A 88 -5.75 1.35 -15.35
C ASP A 88 -5.91 -0.10 -15.79
N LEU A 89 -6.94 -0.37 -16.58
CA LEU A 89 -7.20 -1.72 -17.07
C LEU A 89 -5.95 -2.31 -17.72
N GLU A 90 -5.34 -1.55 -18.62
CA GLU A 90 -4.14 -2.00 -19.32
C GLU A 90 -3.02 -2.32 -18.32
N LYS A 91 -3.07 -1.66 -17.17
CA LYS A 91 -2.07 -1.87 -16.12
C LYS A 91 -2.24 -3.25 -15.47
N ALA A 92 -3.48 -3.67 -15.28
CA ALA A 92 -3.77 -4.96 -14.68
C ALA A 92 -3.30 -6.10 -15.57
N LYS A 93 -3.65 -6.03 -16.85
CA LYS A 93 -3.27 -7.06 -17.80
C LYS A 93 -1.75 -7.08 -17.99
N ALA A 94 -1.13 -5.91 -17.89
CA ALA A 94 0.31 -5.79 -18.05
C ALA A 94 1.04 -6.31 -16.82
N GLU A 95 0.46 -6.09 -15.65
CA GLU A 95 1.05 -6.53 -14.39
C GLU A 95 1.05 -8.06 -14.30
N PHE A 96 -0.13 -8.65 -14.52
CA PHE A 96 -0.27 -10.10 -14.47
C PHE A 96 0.67 -10.78 -15.46
N ALA A 97 0.67 -10.29 -16.69
CA ALA A 97 1.52 -10.85 -17.73
C ALA A 97 3.00 -10.64 -17.41
N ALA A 98 3.35 -9.42 -17.02
CA ALA A 98 4.74 -9.10 -16.69
C ALA A 98 5.25 -9.98 -15.56
N ALA A 99 4.37 -10.29 -14.61
CA ALA A 99 4.73 -11.13 -13.48
C ALA A 99 4.88 -12.58 -13.90
N GLN A 100 3.88 -13.10 -14.61
CA GLN A 100 3.89 -14.48 -15.08
C GLN A 100 5.19 -14.79 -15.83
N ALA A 101 5.58 -13.88 -16.72
CA ALA A 101 6.80 -14.06 -17.49
C ALA A 101 8.04 -13.79 -16.64
N ALA A 102 7.94 -12.81 -15.74
CA ALA A 102 9.05 -12.47 -14.87
C ALA A 102 9.45 -13.66 -14.00
N LEU A 103 8.46 -14.28 -13.36
CA LEU A 103 8.71 -15.43 -12.49
C LEU A 103 9.28 -16.60 -13.30
N ALA A 104 8.55 -17.02 -14.33
CA ALA A 104 8.98 -18.12 -15.18
C ALA A 104 10.38 -17.88 -15.72
N GLN A 105 10.68 -16.63 -16.06
CA GLN A 105 11.99 -16.27 -16.59
C GLN A 105 13.05 -16.34 -15.51
N ALA A 106 12.72 -15.85 -14.32
CA ALA A 106 13.64 -15.86 -13.19
C ALA A 106 14.24 -17.24 -12.99
N GLU A 107 13.40 -18.27 -13.07
CA GLU A 107 13.85 -19.64 -12.89
C GLU A 107 14.49 -20.18 -14.17
N GLN A 108 14.15 -19.56 -15.29
CA GLN A 108 14.69 -19.98 -16.59
C GLN A 108 16.07 -19.36 -16.81
N GLY A 109 16.53 -18.59 -15.84
CA GLY A 109 17.84 -17.96 -15.95
C GLY A 109 17.75 -16.45 -15.99
N GLU A 110 16.97 -15.88 -15.08
CA GLU A 110 16.79 -14.43 -15.01
C GLU A 110 16.84 -13.94 -13.56
N SER A 111 16.45 -12.69 -13.35
CA SER A 111 16.46 -12.10 -12.02
C SER A 111 15.45 -12.80 -11.12
N LYS A 112 15.90 -13.83 -10.42
CA LYS A 112 15.05 -14.59 -9.51
C LYS A 112 15.32 -14.20 -8.06
N GLN A 113 15.54 -12.91 -7.83
CA GLN A 113 15.81 -12.41 -6.49
C GLN A 113 14.76 -12.93 -5.50
N ALA A 114 13.53 -12.48 -5.68
CA ALA A 114 12.44 -12.91 -4.80
C ALA A 114 11.24 -13.39 -5.61
N LYS A 115 10.96 -14.69 -5.53
CA LYS A 115 9.84 -15.26 -6.26
C LYS A 115 8.51 -14.86 -5.64
N ILE A 116 8.42 -14.96 -4.32
CA ILE A 116 7.21 -14.59 -3.59
C ILE A 116 6.98 -13.08 -3.64
N GLN A 117 8.07 -12.32 -3.52
CA GLN A 117 7.99 -10.87 -3.54
C GLN A 117 7.63 -10.36 -4.92
N ALA A 118 8.17 -11.01 -5.95
CA ALA A 118 7.91 -10.63 -7.34
C ALA A 118 6.48 -10.96 -7.72
N THR A 119 5.99 -12.11 -7.30
CA THR A 119 4.63 -12.55 -7.60
C THR A 119 3.61 -11.78 -6.76
N GLN A 120 3.98 -11.49 -5.51
CA GLN A 120 3.10 -10.77 -4.61
C GLN A 120 3.04 -9.29 -4.97
N ALA A 121 4.17 -8.75 -5.42
CA ALA A 121 4.25 -7.35 -5.80
C ALA A 121 3.36 -7.05 -7.00
N PHE A 122 3.57 -7.79 -8.09
CA PHE A 122 2.78 -7.60 -9.30
C PHE A 122 1.30 -7.88 -9.04
N ARG A 123 1.03 -9.02 -8.41
CA ARG A 123 -0.34 -9.41 -8.10
C ARG A 123 -1.03 -8.34 -7.26
N ARG A 124 -0.38 -7.93 -6.18
CA ARG A 124 -0.94 -6.92 -5.29
C ARG A 124 -1.15 -5.60 -6.03
N ALA A 125 -0.15 -5.20 -6.81
CA ALA A 125 -0.23 -3.97 -7.58
C ALA A 125 -1.45 -3.95 -8.50
N ARG A 126 -1.65 -5.05 -9.22
CA ARG A 126 -2.77 -5.17 -10.13
C ARG A 126 -4.09 -5.24 -9.37
N ALA A 127 -4.10 -6.00 -8.28
CA ALA A 127 -5.30 -6.15 -7.46
C ALA A 127 -5.78 -4.80 -6.96
N ARG A 128 -4.88 -4.04 -6.34
CA ARG A 128 -5.22 -2.72 -5.81
C ARG A 128 -5.49 -1.74 -6.94
N LEU A 129 -4.76 -1.88 -8.04
CA LEU A 129 -4.91 -1.01 -9.20
C LEU A 129 -6.38 -0.93 -9.63
N GLN A 130 -6.96 -2.08 -9.93
CA GLN A 130 -8.35 -2.15 -10.35
C GLN A 130 -9.29 -1.95 -9.16
N ALA A 131 -8.90 -2.48 -8.01
CA ALA A 131 -9.71 -2.36 -6.80
C ALA A 131 -9.90 -0.89 -6.41
N ALA A 132 -9.02 -0.03 -6.92
CA ALA A 132 -9.10 1.39 -6.63
C ALA A 132 -10.33 2.02 -7.27
N GLY A 133 -10.93 1.30 -8.22
CA GLY A 133 -12.11 1.80 -8.89
C GLY A 133 -11.97 1.78 -10.40
N GLY A 134 -11.36 0.73 -10.92
CA GLY A 134 -11.16 0.61 -12.35
C GLY A 134 -12.20 -0.29 -13.00
N VAL A 135 -12.62 -1.32 -12.27
CA VAL A 135 -13.61 -2.26 -12.78
C VAL A 135 -14.56 -2.71 -11.68
N VAL A 136 -15.86 -2.44 -11.88
CA VAL A 136 -16.87 -2.82 -10.91
C VAL A 136 -17.85 -3.83 -11.49
N GLU A 137 -18.10 -3.72 -12.80
CA GLU A 137 -19.02 -4.63 -13.48
C GLU A 137 -18.71 -4.68 -14.97
N ILE A 138 -18.96 -5.84 -15.57
CA ILE A 138 -18.71 -6.02 -17.01
C ILE A 138 -19.89 -5.54 -17.83
N MET A 1 -7.92 14.85 21.24
CA MET A 1 -8.17 13.42 21.13
C MET A 1 -8.36 13.02 19.67
N VAL A 2 -7.43 13.44 18.81
CA VAL A 2 -7.50 13.12 17.40
C VAL A 2 -6.12 12.74 16.85
N MET A 3 -6.10 11.85 15.86
CA MET A 3 -4.86 11.41 15.26
C MET A 3 -4.57 12.20 13.97
N THR A 4 -3.32 12.13 13.52
CA THR A 4 -2.91 12.83 12.31
C THR A 4 -1.89 12.01 11.52
N VAL A 5 -2.36 11.37 10.46
CA VAL A 5 -1.49 10.56 9.61
C VAL A 5 -0.96 11.36 8.43
N ARG A 6 0.30 11.16 8.10
CA ARG A 6 0.93 11.87 6.99
C ARG A 6 1.82 10.92 6.18
N VAL A 7 1.72 11.01 4.85
CA VAL A 7 2.52 10.17 3.96
C VAL A 7 3.70 10.94 3.40
N ILE A 8 4.82 10.25 3.20
CA ILE A 8 6.02 10.86 2.67
C ILE A 8 6.80 9.88 1.80
N ALA A 9 7.47 10.41 0.78
CA ALA A 9 8.25 9.58 -0.12
C ALA A 9 9.72 10.02 -0.15
N PRO A 10 10.60 9.13 -0.61
CA PRO A 10 12.04 9.40 -0.69
C PRO A 10 12.37 10.43 -1.76
N ASP A 11 11.37 10.78 -2.56
CA ASP A 11 11.55 11.76 -3.62
C ASP A 11 10.93 13.10 -3.26
N LYS A 12 10.00 13.07 -2.31
CA LYS A 12 9.33 14.29 -1.86
C LYS A 12 8.28 13.97 -0.80
N THR A 13 7.47 14.96 -0.45
CA THR A 13 6.42 14.79 0.54
C THR A 13 5.06 14.61 -0.12
N VAL A 14 4.18 13.88 0.56
CA VAL A 14 2.84 13.63 0.03
C VAL A 14 1.82 14.59 0.65
N TRP A 15 1.56 14.42 1.93
CA TRP A 15 0.60 15.25 2.64
C TRP A 15 0.47 14.85 4.10
N ASP A 16 -0.44 15.48 4.82
CA ASP A 16 -0.65 15.18 6.22
C ASP A 16 -2.08 15.52 6.64
N ALA A 17 -2.96 14.52 6.59
CA ALA A 17 -4.36 14.72 6.96
C ALA A 17 -4.67 14.06 8.30
N PRO A 18 -5.74 14.52 8.96
CA PRO A 18 -6.16 13.98 10.26
C PRO A 18 -6.72 12.57 10.15
N ALA A 19 -7.03 11.97 11.29
CA ALA A 19 -7.59 10.63 11.32
C ALA A 19 -7.93 10.21 12.74
N GLU A 20 -8.82 9.23 12.86
CA GLU A 20 -9.23 8.73 14.18
C GLU A 20 -8.85 7.27 14.35
N GLU A 21 -8.73 6.56 13.23
CA GLU A 21 -8.36 5.14 13.26
C GLU A 21 -8.10 4.62 11.85
N VAL A 22 -6.98 3.92 11.67
CA VAL A 22 -6.62 3.37 10.38
C VAL A 22 -6.19 1.91 10.51
N ILE A 23 -6.69 1.07 9.61
CA ILE A 23 -6.35 -0.34 9.62
C ILE A 23 -5.69 -0.77 8.31
N LEU A 24 -4.65 -1.58 8.41
CA LEU A 24 -3.93 -2.05 7.23
C LEU A 24 -3.08 -3.27 7.56
N PRO A 25 -2.71 -4.04 6.53
CA PRO A 25 -1.89 -5.24 6.69
C PRO A 25 -0.46 -4.92 7.10
N SER A 26 0.01 -5.56 8.17
CA SER A 26 1.36 -5.35 8.66
C SER A 26 2.11 -6.67 8.79
N THR A 27 3.28 -6.61 9.42
CA THR A 27 4.10 -7.80 9.61
C THR A 27 3.29 -8.94 10.19
N THR A 28 2.70 -8.72 11.36
CA THR A 28 1.89 -9.73 12.02
C THR A 28 0.63 -10.04 11.21
N GLY A 29 0.33 -9.19 10.25
CA GLY A 29 -0.85 -9.38 9.42
C GLY A 29 -1.89 -8.32 9.62
N GLN A 30 -2.17 -7.99 10.88
CA GLN A 30 -3.15 -6.97 11.21
C GLN A 30 -2.52 -5.82 12.00
N LEU A 31 -2.86 -4.60 11.62
CA LEU A 31 -2.32 -3.42 12.30
C LEU A 31 -3.39 -2.34 12.43
N GLY A 32 -3.31 -1.56 13.50
CA GLY A 32 -4.28 -0.50 13.73
C GLY A 32 -3.71 0.62 14.59
N ILE A 33 -3.69 1.83 14.03
CA ILE A 33 -3.18 2.99 14.75
C ILE A 33 -4.30 3.97 15.09
N LEU A 34 -4.21 4.58 16.27
CA LEU A 34 -5.22 5.54 16.70
C LEU A 34 -4.57 6.76 17.35
N SER A 35 -5.39 7.71 17.78
CA SER A 35 -4.88 8.92 18.41
C SER A 35 -4.28 8.62 19.78
N ASN A 36 -4.99 7.82 20.56
CA ASN A 36 -4.53 7.45 21.90
C ASN A 36 -3.25 6.61 21.82
N HIS A 37 -2.98 6.08 20.64
CA HIS A 37 -1.78 5.26 20.43
C HIS A 37 -0.55 5.96 20.98
N ALA A 38 0.49 5.18 21.25
CA ALA A 38 1.74 5.73 21.79
C ALA A 38 2.80 5.83 20.70
N PRO A 39 3.88 6.58 20.99
CA PRO A 39 4.98 6.79 20.06
C PRO A 39 5.80 5.51 19.85
N LEU A 40 5.58 4.85 18.72
CA LEU A 40 6.30 3.62 18.40
C LEU A 40 6.57 3.53 16.89
N LEU A 41 7.67 2.88 16.54
CA LEU A 41 8.04 2.72 15.13
C LEU A 41 7.76 1.29 14.67
N THR A 42 7.31 1.17 13.42
CA THR A 42 7.01 -0.14 12.85
C THR A 42 7.30 -0.17 11.35
N ALA A 43 7.17 -1.34 10.75
CA ALA A 43 7.43 -1.50 9.32
C ALA A 43 6.19 -2.04 8.60
N LEU A 44 5.98 -1.59 7.37
CA LEU A 44 4.83 -2.03 6.58
C LEU A 44 5.27 -2.46 5.18
N GLU A 45 4.56 -3.42 4.62
CA GLU A 45 4.88 -3.92 3.28
C GLU A 45 3.95 -3.30 2.24
N THR A 46 4.14 -3.68 0.98
CA THR A 46 3.32 -3.17 -0.11
C THR A 46 1.85 -3.49 0.11
N GLY A 47 0.99 -2.51 -0.20
CA GLY A 47 -0.44 -2.71 -0.02
C GLY A 47 -1.18 -1.41 0.23
N VAL A 48 -2.50 -1.44 0.09
CA VAL A 48 -3.32 -0.26 0.31
C VAL A 48 -3.88 -0.23 1.72
N MET A 49 -3.98 0.97 2.29
CA MET A 49 -4.51 1.12 3.65
C MET A 49 -5.87 1.82 3.62
N ARG A 50 -6.68 1.56 4.64
CA ARG A 50 -8.01 2.16 4.73
C ARG A 50 -8.10 3.09 5.94
N VAL A 51 -8.39 4.36 5.69
CA VAL A 51 -8.51 5.35 6.75
C VAL A 51 -9.95 5.45 7.24
N ARG A 52 -10.13 5.68 8.54
CA ARG A 52 -11.45 5.81 9.12
C ARG A 52 -11.48 6.93 10.15
N GLN A 53 -12.20 8.00 9.82
CA GLN A 53 -12.31 9.15 10.72
C GLN A 53 -13.45 8.95 11.72
N ASP A 54 -14.55 8.39 11.25
CA ASP A 54 -15.70 8.14 12.11
C ASP A 54 -16.83 7.46 11.33
N ARG A 55 -17.33 8.16 10.31
CA ARG A 55 -18.40 7.63 9.48
C ARG A 55 -17.93 7.40 8.05
N GLU A 56 -16.95 8.19 7.63
CA GLU A 56 -16.40 8.08 6.28
C GLU A 56 -15.11 7.27 6.28
N TRP A 57 -14.45 7.24 5.12
CA TRP A 57 -13.20 6.50 4.98
C TRP A 57 -12.52 6.81 3.65
N VAL A 58 -11.21 6.65 3.60
CA VAL A 58 -10.45 6.91 2.38
C VAL A 58 -9.47 5.78 2.09
N ALA A 59 -9.20 5.55 0.82
CA ALA A 59 -8.27 4.50 0.40
C ALA A 59 -7.03 5.09 -0.26
N ILE A 60 -5.86 4.65 0.18
CA ILE A 60 -4.60 5.12 -0.38
C ILE A 60 -3.61 3.98 -0.56
N ALA A 61 -3.30 3.68 -1.82
CA ALA A 61 -2.36 2.60 -2.13
C ALA A 61 -0.92 3.07 -1.94
N LEU A 62 -0.15 2.30 -1.17
CA LEU A 62 1.24 2.63 -0.91
C LEU A 62 2.12 1.37 -0.94
N MET A 63 3.25 1.46 -1.61
CA MET A 63 4.17 0.34 -1.70
C MET A 63 4.97 0.17 -0.41
N GLY A 64 5.99 -0.67 -0.45
CA GLY A 64 6.81 -0.92 0.72
C GLY A 64 7.34 0.37 1.33
N GLY A 65 7.36 0.44 2.66
CA GLY A 65 7.85 1.63 3.33
C GLY A 65 7.88 1.46 4.85
N PHE A 66 8.24 2.53 5.55
CA PHE A 66 8.31 2.49 7.01
C PHE A 66 7.22 3.37 7.62
N ALA A 67 6.61 2.87 8.68
CA ALA A 67 5.55 3.61 9.37
C ALA A 67 5.91 3.87 10.82
N GLU A 68 5.76 5.12 11.25
CA GLU A 68 6.08 5.49 12.63
C GLU A 68 5.04 6.46 13.18
N VAL A 69 4.30 6.03 14.20
CA VAL A 69 3.28 6.85 14.81
C VAL A 69 3.72 7.36 16.17
N GLU A 70 3.37 8.60 16.49
CA GLU A 70 3.73 9.20 17.77
C GLU A 70 3.05 10.55 17.95
N ASN A 71 2.29 10.68 19.04
CA ASN A 71 1.58 11.92 19.33
C ASN A 71 0.77 12.39 18.13
N ASN A 72 -0.01 11.48 17.56
CA ASN A 72 -0.83 11.79 16.40
C ASN A 72 0.03 12.19 15.21
N GLU A 73 1.18 11.54 15.09
CA GLU A 73 2.11 11.83 13.99
C GLU A 73 2.57 10.55 13.32
N VAL A 74 1.89 10.17 12.24
CA VAL A 74 2.23 8.96 11.49
C VAL A 74 3.07 9.28 10.26
N THR A 75 4.33 8.87 10.28
CA THR A 75 5.24 9.12 9.16
C THR A 75 5.39 7.86 8.30
N ILE A 76 4.78 7.89 7.12
CA ILE A 76 4.86 6.76 6.21
C ILE A 76 5.87 7.03 5.08
N LEU A 77 7.08 6.52 5.26
CA LEU A 77 8.13 6.71 4.26
C LEU A 77 8.10 5.59 3.22
N VAL A 78 7.12 5.66 2.31
CA VAL A 78 6.98 4.66 1.27
C VAL A 78 7.65 5.12 -0.03
N ASN A 79 7.98 4.17 -0.89
CA ASN A 79 8.62 4.47 -2.16
C ASN A 79 7.59 4.92 -3.20
N GLY A 80 6.41 4.33 -3.14
CA GLY A 80 5.35 4.69 -4.07
C GLY A 80 4.07 5.10 -3.36
N ALA A 81 3.34 6.03 -3.97
CA ALA A 81 2.09 6.51 -3.39
C ALA A 81 0.98 6.55 -4.44
N GLU A 82 -0.26 6.43 -3.99
CA GLU A 82 -1.41 6.45 -4.88
C GLU A 82 -2.68 6.83 -4.14
N ARG A 83 -3.40 7.83 -4.68
CA ARG A 83 -4.64 8.30 -4.05
C ARG A 83 -5.84 7.60 -4.67
N GLY A 84 -5.61 6.44 -5.28
CA GLY A 84 -6.69 5.70 -5.90
C GLY A 84 -6.93 6.11 -7.34
N ASP A 85 -6.34 7.23 -7.74
CA ASP A 85 -6.48 7.73 -9.11
C ASP A 85 -5.33 7.26 -9.98
N THR A 86 -4.92 6.01 -9.79
CA THR A 86 -3.83 5.44 -10.56
C THR A 86 -4.25 4.13 -11.23
N ILE A 87 -5.55 3.87 -11.23
CA ILE A 87 -6.08 2.65 -11.83
C ILE A 87 -5.76 2.60 -13.32
N ASP A 88 -5.39 1.42 -13.79
CA ASP A 88 -5.07 1.23 -15.20
C ASP A 88 -5.50 -0.16 -15.68
N LEU A 89 -6.39 -0.19 -16.66
CA LEU A 89 -6.88 -1.44 -17.22
C LEU A 89 -5.81 -2.15 -18.04
N GLU A 90 -5.39 -1.51 -19.13
CA GLU A 90 -4.37 -2.07 -19.99
C GLU A 90 -3.13 -2.47 -19.19
N LYS A 91 -2.72 -1.60 -18.27
CA LYS A 91 -1.56 -1.86 -17.44
C LYS A 91 -1.79 -3.08 -16.54
N ALA A 92 -3.03 -3.24 -16.09
CA ALA A 92 -3.39 -4.36 -15.23
C ALA A 92 -3.11 -5.69 -15.92
N LYS A 93 -3.56 -5.82 -17.16
CA LYS A 93 -3.36 -7.04 -17.93
C LYS A 93 -1.91 -7.18 -18.37
N ALA A 94 -1.19 -6.05 -18.39
CA ALA A 94 0.21 -6.06 -18.78
C ALA A 94 1.10 -6.56 -17.65
N GLU A 95 0.95 -5.98 -16.46
CA GLU A 95 1.73 -6.37 -15.31
C GLU A 95 1.44 -7.81 -14.92
N PHE A 96 0.16 -8.18 -14.91
CA PHE A 96 -0.25 -9.53 -14.55
C PHE A 96 0.31 -10.54 -15.54
N ALA A 97 0.12 -10.26 -16.83
CA ALA A 97 0.59 -11.13 -17.89
C ALA A 97 2.12 -11.25 -17.87
N ALA A 98 2.79 -10.12 -17.62
CA ALA A 98 4.24 -10.08 -17.58
C ALA A 98 4.77 -10.91 -16.42
N ALA A 99 4.11 -10.82 -15.27
CA ALA A 99 4.51 -11.56 -14.08
C ALA A 99 4.31 -13.07 -14.28
N GLN A 100 3.12 -13.44 -14.73
CA GLN A 100 2.80 -14.85 -14.96
C GLN A 100 3.85 -15.50 -15.85
N ALA A 101 4.13 -14.90 -16.99
CA ALA A 101 5.13 -15.42 -17.92
C ALA A 101 6.53 -15.32 -17.34
N ALA A 102 6.78 -14.25 -16.58
CA ALA A 102 8.08 -14.04 -15.96
C ALA A 102 8.43 -15.18 -15.02
N LEU A 103 7.49 -15.52 -14.14
CA LEU A 103 7.71 -16.59 -13.17
C LEU A 103 7.98 -17.92 -13.87
N ALA A 104 7.06 -18.32 -14.74
CA ALA A 104 7.21 -19.56 -15.48
C ALA A 104 8.55 -19.61 -16.22
N GLN A 105 8.96 -18.47 -16.74
CA GLN A 105 10.22 -18.38 -17.48
C GLN A 105 11.41 -18.50 -16.52
N ALA A 106 11.32 -17.84 -15.38
CA ALA A 106 12.39 -17.87 -14.39
C ALA A 106 12.80 -19.31 -14.08
N GLU A 107 11.82 -20.19 -13.93
CA GLU A 107 12.08 -21.59 -13.64
C GLU A 107 12.47 -22.35 -14.91
N GLN A 108 12.08 -21.80 -16.07
CA GLN A 108 12.38 -22.43 -17.35
C GLN A 108 13.78 -22.05 -17.82
N GLY A 109 14.47 -21.25 -17.02
CA GLY A 109 15.81 -20.82 -17.37
C GLY A 109 15.90 -19.32 -17.58
N GLU A 110 15.34 -18.56 -16.65
CA GLU A 110 15.37 -17.11 -16.75
C GLU A 110 15.70 -16.48 -15.40
N SER A 111 15.49 -15.17 -15.30
CA SER A 111 15.77 -14.44 -14.06
C SER A 111 14.82 -14.89 -12.94
N LYS A 112 15.25 -15.91 -12.20
CA LYS A 112 14.45 -16.44 -11.09
C LYS A 112 14.99 -15.95 -9.76
N GLN A 113 15.40 -14.69 -9.71
CA GLN A 113 15.94 -14.10 -8.49
C GLN A 113 15.01 -14.39 -7.30
N ALA A 114 13.81 -13.82 -7.35
CA ALA A 114 12.84 -14.01 -6.28
C ALA A 114 11.46 -14.31 -6.84
N LYS A 115 10.99 -15.54 -6.65
CA LYS A 115 9.68 -15.96 -7.14
C LYS A 115 8.57 -15.31 -6.32
N ILE A 116 8.69 -15.39 -5.00
CA ILE A 116 7.70 -14.80 -4.11
C ILE A 116 7.72 -13.28 -4.17
N GLN A 117 8.91 -12.71 -4.26
CA GLN A 117 9.06 -11.27 -4.33
C GLN A 117 8.54 -10.73 -5.66
N ALA A 118 8.74 -11.50 -6.73
CA ALA A 118 8.29 -11.10 -8.05
C ALA A 118 6.80 -11.35 -8.22
N THR A 119 6.29 -12.39 -7.57
CA THR A 119 4.87 -12.72 -7.65
C THR A 119 4.04 -11.80 -6.77
N GLN A 120 4.46 -11.63 -5.52
CA GLN A 120 3.76 -10.76 -4.59
C GLN A 120 3.78 -9.31 -5.06
N ALA A 121 4.92 -8.89 -5.61
CA ALA A 121 5.07 -7.52 -6.10
C ALA A 121 4.09 -7.25 -7.24
N PHE A 122 4.19 -8.04 -8.30
CA PHE A 122 3.31 -7.88 -9.46
C PHE A 122 1.86 -8.07 -9.07
N ARG A 123 1.57 -9.16 -8.36
CA ARG A 123 0.21 -9.46 -7.93
C ARG A 123 -0.37 -8.30 -7.12
N ARG A 124 0.39 -7.84 -6.14
CA ARG A 124 -0.06 -6.73 -5.29
C ARG A 124 -0.32 -5.48 -6.12
N ALA A 125 0.63 -5.13 -6.97
CA ALA A 125 0.50 -3.96 -7.84
C ALA A 125 -0.78 -4.03 -8.67
N ARG A 126 -1.03 -5.19 -9.26
CA ARG A 126 -2.21 -5.39 -10.08
C ARG A 126 -3.49 -5.25 -9.25
N ALA A 127 -3.53 -5.95 -8.12
CA ALA A 127 -4.69 -5.90 -7.24
C ALA A 127 -4.99 -4.47 -6.81
N ARG A 128 -3.96 -3.77 -6.33
CA ARG A 128 -4.12 -2.40 -5.88
C ARG A 128 -4.48 -1.48 -7.03
N LEU A 129 -3.95 -1.78 -8.21
CA LEU A 129 -4.22 -0.99 -9.40
C LEU A 129 -5.71 -0.85 -9.64
N GLN A 130 -6.40 -1.98 -9.75
CA GLN A 130 -7.84 -1.97 -9.97
C GLN A 130 -8.59 -1.63 -8.68
N ALA A 131 -8.10 -2.14 -7.57
CA ALA A 131 -8.73 -1.88 -6.27
C ALA A 131 -8.75 -0.38 -5.97
N ALA A 132 -7.87 0.37 -6.63
CA ALA A 132 -7.79 1.81 -6.44
C ALA A 132 -9.04 2.50 -6.96
N GLY A 133 -9.81 1.79 -7.79
CA GLY A 133 -11.03 2.35 -8.35
C GLY A 133 -11.08 2.23 -9.86
N GLY A 134 -10.61 1.10 -10.38
CA GLY A 134 -10.61 0.88 -11.81
C GLY A 134 -11.79 0.03 -12.27
N VAL A 135 -12.22 -0.90 -11.42
CA VAL A 135 -13.34 -1.77 -11.74
C VAL A 135 -14.31 -1.87 -10.58
N VAL A 136 -15.42 -2.57 -10.79
CA VAL A 136 -16.43 -2.74 -9.76
C VAL A 136 -17.56 -3.66 -10.24
N GLU A 137 -17.88 -3.56 -11.53
CA GLU A 137 -18.94 -4.38 -12.11
C GLU A 137 -18.48 -5.01 -13.42
N ILE A 138 -18.99 -6.19 -13.71
CA ILE A 138 -18.63 -6.89 -14.94
C ILE A 138 -19.83 -7.68 -15.49
N MET A 1 -6.65 12.29 21.46
CA MET A 1 -8.04 11.99 21.14
C MET A 1 -8.18 11.61 19.66
N VAL A 2 -7.42 12.29 18.82
CA VAL A 2 -7.46 12.04 17.38
C VAL A 2 -6.08 11.71 16.84
N MET A 3 -6.02 10.81 15.86
CA MET A 3 -4.74 10.41 15.26
C MET A 3 -4.49 11.19 13.97
N THR A 4 -3.25 11.16 13.51
CA THR A 4 -2.87 11.86 12.29
C THR A 4 -1.78 11.10 11.54
N VAL A 5 -2.19 10.41 10.47
CA VAL A 5 -1.24 9.64 9.66
C VAL A 5 -1.02 10.30 8.31
N ARG A 6 0.22 10.72 8.07
CA ARG A 6 0.58 11.38 6.81
C ARG A 6 1.31 10.41 5.89
N VAL A 7 1.16 10.62 4.58
CA VAL A 7 1.81 9.78 3.59
C VAL A 7 3.01 10.48 2.96
N ILE A 8 4.05 9.71 2.66
CA ILE A 8 5.25 10.27 2.04
C ILE A 8 5.79 9.34 0.96
N ALA A 9 6.05 9.90 -0.21
CA ALA A 9 6.58 9.12 -1.33
C ALA A 9 8.09 9.27 -1.44
N PRO A 10 8.72 8.32 -2.14
CA PRO A 10 10.18 8.33 -2.34
C PRO A 10 10.65 9.46 -3.23
N ASP A 11 9.69 10.16 -3.84
CA ASP A 11 10.00 11.27 -4.72
C ASP A 11 9.69 12.60 -4.06
N LYS A 12 8.83 12.57 -3.04
CA LYS A 12 8.45 13.77 -2.31
C LYS A 12 7.40 13.46 -1.25
N THR A 13 6.80 14.51 -0.68
CA THR A 13 5.80 14.34 0.35
C THR A 13 4.39 14.32 -0.27
N VAL A 14 3.59 13.33 0.12
CA VAL A 14 2.23 13.20 -0.38
C VAL A 14 1.30 14.21 0.28
N TRP A 15 0.95 13.95 1.54
CA TRP A 15 0.07 14.83 2.28
C TRP A 15 -0.19 14.28 3.69
N ASP A 16 -1.15 14.89 4.37
CA ASP A 16 -1.50 14.46 5.73
C ASP A 16 -2.90 13.86 5.76
N ALA A 17 -3.01 12.64 6.26
CA ALA A 17 -4.30 11.96 6.35
C ALA A 17 -4.76 11.84 7.81
N PRO A 18 -5.35 12.93 8.32
CA PRO A 18 -5.85 12.98 9.70
C PRO A 18 -7.08 12.09 9.91
N ALA A 19 -7.13 11.43 11.07
CA ALA A 19 -8.26 10.55 11.38
C ALA A 19 -8.10 9.96 12.78
N GLU A 20 -9.22 9.67 13.43
CA GLU A 20 -9.21 9.10 14.76
C GLU A 20 -8.43 7.79 14.79
N GLU A 21 -8.70 6.92 13.82
CA GLU A 21 -8.03 5.64 13.72
C GLU A 21 -7.85 5.22 12.27
N VAL A 22 -6.85 4.39 12.02
CA VAL A 22 -6.57 3.91 10.66
C VAL A 22 -6.24 2.42 10.67
N ILE A 23 -6.78 1.69 9.70
CA ILE A 23 -6.53 0.26 9.59
C ILE A 23 -5.88 -0.09 8.26
N LEU A 24 -4.92 -1.01 8.29
CA LEU A 24 -4.22 -1.43 7.08
C LEU A 24 -3.52 -2.77 7.31
N PRO A 25 -3.21 -3.45 6.20
CA PRO A 25 -2.52 -4.75 6.25
C PRO A 25 -1.07 -4.62 6.69
N SER A 26 -0.67 -5.45 7.65
CA SER A 26 0.69 -5.43 8.17
C SER A 26 1.24 -6.85 8.30
N THR A 27 2.39 -6.97 8.96
CA THR A 27 3.03 -8.26 9.16
C THR A 27 2.03 -9.30 9.69
N THR A 28 1.45 -9.00 10.85
CA THR A 28 0.48 -9.90 11.46
C THR A 28 -0.76 -10.05 10.58
N GLY A 29 -0.91 -9.14 9.62
CA GLY A 29 -2.06 -9.20 8.74
C GLY A 29 -2.99 -8.01 8.91
N GLN A 30 -3.29 -7.69 10.17
CA GLN A 30 -4.17 -6.56 10.47
C GLN A 30 -3.47 -5.54 11.36
N LEU A 31 -3.57 -4.27 10.98
CA LEU A 31 -2.96 -3.19 11.73
C LEU A 31 -3.98 -2.16 12.17
N GLY A 32 -3.83 -1.66 13.39
CA GLY A 32 -4.75 -0.67 13.91
C GLY A 32 -4.08 0.34 14.83
N ILE A 33 -4.01 1.59 14.37
CA ILE A 33 -3.38 2.65 15.17
C ILE A 33 -4.40 3.73 15.53
N LEU A 34 -4.36 4.16 16.79
CA LEU A 34 -5.27 5.19 17.27
C LEU A 34 -4.50 6.37 17.85
N SER A 35 -5.23 7.38 18.32
CA SER A 35 -4.62 8.56 18.90
C SER A 35 -3.94 8.22 20.22
N ASN A 36 -4.61 7.42 21.04
CA ASN A 36 -4.07 7.02 22.34
C ASN A 36 -2.79 6.22 22.17
N HIS A 37 -2.57 5.71 20.96
CA HIS A 37 -1.38 4.93 20.67
C HIS A 37 -0.12 5.62 21.19
N ALA A 38 0.94 4.84 21.38
CA ALA A 38 2.20 5.38 21.89
C ALA A 38 3.23 5.49 20.77
N PRO A 39 4.30 6.25 21.02
CA PRO A 39 5.38 6.45 20.05
C PRO A 39 6.21 5.19 19.84
N LEU A 40 6.01 4.55 18.69
CA LEU A 40 6.74 3.33 18.36
C LEU A 40 6.89 3.17 16.85
N LEU A 41 7.96 2.49 16.43
CA LEU A 41 8.21 2.27 15.01
C LEU A 41 7.80 0.88 14.60
N THR A 42 7.34 0.75 13.35
CA THR A 42 6.90 -0.53 12.82
C THR A 42 7.18 -0.64 11.33
N ALA A 43 6.94 -1.83 10.77
CA ALA A 43 7.18 -2.06 9.35
C ALA A 43 5.88 -2.43 8.64
N LEU A 44 5.76 -2.00 7.39
CA LEU A 44 4.56 -2.28 6.60
C LEU A 44 4.94 -2.72 5.19
N GLU A 45 4.11 -3.60 4.61
CA GLU A 45 4.36 -4.11 3.26
C GLU A 45 3.43 -3.44 2.25
N THR A 46 3.59 -3.81 0.99
CA THR A 46 2.77 -3.24 -0.08
C THR A 46 1.30 -3.59 0.12
N GLY A 47 0.43 -2.61 -0.13
CA GLY A 47 -1.01 -2.84 0.03
C GLY A 47 -1.78 -1.54 0.18
N VAL A 48 -3.11 -1.65 0.13
CA VAL A 48 -3.96 -0.47 0.25
C VAL A 48 -4.18 -0.11 1.71
N MET A 49 -4.35 1.18 1.98
CA MET A 49 -4.58 1.66 3.35
C MET A 49 -5.99 2.23 3.49
N ARG A 50 -6.61 1.94 4.63
CA ARG A 50 -7.96 2.43 4.89
C ARG A 50 -7.97 3.39 6.07
N VAL A 51 -8.50 4.59 5.85
CA VAL A 51 -8.57 5.60 6.90
C VAL A 51 -9.98 5.71 7.46
N ARG A 52 -10.07 6.05 8.75
CA ARG A 52 -11.36 6.19 9.41
C ARG A 52 -11.39 7.43 10.28
N GLN A 53 -12.12 8.45 9.83
CA GLN A 53 -12.24 9.70 10.59
C GLN A 53 -13.34 9.61 11.63
N ASP A 54 -14.58 9.67 11.18
CA ASP A 54 -15.73 9.60 12.08
C ASP A 54 -17.04 9.68 11.30
N ARG A 55 -17.04 9.11 10.10
CA ARG A 55 -18.23 9.11 9.26
C ARG A 55 -17.96 8.39 7.94
N GLU A 56 -16.85 8.72 7.30
CA GLU A 56 -16.48 8.09 6.03
C GLU A 56 -15.10 7.44 6.13
N TRP A 57 -14.62 6.94 5.00
CA TRP A 57 -13.31 6.29 4.95
C TRP A 57 -12.54 6.71 3.70
N VAL A 58 -11.22 6.63 3.78
CA VAL A 58 -10.37 7.00 2.65
C VAL A 58 -9.54 5.81 2.17
N ALA A 59 -9.24 5.78 0.88
CA ALA A 59 -8.45 4.70 0.30
C ALA A 59 -7.19 5.24 -0.37
N ILE A 60 -6.04 4.68 0.00
CA ILE A 60 -4.77 5.09 -0.56
C ILE A 60 -3.80 3.92 -0.65
N ALA A 61 -3.33 3.65 -1.86
CA ALA A 61 -2.38 2.56 -2.08
C ALA A 61 -0.97 2.96 -1.69
N LEU A 62 -0.18 1.97 -1.28
CA LEU A 62 1.20 2.23 -0.86
C LEU A 62 2.00 0.93 -0.84
N MET A 63 3.06 0.88 -1.65
CA MET A 63 3.90 -0.31 -1.72
C MET A 63 4.70 -0.48 -0.43
N GLY A 64 5.66 -1.40 -0.45
CA GLY A 64 6.47 -1.65 0.72
C GLY A 64 7.07 -0.37 1.30
N GLY A 65 7.42 -0.41 2.58
CA GLY A 65 8.00 0.75 3.23
C GLY A 65 7.96 0.66 4.74
N PHE A 66 8.35 1.73 5.41
CA PHE A 66 8.35 1.76 6.87
C PHE A 66 7.38 2.81 7.40
N ALA A 67 6.95 2.64 8.65
CA ALA A 67 6.01 3.56 9.27
C ALA A 67 6.42 3.86 10.71
N GLU A 68 6.18 5.09 11.15
CA GLU A 68 6.52 5.50 12.50
C GLU A 68 5.42 6.36 13.10
N VAL A 69 4.76 5.83 14.13
CA VAL A 69 3.68 6.55 14.80
C VAL A 69 4.12 7.07 16.16
N GLU A 70 3.70 8.28 16.49
CA GLU A 70 4.05 8.90 17.77
C GLU A 70 3.29 10.21 17.98
N ASN A 71 2.59 10.31 19.10
CA ASN A 71 1.83 11.50 19.42
C ASN A 71 0.92 11.90 18.25
N ASN A 72 0.11 10.95 17.80
CA ASN A 72 -0.81 11.21 16.69
C ASN A 72 -0.04 11.65 15.45
N GLU A 73 1.15 11.10 15.27
CA GLU A 73 1.98 11.45 14.12
C GLU A 73 2.53 10.20 13.45
N VAL A 74 1.84 9.73 12.42
CA VAL A 74 2.27 8.53 11.69
C VAL A 74 2.94 8.90 10.38
N THR A 75 4.23 8.61 10.28
CA THR A 75 5.01 8.91 9.09
C THR A 75 5.11 7.68 8.18
N ILE A 76 4.35 7.69 7.10
CA ILE A 76 4.36 6.57 6.16
C ILE A 76 5.35 6.83 5.02
N LEU A 77 6.56 6.32 5.17
CA LEU A 77 7.60 6.49 4.17
C LEU A 77 7.69 5.26 3.26
N VAL A 78 6.87 5.24 2.21
CA VAL A 78 6.86 4.12 1.27
C VAL A 78 7.75 4.42 0.06
N ASN A 79 7.89 3.42 -0.81
CA ASN A 79 8.71 3.57 -2.00
C ASN A 79 7.88 3.41 -3.27
N GLY A 80 6.78 4.16 -3.34
CA GLY A 80 5.90 4.08 -4.49
C GLY A 80 4.45 3.85 -4.11
N ALA A 81 3.76 4.92 -3.76
CA ALA A 81 2.35 4.84 -3.37
C ALA A 81 1.46 5.51 -4.41
N GLU A 82 0.15 5.43 -4.19
CA GLU A 82 -0.82 6.02 -5.11
C GLU A 82 -2.02 6.57 -4.35
N ARG A 83 -2.62 7.63 -4.88
CA ARG A 83 -3.78 8.25 -4.26
C ARG A 83 -5.07 7.72 -4.85
N GLY A 84 -5.01 6.52 -5.43
CA GLY A 84 -6.17 5.91 -6.03
C GLY A 84 -6.34 6.30 -7.48
N ASP A 85 -5.58 7.29 -7.92
CA ASP A 85 -5.65 7.77 -9.30
C ASP A 85 -4.59 7.08 -10.16
N THR A 86 -4.38 5.79 -9.91
CA THR A 86 -3.39 5.02 -10.65
C THR A 86 -4.02 3.77 -11.27
N ILE A 87 -5.34 3.71 -11.26
CA ILE A 87 -6.06 2.58 -11.82
C ILE A 87 -5.94 2.53 -13.33
N ASP A 88 -5.55 1.37 -13.86
CA ASP A 88 -5.40 1.20 -15.29
C ASP A 88 -5.79 -0.21 -15.72
N LEU A 89 -6.90 -0.32 -16.44
CA LEU A 89 -7.39 -1.62 -16.90
C LEU A 89 -6.29 -2.38 -17.63
N GLU A 90 -5.79 -1.80 -18.72
CA GLU A 90 -4.73 -2.42 -19.51
C GLU A 90 -3.55 -2.80 -18.62
N LYS A 91 -3.32 -2.02 -17.57
CA LYS A 91 -2.22 -2.27 -16.66
C LYS A 91 -2.53 -3.47 -15.76
N ALA A 92 -3.81 -3.65 -15.45
CA ALA A 92 -4.23 -4.77 -14.60
C ALA A 92 -4.01 -6.11 -15.30
N LYS A 93 -4.47 -6.20 -16.54
CA LYS A 93 -4.32 -7.43 -17.33
C LYS A 93 -2.87 -7.61 -17.77
N ALA A 94 -2.15 -6.51 -17.89
CA ALA A 94 -0.75 -6.54 -18.30
C ALA A 94 0.16 -6.96 -17.15
N GLU A 95 -0.21 -6.54 -15.94
CA GLU A 95 0.56 -6.87 -14.75
C GLU A 95 0.38 -8.34 -14.36
N PHE A 96 -0.88 -8.75 -14.24
CA PHE A 96 -1.21 -10.12 -13.87
C PHE A 96 -0.66 -11.11 -14.90
N ALA A 97 -0.88 -10.81 -16.17
CA ALA A 97 -0.42 -11.67 -17.26
C ALA A 97 1.10 -11.77 -17.25
N ALA A 98 1.78 -10.63 -17.22
CA ALA A 98 3.23 -10.59 -17.21
C ALA A 98 3.79 -11.36 -16.02
N ALA A 99 3.14 -11.22 -14.87
CA ALA A 99 3.57 -11.91 -13.66
C ALA A 99 3.33 -13.41 -13.76
N GLN A 100 2.19 -13.78 -14.33
CA GLN A 100 1.84 -15.19 -14.48
C GLN A 100 2.88 -15.92 -15.33
N ALA A 101 3.14 -15.39 -16.52
CA ALA A 101 4.12 -15.99 -17.43
C ALA A 101 5.52 -15.90 -16.85
N ALA A 102 5.84 -14.77 -16.24
CA ALA A 102 7.15 -14.57 -15.64
C ALA A 102 7.40 -15.54 -14.50
N LEU A 103 6.33 -15.93 -13.81
CA LEU A 103 6.42 -16.86 -12.70
C LEU A 103 6.68 -18.28 -13.19
N ALA A 104 5.80 -18.76 -14.07
CA ALA A 104 5.95 -20.10 -14.61
C ALA A 104 7.35 -20.31 -15.19
N GLN A 105 7.82 -19.35 -15.95
CA GLN A 105 9.15 -19.43 -16.56
C GLN A 105 10.24 -19.29 -15.50
N ALA A 106 10.01 -18.41 -14.53
CA ALA A 106 10.97 -18.18 -13.46
C ALA A 106 11.38 -19.49 -12.81
N GLU A 107 10.41 -20.31 -12.46
CA GLU A 107 10.68 -21.60 -11.83
C GLU A 107 11.57 -22.47 -12.71
N GLN A 108 11.53 -22.21 -14.03
CA GLN A 108 12.33 -22.97 -14.97
C GLN A 108 13.78 -22.52 -14.93
N GLY A 109 14.05 -21.47 -14.15
CA GLY A 109 15.41 -20.96 -14.05
C GLY A 109 15.55 -19.55 -14.60
N GLU A 110 14.61 -18.68 -14.22
CA GLU A 110 14.63 -17.30 -14.70
C GLU A 110 14.42 -16.34 -13.52
N SER A 111 15.51 -15.76 -13.05
CA SER A 111 15.45 -14.81 -11.93
C SER A 111 16.60 -13.81 -12.01
N LYS A 112 16.26 -12.53 -11.86
CA LYS A 112 17.25 -11.47 -11.92
C LYS A 112 17.59 -10.97 -10.52
N GLN A 113 16.70 -10.18 -9.94
CA GLN A 113 16.91 -9.64 -8.59
C GLN A 113 16.35 -10.59 -7.54
N ALA A 114 15.04 -10.75 -7.52
CA ALA A 114 14.37 -11.62 -6.56
C ALA A 114 13.15 -12.29 -7.17
N LYS A 115 13.14 -13.62 -7.20
CA LYS A 115 12.04 -14.37 -7.75
C LYS A 115 10.81 -14.28 -6.86
N ILE A 116 11.04 -14.27 -5.55
CA ILE A 116 9.96 -14.19 -4.57
C ILE A 116 9.43 -12.76 -4.46
N GLN A 117 10.35 -11.80 -4.39
CA GLN A 117 9.98 -10.39 -4.29
C GLN A 117 9.21 -9.94 -5.53
N ALA A 118 9.67 -10.38 -6.69
CA ALA A 118 9.03 -10.01 -7.95
C ALA A 118 7.62 -10.60 -8.04
N THR A 119 7.51 -11.88 -7.74
CA THR A 119 6.22 -12.56 -7.78
C THR A 119 5.16 -11.80 -6.99
N GLN A 120 5.47 -11.52 -5.73
CA GLN A 120 4.55 -10.80 -4.86
C GLN A 120 4.40 -9.34 -5.31
N ALA A 121 5.49 -8.78 -5.81
CA ALA A 121 5.49 -7.40 -6.27
C ALA A 121 4.48 -7.19 -7.40
N PHE A 122 4.58 -8.03 -8.44
CA PHE A 122 3.69 -7.95 -9.58
C PHE A 122 2.23 -8.12 -9.14
N ARG A 123 1.98 -9.16 -8.35
CA ARG A 123 0.64 -9.44 -7.86
C ARG A 123 0.08 -8.26 -7.07
N ARG A 124 0.87 -7.78 -6.11
CA ARG A 124 0.46 -6.65 -5.28
C ARG A 124 0.22 -5.41 -6.13
N ALA A 125 1.06 -5.23 -7.14
CA ALA A 125 0.94 -4.07 -8.03
C ALA A 125 -0.33 -4.16 -8.86
N ARG A 126 -0.62 -5.35 -9.38
CA ARG A 126 -1.82 -5.55 -10.19
C ARG A 126 -3.09 -5.42 -9.35
N ALA A 127 -3.05 -5.95 -8.14
CA ALA A 127 -4.19 -5.89 -7.24
C ALA A 127 -4.36 -4.49 -6.67
N ARG A 128 -3.26 -3.74 -6.59
CA ARG A 128 -3.29 -2.38 -6.06
C ARG A 128 -3.92 -1.43 -7.08
N LEU A 129 -3.43 -1.48 -8.31
CA LEU A 129 -3.95 -0.61 -9.37
C LEU A 129 -5.41 -0.93 -9.65
N GLN A 130 -5.78 -2.20 -9.55
CA GLN A 130 -7.15 -2.62 -9.79
C GLN A 130 -8.06 -2.25 -8.62
N ALA A 131 -7.65 -2.63 -7.41
CA ALA A 131 -8.43 -2.34 -6.22
C ALA A 131 -8.44 -0.84 -5.94
N ALA A 132 -7.53 -0.11 -6.57
CA ALA A 132 -7.44 1.33 -6.38
C ALA A 132 -8.67 2.03 -6.95
N GLY A 133 -9.46 1.30 -7.73
CA GLY A 133 -10.67 1.87 -8.32
C GLY A 133 -10.72 1.66 -9.82
N GLY A 134 -10.21 0.53 -10.28
CA GLY A 134 -10.21 0.23 -11.69
C GLY A 134 -11.38 -0.67 -12.10
N VAL A 135 -11.93 -1.39 -11.14
CA VAL A 135 -13.04 -2.29 -11.39
C VAL A 135 -14.32 -1.51 -11.67
N VAL A 136 -14.76 -1.55 -12.92
CA VAL A 136 -15.98 -0.85 -13.33
C VAL A 136 -16.40 -1.25 -14.74
N GLU A 137 -17.70 -1.47 -14.91
CA GLU A 137 -18.25 -1.87 -16.21
C GLU A 137 -19.44 -1.00 -16.59
N ILE A 138 -19.75 -0.96 -17.88
CA ILE A 138 -20.87 -0.17 -18.38
C ILE A 138 -21.96 -1.07 -18.96
N MET A 1 -6.54 13.43 20.53
CA MET A 1 -7.90 12.97 20.23
C MET A 1 -8.01 12.53 18.77
N VAL A 2 -7.17 13.11 17.92
CA VAL A 2 -7.18 12.78 16.50
C VAL A 2 -5.80 12.34 16.03
N MET A 3 -5.78 11.40 15.09
CA MET A 3 -4.52 10.89 14.56
C MET A 3 -4.17 11.58 13.24
N THR A 4 -2.94 11.38 12.78
CA THR A 4 -2.48 11.98 11.54
C THR A 4 -1.51 11.06 10.80
N VAL A 5 -2.03 10.36 9.79
CA VAL A 5 -1.21 9.44 9.01
C VAL A 5 -0.86 10.05 7.65
N ARG A 6 0.40 10.43 7.49
CA ARG A 6 0.88 11.02 6.25
C ARG A 6 1.71 10.02 5.44
N VAL A 7 1.60 10.10 4.12
CA VAL A 7 2.35 9.21 3.24
C VAL A 7 3.56 9.91 2.65
N ILE A 8 4.67 9.18 2.55
CA ILE A 8 5.90 9.73 1.99
C ILE A 8 6.63 8.69 1.14
N ALA A 9 7.32 9.16 0.11
CA ALA A 9 8.06 8.29 -0.78
C ALA A 9 9.56 8.62 -0.76
N PRO A 10 10.39 7.65 -1.18
CA PRO A 10 11.84 7.81 -1.21
C PRO A 10 12.29 8.81 -2.28
N ASP A 11 11.34 9.24 -3.11
CA ASP A 11 11.64 10.20 -4.17
C ASP A 11 11.08 11.57 -3.84
N LYS A 12 10.12 11.61 -2.92
CA LYS A 12 9.50 12.87 -2.51
C LYS A 12 8.37 12.62 -1.51
N THR A 13 7.59 13.66 -1.24
CA THR A 13 6.47 13.55 -0.31
C THR A 13 5.15 13.36 -1.04
N VAL A 14 4.27 12.55 -0.47
CA VAL A 14 2.97 12.29 -1.06
C VAL A 14 1.93 13.28 -0.58
N TRP A 15 1.48 13.10 0.66
CA TRP A 15 0.48 13.99 1.26
C TRP A 15 0.18 13.58 2.70
N ASP A 16 -0.70 14.33 3.35
CA ASP A 16 -1.07 14.05 4.73
C ASP A 16 -2.50 13.52 4.80
N ALA A 17 -2.65 12.33 5.36
CA ALA A 17 -3.97 11.70 5.49
C ALA A 17 -4.41 11.67 6.95
N PRO A 18 -4.96 12.80 7.43
CA PRO A 18 -5.44 12.94 8.80
C PRO A 18 -6.69 12.10 9.06
N ALA A 19 -6.73 11.45 10.22
CA ALA A 19 -7.88 10.62 10.59
C ALA A 19 -7.76 10.14 12.04
N GLU A 20 -8.77 9.42 12.50
CA GLU A 20 -8.78 8.91 13.86
C GLU A 20 -8.19 7.50 13.92
N GLU A 21 -8.89 6.54 13.34
CA GLU A 21 -8.42 5.16 13.33
C GLU A 21 -8.10 4.70 11.91
N VAL A 22 -6.93 4.09 11.75
CA VAL A 22 -6.48 3.60 10.44
C VAL A 22 -6.12 2.13 10.51
N ILE A 23 -6.71 1.34 9.61
CA ILE A 23 -6.44 -0.09 9.55
C ILE A 23 -5.76 -0.47 8.25
N LEU A 24 -4.75 -1.33 8.35
CA LEU A 24 -4.01 -1.78 7.17
C LEU A 24 -3.23 -3.06 7.46
N PRO A 25 -2.87 -3.78 6.40
CA PRO A 25 -2.11 -5.03 6.52
C PRO A 25 -0.68 -4.80 6.98
N SER A 26 -0.28 -5.47 8.06
CA SER A 26 1.06 -5.33 8.61
C SER A 26 1.73 -6.70 8.76
N THR A 27 2.89 -6.72 9.42
CA THR A 27 3.62 -7.95 9.64
C THR A 27 2.71 -9.04 10.20
N THR A 28 2.11 -8.77 11.36
CA THR A 28 1.22 -9.72 12.00
C THR A 28 -0.03 -9.96 11.16
N GLY A 29 -0.25 -9.08 10.19
CA GLY A 29 -1.42 -9.21 9.33
C GLY A 29 -2.40 -8.08 9.52
N GLN A 30 -2.68 -7.73 10.76
CA GLN A 30 -3.62 -6.65 11.07
C GLN A 30 -2.94 -5.56 11.90
N LEU A 31 -3.15 -4.31 11.50
CA LEU A 31 -2.55 -3.18 12.19
C LEU A 31 -3.59 -2.08 12.43
N GLY A 32 -3.59 -1.52 13.63
CA GLY A 32 -4.53 -0.46 13.95
C GLY A 32 -3.90 0.66 14.74
N ILE A 33 -3.75 1.83 14.11
CA ILE A 33 -3.15 2.98 14.77
C ILE A 33 -4.21 3.98 15.20
N LEU A 34 -4.35 4.17 16.50
CA LEU A 34 -5.34 5.10 17.05
C LEU A 34 -4.64 6.32 17.67
N SER A 35 -5.44 7.25 18.18
CA SER A 35 -4.92 8.45 18.80
C SER A 35 -4.19 8.12 20.10
N ASN A 36 -4.81 7.27 20.92
CA ASN A 36 -4.21 6.87 22.19
C ASN A 36 -2.91 6.10 21.96
N HIS A 37 -2.72 5.62 20.74
CA HIS A 37 -1.52 4.88 20.40
C HIS A 37 -0.26 5.60 20.87
N ALA A 38 0.84 4.87 21.01
CA ALA A 38 2.10 5.45 21.46
C ALA A 38 3.11 5.48 20.32
N PRO A 39 4.18 6.27 20.51
CA PRO A 39 5.24 6.40 19.51
C PRO A 39 6.08 5.14 19.38
N LEU A 40 6.14 4.59 18.18
CA LEU A 40 6.91 3.37 17.92
C LEU A 40 7.18 3.19 16.44
N LEU A 41 8.28 2.53 16.11
CA LEU A 41 8.65 2.29 14.72
C LEU A 41 8.27 0.88 14.29
N THR A 42 7.75 0.76 13.08
CA THR A 42 7.34 -0.54 12.54
C THR A 42 7.56 -0.60 11.03
N ALA A 43 7.34 -1.79 10.46
CA ALA A 43 7.50 -1.98 9.03
C ALA A 43 6.18 -2.40 8.38
N LEU A 44 6.05 -2.16 7.08
CA LEU A 44 4.85 -2.51 6.34
C LEU A 44 5.20 -3.05 4.96
N GLU A 45 4.33 -3.92 4.44
CA GLU A 45 4.54 -4.50 3.12
C GLU A 45 3.49 -4.02 2.13
N THR A 46 3.60 -4.49 0.89
CA THR A 46 2.66 -4.10 -0.15
C THR A 46 1.23 -4.47 0.23
N GLY A 47 0.30 -3.54 0.02
CA GLY A 47 -1.09 -3.80 0.34
C GLY A 47 -1.91 -2.53 0.35
N VAL A 48 -3.22 -2.68 0.51
CA VAL A 48 -4.14 -1.54 0.53
C VAL A 48 -4.30 -0.99 1.94
N MET A 49 -4.44 0.32 2.06
CA MET A 49 -4.60 0.97 3.35
C MET A 49 -6.01 1.55 3.50
N ARG A 50 -6.58 1.39 4.68
CA ARG A 50 -7.93 1.90 4.94
C ARG A 50 -7.90 2.99 6.01
N VAL A 51 -8.65 4.06 5.76
CA VAL A 51 -8.71 5.19 6.69
C VAL A 51 -10.12 5.40 7.21
N ARG A 52 -10.23 5.74 8.49
CA ARG A 52 -11.53 5.97 9.11
C ARG A 52 -11.49 7.18 10.02
N GLN A 53 -12.12 8.27 9.58
CA GLN A 53 -12.16 9.50 10.36
C GLN A 53 -13.26 9.46 11.41
N ASP A 54 -14.50 9.60 10.96
CA ASP A 54 -15.65 9.58 11.86
C ASP A 54 -16.95 9.74 11.08
N ARG A 55 -17.01 9.15 9.89
CA ARG A 55 -18.20 9.23 9.05
C ARG A 55 -18.00 8.44 7.76
N GLU A 56 -16.88 8.68 7.09
CA GLU A 56 -16.58 8.00 5.84
C GLU A 56 -15.17 7.40 5.87
N TRP A 57 -14.89 6.53 4.92
CA TRP A 57 -13.58 5.88 4.83
C TRP A 57 -12.91 6.17 3.50
N VAL A 58 -11.59 6.11 3.47
CA VAL A 58 -10.84 6.36 2.25
C VAL A 58 -9.90 5.20 1.93
N ALA A 59 -9.70 4.96 0.64
CA ALA A 59 -8.83 3.87 0.20
C ALA A 59 -7.59 4.42 -0.50
N ILE A 60 -6.44 3.83 -0.17
CA ILE A 60 -5.18 4.26 -0.77
C ILE A 60 -4.23 3.08 -0.96
N ALA A 61 -3.72 2.92 -2.18
CA ALA A 61 -2.81 1.83 -2.49
C ALA A 61 -1.40 2.14 -2.00
N LEU A 62 -0.75 1.14 -1.42
CA LEU A 62 0.61 1.31 -0.90
C LEU A 62 1.45 0.06 -1.16
N MET A 63 2.74 0.26 -1.43
CA MET A 63 3.64 -0.85 -1.69
C MET A 63 4.63 -1.02 -0.54
N GLY A 64 5.64 -1.85 -0.76
CA GLY A 64 6.64 -2.09 0.27
C GLY A 64 7.24 -0.80 0.79
N GLY A 65 7.45 -0.74 2.11
CA GLY A 65 8.02 0.44 2.71
C GLY A 65 8.05 0.37 4.23
N PHE A 66 8.33 1.50 4.86
CA PHE A 66 8.39 1.56 6.32
C PHE A 66 7.32 2.50 6.87
N ALA A 67 7.20 2.54 8.19
CA ALA A 67 6.21 3.39 8.85
C ALA A 67 6.59 3.67 10.29
N GLU A 68 6.38 4.90 10.74
CA GLU A 68 6.71 5.30 12.11
C GLU A 68 5.68 6.28 12.64
N VAL A 69 4.99 5.89 13.71
CA VAL A 69 3.98 6.74 14.33
C VAL A 69 4.48 7.31 15.66
N GLU A 70 3.97 8.48 16.01
CA GLU A 70 4.36 9.14 17.25
C GLU A 70 3.52 10.38 17.51
N ASN A 71 2.77 10.36 18.60
CA ASN A 71 1.92 11.49 18.96
C ASN A 71 1.05 11.91 17.78
N ASN A 72 0.30 10.95 17.25
CA ASN A 72 -0.58 11.21 16.11
C ASN A 72 0.22 11.70 14.90
N GLU A 73 1.43 11.18 14.75
CA GLU A 73 2.29 11.56 13.64
C GLU A 73 2.90 10.34 12.97
N VAL A 74 2.25 9.86 11.92
CA VAL A 74 2.72 8.69 11.19
C VAL A 74 3.48 9.09 9.93
N THR A 75 4.55 8.39 9.63
CA THR A 75 5.36 8.67 8.45
C THR A 75 5.67 7.39 7.68
N ILE A 76 4.98 7.21 6.56
CA ILE A 76 5.18 6.03 5.72
C ILE A 76 6.21 6.29 4.63
N LEU A 77 7.11 5.34 4.42
CA LEU A 77 8.14 5.48 3.40
C LEU A 77 8.04 4.36 2.38
N VAL A 78 7.03 4.44 1.52
CA VAL A 78 6.83 3.43 0.49
C VAL A 78 7.44 3.87 -0.84
N ASN A 79 8.02 2.92 -1.57
CA ASN A 79 8.64 3.20 -2.85
C ASN A 79 7.60 3.65 -3.87
N GLY A 80 6.36 3.22 -3.68
CA GLY A 80 5.30 3.60 -4.59
C GLY A 80 3.91 3.39 -3.98
N ALA A 81 2.99 4.29 -4.32
CA ALA A 81 1.63 4.20 -3.80
C ALA A 81 0.66 4.96 -4.70
N GLU A 82 -0.63 4.66 -4.56
CA GLU A 82 -1.65 5.31 -5.36
C GLU A 82 -2.72 5.95 -4.46
N ARG A 83 -3.14 7.16 -4.83
CA ARG A 83 -4.14 7.89 -4.06
C ARG A 83 -5.54 7.64 -4.62
N GLY A 84 -5.69 6.55 -5.36
CA GLY A 84 -6.98 6.22 -5.95
C GLY A 84 -7.13 6.80 -7.34
N ASP A 85 -6.31 7.78 -7.68
CA ASP A 85 -6.36 8.41 -8.99
C ASP A 85 -5.34 7.77 -9.94
N THR A 86 -4.99 6.52 -9.67
CA THR A 86 -4.03 5.80 -10.49
C THR A 86 -4.68 4.56 -11.12
N ILE A 87 -6.00 4.49 -11.05
CA ILE A 87 -6.73 3.36 -11.61
C ILE A 87 -6.58 3.31 -13.13
N ASP A 88 -6.02 2.21 -13.62
CA ASP A 88 -5.80 2.02 -15.05
C ASP A 88 -5.98 0.56 -15.44
N LEU A 89 -6.93 0.30 -16.34
CA LEU A 89 -7.19 -1.06 -16.79
C LEU A 89 -5.96 -1.67 -17.43
N GLU A 90 -5.36 -0.94 -18.36
CA GLU A 90 -4.16 -1.42 -19.05
C GLU A 90 -3.06 -1.76 -18.05
N LYS A 91 -2.98 -0.97 -16.98
CA LYS A 91 -1.98 -1.19 -15.95
C LYS A 91 -2.11 -2.59 -15.35
N ALA A 92 -3.33 -2.96 -14.99
CA ALA A 92 -3.59 -4.27 -14.41
C ALA A 92 -3.13 -5.40 -15.35
N LYS A 93 -3.53 -5.30 -16.61
CA LYS A 93 -3.16 -6.30 -17.61
C LYS A 93 -1.65 -6.37 -17.77
N ALA A 94 -0.99 -5.23 -17.59
CA ALA A 94 0.46 -5.16 -17.72
C ALA A 94 1.16 -5.77 -16.51
N GLU A 95 0.57 -5.55 -15.33
CA GLU A 95 1.13 -6.08 -14.10
C GLU A 95 1.07 -7.61 -14.07
N PHE A 96 -0.12 -8.14 -14.33
CA PHE A 96 -0.33 -9.58 -14.34
C PHE A 96 0.60 -10.26 -15.36
N ALA A 97 0.65 -9.71 -16.57
CA ALA A 97 1.48 -10.24 -17.63
C ALA A 97 2.96 -10.07 -17.29
N ALA A 98 3.28 -9.00 -16.58
CA ALA A 98 4.67 -8.73 -16.19
C ALA A 98 5.14 -9.69 -15.11
N ALA A 99 4.25 -10.00 -14.17
CA ALA A 99 4.57 -10.91 -13.08
C ALA A 99 4.74 -12.34 -13.59
N GLN A 100 3.75 -12.80 -14.36
CA GLN A 100 3.79 -14.15 -14.91
C GLN A 100 5.06 -14.38 -15.70
N ALA A 101 5.43 -13.41 -16.53
CA ALA A 101 6.63 -13.51 -17.34
C ALA A 101 7.89 -13.35 -16.48
N ALA A 102 7.82 -12.46 -15.49
CA ALA A 102 8.95 -12.22 -14.61
C ALA A 102 9.32 -13.48 -13.83
N LEU A 103 8.32 -14.12 -13.24
CA LEU A 103 8.55 -15.34 -12.47
C LEU A 103 9.15 -16.43 -13.35
N ALA A 104 8.46 -16.75 -14.44
CA ALA A 104 8.93 -17.78 -15.36
C ALA A 104 10.30 -17.43 -15.92
N GLN A 105 10.59 -16.13 -16.02
CA GLN A 105 11.87 -15.67 -16.53
C GLN A 105 12.99 -15.93 -15.55
N ALA A 106 12.77 -15.54 -14.29
CA ALA A 106 13.78 -15.74 -13.25
C ALA A 106 14.25 -17.18 -13.21
N GLU A 107 13.30 -18.11 -13.14
CA GLU A 107 13.63 -19.53 -13.09
C GLU A 107 14.19 -20.01 -14.43
N GLN A 108 13.89 -19.25 -15.49
CA GLN A 108 14.37 -19.59 -16.83
C GLN A 108 15.81 -19.13 -17.03
N GLY A 109 16.38 -18.52 -15.99
CA GLY A 109 17.75 -18.03 -16.07
C GLY A 109 17.83 -16.52 -15.96
N GLU A 110 17.14 -15.96 -14.98
CA GLU A 110 17.14 -14.52 -14.76
C GLU A 110 17.20 -14.19 -13.28
N SER A 111 16.98 -12.92 -12.95
CA SER A 111 17.01 -12.47 -11.56
C SER A 111 15.89 -13.11 -10.75
N LYS A 112 16.21 -14.24 -10.11
CA LYS A 112 15.22 -14.95 -9.31
C LYS A 112 15.46 -14.70 -7.83
N GLN A 113 15.82 -13.46 -7.48
CA GLN A 113 16.07 -13.09 -6.10
C GLN A 113 14.92 -13.53 -5.21
N ALA A 114 13.72 -13.06 -5.53
CA ALA A 114 12.54 -13.40 -4.74
C ALA A 114 11.33 -13.64 -5.66
N LYS A 115 10.88 -14.89 -5.72
CA LYS A 115 9.74 -15.25 -6.54
C LYS A 115 8.45 -14.72 -5.95
N ILE A 116 8.31 -14.85 -4.63
CA ILE A 116 7.12 -14.37 -3.94
C ILE A 116 7.04 -12.84 -3.94
N GLN A 117 8.19 -12.21 -3.73
CA GLN A 117 8.27 -10.76 -3.70
C GLN A 117 7.86 -10.17 -5.05
N ALA A 118 8.15 -10.90 -6.12
CA ALA A 118 7.81 -10.46 -7.46
C ALA A 118 6.34 -10.71 -7.78
N THR A 119 5.91 -11.96 -7.59
CA THR A 119 4.52 -12.33 -7.85
C THR A 119 3.56 -11.51 -7.00
N GLN A 120 3.98 -11.22 -5.77
CA GLN A 120 3.15 -10.45 -4.86
C GLN A 120 3.20 -8.96 -5.19
N ALA A 121 4.36 -8.50 -5.65
CA ALA A 121 4.54 -7.10 -6.01
C ALA A 121 3.59 -6.70 -7.13
N PHE A 122 3.64 -7.44 -8.24
CA PHE A 122 2.77 -7.15 -9.38
C PHE A 122 1.32 -7.42 -9.04
N ARG A 123 1.06 -8.56 -8.43
CA ARG A 123 -0.30 -8.95 -8.05
C ARG A 123 -0.94 -7.87 -7.18
N ARG A 124 -0.23 -7.44 -6.15
CA ARG A 124 -0.73 -6.42 -5.24
C ARG A 124 -0.95 -5.10 -5.98
N ALA A 125 0.07 -4.66 -6.70
CA ALA A 125 0.00 -3.41 -7.44
C ALA A 125 -1.18 -3.43 -8.42
N ARG A 126 -1.48 -4.60 -8.96
CA ARG A 126 -2.59 -4.75 -9.90
C ARG A 126 -3.93 -4.72 -9.17
N ALA A 127 -4.03 -5.52 -8.11
CA ALA A 127 -5.26 -5.58 -7.33
C ALA A 127 -5.65 -4.21 -6.81
N ARG A 128 -4.70 -3.53 -6.16
CA ARG A 128 -4.95 -2.20 -5.61
C ARG A 128 -5.21 -1.19 -6.72
N LEU A 129 -4.53 -1.37 -7.85
CA LEU A 129 -4.67 -0.48 -8.99
C LEU A 129 -6.15 -0.33 -9.37
N GLN A 130 -6.79 -1.45 -9.67
CA GLN A 130 -8.20 -1.45 -10.06
C GLN A 130 -9.09 -1.23 -8.84
N ALA A 131 -8.70 -1.80 -7.70
CA ALA A 131 -9.46 -1.66 -6.47
C ALA A 131 -9.56 -0.20 -6.05
N ALA A 132 -8.66 0.62 -6.57
CA ALA A 132 -8.65 2.04 -6.24
C ALA A 132 -9.87 2.75 -6.82
N GLY A 133 -10.57 2.07 -7.74
CA GLY A 133 -11.75 2.65 -8.35
C GLY A 133 -11.69 2.63 -9.87
N GLY A 134 -11.14 1.55 -10.42
CA GLY A 134 -11.03 1.43 -11.86
C GLY A 134 -12.13 0.58 -12.46
N VAL A 135 -12.54 -0.46 -11.74
CA VAL A 135 -13.59 -1.35 -12.20
C VAL A 135 -14.74 -1.41 -11.19
N VAL A 136 -15.97 -1.36 -11.70
CA VAL A 136 -17.15 -1.42 -10.85
C VAL A 136 -18.34 -2.00 -11.60
N GLU A 137 -19.16 -2.76 -10.89
CA GLU A 137 -20.34 -3.39 -11.49
C GLU A 137 -21.31 -3.84 -10.41
N ILE A 138 -22.41 -4.47 -10.84
CA ILE A 138 -23.42 -4.96 -9.92
C ILE A 138 -23.40 -6.48 -9.84
N MET A 1 -9.40 13.04 13.00
CA MET A 1 -9.92 13.50 14.27
C MET A 1 -8.79 13.75 15.27
N VAL A 2 -8.22 12.67 15.78
CA VAL A 2 -7.12 12.77 16.74
C VAL A 2 -5.81 12.29 16.13
N MET A 3 -5.90 11.37 15.18
CA MET A 3 -4.72 10.82 14.51
C MET A 3 -4.48 11.54 13.18
N THR A 4 -3.24 11.46 12.70
CA THR A 4 -2.88 12.09 11.44
C THR A 4 -1.87 11.24 10.67
N VAL A 5 -2.35 10.59 9.62
CA VAL A 5 -1.49 9.74 8.79
C VAL A 5 -0.93 10.52 7.61
N ARG A 6 0.36 10.37 7.36
CA ARG A 6 1.03 11.05 6.27
C ARG A 6 1.87 10.08 5.43
N VAL A 7 1.65 10.09 4.13
CA VAL A 7 2.39 9.20 3.23
C VAL A 7 3.56 9.94 2.57
N ILE A 8 4.67 9.24 2.38
CA ILE A 8 5.86 9.82 1.77
C ILE A 8 6.58 8.79 0.90
N ALA A 9 7.19 9.27 -0.18
CA ALA A 9 7.93 8.40 -1.09
C ALA A 9 9.40 8.80 -1.16
N PRO A 10 10.24 7.86 -1.61
CA PRO A 10 11.68 8.08 -1.74
C PRO A 10 12.03 9.06 -2.84
N ASP A 11 11.02 9.44 -3.62
CA ASP A 11 11.22 10.39 -4.73
C ASP A 11 10.64 11.75 -4.38
N LYS A 12 9.73 11.77 -3.40
CA LYS A 12 9.11 13.03 -2.97
C LYS A 12 8.05 12.76 -1.90
N THR A 13 7.26 13.78 -1.59
CA THR A 13 6.22 13.66 -0.58
C THR A 13 4.86 13.40 -1.23
N VAL A 14 4.00 12.68 -0.52
CA VAL A 14 2.68 12.35 -1.02
C VAL A 14 1.63 13.32 -0.47
N TRP A 15 1.37 13.22 0.82
CA TRP A 15 0.38 14.08 1.47
C TRP A 15 0.27 13.77 2.96
N ASP A 16 -0.65 14.44 3.64
CA ASP A 16 -0.85 14.23 5.07
C ASP A 16 -2.29 14.52 5.46
N ALA A 17 -3.11 13.48 5.53
CA ALA A 17 -4.51 13.62 5.89
C ALA A 17 -4.77 13.09 7.30
N PRO A 18 -5.87 13.55 7.92
CA PRO A 18 -6.25 13.15 9.27
C PRO A 18 -6.72 11.69 9.33
N ALA A 19 -6.98 11.21 10.53
CA ALA A 19 -7.43 9.83 10.72
C ALA A 19 -7.69 9.54 12.20
N GLU A 20 -8.15 8.33 12.48
CA GLU A 20 -8.44 7.91 13.84
C GLU A 20 -7.81 6.56 14.16
N GLU A 21 -7.86 5.65 13.19
CA GLU A 21 -7.30 4.33 13.36
C GLU A 21 -6.89 3.73 12.01
N VAL A 22 -5.67 3.19 11.95
CA VAL A 22 -5.16 2.59 10.72
C VAL A 22 -4.91 1.10 10.90
N ILE A 23 -5.61 0.29 10.10
CA ILE A 23 -5.46 -1.15 10.18
C ILE A 23 -4.99 -1.73 8.84
N LEU A 24 -3.92 -2.50 8.88
CA LEU A 24 -3.37 -3.12 7.67
C LEU A 24 -2.45 -4.28 8.03
N PRO A 25 -2.20 -5.16 7.04
CA PRO A 25 -1.33 -6.33 7.23
C PRO A 25 0.13 -5.93 7.37
N SER A 26 0.77 -6.41 8.44
CA SER A 26 2.17 -6.10 8.69
C SER A 26 2.97 -7.39 8.89
N THR A 27 4.22 -7.23 9.32
CA THR A 27 5.10 -8.38 9.53
C THR A 27 4.41 -9.45 10.38
N THR A 28 4.00 -9.07 11.59
CA THR A 28 3.33 -9.99 12.50
C THR A 28 1.97 -10.41 11.95
N GLY A 29 1.50 -9.68 10.94
CA GLY A 29 0.21 -10.01 10.34
C GLY A 29 -0.81 -8.92 10.56
N GLN A 30 -0.89 -8.43 11.80
CA GLN A 30 -1.85 -7.38 12.15
C GLN A 30 -1.13 -6.15 12.68
N LEU A 31 -1.53 -4.97 12.18
CA LEU A 31 -0.93 -3.72 12.60
C LEU A 31 -1.98 -2.64 12.77
N GLY A 32 -2.21 -2.22 14.02
CA GLY A 32 -3.20 -1.19 14.29
C GLY A 32 -2.60 0.00 15.00
N ILE A 33 -2.38 1.07 14.25
CA ILE A 33 -1.80 2.29 14.80
C ILE A 33 -2.87 3.37 14.99
N LEU A 34 -3.01 3.84 16.23
CA LEU A 34 -3.99 4.87 16.54
C LEU A 34 -3.31 6.19 16.89
N SER A 35 -4.11 7.21 17.18
CA SER A 35 -3.58 8.52 17.54
C SER A 35 -2.84 8.47 18.87
N ASN A 36 -3.44 7.81 19.85
CA ASN A 36 -2.82 7.69 21.17
C ASN A 36 -1.54 6.86 21.10
N HIS A 37 -1.39 6.11 20.02
CA HIS A 37 -0.20 5.27 19.82
C HIS A 37 1.07 6.07 20.09
N ALA A 38 1.82 5.65 21.10
CA ALA A 38 3.06 6.32 21.46
C ALA A 38 3.99 6.44 20.25
N PRO A 39 5.02 7.29 20.37
CA PRO A 39 5.99 7.51 19.30
C PRO A 39 6.90 6.31 19.10
N LEU A 40 6.63 5.54 18.05
CA LEU A 40 7.43 4.36 17.74
C LEU A 40 7.53 4.15 16.23
N LEU A 41 8.61 3.52 15.79
CA LEU A 41 8.83 3.27 14.38
C LEU A 41 8.69 1.78 14.08
N THR A 42 8.17 1.47 12.90
CA THR A 42 7.98 0.08 12.48
C THR A 42 8.15 -0.08 10.97
N ALA A 43 8.11 -1.31 10.50
CA ALA A 43 8.25 -1.60 9.08
C ALA A 43 6.96 -2.16 8.50
N LEU A 44 6.69 -1.84 7.25
CA LEU A 44 5.48 -2.32 6.58
C LEU A 44 5.81 -2.93 5.22
N GLU A 45 4.99 -3.87 4.78
CA GLU A 45 5.20 -4.54 3.49
C GLU A 45 4.16 -4.09 2.47
N THR A 46 4.26 -4.62 1.26
CA THR A 46 3.33 -4.27 0.19
C THR A 46 1.91 -4.65 0.56
N GLY A 47 0.96 -3.78 0.22
CA GLY A 47 -0.43 -4.03 0.53
C GLY A 47 -1.22 -2.76 0.78
N VAL A 48 -2.52 -2.81 0.53
CA VAL A 48 -3.38 -1.65 0.74
C VAL A 48 -3.82 -1.54 2.20
N MET A 49 -3.81 -0.33 2.73
CA MET A 49 -4.21 -0.08 4.10
C MET A 49 -5.54 0.66 4.17
N ARG A 50 -6.30 0.42 5.23
CA ARG A 50 -7.59 1.08 5.41
C ARG A 50 -7.54 2.09 6.54
N VAL A 51 -7.81 3.35 6.22
CA VAL A 51 -7.79 4.42 7.21
C VAL A 51 -9.19 4.74 7.70
N ARG A 52 -9.34 4.89 9.01
CA ARG A 52 -10.63 5.19 9.61
C ARG A 52 -10.63 6.59 10.23
N GLN A 53 -11.14 7.57 9.49
CA GLN A 53 -11.19 8.95 9.97
C GLN A 53 -12.45 9.18 10.80
N ASP A 54 -13.61 9.08 10.17
CA ASP A 54 -14.88 9.29 10.85
C ASP A 54 -16.05 8.98 9.92
N ARG A 55 -16.47 7.71 9.93
CA ARG A 55 -17.59 7.29 9.09
C ARG A 55 -17.18 7.23 7.63
N GLU A 56 -15.90 7.51 7.36
CA GLU A 56 -15.38 7.50 6.01
C GLU A 56 -14.07 6.73 5.93
N TRP A 57 -14.10 5.58 5.26
CA TRP A 57 -12.92 4.74 5.12
C TRP A 57 -12.13 5.13 3.88
N VAL A 58 -10.80 5.08 3.99
CA VAL A 58 -9.93 5.44 2.87
C VAL A 58 -8.97 4.29 2.55
N ALA A 59 -8.97 3.86 1.29
CA ALA A 59 -8.09 2.78 0.85
C ALA A 59 -6.95 3.31 0.00
N ILE A 60 -5.73 3.08 0.45
CA ILE A 60 -4.54 3.53 -0.28
C ILE A 60 -3.53 2.40 -0.44
N ALA A 61 -3.33 1.98 -1.68
CA ALA A 61 -2.39 0.91 -1.98
C ALA A 61 -0.95 1.34 -1.67
N LEU A 62 -0.42 0.80 -0.58
CA LEU A 62 0.95 1.14 -0.17
C LEU A 62 1.87 -0.07 -0.33
N MET A 63 2.84 0.05 -1.24
CA MET A 63 3.79 -1.03 -1.49
C MET A 63 4.84 -1.10 -0.38
N GLY A 64 5.88 -1.90 -0.61
CA GLY A 64 6.92 -2.03 0.38
C GLY A 64 7.48 -0.70 0.84
N GLY A 65 7.64 -0.55 2.15
CA GLY A 65 8.16 0.69 2.69
C GLY A 65 8.25 0.67 4.20
N PHE A 66 8.36 1.84 4.80
CA PHE A 66 8.46 1.95 6.25
C PHE A 66 7.30 2.77 6.83
N ALA A 67 7.26 2.90 8.15
CA ALA A 67 6.21 3.64 8.81
C ALA A 67 6.59 3.97 10.25
N GLU A 68 6.29 5.19 10.68
CA GLU A 68 6.60 5.62 12.04
C GLU A 68 5.56 6.61 12.55
N VAL A 69 4.89 6.24 13.64
CA VAL A 69 3.86 7.08 14.23
C VAL A 69 4.35 7.73 15.51
N GLU A 70 3.87 8.93 15.79
CA GLU A 70 4.27 9.66 16.99
C GLU A 70 3.43 10.92 17.17
N ASN A 71 2.73 11.02 18.30
CA ASN A 71 1.90 12.18 18.58
C ASN A 71 0.99 12.50 17.40
N ASN A 72 0.24 11.50 16.95
CA ASN A 72 -0.67 11.68 15.81
C ASN A 72 0.09 12.11 14.57
N GLU A 73 1.29 11.55 14.39
CA GLU A 73 2.12 11.88 13.24
C GLU A 73 2.72 10.63 12.63
N VAL A 74 2.11 10.13 11.56
CA VAL A 74 2.60 8.93 10.88
C VAL A 74 3.41 9.29 9.64
N THR A 75 4.57 8.65 9.50
CA THR A 75 5.44 8.90 8.35
C THR A 75 5.76 7.60 7.62
N ILE A 76 5.13 7.40 6.47
CA ILE A 76 5.36 6.20 5.68
C ILE A 76 6.34 6.47 4.54
N LEU A 77 7.25 5.54 4.31
CA LEU A 77 8.24 5.68 3.25
C LEU A 77 8.14 4.53 2.26
N VAL A 78 7.12 4.56 1.43
CA VAL A 78 6.90 3.52 0.42
C VAL A 78 7.49 3.94 -0.93
N ASN A 79 8.05 2.97 -1.64
CA ASN A 79 8.65 3.23 -2.95
C ASN A 79 7.58 3.67 -3.94
N GLY A 80 6.34 3.27 -3.69
CA GLY A 80 5.25 3.62 -4.59
C GLY A 80 3.90 3.26 -4.02
N ALA A 81 2.94 4.17 -4.12
CA ALA A 81 1.59 3.94 -3.62
C ALA A 81 0.56 4.69 -4.44
N GLU A 82 -0.71 4.43 -4.16
CA GLU A 82 -1.80 5.09 -4.88
C GLU A 82 -2.99 5.34 -3.95
N ARG A 83 -3.61 6.50 -4.09
CA ARG A 83 -4.76 6.86 -3.27
C ARG A 83 -6.06 6.53 -3.98
N GLY A 84 -6.00 5.56 -4.88
CA GLY A 84 -7.20 5.15 -5.62
C GLY A 84 -7.38 5.94 -6.90
N ASP A 85 -6.63 7.03 -7.03
CA ASP A 85 -6.72 7.88 -8.21
C ASP A 85 -5.65 7.51 -9.23
N THR A 86 -5.41 6.20 -9.37
CA THR A 86 -4.42 5.71 -10.32
C THR A 86 -4.99 4.60 -11.20
N ILE A 87 -6.31 4.47 -11.17
CA ILE A 87 -6.99 3.45 -11.97
C ILE A 87 -6.72 3.66 -13.46
N ASP A 88 -6.11 2.67 -14.08
CA ASP A 88 -5.80 2.74 -15.51
C ASP A 88 -5.92 1.37 -16.16
N LEU A 89 -6.43 1.34 -17.39
CA LEU A 89 -6.61 0.09 -18.12
C LEU A 89 -5.26 -0.50 -18.51
N GLU A 90 -4.39 0.33 -19.09
CA GLU A 90 -3.07 -0.12 -19.51
C GLU A 90 -2.18 -0.38 -18.30
N LYS A 91 -2.28 0.49 -17.29
CA LYS A 91 -1.49 0.35 -16.08
C LYS A 91 -1.72 -1.01 -15.43
N ALA A 92 -2.98 -1.34 -15.18
CA ALA A 92 -3.33 -2.61 -14.57
C ALA A 92 -2.84 -3.79 -15.43
N LYS A 93 -3.15 -3.74 -16.72
CA LYS A 93 -2.74 -4.79 -17.64
C LYS A 93 -1.23 -4.99 -17.61
N ALA A 94 -0.51 -3.92 -17.26
CA ALA A 94 0.95 -3.98 -17.19
C ALA A 94 1.41 -4.79 -15.99
N GLU A 95 0.98 -4.38 -14.81
CA GLU A 95 1.36 -5.07 -13.57
C GLU A 95 0.93 -6.54 -13.62
N PHE A 96 -0.34 -6.76 -13.94
CA PHE A 96 -0.87 -8.12 -14.02
C PHE A 96 -0.05 -8.97 -14.99
N ALA A 97 0.13 -8.46 -16.20
CA ALA A 97 0.90 -9.18 -17.21
C ALA A 97 2.32 -9.46 -16.74
N ALA A 98 2.96 -8.45 -16.16
CA ALA A 98 4.32 -8.58 -15.66
C ALA A 98 4.40 -9.66 -14.57
N ALA A 99 3.40 -9.67 -13.69
CA ALA A 99 3.36 -10.64 -12.61
C ALA A 99 3.10 -12.04 -13.13
N GLN A 100 2.18 -12.15 -14.08
CA GLN A 100 1.83 -13.44 -14.68
C GLN A 100 3.06 -14.11 -15.27
N ALA A 101 3.75 -13.39 -16.15
CA ALA A 101 4.96 -13.91 -16.79
C ALA A 101 6.08 -14.11 -15.78
N ALA A 102 6.18 -13.19 -14.82
CA ALA A 102 7.20 -13.27 -13.79
C ALA A 102 7.03 -14.51 -12.93
N LEU A 103 5.78 -14.92 -12.74
CA LEU A 103 5.47 -16.09 -11.93
C LEU A 103 5.91 -17.37 -12.63
N ALA A 104 5.42 -17.56 -13.85
CA ALA A 104 5.77 -18.75 -14.63
C ALA A 104 7.28 -18.88 -14.78
N GLN A 105 7.94 -17.76 -15.06
CA GLN A 105 9.39 -17.76 -15.23
C GLN A 105 10.10 -17.96 -13.90
N ALA A 106 9.54 -17.38 -12.84
CA ALA A 106 10.12 -17.50 -11.51
C ALA A 106 10.36 -18.96 -11.15
N GLU A 107 9.32 -19.77 -11.26
CA GLU A 107 9.41 -21.19 -10.95
C GLU A 107 10.55 -21.84 -11.72
N GLN A 108 10.71 -21.44 -12.99
CA GLN A 108 11.74 -21.99 -13.84
C GLN A 108 13.12 -21.73 -13.25
N GLY A 109 13.21 -20.74 -12.37
CA GLY A 109 14.48 -20.41 -11.76
C GLY A 109 14.96 -19.02 -12.13
N GLU A 110 14.05 -18.05 -12.07
CA GLU A 110 14.38 -16.67 -12.40
C GLU A 110 13.88 -15.70 -11.33
N SER A 111 14.79 -15.27 -10.45
CA SER A 111 14.44 -14.35 -9.38
C SER A 111 15.62 -13.47 -9.01
N LYS A 112 15.35 -12.20 -8.77
CA LYS A 112 16.39 -11.24 -8.40
C LYS A 112 16.38 -10.98 -6.90
N GLN A 113 15.41 -10.21 -6.43
CA GLN A 113 15.29 -9.87 -5.03
C GLN A 113 14.44 -10.92 -4.29
N ALA A 114 13.17 -10.98 -4.63
CA ALA A 114 12.26 -11.93 -4.01
C ALA A 114 11.22 -12.43 -5.01
N LYS A 115 11.20 -13.74 -5.22
CA LYS A 115 10.25 -14.34 -6.16
C LYS A 115 8.84 -14.31 -5.59
N ILE A 116 8.71 -14.56 -4.29
CA ILE A 116 7.41 -14.55 -3.64
C ILE A 116 6.94 -13.12 -3.37
N GLN A 117 7.83 -12.29 -2.87
CA GLN A 117 7.51 -10.89 -2.57
C GLN A 117 7.10 -10.16 -3.84
N ALA A 118 7.84 -10.39 -4.92
CA ALA A 118 7.56 -9.74 -6.19
C ALA A 118 6.20 -10.18 -6.74
N THR A 119 5.99 -11.48 -6.80
CA THR A 119 4.74 -12.03 -7.30
C THR A 119 3.53 -11.40 -6.60
N GLN A 120 3.54 -11.45 -5.27
CA GLN A 120 2.45 -10.88 -4.48
C GLN A 120 2.40 -9.36 -4.64
N ALA A 121 3.58 -8.76 -4.76
CA ALA A 121 3.67 -7.31 -4.92
C ALA A 121 2.94 -6.84 -6.17
N PHE A 122 3.32 -7.41 -7.31
CA PHE A 122 2.71 -7.05 -8.59
C PHE A 122 1.20 -7.28 -8.54
N ARG A 123 0.80 -8.47 -8.10
CA ARG A 123 -0.61 -8.82 -8.01
C ARG A 123 -1.35 -7.86 -7.08
N ARG A 124 -0.67 -7.41 -6.03
CA ARG A 124 -1.27 -6.49 -5.07
C ARG A 124 -1.48 -5.11 -5.70
N ALA A 125 -0.42 -4.57 -6.30
CA ALA A 125 -0.48 -3.26 -6.93
C ALA A 125 -1.59 -3.22 -7.99
N ARG A 126 -1.63 -4.25 -8.83
CA ARG A 126 -2.63 -4.32 -9.88
C ARG A 126 -4.03 -4.52 -9.29
N ALA A 127 -4.10 -5.27 -8.20
CA ALA A 127 -5.38 -5.53 -7.54
C ALA A 127 -6.01 -4.23 -7.04
N ARG A 128 -5.26 -3.48 -6.24
CA ARG A 128 -5.75 -2.23 -5.70
C ARG A 128 -5.91 -1.18 -6.80
N LEU A 129 -5.02 -1.22 -7.79
CA LEU A 129 -5.07 -0.28 -8.90
C LEU A 129 -6.39 -0.38 -9.64
N GLN A 130 -6.77 -1.59 -10.02
CA GLN A 130 -8.02 -1.82 -10.73
C GLN A 130 -9.22 -1.72 -9.79
N ALA A 131 -9.06 -2.25 -8.58
CA ALA A 131 -10.11 -2.20 -7.58
C ALA A 131 -10.43 -0.77 -7.17
N ALA A 132 -9.50 0.13 -7.42
CA ALA A 132 -9.68 1.54 -7.09
C ALA A 132 -10.77 2.18 -7.94
N GLY A 133 -11.17 1.47 -9.00
CA GLY A 133 -12.20 1.99 -9.88
C GLY A 133 -11.76 2.00 -11.34
N GLY A 134 -11.02 0.96 -11.74
CA GLY A 134 -10.56 0.88 -13.10
C GLY A 134 -11.41 -0.04 -13.95
N VAL A 135 -11.95 -1.09 -13.34
CA VAL A 135 -12.79 -2.05 -14.05
C VAL A 135 -14.27 -1.69 -13.91
N VAL A 136 -14.94 -1.53 -15.03
CA VAL A 136 -16.36 -1.18 -15.04
C VAL A 136 -17.00 -1.53 -16.37
N GLU A 137 -18.31 -1.83 -16.34
CA GLU A 137 -19.04 -2.18 -17.55
C GLU A 137 -20.49 -1.71 -17.46
N ILE A 138 -21.02 -1.23 -18.58
CA ILE A 138 -22.39 -0.75 -18.62
C ILE A 138 -23.29 -1.74 -19.36
N MET A 1 -11.35 12.80 15.66
CA MET A 1 -10.10 13.08 14.96
C MET A 1 -8.95 13.31 15.94
N VAL A 2 -8.65 12.30 16.75
CA VAL A 2 -7.58 12.40 17.72
C VAL A 2 -6.23 12.04 17.10
N MET A 3 -6.26 11.17 16.10
CA MET A 3 -5.04 10.74 15.42
C MET A 3 -4.82 11.56 14.15
N THR A 4 -3.61 11.47 13.62
CA THR A 4 -3.27 12.19 12.40
C THR A 4 -2.31 11.38 11.52
N VAL A 5 -2.83 10.84 10.43
CA VAL A 5 -2.01 10.05 9.52
C VAL A 5 -1.45 10.90 8.39
N ARG A 6 -0.15 10.78 8.14
CA ARG A 6 0.51 11.54 7.09
C ARG A 6 1.33 10.64 6.18
N VAL A 7 1.31 10.93 4.89
CA VAL A 7 2.05 10.13 3.91
C VAL A 7 3.16 10.95 3.26
N ILE A 8 4.30 10.32 3.02
CA ILE A 8 5.43 10.99 2.41
C ILE A 8 6.18 10.05 1.46
N ALA A 9 6.75 10.61 0.40
CA ALA A 9 7.50 9.83 -0.57
C ALA A 9 8.96 10.26 -0.63
N PRO A 10 9.82 9.38 -1.15
CA PRO A 10 11.26 9.64 -1.27
C PRO A 10 11.56 10.71 -2.30
N ASP A 11 10.55 11.12 -3.06
CA ASP A 11 10.70 12.14 -4.08
C ASP A 11 10.17 13.48 -3.61
N LYS A 12 9.26 13.44 -2.64
CA LYS A 12 8.67 14.65 -2.09
C LYS A 12 7.60 14.31 -1.05
N THR A 13 6.83 15.32 -0.64
CA THR A 13 5.78 15.13 0.34
C THR A 13 4.43 14.90 -0.32
N VAL A 14 3.59 14.11 0.32
CA VAL A 14 2.27 13.80 -0.21
C VAL A 14 1.19 14.67 0.46
N TRP A 15 0.94 14.40 1.73
CA TRP A 15 -0.06 15.15 2.48
C TRP A 15 -0.12 14.68 3.94
N ASP A 16 -1.05 15.24 4.70
CA ASP A 16 -1.21 14.88 6.10
C ASP A 16 -2.63 15.16 6.57
N ALA A 17 -3.47 14.12 6.57
CA ALA A 17 -4.86 14.26 6.99
C ALA A 17 -5.08 13.59 8.35
N PRO A 18 -6.15 14.00 9.05
CA PRO A 18 -6.50 13.46 10.36
C PRO A 18 -6.97 12.01 10.28
N ALA A 19 -7.21 11.41 11.44
CA ALA A 19 -7.67 10.03 11.51
C ALA A 19 -7.88 9.59 12.95
N GLU A 20 -8.34 8.35 13.12
CA GLU A 20 -8.59 7.81 14.45
C GLU A 20 -8.05 6.38 14.58
N GLU A 21 -8.25 5.59 13.52
CA GLU A 21 -7.78 4.21 13.51
C GLU A 21 -7.61 3.71 12.08
N VAL A 22 -6.47 3.09 11.81
CA VAL A 22 -6.18 2.56 10.48
C VAL A 22 -5.66 1.13 10.55
N ILE A 23 -6.17 0.28 9.68
CA ILE A 23 -5.75 -1.12 9.64
C ILE A 23 -5.11 -1.47 8.30
N LEU A 24 -4.00 -2.18 8.35
CA LEU A 24 -3.30 -2.59 7.15
C LEU A 24 -2.37 -3.77 7.42
N PRO A 25 -2.00 -4.50 6.36
CA PRO A 25 -1.11 -5.66 6.46
C PRO A 25 0.32 -5.27 6.80
N SER A 26 0.87 -5.90 7.83
CA SER A 26 2.24 -5.62 8.25
C SER A 26 3.05 -6.90 8.41
N THR A 27 4.26 -6.77 8.93
CA THR A 27 5.13 -7.92 9.13
C THR A 27 4.40 -9.05 9.83
N THR A 28 3.89 -8.78 11.03
CA THR A 28 3.16 -9.77 11.80
C THR A 28 1.89 -10.20 11.09
N GLY A 29 1.46 -9.39 10.13
CA GLY A 29 0.24 -9.70 9.39
C GLY A 29 -0.80 -8.61 9.53
N GLN A 30 -1.02 -8.15 10.75
CA GLN A 30 -2.01 -7.11 11.02
C GLN A 30 -1.36 -5.90 11.67
N LEU A 31 -1.76 -4.71 11.23
CA LEU A 31 -1.22 -3.47 11.77
C LEU A 31 -2.34 -2.54 12.23
N GLY A 32 -2.17 -1.97 13.42
CA GLY A 32 -3.18 -1.07 13.96
C GLY A 32 -2.58 0.19 14.53
N ILE A 33 -2.76 1.31 13.83
CA ILE A 33 -2.23 2.59 14.27
C ILE A 33 -3.35 3.51 14.77
N LEU A 34 -3.29 3.86 16.05
CA LEU A 34 -4.29 4.73 16.65
C LEU A 34 -3.66 5.99 17.21
N SER A 35 -4.49 6.92 17.68
CA SER A 35 -4.00 8.17 18.24
C SER A 35 -3.24 7.93 19.54
N ASN A 36 -3.82 7.11 20.42
CA ASN A 36 -3.21 6.80 21.70
C ASN A 36 -1.93 5.99 21.50
N HIS A 37 -1.78 5.42 20.32
CA HIS A 37 -0.59 4.61 20.00
C HIS A 37 0.69 5.36 20.36
N ALA A 38 1.44 4.81 21.30
CA ALA A 38 2.69 5.42 21.74
C ALA A 38 3.62 5.68 20.55
N PRO A 39 4.65 6.51 20.77
CA PRO A 39 5.62 6.85 19.73
C PRO A 39 6.53 5.68 19.38
N LEU A 40 6.25 5.04 18.25
CA LEU A 40 7.04 3.91 17.80
C LEU A 40 7.05 3.81 16.27
N LEU A 41 8.16 3.34 15.73
CA LEU A 41 8.31 3.21 14.28
C LEU A 41 8.22 1.75 13.86
N THR A 42 7.68 1.51 12.67
CA THR A 42 7.54 0.16 12.14
C THR A 42 7.68 0.14 10.63
N ALA A 43 7.74 -1.06 10.06
CA ALA A 43 7.86 -1.22 8.62
C ALA A 43 6.61 -1.85 8.03
N LEU A 44 6.17 -1.33 6.88
CA LEU A 44 4.99 -1.84 6.20
C LEU A 44 5.32 -2.28 4.77
N GLU A 45 4.61 -3.30 4.30
CA GLU A 45 4.82 -3.81 2.95
C GLU A 45 3.80 -3.22 1.98
N THR A 46 3.91 -3.61 0.71
CA THR A 46 2.99 -3.13 -0.32
C THR A 46 1.54 -3.44 0.03
N GLY A 47 0.62 -2.66 -0.51
CA GLY A 47 -0.79 -2.88 -0.24
C GLY A 47 -1.50 -1.61 0.21
N VAL A 48 -2.77 -1.48 -0.17
CA VAL A 48 -3.56 -0.31 0.18
C VAL A 48 -4.02 -0.38 1.63
N MET A 49 -3.95 0.74 2.33
CA MET A 49 -4.36 0.81 3.73
C MET A 49 -5.77 1.39 3.85
N ARG A 50 -6.51 0.93 4.85
CA ARG A 50 -7.88 1.41 5.08
C ARG A 50 -7.92 2.36 6.26
N VAL A 51 -8.20 3.63 5.98
CA VAL A 51 -8.28 4.64 7.03
C VAL A 51 -9.71 4.83 7.52
N ARG A 52 -9.88 4.89 8.83
CA ARG A 52 -11.20 5.06 9.42
C ARG A 52 -11.19 6.17 10.47
N GLN A 53 -11.96 7.22 10.21
CA GLN A 53 -12.04 8.36 11.12
C GLN A 53 -13.08 8.11 12.20
N ASP A 54 -14.35 8.22 11.82
CA ASP A 54 -15.45 8.01 12.76
C ASP A 54 -16.80 8.13 12.06
N ARG A 55 -16.86 7.69 10.81
CA ARG A 55 -18.08 7.76 10.03
C ARG A 55 -17.89 7.12 8.65
N GLU A 56 -16.82 7.51 7.97
CA GLU A 56 -16.52 6.98 6.65
C GLU A 56 -15.15 6.30 6.63
N TRP A 57 -14.72 5.88 5.45
CA TRP A 57 -13.43 5.21 5.29
C TRP A 57 -12.79 5.58 3.96
N VAL A 58 -11.46 5.58 3.93
CA VAL A 58 -10.72 5.91 2.72
C VAL A 58 -9.61 4.90 2.44
N ALA A 59 -9.35 4.66 1.16
CA ALA A 59 -8.32 3.71 0.77
C ALA A 59 -7.19 4.41 0.01
N ILE A 60 -5.96 4.21 0.47
CA ILE A 60 -4.80 4.82 -0.17
C ILE A 60 -3.71 3.79 -0.42
N ALA A 61 -3.49 3.46 -1.69
CA ALA A 61 -2.47 2.49 -2.08
C ALA A 61 -1.12 2.84 -1.45
N LEU A 62 -0.63 1.95 -0.60
CA LEU A 62 0.65 2.16 0.07
C LEU A 62 1.64 1.05 -0.28
N MET A 63 2.64 1.39 -1.09
CA MET A 63 3.66 0.42 -1.49
C MET A 63 4.70 0.24 -0.40
N GLY A 64 5.76 -0.50 -0.71
CA GLY A 64 6.81 -0.74 0.26
C GLY A 64 7.37 0.54 0.84
N GLY A 65 7.43 0.60 2.16
CA GLY A 65 7.96 1.79 2.82
C GLY A 65 8.05 1.63 4.32
N PHE A 66 8.33 2.71 5.02
CA PHE A 66 8.46 2.69 6.47
C PHE A 66 7.61 3.78 7.11
N ALA A 67 6.78 3.39 8.07
CA ALA A 67 5.92 4.34 8.77
C ALA A 67 6.25 4.41 10.25
N GLU A 68 5.86 5.50 10.90
CA GLU A 68 6.12 5.69 12.32
C GLU A 68 5.08 6.61 12.94
N VAL A 69 4.41 6.14 13.99
CA VAL A 69 3.41 6.92 14.69
C VAL A 69 3.92 7.42 16.02
N GLU A 70 3.47 8.61 16.42
CA GLU A 70 3.88 9.20 17.68
C GLU A 70 3.07 10.47 17.99
N ASN A 71 2.39 10.47 19.13
CA ASN A 71 1.57 11.60 19.53
C ASN A 71 0.63 12.03 18.40
N ASN A 72 -0.09 11.06 17.86
CA ASN A 72 -1.03 11.33 16.77
C ASN A 72 -0.30 11.87 15.54
N GLU A 73 0.91 11.37 15.32
CA GLU A 73 1.71 11.80 14.18
C GLU A 73 2.29 10.59 13.44
N VAL A 74 1.62 10.19 12.35
CA VAL A 74 2.07 9.06 11.55
C VAL A 74 2.83 9.52 10.32
N THR A 75 4.12 9.23 10.28
CA THR A 75 4.96 9.61 9.16
C THR A 75 5.32 8.40 8.29
N ILE A 76 4.67 8.30 7.14
CA ILE A 76 4.92 7.19 6.22
C ILE A 76 5.91 7.59 5.14
N LEU A 77 6.78 6.65 4.77
CA LEU A 77 7.78 6.90 3.74
C LEU A 77 7.78 5.79 2.69
N VAL A 78 6.75 5.80 1.83
CA VAL A 78 6.64 4.79 0.79
C VAL A 78 7.20 5.31 -0.53
N ASN A 79 7.80 4.40 -1.31
CA ASN A 79 8.39 4.76 -2.59
C ASN A 79 7.30 5.14 -3.60
N GLY A 80 6.10 4.60 -3.39
CA GLY A 80 4.99 4.90 -4.28
C GLY A 80 3.65 4.87 -3.57
N ALA A 81 2.99 6.02 -3.53
CA ALA A 81 1.68 6.15 -2.88
C ALA A 81 0.62 6.63 -3.85
N GLU A 82 -0.56 6.04 -3.77
CA GLU A 82 -1.67 6.41 -4.64
C GLU A 82 -2.93 6.69 -3.84
N ARG A 83 -3.68 7.71 -4.25
CA ARG A 83 -4.91 8.08 -3.56
C ARG A 83 -6.12 7.43 -4.24
N GLY A 84 -5.87 6.35 -4.97
CA GLY A 84 -6.96 5.65 -5.65
C GLY A 84 -7.20 6.19 -7.04
N ASP A 85 -6.64 7.37 -7.33
CA ASP A 85 -6.80 8.00 -8.64
C ASP A 85 -5.64 7.64 -9.55
N THR A 86 -5.18 6.39 -9.47
CA THR A 86 -4.07 5.94 -10.29
C THR A 86 -4.42 4.64 -11.02
N ILE A 87 -5.70 4.29 -11.01
CA ILE A 87 -6.16 3.07 -11.65
C ILE A 87 -5.73 3.03 -13.12
N ASP A 88 -5.40 1.83 -13.60
CA ASP A 88 -4.98 1.65 -14.99
C ASP A 88 -5.47 0.32 -15.54
N LEU A 89 -6.39 0.39 -16.49
CA LEU A 89 -6.94 -0.82 -17.11
C LEU A 89 -5.91 -1.49 -18.01
N GLU A 90 -5.48 -0.77 -19.04
CA GLU A 90 -4.50 -1.30 -19.98
C GLU A 90 -3.28 -1.83 -19.24
N LYS A 91 -2.80 -1.07 -18.26
CA LYS A 91 -1.65 -1.47 -17.47
C LYS A 91 -1.95 -2.71 -16.64
N ALA A 92 -3.21 -2.84 -16.23
CA ALA A 92 -3.63 -3.98 -15.42
C ALA A 92 -3.42 -5.29 -16.18
N LYS A 93 -3.79 -5.30 -17.45
CA LYS A 93 -3.64 -6.49 -18.28
C LYS A 93 -2.17 -6.71 -18.65
N ALA A 94 -1.41 -5.63 -18.74
CA ALA A 94 0.00 -5.71 -19.09
C ALA A 94 0.81 -6.27 -17.93
N GLU A 95 0.75 -5.60 -16.78
CA GLU A 95 1.49 -6.04 -15.60
C GLU A 95 1.13 -7.48 -15.23
N PHE A 96 -0.17 -7.74 -15.13
CA PHE A 96 -0.64 -9.07 -14.78
C PHE A 96 -0.14 -10.11 -15.79
N ALA A 97 -0.09 -9.71 -17.06
CA ALA A 97 0.38 -10.61 -18.11
C ALA A 97 1.87 -10.92 -17.95
N ALA A 98 2.67 -9.87 -17.82
CA ALA A 98 4.12 -10.04 -17.66
C ALA A 98 4.44 -10.83 -16.40
N ALA A 99 3.66 -10.60 -15.34
CA ALA A 99 3.86 -11.29 -14.08
C ALA A 99 3.38 -12.73 -14.16
N GLN A 100 2.33 -12.96 -14.93
CA GLN A 100 1.76 -14.29 -15.09
C GLN A 100 2.74 -15.22 -15.78
N ALA A 101 3.25 -14.79 -16.94
CA ALA A 101 4.20 -15.59 -17.70
C ALA A 101 5.53 -15.74 -16.95
N ALA A 102 5.96 -14.65 -16.32
CA ALA A 102 7.21 -14.65 -15.57
C ALA A 102 7.09 -15.53 -14.33
N LEU A 103 5.89 -15.61 -13.76
CA LEU A 103 5.65 -16.42 -12.58
C LEU A 103 5.62 -17.90 -12.93
N ALA A 104 5.09 -18.22 -14.11
CA ALA A 104 5.02 -19.60 -14.56
C ALA A 104 6.39 -20.13 -14.95
N GLN A 105 7.15 -19.31 -15.67
CA GLN A 105 8.48 -19.70 -16.12
C GLN A 105 9.45 -19.74 -14.94
N ALA A 106 9.37 -18.75 -14.07
CA ALA A 106 10.23 -18.69 -12.90
C ALA A 106 9.95 -19.83 -11.93
N GLU A 107 8.68 -20.18 -11.78
CA GLU A 107 8.28 -21.25 -10.89
C GLU A 107 8.95 -22.56 -11.28
N GLN A 108 9.36 -22.65 -12.54
CA GLN A 108 10.02 -23.85 -13.04
C GLN A 108 11.44 -23.96 -12.51
N GLY A 109 11.90 -22.92 -11.82
CA GLY A 109 13.23 -22.91 -11.26
C GLY A 109 14.11 -21.86 -11.88
N GLU A 110 13.58 -20.64 -12.01
CA GLU A 110 14.34 -19.53 -12.59
C GLU A 110 13.98 -18.22 -11.90
N SER A 111 14.85 -17.78 -10.99
CA SER A 111 14.63 -16.55 -10.26
C SER A 111 15.95 -15.79 -10.06
N LYS A 112 15.86 -14.47 -9.94
CA LYS A 112 17.04 -13.64 -9.74
C LYS A 112 17.16 -13.22 -8.28
N GLN A 113 16.38 -12.22 -7.89
CA GLN A 113 16.40 -11.72 -6.52
C GLN A 113 15.39 -12.46 -5.65
N ALA A 114 14.11 -12.24 -5.94
CA ALA A 114 13.04 -12.89 -5.19
C ALA A 114 11.84 -13.18 -6.08
N LYS A 115 11.59 -14.47 -6.32
CA LYS A 115 10.48 -14.89 -7.16
C LYS A 115 9.14 -14.66 -6.45
N ILE A 116 9.09 -15.00 -5.18
CA ILE A 116 7.88 -14.83 -4.38
C ILE A 116 7.54 -13.36 -4.20
N GLN A 117 8.56 -12.56 -3.90
CA GLN A 117 8.37 -11.13 -3.69
C GLN A 117 7.78 -10.48 -4.94
N ALA A 118 8.27 -10.89 -6.11
CA ALA A 118 7.79 -10.35 -7.37
C ALA A 118 6.37 -10.81 -7.67
N THR A 119 6.14 -12.12 -7.54
CA THR A 119 4.81 -12.69 -7.79
C THR A 119 3.74 -11.95 -7.00
N GLN A 120 4.04 -11.66 -5.73
CA GLN A 120 3.09 -10.96 -4.87
C GLN A 120 3.11 -9.46 -5.16
N ALA A 121 4.28 -8.93 -5.50
CA ALA A 121 4.42 -7.52 -5.80
C ALA A 121 3.60 -7.13 -7.02
N PHE A 122 3.51 -8.05 -7.99
CA PHE A 122 2.76 -7.80 -9.20
C PHE A 122 1.26 -7.95 -8.96
N ARG A 123 0.88 -9.07 -8.34
CA ARG A 123 -0.52 -9.35 -8.04
C ARG A 123 -1.11 -8.27 -7.14
N ARG A 124 -0.39 -7.97 -6.06
CA ARG A 124 -0.83 -6.96 -5.10
C ARG A 124 -0.97 -5.59 -5.76
N ALA A 125 0.06 -5.22 -6.53
CA ALA A 125 0.06 -3.93 -7.22
C ALA A 125 -1.16 -3.79 -8.11
N ARG A 126 -1.42 -4.82 -8.92
CA ARG A 126 -2.57 -4.81 -9.83
C ARG A 126 -3.88 -4.83 -9.05
N ALA A 127 -3.92 -5.62 -7.98
CA ALA A 127 -5.10 -5.72 -7.15
C ALA A 127 -5.52 -4.37 -6.60
N ARG A 128 -4.55 -3.62 -6.08
CA ARG A 128 -4.81 -2.30 -5.52
C ARG A 128 -5.07 -1.29 -6.63
N LEU A 129 -4.30 -1.37 -7.70
CA LEU A 129 -4.44 -0.47 -8.83
C LEU A 129 -5.86 -0.51 -9.39
N GLN A 130 -6.38 -1.72 -9.59
CA GLN A 130 -7.72 -1.90 -10.11
C GLN A 130 -8.78 -1.60 -9.05
N ALA A 131 -8.55 -2.13 -7.85
CA ALA A 131 -9.48 -1.92 -6.74
C ALA A 131 -9.60 -0.44 -6.40
N ALA A 132 -8.61 0.34 -6.83
CA ALA A 132 -8.59 1.78 -6.57
C ALA A 132 -9.73 2.49 -7.32
N GLY A 133 -10.32 1.78 -8.28
CA GLY A 133 -11.41 2.36 -9.05
C GLY A 133 -11.17 2.26 -10.54
N GLY A 134 -10.60 1.14 -10.98
CA GLY A 134 -10.32 0.95 -12.39
C GLY A 134 -11.38 0.10 -13.07
N VAL A 135 -11.94 -0.85 -12.34
CA VAL A 135 -12.97 -1.72 -12.89
C VAL A 135 -14.37 -1.17 -12.63
N VAL A 136 -15.23 -1.28 -13.63
CA VAL A 136 -16.60 -0.79 -13.52
C VAL A 136 -17.43 -1.17 -14.74
N GLU A 137 -16.79 -1.11 -15.91
CA GLU A 137 -17.47 -1.46 -17.15
C GLU A 137 -16.52 -2.17 -18.12
N ILE A 138 -17.08 -2.75 -19.17
CA ILE A 138 -16.29 -3.47 -20.16
C ILE A 138 -16.17 -2.67 -21.46
N MET A 1 -7.07 16.34 18.99
CA MET A 1 -7.13 15.18 19.86
C MET A 1 -7.35 13.91 19.04
N VAL A 2 -6.83 13.89 17.82
CA VAL A 2 -6.97 12.74 16.94
C VAL A 2 -5.63 12.35 16.34
N MET A 3 -5.65 11.35 15.45
CA MET A 3 -4.44 10.88 14.80
C MET A 3 -4.28 11.52 13.42
N THR A 4 -3.05 11.58 12.93
CA THR A 4 -2.76 12.17 11.63
C THR A 4 -1.84 11.28 10.82
N VAL A 5 -2.36 10.72 9.72
CA VAL A 5 -1.59 9.85 8.85
C VAL A 5 -0.94 10.63 7.72
N ARG A 6 0.37 10.49 7.58
CA ARG A 6 1.10 11.19 6.54
C ARG A 6 1.79 10.20 5.60
N VAL A 7 1.61 10.41 4.30
CA VAL A 7 2.22 9.54 3.30
C VAL A 7 3.38 10.23 2.59
N ILE A 8 4.50 9.53 2.47
CA ILE A 8 5.68 10.08 1.81
C ILE A 8 6.32 9.04 0.88
N ALA A 9 6.92 9.52 -0.20
CA ALA A 9 7.56 8.64 -1.17
C ALA A 9 9.07 8.89 -1.19
N PRO A 10 9.82 7.91 -1.71
CA PRO A 10 11.28 7.98 -1.82
C PRO A 10 11.73 9.01 -2.86
N ASP A 11 10.77 9.54 -3.61
CA ASP A 11 11.08 10.53 -4.63
C ASP A 11 10.64 11.92 -4.20
N LYS A 12 9.71 11.96 -3.24
CA LYS A 12 9.19 13.23 -2.74
C LYS A 12 8.09 13.00 -1.71
N THR A 13 7.39 14.06 -1.35
CA THR A 13 6.31 13.98 -0.38
C THR A 13 4.96 13.92 -1.07
N VAL A 14 3.99 13.28 -0.42
CA VAL A 14 2.65 13.15 -0.99
C VAL A 14 1.67 14.10 -0.29
N TRP A 15 1.30 13.74 0.94
CA TRP A 15 0.37 14.56 1.72
C TRP A 15 0.14 13.96 3.10
N ASP A 16 -0.67 14.64 3.91
CA ASP A 16 -0.98 14.17 5.26
C ASP A 16 -2.40 14.54 5.65
N ALA A 17 -3.27 13.54 5.72
CA ALA A 17 -4.67 13.77 6.09
C ALA A 17 -4.95 13.25 7.49
N PRO A 18 -6.01 13.78 8.12
CA PRO A 18 -6.42 13.39 9.47
C PRO A 18 -6.97 11.97 9.51
N ALA A 19 -7.18 11.45 10.72
CA ALA A 19 -7.71 10.10 10.90
C ALA A 19 -7.87 9.77 12.38
N GLU A 20 -8.97 9.11 12.72
CA GLU A 20 -9.25 8.73 14.10
C GLU A 20 -8.76 7.31 14.38
N GLU A 21 -8.60 6.53 13.32
CA GLU A 21 -8.15 5.15 13.45
C GLU A 21 -7.86 4.54 12.08
N VAL A 22 -6.70 3.91 11.96
CA VAL A 22 -6.29 3.28 10.72
C VAL A 22 -6.17 1.76 10.87
N ILE A 23 -6.63 1.04 9.86
CA ILE A 23 -6.58 -0.42 9.88
C ILE A 23 -6.14 -0.98 8.54
N LEU A 24 -5.10 -1.81 8.56
CA LEU A 24 -4.58 -2.41 7.32
C LEU A 24 -3.71 -3.62 7.65
N PRO A 25 -3.52 -4.49 6.64
CA PRO A 25 -2.71 -5.71 6.79
C PRO A 25 -1.22 -5.40 6.94
N SER A 26 -0.58 -6.06 7.88
CA SER A 26 0.85 -5.85 8.12
C SER A 26 1.59 -7.19 8.17
N THR A 27 2.84 -7.14 8.61
CA THR A 27 3.67 -8.35 8.70
C THR A 27 2.92 -9.47 9.43
N THR A 28 2.53 -9.19 10.67
CA THR A 28 1.81 -10.18 11.47
C THR A 28 0.46 -10.51 10.85
N GLY A 29 0.02 -9.67 9.92
CA GLY A 29 -1.25 -9.89 9.26
C GLY A 29 -2.27 -8.81 9.56
N GLN A 30 -2.37 -8.43 10.84
CA GLN A 30 -3.31 -7.39 11.25
C GLN A 30 -2.57 -6.25 11.94
N LEU A 31 -2.96 -5.02 11.60
CA LEU A 31 -2.34 -3.83 12.18
C LEU A 31 -3.36 -2.72 12.38
N GLY A 32 -3.20 -1.96 13.45
CA GLY A 32 -4.12 -0.87 13.74
C GLY A 32 -3.50 0.21 14.61
N ILE A 33 -3.43 1.42 14.09
CA ILE A 33 -2.86 2.54 14.83
C ILE A 33 -3.91 3.60 15.13
N LEU A 34 -3.74 4.29 16.25
CA LEU A 34 -4.67 5.34 16.65
C LEU A 34 -3.92 6.57 17.16
N SER A 35 -4.68 7.60 17.55
CA SER A 35 -4.09 8.83 18.05
C SER A 35 -3.41 8.60 19.40
N ASN A 36 -4.09 7.90 20.28
CA ASN A 36 -3.56 7.61 21.61
C ASN A 36 -2.30 6.74 21.51
N HIS A 37 -2.11 6.12 20.36
CA HIS A 37 -0.95 5.26 20.13
C HIS A 37 0.33 5.96 20.56
N ALA A 38 1.37 5.17 20.81
CA ALA A 38 2.66 5.72 21.23
C ALA A 38 3.63 5.79 20.06
N PRO A 39 4.73 6.55 20.24
CA PRO A 39 5.75 6.72 19.21
C PRO A 39 6.55 5.44 18.97
N LEU A 40 6.25 4.75 17.89
CA LEU A 40 6.95 3.51 17.55
C LEU A 40 7.06 3.35 16.04
N LEU A 41 8.11 2.65 15.61
CA LEU A 41 8.34 2.42 14.19
C LEU A 41 8.01 0.99 13.80
N THR A 42 7.53 0.80 12.58
CA THR A 42 7.18 -0.52 12.09
C THR A 42 7.43 -0.65 10.59
N ALA A 43 7.25 -1.84 10.05
CA ALA A 43 7.46 -2.10 8.64
C ALA A 43 6.16 -2.51 7.95
N LEU A 44 6.02 -2.15 6.68
CA LEU A 44 4.83 -2.49 5.92
C LEU A 44 5.19 -2.98 4.53
N GLU A 45 4.23 -3.61 3.86
CA GLU A 45 4.45 -4.13 2.51
C GLU A 45 3.36 -3.65 1.55
N THR A 46 3.48 -4.05 0.29
CA THR A 46 2.51 -3.66 -0.72
C THR A 46 1.09 -4.02 -0.29
N GLY A 47 0.16 -3.10 -0.50
CA GLY A 47 -1.23 -3.34 -0.13
C GLY A 47 -1.99 -2.06 0.10
N VAL A 48 -3.32 -2.17 0.21
CA VAL A 48 -4.18 -1.01 0.42
C VAL A 48 -4.44 -0.80 1.91
N MET A 49 -4.68 0.46 2.27
CA MET A 49 -4.95 0.80 3.67
C MET A 49 -6.31 1.48 3.81
N ARG A 50 -6.99 1.23 4.93
CA ARG A 50 -8.29 1.80 5.19
C ARG A 50 -8.21 2.88 6.26
N VAL A 51 -8.44 4.13 5.87
CA VAL A 51 -8.39 5.25 6.81
C VAL A 51 -9.79 5.62 7.28
N ARG A 52 -9.93 5.82 8.59
CA ARG A 52 -11.21 6.18 9.18
C ARG A 52 -11.11 7.49 9.94
N GLN A 53 -11.79 8.51 9.45
CA GLN A 53 -11.77 9.83 10.09
C GLN A 53 -12.84 9.91 11.17
N ASP A 54 -14.09 10.05 10.75
CA ASP A 54 -15.21 10.14 11.68
C ASP A 54 -16.53 10.26 10.94
N ARG A 55 -16.63 9.60 9.79
CA ARG A 55 -17.84 9.64 8.98
C ARG A 55 -17.68 8.78 7.73
N GLU A 56 -16.56 8.97 7.02
CA GLU A 56 -16.29 8.21 5.81
C GLU A 56 -14.99 7.43 5.93
N TRP A 57 -14.69 6.63 4.92
CA TRP A 57 -13.47 5.83 4.91
C TRP A 57 -12.65 6.09 3.65
N VAL A 58 -11.41 6.55 3.82
CA VAL A 58 -10.53 6.84 2.70
C VAL A 58 -9.62 5.66 2.40
N ALA A 59 -9.62 5.21 1.15
CA ALA A 59 -8.78 4.10 0.74
C ALA A 59 -7.55 4.59 -0.04
N ILE A 60 -6.37 4.22 0.44
CA ILE A 60 -5.13 4.62 -0.22
C ILE A 60 -4.26 3.41 -0.52
N ALA A 61 -4.07 3.13 -1.81
CA ALA A 61 -3.25 2.00 -2.23
C ALA A 61 -1.79 2.39 -2.32
N LEU A 62 -0.94 1.74 -1.54
CA LEU A 62 0.48 2.02 -1.53
C LEU A 62 1.29 0.72 -1.58
N MET A 63 2.41 0.75 -2.30
CA MET A 63 3.27 -0.41 -2.43
C MET A 63 4.08 -0.62 -1.14
N GLY A 64 5.03 -1.56 -1.20
CA GLY A 64 5.86 -1.84 -0.04
C GLY A 64 6.60 -0.60 0.45
N GLY A 65 6.96 -0.61 1.73
CA GLY A 65 7.67 0.52 2.30
C GLY A 65 7.77 0.44 3.81
N PHE A 66 7.92 1.59 4.45
CA PHE A 66 8.03 1.65 5.90
C PHE A 66 6.91 2.49 6.50
N ALA A 67 6.82 2.51 7.83
CA ALA A 67 5.80 3.28 8.52
C ALA A 67 6.15 3.47 9.99
N GLU A 68 5.92 4.66 10.50
CA GLU A 68 6.22 4.97 11.90
C GLU A 68 5.25 6.01 12.45
N VAL A 69 4.55 5.66 13.52
CA VAL A 69 3.59 6.56 14.15
C VAL A 69 4.13 7.13 15.44
N GLU A 70 3.79 8.38 15.73
CA GLU A 70 4.24 9.04 16.95
C GLU A 70 3.55 10.39 17.13
N ASN A 71 2.82 10.54 18.24
CA ASN A 71 2.11 11.78 18.53
C ASN A 71 1.25 12.19 17.34
N ASN A 72 0.40 11.28 16.89
CA ASN A 72 -0.49 11.55 15.76
C ASN A 72 0.31 11.91 14.52
N GLU A 73 1.48 11.29 14.38
CA GLU A 73 2.35 11.53 13.23
C GLU A 73 2.80 10.22 12.60
N VAL A 74 2.11 9.82 11.54
CA VAL A 74 2.44 8.58 10.84
C VAL A 74 3.22 8.86 9.57
N THR A 75 4.49 8.45 9.55
CA THR A 75 5.35 8.66 8.39
C THR A 75 5.56 7.36 7.63
N ILE A 76 4.88 7.23 6.49
CA ILE A 76 5.00 6.04 5.67
C ILE A 76 5.83 6.32 4.41
N LEU A 77 6.93 5.60 4.28
CA LEU A 77 7.82 5.77 3.13
C LEU A 77 7.60 4.65 2.11
N VAL A 78 6.54 4.78 1.32
CA VAL A 78 6.22 3.78 0.31
C VAL A 78 6.77 4.19 -1.06
N ASN A 79 7.28 3.21 -1.81
CA ASN A 79 7.84 3.47 -3.13
C ASN A 79 6.78 4.02 -4.07
N GLY A 80 5.52 3.69 -3.80
CA GLY A 80 4.43 4.15 -4.63
C GLY A 80 3.17 4.44 -3.84
N ALA A 81 2.66 5.67 -3.95
CA ALA A 81 1.46 6.07 -3.24
C ALA A 81 0.34 6.42 -4.21
N GLU A 82 -0.85 5.88 -3.96
CA GLU A 82 -2.00 6.14 -4.80
C GLU A 82 -3.23 6.51 -3.97
N ARG A 83 -3.75 7.71 -4.21
CA ARG A 83 -4.92 8.18 -3.47
C ARG A 83 -6.20 7.90 -4.25
N GLY A 84 -6.21 6.79 -4.98
CA GLY A 84 -7.38 6.42 -5.75
C GLY A 84 -7.33 6.98 -7.17
N ASP A 85 -6.47 7.96 -7.39
CA ASP A 85 -6.33 8.58 -8.70
C ASP A 85 -5.20 7.92 -9.50
N THR A 86 -5.07 6.61 -9.36
CA THR A 86 -4.03 5.86 -10.06
C THR A 86 -4.61 4.65 -10.78
N ILE A 87 -5.94 4.61 -10.89
CA ILE A 87 -6.62 3.51 -11.56
C ILE A 87 -6.35 3.53 -13.05
N ASP A 88 -5.78 2.44 -13.57
CA ASP A 88 -5.47 2.33 -14.99
C ASP A 88 -5.66 0.90 -15.48
N LEU A 89 -6.23 0.75 -16.67
CA LEU A 89 -6.46 -0.57 -17.25
C LEU A 89 -5.15 -1.21 -17.69
N GLU A 90 -4.42 -0.51 -18.56
CA GLU A 90 -3.15 -1.01 -19.05
C GLU A 90 -2.23 -1.43 -17.90
N LYS A 91 -2.26 -0.64 -16.83
CA LYS A 91 -1.43 -0.92 -15.66
C LYS A 91 -1.67 -2.34 -15.15
N ALA A 92 -2.93 -2.67 -14.90
CA ALA A 92 -3.30 -3.99 -14.42
C ALA A 92 -2.78 -5.08 -15.36
N LYS A 93 -3.06 -4.91 -16.64
CA LYS A 93 -2.62 -5.88 -17.65
C LYS A 93 -1.10 -6.01 -17.66
N ALA A 94 -0.42 -4.92 -17.34
CA ALA A 94 1.04 -4.91 -17.30
C ALA A 94 1.56 -5.60 -16.05
N GLU A 95 0.85 -5.44 -14.95
CA GLU A 95 1.24 -6.04 -13.68
C GLU A 95 1.10 -7.56 -13.74
N PHE A 96 -0.07 -8.03 -14.16
CA PHE A 96 -0.33 -9.46 -14.25
C PHE A 96 0.61 -10.12 -15.26
N ALA A 97 0.86 -9.42 -16.37
CA ALA A 97 1.76 -9.93 -17.40
C ALA A 97 3.21 -9.89 -16.95
N ALA A 98 3.55 -8.89 -16.16
CA ALA A 98 4.91 -8.74 -15.65
C ALA A 98 5.20 -9.74 -14.55
N ALA A 99 4.18 -10.06 -13.75
CA ALA A 99 4.32 -11.00 -12.66
C ALA A 99 4.50 -12.43 -13.18
N GLN A 100 3.62 -12.83 -14.08
CA GLN A 100 3.68 -14.17 -14.66
C GLN A 100 4.96 -14.36 -15.47
N ALA A 101 5.38 -13.30 -16.15
CA ALA A 101 6.60 -13.35 -16.95
C ALA A 101 7.85 -13.33 -16.08
N ALA A 102 7.82 -12.50 -15.04
CA ALA A 102 8.95 -12.38 -14.12
C ALA A 102 9.22 -13.71 -13.43
N LEU A 103 8.18 -14.33 -12.90
CA LEU A 103 8.31 -15.60 -12.20
C LEU A 103 8.80 -16.69 -13.15
N ALA A 104 8.07 -16.88 -14.24
CA ALA A 104 8.43 -17.89 -15.24
C ALA A 104 9.85 -17.66 -15.75
N GLN A 105 10.25 -16.41 -15.85
CA GLN A 105 11.58 -16.06 -16.34
C GLN A 105 12.64 -16.43 -15.31
N ALA A 106 12.37 -16.07 -14.05
CA ALA A 106 13.32 -16.35 -12.96
C ALA A 106 13.73 -17.82 -12.97
N GLU A 107 12.76 -18.71 -13.19
CA GLU A 107 13.03 -20.14 -13.22
C GLU A 107 13.59 -20.56 -14.58
N GLN A 108 13.32 -19.75 -15.60
CA GLN A 108 13.81 -20.04 -16.94
C GLN A 108 15.25 -19.58 -17.12
N GLY A 109 15.82 -19.03 -16.05
CA GLY A 109 17.19 -18.56 -16.10
C GLY A 109 17.29 -17.05 -15.92
N GLU A 110 16.60 -16.52 -14.93
CA GLU A 110 16.61 -15.09 -14.65
C GLU A 110 16.75 -14.82 -13.16
N SER A 111 16.55 -13.57 -12.76
CA SER A 111 16.64 -13.18 -11.36
C SER A 111 15.51 -13.80 -10.55
N LYS A 112 15.81 -14.91 -9.87
CA LYS A 112 14.82 -15.59 -9.04
C LYS A 112 15.03 -15.28 -7.57
N GLN A 113 15.38 -14.03 -7.28
CA GLN A 113 15.60 -13.60 -5.90
C GLN A 113 14.43 -14.02 -5.01
N ALA A 114 13.27 -13.43 -5.26
CA ALA A 114 12.08 -13.74 -4.47
C ALA A 114 10.86 -13.96 -5.38
N LYS A 115 10.40 -15.21 -5.43
CA LYS A 115 9.24 -15.55 -6.26
C LYS A 115 7.96 -14.98 -5.66
N ILE A 116 7.77 -15.19 -4.37
CA ILE A 116 6.59 -14.69 -3.67
C ILE A 116 6.57 -13.17 -3.63
N GLN A 117 7.72 -12.59 -3.36
CA GLN A 117 7.85 -11.14 -3.28
C GLN A 117 7.51 -10.49 -4.63
N ALA A 118 7.83 -11.19 -5.70
CA ALA A 118 7.56 -10.69 -7.04
C ALA A 118 6.09 -10.91 -7.43
N THR A 119 5.63 -12.15 -7.30
CA THR A 119 4.25 -12.49 -7.64
C THR A 119 3.27 -11.67 -6.79
N GLN A 120 3.64 -11.42 -5.55
CA GLN A 120 2.78 -10.65 -4.64
C GLN A 120 2.88 -9.16 -4.94
N ALA A 121 4.08 -8.72 -5.33
CA ALA A 121 4.30 -7.32 -5.65
C ALA A 121 3.41 -6.86 -6.80
N PHE A 122 3.51 -7.56 -7.93
CA PHE A 122 2.71 -7.23 -9.11
C PHE A 122 1.23 -7.47 -8.85
N ARG A 123 0.91 -8.63 -8.28
CA ARG A 123 -0.47 -8.97 -7.98
C ARG A 123 -1.13 -7.91 -7.10
N ARG A 124 -0.46 -7.56 -6.00
CA ARG A 124 -0.98 -6.55 -5.10
C ARG A 124 -1.17 -5.21 -5.80
N ALA A 125 -0.11 -4.75 -6.46
CA ALA A 125 -0.15 -3.48 -7.18
C ALA A 125 -1.28 -3.47 -8.20
N ARG A 126 -1.53 -4.62 -8.81
CA ARG A 126 -2.58 -4.74 -9.81
C ARG A 126 -3.96 -4.63 -9.17
N ALA A 127 -4.20 -5.46 -8.16
CA ALA A 127 -5.47 -5.45 -7.45
C ALA A 127 -5.78 -4.07 -6.87
N ARG A 128 -4.75 -3.44 -6.31
CA ARG A 128 -4.91 -2.11 -5.72
C ARG A 128 -5.20 -1.07 -6.80
N LEU A 129 -4.55 -1.20 -7.94
CA LEU A 129 -4.74 -0.26 -9.04
C LEU A 129 -6.21 -0.15 -9.41
N GLN A 130 -6.85 -1.29 -9.63
CA GLN A 130 -8.26 -1.33 -9.99
C GLN A 130 -9.14 -1.05 -8.77
N ALA A 131 -8.76 -1.62 -7.63
CA ALA A 131 -9.51 -1.44 -6.41
C ALA A 131 -9.57 0.03 -6.00
N ALA A 132 -8.63 0.82 -6.53
CA ALA A 132 -8.57 2.23 -6.24
C ALA A 132 -9.77 2.97 -6.84
N GLY A 133 -10.47 2.31 -7.75
CA GLY A 133 -11.63 2.92 -8.38
C GLY A 133 -11.55 2.88 -9.89
N GLY A 134 -11.05 1.77 -10.44
CA GLY A 134 -10.93 1.64 -11.87
C GLY A 134 -12.06 0.83 -12.48
N VAL A 135 -12.56 -0.15 -11.72
CA VAL A 135 -13.65 -0.99 -12.19
C VAL A 135 -14.16 -1.89 -11.07
N VAL A 136 -15.47 -1.95 -10.91
CA VAL A 136 -16.09 -2.78 -9.88
C VAL A 136 -16.89 -3.92 -10.50
N GLU A 137 -17.49 -3.66 -11.66
CA GLU A 137 -18.28 -4.66 -12.35
C GLU A 137 -18.42 -4.32 -13.83
N ILE A 138 -19.14 -5.17 -14.56
CA ILE A 138 -19.35 -4.96 -16.00
C ILE A 138 -20.56 -5.73 -16.50
N MET A 1 -8.28 16.32 20.04
CA MET A 1 -8.05 14.96 20.51
C MET A 1 -8.33 13.94 19.42
N VAL A 2 -7.59 14.05 18.32
CA VAL A 2 -7.76 13.14 17.19
C VAL A 2 -6.41 12.62 16.70
N MET A 3 -6.45 11.81 15.65
CA MET A 3 -5.24 11.24 15.08
C MET A 3 -4.77 12.06 13.88
N THR A 4 -3.49 11.90 13.53
CA THR A 4 -2.91 12.64 12.41
C THR A 4 -1.92 11.77 11.65
N VAL A 5 -2.36 11.22 10.52
CA VAL A 5 -1.51 10.37 9.70
C VAL A 5 -0.99 11.13 8.48
N ARG A 6 0.28 10.89 8.13
CA ARG A 6 0.89 11.55 6.99
C ARG A 6 1.66 10.56 6.14
N VAL A 7 1.70 10.80 4.83
CA VAL A 7 2.40 9.92 3.91
C VAL A 7 3.68 10.58 3.40
N ILE A 8 4.74 9.78 3.30
CA ILE A 8 6.03 10.27 2.81
C ILE A 8 6.71 9.26 1.91
N ALA A 9 7.46 9.75 0.94
CA ALA A 9 8.18 8.89 0.01
C ALA A 9 9.67 9.18 0.03
N PRO A 10 10.46 8.21 -0.46
CA PRO A 10 11.93 8.34 -0.51
C PRO A 10 12.39 9.37 -1.54
N ASP A 11 11.44 9.87 -2.33
CA ASP A 11 11.74 10.86 -3.36
C ASP A 11 11.23 12.24 -2.94
N LYS A 12 10.27 12.26 -2.02
CA LYS A 12 9.70 13.51 -1.54
C LYS A 12 8.56 13.25 -0.56
N THR A 13 7.92 14.32 -0.12
CA THR A 13 6.82 14.21 0.83
C THR A 13 5.47 14.20 0.10
N VAL A 14 4.46 13.61 0.74
CA VAL A 14 3.12 13.53 0.16
C VAL A 14 2.19 14.54 0.81
N TRP A 15 1.83 14.28 2.07
CA TRP A 15 0.94 15.16 2.80
C TRP A 15 0.68 14.62 4.21
N ASP A 16 -0.02 15.42 5.01
CA ASP A 16 -0.33 15.02 6.38
C ASP A 16 -1.75 15.43 6.76
N ALA A 17 -2.68 14.49 6.64
CA ALA A 17 -4.08 14.75 6.96
C ALA A 17 -4.48 14.06 8.26
N PRO A 18 -5.54 14.57 8.90
CA PRO A 18 -6.05 14.02 10.17
C PRO A 18 -6.69 12.65 9.98
N ALA A 19 -7.08 12.03 11.10
CA ALA A 19 -7.71 10.72 11.07
C ALA A 19 -8.10 10.26 12.46
N GLU A 20 -8.72 9.09 12.55
CA GLU A 20 -9.14 8.53 13.83
C GLU A 20 -8.74 7.06 13.94
N GLU A 21 -8.90 6.32 12.85
CA GLU A 21 -8.56 4.91 12.84
C GLU A 21 -8.20 4.45 11.42
N VAL A 22 -7.08 3.74 11.31
CA VAL A 22 -6.62 3.25 10.01
C VAL A 22 -6.26 1.77 10.08
N ILE A 23 -6.84 0.98 9.18
CA ILE A 23 -6.58 -0.45 9.14
C ILE A 23 -5.91 -0.86 7.83
N LEU A 24 -4.80 -1.57 7.93
CA LEU A 24 -4.07 -2.03 6.75
C LEU A 24 -3.27 -3.30 7.06
N PRO A 25 -2.90 -4.04 6.00
CA PRO A 25 -2.14 -5.27 6.13
C PRO A 25 -0.70 -5.02 6.57
N SER A 26 -0.30 -5.68 7.65
CA SER A 26 1.04 -5.53 8.20
C SER A 26 1.74 -6.88 8.32
N THR A 27 2.90 -6.89 8.97
CA THR A 27 3.67 -8.12 9.16
C THR A 27 2.78 -9.23 9.70
N THR A 28 2.18 -9.00 10.87
CA THR A 28 1.31 -9.99 11.49
C THR A 28 0.07 -10.24 10.65
N GLY A 29 -0.18 -9.34 9.70
CA GLY A 29 -1.35 -9.48 8.85
C GLY A 29 -2.36 -8.37 9.06
N GLN A 30 -2.64 -8.05 10.31
CA GLN A 30 -3.59 -6.99 10.65
C GLN A 30 -2.93 -5.90 11.48
N LEU A 31 -3.18 -4.66 11.11
CA LEU A 31 -2.61 -3.52 11.83
C LEU A 31 -3.63 -2.38 11.95
N GLY A 32 -3.76 -1.84 13.15
CA GLY A 32 -4.69 -0.75 13.38
C GLY A 32 -4.10 0.35 14.23
N ILE A 33 -3.87 1.51 13.62
CA ILE A 33 -3.31 2.65 14.34
C ILE A 33 -4.38 3.65 14.72
N LEU A 34 -4.58 3.85 16.02
CA LEU A 34 -5.58 4.79 16.51
C LEU A 34 -4.92 6.06 17.05
N SER A 35 -5.74 7.05 17.36
CA SER A 35 -5.24 8.32 17.88
C SER A 35 -4.64 8.15 19.27
N ASN A 36 -5.35 7.43 20.13
CA ASN A 36 -4.89 7.19 21.49
C ASN A 36 -3.75 6.16 21.51
N HIS A 37 -3.62 5.42 20.41
CA HIS A 37 -2.57 4.41 20.30
C HIS A 37 -1.21 5.00 20.66
N ALA A 38 -0.60 4.47 21.70
CA ALA A 38 0.70 4.94 22.15
C ALA A 38 1.71 4.92 21.00
N PRO A 39 2.84 5.63 21.19
CA PRO A 39 3.90 5.70 20.18
C PRO A 39 4.64 4.38 20.01
N LEU A 40 4.69 3.89 18.79
CA LEU A 40 5.37 2.64 18.49
C LEU A 40 5.70 2.52 17.01
N LEU A 41 6.77 1.79 16.69
CA LEU A 41 7.19 1.61 15.31
C LEU A 41 6.54 0.37 14.70
N THR A 42 6.28 0.42 13.40
CA THR A 42 5.67 -0.71 12.70
C THR A 42 6.16 -0.80 11.27
N ALA A 43 5.76 -1.86 10.57
CA ALA A 43 6.16 -2.07 9.19
C ALA A 43 4.98 -2.46 8.31
N LEU A 44 5.03 -2.07 7.05
CA LEU A 44 3.96 -2.38 6.11
C LEU A 44 4.52 -2.83 4.76
N GLU A 45 3.69 -3.55 4.00
CA GLU A 45 4.12 -4.04 2.69
C GLU A 45 3.23 -3.45 1.58
N THR A 46 3.53 -3.83 0.34
CA THR A 46 2.77 -3.33 -0.80
C THR A 46 1.27 -3.55 -0.60
N GLY A 47 0.49 -2.50 -0.84
CA GLY A 47 -0.94 -2.59 -0.68
C GLY A 47 -1.59 -1.24 -0.47
N VAL A 48 -2.87 -1.25 -0.07
CA VAL A 48 -3.60 0.00 0.17
C VAL A 48 -4.11 0.06 1.61
N MET A 49 -4.12 1.26 2.18
CA MET A 49 -4.59 1.46 3.54
C MET A 49 -5.93 2.19 3.55
N ARG A 50 -6.79 1.81 4.48
CA ARG A 50 -8.11 2.44 4.60
C ARG A 50 -8.16 3.34 5.82
N VAL A 51 -8.34 4.64 5.58
CA VAL A 51 -8.42 5.62 6.67
C VAL A 51 -9.87 5.86 7.08
N ARG A 52 -10.06 6.19 8.36
CA ARG A 52 -11.39 6.45 8.88
C ARG A 52 -11.37 7.65 9.84
N GLN A 53 -11.87 8.78 9.35
CA GLN A 53 -11.92 9.99 10.16
C GLN A 53 -13.06 9.94 11.17
N ASP A 54 -14.18 9.36 10.75
CA ASP A 54 -15.35 9.24 11.61
C ASP A 54 -16.48 8.51 10.90
N ARG A 55 -17.10 9.18 9.93
CA ARG A 55 -18.20 8.60 9.18
C ARG A 55 -17.78 8.32 7.74
N GLU A 56 -16.81 9.09 7.25
CA GLU A 56 -16.33 8.93 5.88
C GLU A 56 -15.14 7.97 5.84
N TRP A 57 -14.82 7.49 4.64
CA TRP A 57 -13.70 6.57 4.46
C TRP A 57 -12.81 7.02 3.31
N VAL A 58 -11.52 6.72 3.42
CA VAL A 58 -10.55 7.09 2.39
C VAL A 58 -9.68 5.91 2.01
N ALA A 59 -9.26 5.88 0.75
CA ALA A 59 -8.42 4.80 0.25
C ALA A 59 -7.18 5.34 -0.45
N ILE A 60 -6.01 5.04 0.11
CA ILE A 60 -4.75 5.50 -0.46
C ILE A 60 -3.80 4.33 -0.72
N ALA A 61 -3.57 4.03 -2.00
CA ALA A 61 -2.68 2.94 -2.39
C ALA A 61 -1.22 3.36 -2.27
N LEU A 62 -0.33 2.38 -2.21
CA LEU A 62 1.10 2.64 -2.10
C LEU A 62 1.90 1.34 -2.05
N MET A 63 3.17 1.43 -2.40
CA MET A 63 4.05 0.26 -2.39
C MET A 63 4.60 -0.01 -1.00
N GLY A 64 5.44 -1.04 -0.88
CA GLY A 64 6.01 -1.38 0.40
C GLY A 64 6.69 -0.19 1.07
N GLY A 65 6.69 -0.18 2.39
CA GLY A 65 7.31 0.91 3.13
C GLY A 65 7.26 0.70 4.63
N PHE A 66 7.53 1.76 5.38
CA PHE A 66 7.51 1.69 6.84
C PHE A 66 6.45 2.62 7.42
N ALA A 67 6.06 2.37 8.66
CA ALA A 67 5.05 3.18 9.34
C ALA A 67 5.33 3.26 10.84
N GLU A 68 5.12 4.44 11.41
CA GLU A 68 5.33 4.65 12.84
C GLU A 68 4.44 5.76 13.37
N VAL A 69 3.70 5.45 14.42
CA VAL A 69 2.80 6.43 15.04
C VAL A 69 3.33 6.90 16.40
N GLU A 70 2.92 8.09 16.80
CA GLU A 70 3.35 8.65 18.08
C GLU A 70 2.59 9.93 18.40
N ASN A 71 1.81 9.89 19.48
CA ASN A 71 1.02 11.04 19.90
C ASN A 71 0.22 11.60 18.73
N ASN A 72 -0.56 10.73 18.10
CA ASN A 72 -1.39 11.14 16.96
C ASN A 72 -0.53 11.64 15.80
N GLU A 73 0.65 11.04 15.66
CA GLU A 73 1.58 11.42 14.59
C GLU A 73 2.11 10.19 13.87
N VAL A 74 1.51 9.87 12.72
CA VAL A 74 1.93 8.72 11.94
C VAL A 74 2.84 9.13 10.78
N THR A 75 3.89 8.36 10.56
CA THR A 75 4.85 8.64 9.49
C THR A 75 5.03 7.44 8.58
N ILE A 76 4.58 7.56 7.34
CA ILE A 76 4.69 6.48 6.37
C ILE A 76 5.83 6.75 5.39
N LEU A 77 6.65 5.72 5.14
CA LEU A 77 7.77 5.84 4.21
C LEU A 77 7.68 4.80 3.11
N VAL A 78 6.75 4.99 2.19
CA VAL A 78 6.56 4.05 1.09
C VAL A 78 7.27 4.55 -0.17
N ASN A 79 7.71 3.61 -1.00
CA ASN A 79 8.41 3.95 -2.23
C ASN A 79 7.45 4.56 -3.25
N GLY A 80 6.21 4.06 -3.28
CA GLY A 80 5.22 4.57 -4.20
C GLY A 80 3.97 5.05 -3.50
N ALA A 81 3.26 5.97 -4.14
CA ALA A 81 2.03 6.51 -3.57
C ALA A 81 0.92 6.59 -4.61
N GLU A 82 -0.32 6.48 -4.16
CA GLU A 82 -1.46 6.53 -5.07
C GLU A 82 -2.72 7.02 -4.34
N ARG A 83 -3.45 7.93 -4.97
CA ARG A 83 -4.66 8.47 -4.37
C ARG A 83 -5.89 7.69 -4.83
N GLY A 84 -5.66 6.49 -5.36
CA GLY A 84 -6.76 5.66 -5.83
C GLY A 84 -7.11 5.94 -7.28
N ASP A 85 -6.57 7.03 -7.82
CA ASP A 85 -6.82 7.40 -9.20
C ASP A 85 -5.72 6.89 -10.12
N THR A 86 -5.03 5.83 -9.68
CA THR A 86 -3.95 5.24 -10.46
C THR A 86 -4.39 3.93 -11.10
N ILE A 87 -5.69 3.68 -11.09
CA ILE A 87 -6.23 2.46 -11.67
C ILE A 87 -5.98 2.42 -13.18
N ASP A 88 -5.47 1.29 -13.66
CA ASP A 88 -5.20 1.12 -15.08
C ASP A 88 -5.45 -0.32 -15.51
N LEU A 89 -6.58 -0.55 -16.15
CA LEU A 89 -6.94 -1.88 -16.62
C LEU A 89 -5.83 -2.48 -17.47
N GLU A 90 -5.22 -1.66 -18.32
CA GLU A 90 -4.14 -2.10 -19.19
C GLU A 90 -2.91 -2.49 -18.36
N LYS A 91 -2.47 -1.59 -17.50
CA LYS A 91 -1.31 -1.82 -16.66
C LYS A 91 -1.51 -3.07 -15.79
N ALA A 92 -2.61 -3.09 -15.04
CA ALA A 92 -2.92 -4.21 -14.17
C ALA A 92 -2.96 -5.51 -14.96
N LYS A 93 -3.68 -5.51 -16.07
CA LYS A 93 -3.80 -6.69 -16.91
C LYS A 93 -2.43 -7.17 -17.37
N ALA A 94 -1.56 -6.23 -17.69
CA ALA A 94 -0.21 -6.55 -18.15
C ALA A 94 0.66 -7.05 -16.99
N GLU A 95 0.33 -6.60 -15.78
CA GLU A 95 1.06 -7.00 -14.59
C GLU A 95 0.73 -8.43 -14.19
N PHE A 96 -0.57 -8.73 -14.14
CA PHE A 96 -1.03 -10.07 -13.77
C PHE A 96 -0.48 -11.12 -14.73
N ALA A 97 -0.79 -10.95 -16.02
CA ALA A 97 -0.33 -11.89 -17.03
C ALA A 97 1.19 -12.05 -16.98
N ALA A 98 1.89 -10.93 -16.84
CA ALA A 98 3.35 -10.95 -16.78
C ALA A 98 3.84 -11.72 -15.56
N ALA A 99 3.16 -11.53 -14.43
CA ALA A 99 3.53 -12.22 -13.20
C ALA A 99 3.26 -13.71 -13.30
N GLN A 100 2.09 -14.07 -13.83
CA GLN A 100 1.71 -15.46 -13.98
C GLN A 100 2.75 -16.23 -14.80
N ALA A 101 3.06 -15.71 -15.99
CA ALA A 101 4.05 -16.35 -16.86
C ALA A 101 5.44 -16.30 -16.24
N ALA A 102 5.79 -15.16 -15.66
CA ALA A 102 7.09 -14.99 -15.04
C ALA A 102 7.29 -15.99 -13.90
N LEU A 103 6.19 -16.35 -13.25
CA LEU A 103 6.24 -17.28 -12.13
C LEU A 103 6.59 -18.69 -12.62
N ALA A 104 5.78 -19.20 -13.56
CA ALA A 104 6.00 -20.52 -14.12
C ALA A 104 7.41 -20.64 -14.72
N GLN A 105 7.81 -19.62 -15.48
CA GLN A 105 9.12 -19.62 -16.11
C GLN A 105 10.23 -19.49 -15.06
N ALA A 106 9.97 -18.69 -14.03
CA ALA A 106 10.95 -18.49 -12.96
C ALA A 106 11.44 -19.83 -12.41
N GLU A 107 10.49 -20.68 -12.00
CA GLU A 107 10.83 -21.98 -11.45
C GLU A 107 11.71 -22.77 -12.40
N GLN A 108 11.44 -22.62 -13.70
CA GLN A 108 12.22 -23.32 -14.73
C GLN A 108 13.69 -22.94 -14.66
N GLY A 109 13.97 -21.79 -14.04
CA GLY A 109 15.34 -21.34 -13.93
C GLY A 109 15.60 -20.05 -14.70
N GLU A 110 14.69 -19.09 -14.56
CA GLU A 110 14.83 -17.81 -15.25
C GLU A 110 14.54 -16.65 -14.31
N SER A 111 15.60 -16.01 -13.81
CA SER A 111 15.46 -14.89 -12.89
C SER A 111 16.68 -13.98 -12.96
N LYS A 112 16.45 -12.68 -12.78
CA LYS A 112 17.52 -11.70 -12.82
C LYS A 112 17.94 -11.28 -11.41
N GLN A 113 17.13 -10.44 -10.78
CA GLN A 113 17.41 -9.97 -9.43
C GLN A 113 16.80 -10.90 -8.39
N ALA A 114 15.47 -10.96 -8.35
CA ALA A 114 14.78 -11.81 -7.40
C ALA A 114 13.48 -12.36 -8.00
N LYS A 115 13.29 -13.66 -7.90
CA LYS A 115 12.11 -14.31 -8.44
C LYS A 115 10.88 -13.97 -7.61
N ILE A 116 11.08 -13.80 -6.30
CA ILE A 116 9.99 -13.46 -5.40
C ILE A 116 9.65 -11.98 -5.48
N GLN A 117 10.67 -11.14 -5.43
CA GLN A 117 10.48 -9.70 -5.50
C GLN A 117 9.67 -9.31 -6.73
N ALA A 118 10.00 -9.93 -7.86
CA ALA A 118 9.30 -9.66 -9.11
C ALA A 118 7.87 -10.21 -9.08
N THR A 119 7.74 -11.49 -8.76
CA THR A 119 6.45 -12.14 -8.70
C THR A 119 5.48 -11.36 -7.81
N GLN A 120 5.98 -10.88 -6.67
CA GLN A 120 5.17 -10.11 -5.75
C GLN A 120 4.95 -8.70 -6.25
N ALA A 121 6.00 -8.10 -6.80
CA ALA A 121 5.93 -6.75 -7.33
C ALA A 121 4.83 -6.62 -8.38
N PHE A 122 4.67 -7.67 -9.18
CA PHE A 122 3.66 -7.68 -10.24
C PHE A 122 2.27 -7.91 -9.65
N ARG A 123 2.18 -8.84 -8.70
CA ARG A 123 0.92 -9.16 -8.07
C ARG A 123 0.36 -7.94 -7.31
N ARG A 124 1.20 -7.35 -6.48
CA ARG A 124 0.80 -6.18 -5.70
C ARG A 124 0.47 -5.01 -6.61
N ALA A 125 1.24 -4.85 -7.69
CA ALA A 125 1.03 -3.77 -8.64
C ALA A 125 -0.35 -3.87 -9.29
N ARG A 126 -0.70 -5.07 -9.74
CA ARG A 126 -1.99 -5.29 -10.39
C ARG A 126 -3.12 -5.25 -9.36
N ALA A 127 -2.85 -5.79 -8.17
CA ALA A 127 -3.84 -5.82 -7.11
C ALA A 127 -4.21 -4.41 -6.66
N ARG A 128 -3.19 -3.64 -6.28
CA ARG A 128 -3.41 -2.27 -5.83
C ARG A 128 -3.95 -1.40 -6.96
N LEU A 129 -3.51 -1.67 -8.18
CA LEU A 129 -3.94 -0.92 -9.36
C LEU A 129 -5.47 -0.91 -9.45
N GLN A 130 -6.06 -2.09 -9.49
CA GLN A 130 -7.52 -2.20 -9.57
C GLN A 130 -8.17 -1.89 -8.24
N ALA A 131 -7.51 -2.28 -7.16
CA ALA A 131 -8.03 -2.03 -5.82
C ALA A 131 -8.14 -0.54 -5.54
N ALA A 132 -7.42 0.26 -6.31
CA ALA A 132 -7.43 1.71 -6.14
C ALA A 132 -8.79 2.28 -6.54
N GLY A 133 -9.59 1.48 -7.23
CA GLY A 133 -10.90 1.93 -7.66
C GLY A 133 -11.13 1.75 -9.15
N GLY A 134 -10.60 0.65 -9.68
CA GLY A 134 -10.76 0.38 -11.10
C GLY A 134 -11.92 -0.56 -11.39
N VAL A 135 -12.13 -1.52 -10.50
CA VAL A 135 -13.21 -2.49 -10.66
C VAL A 135 -14.50 -1.98 -10.05
N VAL A 136 -15.61 -2.15 -10.76
CA VAL A 136 -16.91 -1.72 -10.28
C VAL A 136 -18.03 -2.21 -11.20
N GLU A 137 -19.11 -2.69 -10.60
CA GLU A 137 -20.25 -3.20 -11.36
C GLU A 137 -21.50 -2.38 -11.06
N ILE A 138 -22.28 -2.10 -12.11
CA ILE A 138 -23.50 -1.32 -11.96
C ILE A 138 -24.70 -2.23 -11.73
N MET A 1 -4.34 16.41 19.40
CA MET A 1 -5.71 15.93 19.22
C MET A 1 -5.88 15.28 17.85
N VAL A 2 -6.51 14.12 17.82
CA VAL A 2 -6.74 13.40 16.57
C VAL A 2 -5.42 12.95 15.94
N MET A 3 -5.48 11.86 15.18
CA MET A 3 -4.29 11.34 14.53
C MET A 3 -4.23 11.77 13.07
N THR A 4 -3.02 11.95 12.56
CA THR A 4 -2.82 12.37 11.17
C THR A 4 -1.77 11.51 10.48
N VAL A 5 -2.22 10.69 9.53
CA VAL A 5 -1.30 9.83 8.79
C VAL A 5 -0.84 10.49 7.50
N ARG A 6 0.46 10.38 7.22
CA ARG A 6 1.03 10.98 6.02
C ARG A 6 1.92 9.97 5.29
N VAL A 7 1.95 10.06 3.97
CA VAL A 7 2.76 9.16 3.16
C VAL A 7 3.86 9.92 2.43
N ILE A 8 5.01 9.28 2.28
CA ILE A 8 6.15 9.89 1.59
C ILE A 8 6.86 8.89 0.70
N ALA A 9 7.41 9.38 -0.41
CA ALA A 9 8.13 8.53 -1.35
C ALA A 9 9.61 8.87 -1.38
N PRO A 10 10.42 7.93 -1.88
CA PRO A 10 11.88 8.10 -1.98
C PRO A 10 12.27 9.14 -3.03
N ASP A 11 11.28 9.60 -3.79
CA ASP A 11 11.54 10.59 -4.83
C ASP A 11 11.01 11.96 -4.41
N LYS A 12 10.09 11.96 -3.44
CA LYS A 12 9.50 13.20 -2.95
C LYS A 12 8.42 12.92 -1.92
N THR A 13 7.67 13.95 -1.55
CA THR A 13 6.59 13.82 -0.58
C THR A 13 5.25 13.64 -1.25
N VAL A 14 4.38 12.84 -0.64
CA VAL A 14 3.05 12.59 -1.19
C VAL A 14 2.03 13.56 -0.59
N TRP A 15 1.72 13.38 0.68
CA TRP A 15 0.76 14.24 1.36
C TRP A 15 0.59 13.82 2.82
N ASP A 16 -0.34 14.46 3.52
CA ASP A 16 -0.59 14.16 4.92
C ASP A 16 -2.05 14.46 5.29
N ALA A 17 -2.86 13.40 5.33
CA ALA A 17 -4.27 13.55 5.67
C ALA A 17 -4.56 13.03 7.07
N PRO A 18 -5.64 13.52 7.68
CA PRO A 18 -6.05 13.13 9.03
C PRO A 18 -6.56 11.69 9.08
N ALA A 19 -6.86 11.21 10.29
CA ALA A 19 -7.36 9.85 10.47
C ALA A 19 -7.66 9.58 11.94
N GLU A 20 -8.76 8.89 12.19
CA GLU A 20 -9.15 8.55 13.56
C GLU A 20 -8.66 7.16 13.94
N GLU A 21 -8.42 6.32 12.94
CA GLU A 21 -7.95 4.97 13.18
C GLU A 21 -7.19 4.43 11.95
N VAL A 22 -6.06 3.79 12.20
CA VAL A 22 -5.25 3.23 11.12
C VAL A 22 -5.18 1.71 11.22
N ILE A 23 -5.66 1.03 10.17
CA ILE A 23 -5.64 -0.42 10.14
C ILE A 23 -5.08 -0.93 8.81
N LEU A 24 -4.04 -1.76 8.91
CA LEU A 24 -3.40 -2.32 7.72
C LEU A 24 -2.57 -3.54 8.09
N PRO A 25 -2.26 -4.38 7.08
CA PRO A 25 -1.46 -5.58 7.26
C PRO A 25 0.00 -5.27 7.58
N SER A 26 0.49 -5.81 8.69
CA SER A 26 1.87 -5.59 9.11
C SER A 26 2.60 -6.92 9.28
N THR A 27 3.81 -6.85 9.85
CA THR A 27 4.61 -8.04 10.07
C THR A 27 3.81 -9.13 10.76
N THR A 28 3.29 -8.82 11.95
CA THR A 28 2.50 -9.77 12.71
C THR A 28 1.20 -10.12 11.98
N GLY A 29 0.86 -9.32 10.98
CA GLY A 29 -0.35 -9.56 10.22
C GLY A 29 -1.38 -8.45 10.41
N GLN A 30 -1.59 -8.03 11.65
CA GLN A 30 -2.54 -6.98 11.96
C GLN A 30 -1.86 -5.82 12.65
N LEU A 31 -2.21 -4.60 12.24
CA LEU A 31 -1.63 -3.40 12.82
C LEU A 31 -2.69 -2.31 13.01
N GLY A 32 -2.97 -1.98 14.27
CA GLY A 32 -3.96 -0.97 14.56
C GLY A 32 -3.39 0.19 15.37
N ILE A 33 -3.14 1.31 14.70
CA ILE A 33 -2.59 2.48 15.34
C ILE A 33 -3.67 3.54 15.58
N LEU A 34 -3.87 3.91 16.84
CA LEU A 34 -4.87 4.90 17.21
C LEU A 34 -4.20 6.20 17.67
N SER A 35 -5.02 7.19 18.02
CA SER A 35 -4.52 8.47 18.49
C SER A 35 -3.81 8.31 19.83
N ASN A 36 -4.42 7.58 20.74
CA ASN A 36 -3.84 7.35 22.06
C ASN A 36 -2.57 6.52 21.97
N HIS A 37 -2.39 5.86 20.83
CA HIS A 37 -1.22 5.01 20.61
C HIS A 37 0.06 5.75 21.02
N ALA A 38 1.12 4.98 21.28
CA ALA A 38 2.39 5.56 21.68
C ALA A 38 3.36 5.62 20.50
N PRO A 39 4.44 6.39 20.67
CA PRO A 39 5.47 6.56 19.63
C PRO A 39 6.28 5.29 19.42
N LEU A 40 6.01 4.60 18.32
CA LEU A 40 6.72 3.37 18.00
C LEU A 40 6.97 3.26 16.49
N LEU A 41 8.04 2.57 16.12
CA LEU A 41 8.39 2.39 14.73
C LEU A 41 8.21 0.94 14.29
N THR A 42 7.69 0.75 13.08
CA THR A 42 7.46 -0.58 12.55
C THR A 42 7.64 -0.61 11.04
N ALA A 43 7.58 -1.81 10.46
CA ALA A 43 7.73 -1.97 9.02
C ALA A 43 6.46 -2.53 8.39
N LEU A 44 6.30 -2.29 7.09
CA LEU A 44 5.13 -2.78 6.37
C LEU A 44 5.51 -3.28 4.98
N GLU A 45 4.66 -4.14 4.42
CA GLU A 45 4.91 -4.70 3.10
C GLU A 45 3.84 -4.25 2.10
N THR A 46 3.98 -4.69 0.86
CA THR A 46 3.02 -4.33 -0.19
C THR A 46 1.58 -4.63 0.26
N GLY A 47 0.70 -3.66 0.07
CA GLY A 47 -0.69 -3.84 0.45
C GLY A 47 -1.42 -2.51 0.62
N VAL A 48 -2.73 -2.53 0.42
CA VAL A 48 -3.53 -1.33 0.55
C VAL A 48 -3.84 -1.03 2.01
N MET A 49 -3.77 0.25 2.37
CA MET A 49 -4.04 0.67 3.75
C MET A 49 -5.45 1.21 3.87
N ARG A 50 -6.08 0.94 5.02
CA ARG A 50 -7.44 1.41 5.27
C ARG A 50 -7.45 2.50 6.34
N VAL A 51 -7.95 3.68 5.96
CA VAL A 51 -8.02 4.80 6.89
C VAL A 51 -9.43 4.97 7.45
N ARG A 52 -9.51 5.17 8.75
CA ARG A 52 -10.80 5.34 9.42
C ARG A 52 -10.98 6.79 9.88
N GLN A 53 -11.67 7.58 9.06
CA GLN A 53 -11.92 8.98 9.38
C GLN A 53 -12.92 9.10 10.52
N ASP A 54 -14.11 8.55 10.32
CA ASP A 54 -15.16 8.60 11.33
C ASP A 54 -16.38 7.81 10.88
N ARG A 55 -16.95 8.20 9.75
CA ARG A 55 -18.13 7.54 9.21
C ARG A 55 -17.80 6.81 7.91
N GLU A 56 -16.78 7.31 7.20
CA GLU A 56 -16.37 6.71 5.94
C GLU A 56 -15.01 6.03 6.08
N TRP A 57 -14.44 5.62 4.96
CA TRP A 57 -13.14 4.95 4.95
C TRP A 57 -12.41 5.19 3.65
N VAL A 58 -11.11 5.51 3.75
CA VAL A 58 -10.30 5.77 2.57
C VAL A 58 -9.35 4.60 2.29
N ALA A 59 -9.06 4.38 1.02
CA ALA A 59 -8.17 3.30 0.61
C ALA A 59 -7.03 3.82 -0.25
N ILE A 60 -5.80 3.57 0.19
CA ILE A 60 -4.62 4.02 -0.54
C ILE A 60 -3.61 2.89 -0.69
N ALA A 61 -3.44 2.40 -1.91
CA ALA A 61 -2.50 1.33 -2.20
C ALA A 61 -1.08 1.73 -1.79
N LEU A 62 -0.57 1.11 -0.74
CA LEU A 62 0.77 1.40 -0.26
C LEU A 62 1.68 0.18 -0.41
N MET A 63 2.51 0.18 -1.45
CA MET A 63 3.42 -0.92 -1.69
C MET A 63 4.42 -1.08 -0.55
N GLY A 64 5.43 -1.91 -0.76
CA GLY A 64 6.44 -2.12 0.26
C GLY A 64 7.02 -0.82 0.78
N GLY A 65 7.28 -0.76 2.08
CA GLY A 65 7.84 0.44 2.68
C GLY A 65 7.90 0.36 4.19
N PHE A 66 7.95 1.52 4.84
CA PHE A 66 8.02 1.58 6.29
C PHE A 66 6.95 2.51 6.86
N ALA A 67 6.79 2.51 8.17
CA ALA A 67 5.80 3.36 8.82
C ALA A 67 6.14 3.56 10.30
N GLU A 68 5.91 4.76 10.80
CA GLU A 68 6.20 5.09 12.18
C GLU A 68 5.22 6.14 12.72
N VAL A 69 4.60 5.85 13.86
CA VAL A 69 3.64 6.77 14.46
C VAL A 69 4.17 7.30 15.79
N GLU A 70 3.74 8.51 16.15
CA GLU A 70 4.16 9.12 17.40
C GLU A 70 3.40 10.42 17.65
N ASN A 71 2.74 10.48 18.81
CA ASN A 71 1.96 11.66 19.18
C ASN A 71 1.05 12.09 18.03
N ASN A 72 0.21 11.16 17.57
CA ASN A 72 -0.72 11.43 16.48
C ASN A 72 0.03 11.91 15.24
N GLU A 73 1.19 11.31 15.00
CA GLU A 73 2.01 11.67 13.83
C GLU A 73 2.55 10.42 13.15
N VAL A 74 1.87 9.99 12.09
CA VAL A 74 2.29 8.81 11.34
C VAL A 74 3.06 9.20 10.08
N THR A 75 4.10 8.44 9.78
CA THR A 75 4.93 8.70 8.60
C THR A 75 5.27 7.41 7.88
N ILE A 76 4.59 7.17 6.75
CA ILE A 76 4.83 5.97 5.96
C ILE A 76 5.67 6.28 4.73
N LEU A 77 6.89 5.77 4.71
CA LEU A 77 7.79 6.00 3.59
C LEU A 77 7.79 4.80 2.64
N VAL A 78 6.85 4.80 1.70
CA VAL A 78 6.73 3.72 0.72
C VAL A 78 7.44 4.08 -0.57
N ASN A 79 7.82 3.06 -1.33
CA ASN A 79 8.51 3.26 -2.60
C ASN A 79 7.52 3.23 -3.77
N GLY A 80 6.31 3.70 -3.52
CA GLY A 80 5.29 3.72 -4.55
C GLY A 80 3.91 3.40 -4.01
N ALA A 81 2.99 4.36 -4.13
CA ALA A 81 1.63 4.18 -3.65
C ALA A 81 0.63 4.88 -4.56
N GLU A 82 -0.66 4.64 -4.33
CA GLU A 82 -1.71 5.24 -5.13
C GLU A 82 -2.92 5.57 -4.27
N ARG A 83 -3.53 6.72 -4.54
CA ARG A 83 -4.71 7.16 -3.79
C ARG A 83 -6.00 6.75 -4.52
N GLY A 84 -5.91 5.70 -5.32
CA GLY A 84 -7.07 5.23 -6.06
C GLY A 84 -7.22 5.92 -7.40
N ASP A 85 -6.48 7.00 -7.60
CA ASP A 85 -6.54 7.75 -8.85
C ASP A 85 -5.45 7.29 -9.81
N THR A 86 -5.21 5.98 -9.84
CA THR A 86 -4.20 5.41 -10.73
C THR A 86 -4.77 4.27 -11.55
N ILE A 87 -6.10 4.15 -11.56
CA ILE A 87 -6.77 3.11 -12.32
C ILE A 87 -6.51 3.27 -13.82
N ASP A 88 -5.96 2.24 -14.44
CA ASP A 88 -5.68 2.25 -15.86
C ASP A 88 -5.87 0.88 -16.49
N LEU A 89 -6.67 0.82 -17.56
CA LEU A 89 -6.94 -0.44 -18.24
C LEU A 89 -5.65 -1.09 -18.72
N GLU A 90 -4.78 -0.28 -19.34
CA GLU A 90 -3.51 -0.78 -19.84
C GLU A 90 -2.55 -1.11 -18.69
N LYS A 91 -2.57 -0.28 -17.66
CA LYS A 91 -1.70 -0.48 -16.50
C LYS A 91 -2.06 -1.77 -15.78
N ALA A 92 -3.35 -1.99 -15.56
CA ALA A 92 -3.81 -3.19 -14.88
C ALA A 92 -3.54 -4.43 -15.73
N LYS A 93 -3.93 -4.38 -16.99
CA LYS A 93 -3.73 -5.50 -17.90
C LYS A 93 -2.24 -5.80 -18.08
N ALA A 94 -1.42 -4.76 -17.98
CA ALA A 94 0.02 -4.91 -18.12
C ALA A 94 0.65 -5.44 -16.84
N GLU A 95 0.09 -5.04 -15.70
CA GLU A 95 0.60 -5.48 -14.41
C GLU A 95 0.36 -6.98 -14.21
N PHE A 96 -0.88 -7.41 -14.42
CA PHE A 96 -1.23 -8.81 -14.27
C PHE A 96 -0.53 -9.67 -15.31
N ALA A 97 -0.47 -9.17 -16.54
CA ALA A 97 0.17 -9.88 -17.64
C ALA A 97 1.66 -10.02 -17.40
N ALA A 98 2.32 -8.90 -17.11
CA ALA A 98 3.76 -8.91 -16.86
C ALA A 98 4.11 -9.83 -15.69
N ALA A 99 3.30 -9.79 -14.65
CA ALA A 99 3.53 -10.63 -13.47
C ALA A 99 3.26 -12.09 -13.78
N GLN A 100 2.22 -12.33 -14.58
CA GLN A 100 1.84 -13.70 -14.96
C GLN A 100 2.99 -14.40 -15.68
N ALA A 101 3.49 -13.77 -16.74
CA ALA A 101 4.58 -14.33 -17.51
C ALA A 101 5.88 -14.34 -16.71
N ALA A 102 6.09 -13.29 -15.91
CA ALA A 102 7.29 -13.19 -15.08
C ALA A 102 7.32 -14.29 -14.03
N LEU A 103 6.14 -14.71 -13.57
CA LEU A 103 6.04 -15.75 -12.56
C LEU A 103 6.36 -17.12 -13.15
N ALA A 104 5.64 -17.48 -14.21
CA ALA A 104 5.85 -18.76 -14.87
C ALA A 104 7.32 -18.97 -15.22
N GLN A 105 7.94 -17.94 -15.78
CA GLN A 105 9.35 -18.01 -16.17
C GLN A 105 10.25 -18.01 -14.93
N ALA A 106 9.86 -17.23 -13.93
CA ALA A 106 10.63 -17.13 -12.69
C ALA A 106 10.91 -18.51 -12.12
N GLU A 107 9.87 -19.33 -12.03
CA GLU A 107 10.01 -20.68 -11.49
C GLU A 107 11.03 -21.49 -12.31
N GLN A 108 11.22 -21.10 -13.57
CA GLN A 108 12.16 -21.79 -14.44
C GLN A 108 13.60 -21.39 -14.10
N GLY A 109 13.75 -20.44 -13.18
CA GLY A 109 15.07 -20.00 -12.79
C GLY A 109 15.32 -18.54 -13.14
N GLU A 110 14.35 -17.68 -12.85
CA GLU A 110 14.47 -16.27 -13.15
C GLU A 110 14.06 -15.41 -11.95
N SER A 111 15.05 -14.92 -11.21
CA SER A 111 14.81 -14.10 -10.03
C SER A 111 15.95 -13.13 -9.79
N LYS A 112 15.62 -11.87 -9.56
CA LYS A 112 16.62 -10.84 -9.31
C LYS A 112 16.72 -10.52 -7.82
N GLN A 113 15.74 -9.78 -7.32
CA GLN A 113 15.72 -9.40 -5.91
C GLN A 113 14.97 -10.45 -5.08
N ALA A 114 13.67 -10.55 -5.31
CA ALA A 114 12.84 -11.51 -4.59
C ALA A 114 11.72 -12.06 -5.49
N LYS A 115 11.72 -13.37 -5.68
CA LYS A 115 10.71 -14.01 -6.51
C LYS A 115 9.35 -14.01 -5.82
N ILE A 116 9.36 -14.18 -4.50
CA ILE A 116 8.13 -14.19 -3.72
C ILE A 116 7.61 -12.77 -3.51
N GLN A 117 8.52 -11.86 -3.19
CA GLN A 117 8.15 -10.47 -2.95
C GLN A 117 7.62 -9.83 -4.22
N ALA A 118 8.27 -10.11 -5.35
CA ALA A 118 7.86 -9.56 -6.64
C ALA A 118 6.48 -10.07 -7.04
N THR A 119 6.28 -11.39 -6.93
CA THR A 119 5.01 -12.01 -7.28
C THR A 119 3.85 -11.30 -6.59
N GLN A 120 3.93 -11.19 -5.27
CA GLN A 120 2.88 -10.54 -4.49
C GLN A 120 2.86 -9.04 -4.76
N ALA A 121 4.03 -8.46 -4.98
CA ALA A 121 4.14 -7.03 -5.25
C ALA A 121 3.39 -6.66 -6.52
N PHE A 122 3.45 -7.54 -7.52
CA PHE A 122 2.77 -7.30 -8.79
C PHE A 122 1.27 -7.57 -8.67
N ARG A 123 0.93 -8.73 -8.11
CA ARG A 123 -0.47 -9.10 -7.94
C ARG A 123 -1.21 -8.08 -7.09
N ARG A 124 -0.61 -7.68 -5.97
CA ARG A 124 -1.21 -6.71 -5.08
C ARG A 124 -1.38 -5.37 -5.78
N ALA A 125 -0.33 -4.91 -6.46
CA ALA A 125 -0.36 -3.64 -7.17
C ALA A 125 -1.52 -3.61 -8.17
N ARG A 126 -1.63 -4.65 -8.97
CA ARG A 126 -2.68 -4.74 -9.98
C ARG A 126 -4.05 -4.87 -9.31
N ALA A 127 -4.10 -5.64 -8.22
CA ALA A 127 -5.35 -5.85 -7.50
C ALA A 127 -5.95 -4.53 -7.04
N ARG A 128 -5.16 -3.75 -6.32
CA ARG A 128 -5.62 -2.45 -5.82
C ARG A 128 -5.76 -1.45 -6.96
N LEU A 129 -4.87 -1.55 -7.96
CA LEU A 129 -4.90 -0.65 -9.10
C LEU A 129 -6.25 -0.70 -9.79
N GLN A 130 -6.70 -1.89 -10.14
CA GLN A 130 -7.98 -2.07 -10.81
C GLN A 130 -9.14 -1.89 -9.83
N ALA A 131 -8.94 -2.36 -8.60
CA ALA A 131 -9.96 -2.25 -7.57
C ALA A 131 -10.24 -0.79 -7.22
N ALA A 132 -9.30 0.09 -7.56
CA ALA A 132 -9.45 1.51 -7.28
C ALA A 132 -10.55 2.12 -8.15
N GLY A 133 -10.98 1.37 -9.16
CA GLY A 133 -12.03 1.86 -10.04
C GLY A 133 -11.63 1.79 -11.50
N GLY A 134 -10.91 0.73 -11.87
CA GLY A 134 -10.48 0.58 -13.24
C GLY A 134 -11.38 -0.37 -14.03
N VAL A 135 -11.92 -1.37 -13.35
CA VAL A 135 -12.81 -2.34 -13.99
C VAL A 135 -14.25 -1.83 -14.02
N VAL A 136 -14.89 -1.96 -15.18
CA VAL A 136 -16.27 -1.52 -15.35
C VAL A 136 -16.81 -1.95 -16.70
N GLU A 137 -18.07 -2.39 -16.71
CA GLU A 137 -18.72 -2.83 -17.95
C GLU A 137 -20.10 -2.20 -18.09
N ILE A 138 -20.64 -2.23 -19.30
CA ILE A 138 -21.95 -1.67 -19.57
C ILE A 138 -22.97 -2.76 -19.91
N MET A 1 -8.04 14.86 20.07
CA MET A 1 -9.16 13.95 19.83
C MET A 1 -9.21 13.52 18.37
N VAL A 2 -8.04 13.31 17.79
CA VAL A 2 -7.94 12.89 16.39
C VAL A 2 -6.50 12.58 16.00
N MET A 3 -6.33 11.67 15.06
CA MET A 3 -5.00 11.29 14.59
C MET A 3 -4.71 11.88 13.21
N THR A 4 -3.47 11.74 12.76
CA THR A 4 -3.07 12.26 11.46
C THR A 4 -2.02 11.36 10.82
N VAL A 5 -2.46 10.53 9.88
CA VAL A 5 -1.56 9.61 9.18
C VAL A 5 -1.19 10.15 7.80
N ARG A 6 0.06 10.54 7.64
CA ARG A 6 0.55 11.08 6.36
C ARG A 6 1.43 10.07 5.64
N VAL A 7 1.52 10.20 4.33
CA VAL A 7 2.33 9.30 3.53
C VAL A 7 3.45 10.05 2.81
N ILE A 8 4.65 9.46 2.80
CA ILE A 8 5.79 10.08 2.14
C ILE A 8 6.65 9.04 1.43
N ALA A 9 7.26 9.44 0.33
CA ALA A 9 8.12 8.54 -0.44
C ALA A 9 9.57 9.01 -0.41
N PRO A 10 10.50 8.09 -0.73
CA PRO A 10 11.93 8.38 -0.75
C PRO A 10 12.32 9.30 -1.90
N ASP A 11 11.37 9.56 -2.79
CA ASP A 11 11.61 10.42 -3.94
C ASP A 11 10.95 11.79 -3.74
N LYS A 12 9.96 11.84 -2.85
CA LYS A 12 9.25 13.08 -2.57
C LYS A 12 8.13 12.84 -1.56
N THR A 13 7.29 13.86 -1.38
CA THR A 13 6.18 13.76 -0.44
C THR A 13 4.86 13.48 -1.17
N VAL A 14 4.02 12.65 -0.57
CA VAL A 14 2.74 12.30 -1.16
C VAL A 14 1.64 13.26 -0.70
N TRP A 15 1.24 13.13 0.55
CA TRP A 15 0.20 13.98 1.11
C TRP A 15 -0.08 13.62 2.58
N ASP A 16 -1.13 14.20 3.13
CA ASP A 16 -1.50 13.94 4.52
C ASP A 16 -2.90 13.35 4.61
N ALA A 17 -3.01 12.19 5.26
CA ALA A 17 -4.28 11.51 5.42
C ALA A 17 -4.77 11.59 6.86
N PRO A 18 -5.39 12.71 7.22
CA PRO A 18 -5.92 12.93 8.58
C PRO A 18 -7.12 12.06 8.87
N ALA A 19 -7.18 11.52 10.09
CA ALA A 19 -8.28 10.66 10.50
C ALA A 19 -8.16 10.29 11.97
N GLU A 20 -9.29 9.93 12.59
CA GLU A 20 -9.31 9.55 13.99
C GLU A 20 -8.52 8.26 14.22
N GLU A 21 -8.92 7.20 13.50
CA GLU A 21 -8.26 5.91 13.63
C GLU A 21 -7.98 5.31 12.25
N VAL A 22 -6.91 4.53 12.16
CA VAL A 22 -6.53 3.89 10.90
C VAL A 22 -6.23 2.41 11.11
N ILE A 23 -6.72 1.58 10.19
CA ILE A 23 -6.50 0.15 10.26
C ILE A 23 -5.93 -0.39 8.95
N LEU A 24 -4.91 -1.23 9.06
CA LEU A 24 -4.27 -1.81 7.89
C LEU A 24 -3.44 -3.03 8.28
N PRO A 25 -3.14 -3.89 7.28
CA PRO A 25 -2.35 -5.10 7.49
C PRO A 25 -0.89 -4.81 7.79
N SER A 26 -0.37 -5.44 8.83
CA SER A 26 1.02 -5.23 9.23
C SER A 26 1.71 -6.57 9.51
N THR A 27 2.90 -6.50 10.10
CA THR A 27 3.67 -7.70 10.41
C THR A 27 2.80 -8.72 11.16
N THR A 28 2.28 -8.31 12.30
CA THR A 28 1.43 -9.19 13.11
C THR A 28 0.16 -9.58 12.35
N GLY A 29 -0.14 -8.83 11.30
CA GLY A 29 -1.33 -9.10 10.51
C GLY A 29 -2.35 -7.99 10.58
N GLN A 30 -2.61 -7.50 11.79
CA GLN A 30 -3.56 -6.42 12.00
C GLN A 30 -2.91 -5.23 12.67
N LEU A 31 -3.17 -4.03 12.15
CA LEU A 31 -2.61 -2.80 12.69
C LEU A 31 -3.70 -1.79 13.02
N GLY A 32 -3.55 -1.10 14.14
CA GLY A 32 -4.54 -0.12 14.53
C GLY A 32 -3.92 1.02 15.35
N ILE A 33 -3.95 2.22 14.80
CA ILE A 33 -3.40 3.38 15.48
C ILE A 33 -4.48 4.42 15.75
N LEU A 34 -4.30 5.18 16.83
CA LEU A 34 -5.26 6.22 17.20
C LEU A 34 -4.54 7.47 17.71
N SER A 35 -5.32 8.49 18.06
CA SER A 35 -4.76 9.73 18.57
C SER A 35 -4.10 9.53 19.92
N ASN A 36 -4.78 8.81 20.81
CA ASN A 36 -4.27 8.54 22.14
C ASN A 36 -2.97 7.73 22.07
N HIS A 37 -2.72 7.13 20.91
CA HIS A 37 -1.52 6.32 20.72
C HIS A 37 -0.28 7.07 21.19
N ALA A 38 0.78 6.33 21.47
CA ALA A 38 2.04 6.93 21.92
C ALA A 38 3.08 6.95 20.81
N PRO A 39 4.13 7.75 21.00
CA PRO A 39 5.22 7.88 20.03
C PRO A 39 6.07 6.62 19.95
N LEU A 40 5.90 5.85 18.88
CA LEU A 40 6.66 4.62 18.69
C LEU A 40 6.92 4.37 17.20
N LEU A 41 8.01 3.68 16.91
CA LEU A 41 8.38 3.37 15.54
C LEU A 41 8.02 1.92 15.19
N THR A 42 7.55 1.71 13.96
CA THR A 42 7.18 0.38 13.50
C THR A 42 7.45 0.21 12.02
N ALA A 43 7.26 -1.01 11.52
CA ALA A 43 7.48 -1.31 10.11
C ALA A 43 6.19 -1.71 9.42
N LEU A 44 6.16 -1.59 8.10
CA LEU A 44 4.98 -1.95 7.32
C LEU A 44 5.38 -2.68 6.04
N GLU A 45 4.58 -3.67 5.66
CA GLU A 45 4.84 -4.45 4.46
C GLU A 45 3.96 -3.97 3.30
N THR A 46 4.12 -4.61 2.15
CA THR A 46 3.35 -4.26 0.96
C THR A 46 1.88 -4.62 1.13
N GLY A 47 0.99 -3.77 0.63
CA GLY A 47 -0.43 -4.02 0.75
C GLY A 47 -1.24 -2.74 0.86
N VAL A 48 -2.55 -2.86 0.70
CA VAL A 48 -3.44 -1.70 0.79
C VAL A 48 -3.80 -1.41 2.24
N MET A 49 -3.96 -0.12 2.55
CA MET A 49 -4.32 0.29 3.91
C MET A 49 -5.71 0.91 3.94
N ARG A 50 -6.28 1.00 5.14
CA ARG A 50 -7.61 1.57 5.31
C ARG A 50 -7.60 2.71 6.33
N VAL A 51 -8.40 3.73 6.06
CA VAL A 51 -8.48 4.88 6.96
C VAL A 51 -9.89 5.04 7.52
N ARG A 52 -9.98 5.50 8.76
CA ARG A 52 -11.26 5.69 9.42
C ARG A 52 -11.34 7.08 10.05
N GLN A 53 -11.96 8.01 9.35
CA GLN A 53 -12.10 9.38 9.84
C GLN A 53 -13.25 9.48 10.85
N ASP A 54 -14.29 8.71 10.63
CA ASP A 54 -15.44 8.70 11.52
C ASP A 54 -16.49 7.69 11.06
N ARG A 55 -17.20 8.02 9.99
CA ARG A 55 -18.23 7.14 9.45
C ARG A 55 -17.83 6.61 8.08
N GLU A 56 -16.99 7.36 7.39
CA GLU A 56 -16.52 6.96 6.06
C GLU A 56 -15.14 6.31 6.13
N TRP A 57 -14.76 5.63 5.06
CA TRP A 57 -13.46 4.97 5.00
C TRP A 57 -12.75 5.28 3.69
N VAL A 58 -11.42 5.36 3.75
CA VAL A 58 -10.61 5.64 2.57
C VAL A 58 -9.64 4.51 2.28
N ALA A 59 -9.32 4.32 1.01
CA ALA A 59 -8.40 3.27 0.59
C ALA A 59 -7.13 3.87 -0.01
N ILE A 60 -5.97 3.35 0.41
CA ILE A 60 -4.69 3.83 -0.10
C ILE A 60 -3.67 2.70 -0.16
N ALA A 61 -3.15 2.46 -1.35
CA ALA A 61 -2.16 1.41 -1.56
C ALA A 61 -0.77 1.87 -1.11
N LEU A 62 -0.02 0.95 -0.51
CA LEU A 62 1.33 1.27 -0.03
C LEU A 62 2.21 0.02 -0.07
N MET A 63 3.42 0.19 -0.60
CA MET A 63 4.38 -0.91 -0.69
C MET A 63 5.30 -0.95 0.53
N GLY A 64 6.34 -1.76 0.45
CA GLY A 64 7.27 -1.88 1.56
C GLY A 64 7.79 -0.53 2.02
N GLY A 65 7.87 -0.34 3.33
CA GLY A 65 8.35 0.92 3.88
C GLY A 65 8.35 0.94 5.39
N PHE A 66 8.59 2.11 5.97
CA PHE A 66 8.62 2.25 7.42
C PHE A 66 7.48 3.15 7.91
N ALA A 67 7.12 3.00 9.17
CA ALA A 67 6.05 3.80 9.76
C ALA A 67 6.42 4.28 11.16
N GLU A 68 6.24 5.58 11.40
CA GLU A 68 6.56 6.17 12.69
C GLU A 68 5.45 7.10 13.16
N VAL A 69 4.74 6.69 14.21
CA VAL A 69 3.66 7.49 14.76
C VAL A 69 4.06 8.14 16.07
N GLU A 70 3.57 9.37 16.29
CA GLU A 70 3.89 10.11 17.50
C GLU A 70 3.05 11.38 17.59
N ASN A 71 2.32 11.54 18.69
CA ASN A 71 1.50 12.72 18.89
C ASN A 71 0.61 12.98 17.67
N ASN A 72 -0.16 11.97 17.28
CA ASN A 72 -1.05 12.09 16.13
C ASN A 72 -0.27 12.47 14.88
N GLU A 73 0.95 11.96 14.76
CA GLU A 73 1.79 12.24 13.61
C GLU A 73 2.46 10.97 13.09
N VAL A 74 1.87 10.41 12.03
CA VAL A 74 2.40 9.19 11.43
C VAL A 74 3.17 9.50 10.15
N THR A 75 4.29 8.79 9.96
CA THR A 75 5.12 8.99 8.78
C THR A 75 5.36 7.67 8.06
N ILE A 76 4.67 7.48 6.94
CA ILE A 76 4.81 6.27 6.14
C ILE A 76 5.83 6.46 5.01
N LEU A 77 7.07 6.08 5.26
CA LEU A 77 8.12 6.21 4.27
C LEU A 77 8.17 4.98 3.36
N VAL A 78 7.22 4.91 2.43
CA VAL A 78 7.14 3.80 1.48
C VAL A 78 7.84 4.14 0.17
N ASN A 79 8.50 3.16 -0.43
CA ASN A 79 9.19 3.35 -1.69
C ASN A 79 8.23 3.77 -2.79
N GLY A 80 6.96 3.38 -2.63
CA GLY A 80 5.96 3.73 -3.62
C GLY A 80 4.55 3.40 -3.16
N ALA A 81 3.69 4.42 -3.12
CA ALA A 81 2.32 4.23 -2.69
C ALA A 81 1.34 4.93 -3.63
N GLU A 82 0.09 4.47 -3.64
CA GLU A 82 -0.93 5.06 -4.50
C GLU A 82 -2.11 5.58 -3.68
N ARG A 83 -2.64 6.72 -4.09
CA ARG A 83 -3.77 7.33 -3.39
C ARG A 83 -5.09 6.91 -4.02
N GLY A 84 -5.06 5.81 -4.78
CA GLY A 84 -6.27 5.32 -5.42
C GLY A 84 -6.47 5.93 -6.79
N ASP A 85 -5.71 6.98 -7.10
CA ASP A 85 -5.81 7.66 -8.38
C ASP A 85 -4.78 7.11 -9.37
N THR A 86 -4.57 5.80 -9.33
CA THR A 86 -3.61 5.16 -10.22
C THR A 86 -4.25 4.01 -10.97
N ILE A 87 -5.58 3.93 -10.93
CA ILE A 87 -6.31 2.89 -11.62
C ILE A 87 -6.01 2.89 -13.11
N ASP A 88 -5.67 1.73 -13.65
CA ASP A 88 -5.36 1.60 -15.07
C ASP A 88 -5.83 0.25 -15.61
N LEU A 89 -6.75 0.29 -16.58
CA LEU A 89 -7.28 -0.93 -17.17
C LEU A 89 -6.23 -1.60 -18.06
N GLU A 90 -5.78 -0.87 -19.09
CA GLU A 90 -4.78 -1.40 -20.01
C GLU A 90 -3.58 -1.94 -19.25
N LYS A 91 -3.03 -1.12 -18.35
CA LYS A 91 -1.88 -1.52 -17.56
C LYS A 91 -2.17 -2.77 -16.76
N ALA A 92 -3.43 -2.95 -16.37
CA ALA A 92 -3.84 -4.11 -15.60
C ALA A 92 -3.61 -5.40 -16.38
N LYS A 93 -4.07 -5.42 -17.62
CA LYS A 93 -3.92 -6.59 -18.47
C LYS A 93 -2.47 -6.74 -18.94
N ALA A 94 -1.76 -5.62 -18.99
CA ALA A 94 -0.37 -5.63 -19.42
C ALA A 94 0.54 -6.22 -18.34
N GLU A 95 0.50 -5.62 -17.16
CA GLU A 95 1.32 -6.09 -16.04
C GLU A 95 1.02 -7.55 -15.73
N PHE A 96 -0.26 -7.86 -15.56
CA PHE A 96 -0.68 -9.23 -15.25
C PHE A 96 -0.19 -10.20 -16.32
N ALA A 97 -0.24 -9.76 -17.57
CA ALA A 97 0.20 -10.60 -18.69
C ALA A 97 1.70 -10.85 -18.63
N ALA A 98 2.47 -9.78 -18.50
CA ALA A 98 3.93 -9.88 -18.43
C ALA A 98 4.35 -10.75 -17.24
N ALA A 99 3.66 -10.60 -16.13
CA ALA A 99 3.97 -11.38 -14.93
C ALA A 99 3.55 -12.83 -15.09
N GLN A 100 2.41 -13.05 -15.75
CA GLN A 100 1.90 -14.40 -15.97
C GLN A 100 2.90 -15.23 -16.76
N ALA A 101 3.31 -14.72 -17.91
CA ALA A 101 4.26 -15.42 -18.76
C ALA A 101 5.63 -15.51 -18.09
N ALA A 102 6.03 -14.42 -17.43
CA ALA A 102 7.32 -14.38 -16.74
C ALA A 102 7.37 -15.41 -15.62
N LEU A 103 6.22 -15.69 -15.02
CA LEU A 103 6.15 -16.65 -13.93
C LEU A 103 6.32 -18.08 -14.44
N ALA A 104 5.47 -18.46 -15.40
CA ALA A 104 5.52 -19.80 -15.98
C ALA A 104 6.93 -20.12 -16.45
N GLN A 105 7.57 -19.18 -17.15
CA GLN A 105 8.92 -19.38 -17.64
C GLN A 105 9.93 -19.36 -16.51
N ALA A 106 9.70 -18.49 -15.53
CA ALA A 106 10.60 -18.38 -14.39
C ALA A 106 10.82 -19.74 -13.72
N GLU A 107 9.74 -20.48 -13.54
CA GLU A 107 9.81 -21.80 -12.91
C GLU A 107 10.73 -22.72 -13.71
N GLN A 108 10.92 -22.41 -14.99
CA GLN A 108 11.78 -23.20 -15.85
C GLN A 108 13.25 -22.89 -15.60
N GLY A 109 13.50 -21.93 -14.72
CA GLY A 109 14.86 -21.55 -14.41
C GLY A 109 15.19 -20.13 -14.84
N GLU A 110 14.29 -19.20 -14.52
CA GLU A 110 14.49 -17.81 -14.89
C GLU A 110 14.08 -16.88 -13.73
N SER A 111 15.09 -16.41 -13.00
CA SER A 111 14.85 -15.52 -11.86
C SER A 111 16.06 -14.63 -11.59
N LYS A 112 15.80 -13.38 -11.26
CA LYS A 112 16.87 -12.42 -10.97
C LYS A 112 17.04 -12.22 -9.47
N GLN A 113 16.17 -11.41 -8.89
CA GLN A 113 16.21 -11.14 -7.45
C GLN A 113 15.36 -12.13 -6.68
N ALA A 114 14.04 -12.03 -6.87
CA ALA A 114 13.11 -12.93 -6.18
C ALA A 114 11.90 -13.22 -7.06
N LYS A 115 11.79 -14.48 -7.50
CA LYS A 115 10.68 -14.89 -8.35
C LYS A 115 9.38 -14.96 -7.54
N ILE A 116 9.49 -15.29 -6.27
CA ILE A 116 8.34 -15.38 -5.39
C ILE A 116 7.83 -14.01 -4.98
N GLN A 117 8.74 -13.19 -4.44
CA GLN A 117 8.39 -11.84 -4.01
C GLN A 117 7.91 -11.01 -5.19
N ALA A 118 8.39 -11.35 -6.38
CA ALA A 118 8.01 -10.63 -7.59
C ALA A 118 6.56 -10.91 -7.97
N THR A 119 6.23 -12.20 -8.09
CA THR A 119 4.88 -12.61 -8.45
C THR A 119 3.84 -11.94 -7.57
N GLN A 120 4.06 -11.99 -6.26
CA GLN A 120 3.14 -11.39 -5.30
C GLN A 120 3.20 -9.86 -5.38
N ALA A 121 4.39 -9.33 -5.66
CA ALA A 121 4.57 -7.89 -5.76
C ALA A 121 3.73 -7.31 -6.90
N PHE A 122 3.97 -7.81 -8.11
CA PHE A 122 3.24 -7.35 -9.29
C PHE A 122 1.73 -7.55 -9.11
N ARG A 123 1.35 -8.75 -8.70
CA ARG A 123 -0.06 -9.08 -8.50
C ARG A 123 -0.68 -8.15 -7.45
N ARG A 124 0.10 -7.84 -6.42
CA ARG A 124 -0.37 -6.98 -5.34
C ARG A 124 -0.58 -5.55 -5.84
N ALA A 125 0.43 -5.01 -6.52
CA ALA A 125 0.36 -3.66 -7.06
C ALA A 125 -0.86 -3.49 -7.96
N ARG A 126 -1.03 -4.42 -8.89
CA ARG A 126 -2.15 -4.38 -9.82
C ARG A 126 -3.47 -4.68 -9.10
N ALA A 127 -3.39 -5.47 -8.05
CA ALA A 127 -4.57 -5.83 -7.27
C ALA A 127 -5.21 -4.60 -6.65
N ARG A 128 -4.43 -3.84 -5.89
CA ARG A 128 -4.93 -2.64 -5.24
C ARG A 128 -5.12 -1.51 -6.26
N LEU A 129 -4.24 -1.46 -7.25
CA LEU A 129 -4.31 -0.44 -8.29
C LEU A 129 -5.71 -0.37 -8.90
N GLN A 130 -6.18 -1.52 -9.40
CA GLN A 130 -7.50 -1.58 -10.00
C GLN A 130 -8.59 -1.57 -8.94
N ALA A 131 -8.33 -2.24 -7.82
CA ALA A 131 -9.30 -2.31 -6.73
C ALA A 131 -9.58 -0.92 -6.16
N ALA A 132 -8.70 0.03 -6.48
CA ALA A 132 -8.86 1.40 -6.01
C ALA A 132 -10.07 2.06 -6.64
N GLY A 133 -10.61 1.43 -7.69
CA GLY A 133 -11.77 1.97 -8.37
C GLY A 133 -11.55 2.10 -9.86
N GLY A 134 -10.88 1.12 -10.44
CA GLY A 134 -10.61 1.15 -11.87
C GLY A 134 -11.58 0.28 -12.66
N VAL A 135 -12.00 -0.82 -12.06
CA VAL A 135 -12.93 -1.74 -12.71
C VAL A 135 -14.37 -1.43 -12.32
N VAL A 136 -15.28 -1.50 -13.30
CA VAL A 136 -16.68 -1.23 -13.06
C VAL A 136 -17.52 -1.50 -14.30
N GLU A 137 -16.95 -1.18 -15.46
CA GLU A 137 -17.64 -1.40 -16.74
C GLU A 137 -16.84 -2.33 -17.64
N ILE A 138 -17.54 -3.17 -18.38
CA ILE A 138 -16.90 -4.11 -19.29
C ILE A 138 -17.57 -4.11 -20.66
N MET A 1 -5.15 15.03 20.72
CA MET A 1 -6.60 14.85 20.66
C MET A 1 -6.97 13.71 19.72
N VAL A 2 -6.34 13.69 18.54
CA VAL A 2 -6.60 12.67 17.54
C VAL A 2 -5.30 12.17 16.92
N MET A 3 -5.43 11.32 15.90
CA MET A 3 -4.27 10.78 15.21
C MET A 3 -3.97 11.56 13.94
N THR A 4 -2.73 11.50 13.47
CA THR A 4 -2.33 12.21 12.27
C THR A 4 -1.46 11.32 11.38
N VAL A 5 -2.02 10.88 10.26
CA VAL A 5 -1.31 10.03 9.32
C VAL A 5 -0.64 10.86 8.23
N ARG A 6 0.64 10.59 7.99
CA ARG A 6 1.40 11.31 6.97
C ARG A 6 2.12 10.34 6.04
N VAL A 7 1.90 10.51 4.74
CA VAL A 7 2.52 9.64 3.74
C VAL A 7 3.75 10.31 3.13
N ILE A 8 4.79 9.53 2.91
CA ILE A 8 6.03 10.04 2.32
C ILE A 8 6.64 9.04 1.35
N ALA A 9 7.29 9.55 0.31
CA ALA A 9 7.93 8.70 -0.69
C ALA A 9 9.43 8.97 -0.77
N PRO A 10 10.17 8.00 -1.33
CA PRO A 10 11.62 8.10 -1.46
C PRO A 10 12.03 9.15 -2.50
N ASP A 11 11.05 9.68 -3.22
CA ASP A 11 11.30 10.69 -4.24
C ASP A 11 10.86 12.07 -3.76
N LYS A 12 9.97 12.09 -2.77
CA LYS A 12 9.47 13.34 -2.22
C LYS A 12 8.41 13.08 -1.14
N THR A 13 7.73 14.13 -0.72
CA THR A 13 6.69 14.02 0.30
C THR A 13 5.30 13.98 -0.33
N VAL A 14 4.40 13.21 0.27
CA VAL A 14 3.04 13.08 -0.23
C VAL A 14 2.12 14.10 0.43
N TRP A 15 1.85 13.91 1.72
CA TRP A 15 0.98 14.81 2.47
C TRP A 15 0.84 14.35 3.90
N ASP A 16 0.07 15.10 4.69
CA ASP A 16 -0.16 14.77 6.09
C ASP A 16 -1.56 15.19 6.52
N ALA A 17 -2.49 14.24 6.50
CA ALA A 17 -3.87 14.50 6.89
C ALA A 17 -4.18 13.85 8.23
N PRO A 18 -5.23 14.37 8.90
CA PRO A 18 -5.66 13.85 10.20
C PRO A 18 -6.28 12.47 10.11
N ALA A 19 -6.60 11.88 11.26
CA ALA A 19 -7.20 10.55 11.29
C ALA A 19 -7.50 10.13 12.73
N GLU A 20 -8.43 9.19 12.89
CA GLU A 20 -8.81 8.70 14.21
C GLU A 20 -8.47 7.23 14.36
N GLU A 21 -8.38 6.53 13.23
CA GLU A 21 -8.06 5.10 13.24
C GLU A 21 -7.79 4.60 11.82
N VAL A 22 -6.69 3.87 11.67
CA VAL A 22 -6.31 3.32 10.36
C VAL A 22 -6.16 1.81 10.42
N ILE A 23 -6.63 1.13 9.38
CA ILE A 23 -6.54 -0.32 9.32
C ILE A 23 -6.02 -0.78 7.96
N LEU A 24 -4.94 -1.56 7.98
CA LEU A 24 -4.34 -2.07 6.75
C LEU A 24 -3.58 -3.37 7.01
N PRO A 25 -3.35 -4.14 5.93
CA PRO A 25 -2.64 -5.42 6.03
C PRO A 25 -1.16 -5.23 6.33
N SER A 26 -0.68 -5.94 7.36
CA SER A 26 0.72 -5.84 7.76
C SER A 26 1.34 -7.23 7.86
N THR A 27 2.55 -7.29 8.41
CA THR A 27 3.26 -8.55 8.57
C THR A 27 2.35 -9.62 9.19
N THR A 28 1.86 -9.34 10.39
CA THR A 28 1.00 -10.27 11.11
C THR A 28 -0.32 -10.45 10.36
N GLY A 29 -0.60 -9.56 9.41
CA GLY A 29 -1.83 -9.65 8.65
C GLY A 29 -2.79 -8.50 8.96
N GLN A 30 -2.96 -8.21 10.24
CA GLN A 30 -3.85 -7.14 10.66
C GLN A 30 -3.10 -6.09 11.47
N LEU A 31 -3.27 -4.82 11.11
CA LEU A 31 -2.61 -3.73 11.79
C LEU A 31 -3.58 -2.57 12.03
N GLY A 32 -3.58 -2.04 13.25
CA GLY A 32 -4.46 -0.94 13.59
C GLY A 32 -3.77 0.12 14.41
N ILE A 33 -3.53 1.29 13.80
CA ILE A 33 -2.87 2.39 14.48
C ILE A 33 -3.86 3.51 14.80
N LEU A 34 -3.87 3.93 16.06
CA LEU A 34 -4.76 5.00 16.50
C LEU A 34 -3.98 6.14 17.14
N SER A 35 -4.69 7.17 17.57
CA SER A 35 -4.06 8.33 18.20
C SER A 35 -3.46 7.95 19.55
N ASN A 36 -4.22 7.20 20.35
CA ASN A 36 -3.77 6.77 21.66
C ASN A 36 -2.57 5.86 21.54
N HIS A 37 -2.34 5.31 20.34
CA HIS A 37 -1.21 4.42 20.10
C HIS A 37 0.08 5.01 20.65
N ALA A 38 1.06 4.15 20.87
CA ALA A 38 2.35 4.59 21.40
C ALA A 38 3.38 4.74 20.28
N PRO A 39 4.49 5.42 20.57
CA PRO A 39 5.56 5.65 19.61
C PRO A 39 6.33 4.37 19.28
N LEU A 40 6.04 3.80 18.12
CA LEU A 40 6.70 2.57 17.69
C LEU A 40 6.84 2.53 16.17
N LEU A 41 7.89 1.86 15.70
CA LEU A 41 8.14 1.75 14.26
C LEU A 41 7.84 0.33 13.78
N THR A 42 7.28 0.24 12.57
CA THR A 42 6.95 -1.06 11.98
C THR A 42 7.12 -1.02 10.46
N ALA A 43 6.96 -2.19 9.83
CA ALA A 43 7.09 -2.30 8.39
C ALA A 43 5.76 -2.71 7.75
N LEU A 44 5.53 -2.25 6.53
CA LEU A 44 4.31 -2.56 5.81
C LEU A 44 4.60 -3.05 4.40
N GLU A 45 3.72 -3.88 3.86
CA GLU A 45 3.90 -4.41 2.50
C GLU A 45 2.85 -3.84 1.56
N THR A 46 2.93 -4.24 0.29
CA THR A 46 1.98 -3.77 -0.72
C THR A 46 0.55 -4.02 -0.27
N GLY A 47 -0.30 -2.99 -0.43
CA GLY A 47 -1.69 -3.12 -0.04
C GLY A 47 -2.35 -1.78 0.19
N VAL A 48 -3.67 -1.73 0.03
CA VAL A 48 -4.42 -0.51 0.22
C VAL A 48 -4.61 -0.18 1.71
N MET A 49 -4.69 1.10 2.03
CA MET A 49 -4.87 1.54 3.40
C MET A 49 -6.21 2.23 3.58
N ARG A 50 -6.94 1.83 4.62
CA ARG A 50 -8.25 2.42 4.91
C ARG A 50 -8.17 3.36 6.09
N VAL A 51 -8.47 4.63 5.85
CA VAL A 51 -8.43 5.65 6.90
C VAL A 51 -9.83 5.95 7.42
N ARG A 52 -9.92 6.21 8.72
CA ARG A 52 -11.21 6.51 9.35
C ARG A 52 -11.10 7.73 10.26
N GLN A 53 -11.73 8.83 9.85
CA GLN A 53 -11.69 10.06 10.63
C GLN A 53 -12.80 10.06 11.68
N ASP A 54 -14.04 10.28 11.24
CA ASP A 54 -15.18 10.30 12.14
C ASP A 54 -16.47 10.54 11.36
N ARG A 55 -16.54 10.02 10.15
CA ARG A 55 -17.73 10.17 9.31
C ARG A 55 -17.54 9.45 7.98
N GLU A 56 -16.39 9.67 7.34
CA GLU A 56 -16.10 9.04 6.06
C GLU A 56 -14.80 8.23 6.12
N TRP A 57 -14.44 7.60 5.02
CA TRP A 57 -13.22 6.81 4.95
C TRP A 57 -12.44 7.11 3.68
N VAL A 58 -11.12 6.93 3.75
CA VAL A 58 -10.26 7.19 2.60
C VAL A 58 -9.56 5.90 2.15
N ALA A 59 -9.29 5.81 0.85
CA ALA A 59 -8.63 4.65 0.29
C ALA A 59 -7.41 5.05 -0.54
N ILE A 60 -6.23 4.69 -0.03
CA ILE A 60 -4.99 5.02 -0.72
C ILE A 60 -4.11 3.78 -0.89
N ALA A 61 -3.77 3.46 -2.13
CA ALA A 61 -2.94 2.30 -2.42
C ALA A 61 -1.48 2.57 -2.04
N LEU A 62 -1.02 1.91 -0.99
CA LEU A 62 0.36 2.07 -0.52
C LEU A 62 1.16 0.81 -0.76
N MET A 63 2.05 0.85 -1.74
CA MET A 63 2.89 -0.30 -2.07
C MET A 63 3.91 -0.56 -0.97
N GLY A 64 4.89 -1.41 -1.25
CA GLY A 64 5.91 -1.73 -0.27
C GLY A 64 6.54 -0.49 0.33
N GLY A 65 6.71 -0.49 1.64
CA GLY A 65 7.31 0.65 2.32
C GLY A 65 7.39 0.46 3.82
N PHE A 66 7.62 1.55 4.54
CA PHE A 66 7.73 1.50 6.00
C PHE A 66 6.66 2.38 6.64
N ALA A 67 6.61 2.34 7.97
CA ALA A 67 5.64 3.13 8.72
C ALA A 67 6.04 3.24 10.19
N GLU A 68 5.90 4.45 10.74
CA GLU A 68 6.25 4.69 12.14
C GLU A 68 5.30 5.71 12.77
N VAL A 69 4.56 5.27 13.78
CA VAL A 69 3.61 6.14 14.47
C VAL A 69 4.15 6.54 15.84
N GLU A 70 3.82 7.76 16.26
CA GLU A 70 4.26 8.26 17.55
C GLU A 70 3.62 9.61 17.87
N ASN A 71 2.91 9.68 18.99
CA ASN A 71 2.25 10.90 19.40
C ASN A 71 1.42 11.49 18.25
N ASN A 72 0.55 10.66 17.68
CA ASN A 72 -0.29 11.09 16.56
C ASN A 72 0.55 11.56 15.38
N GLU A 73 1.68 10.88 15.16
CA GLU A 73 2.57 11.22 14.07
C GLU A 73 3.00 9.98 13.31
N VAL A 74 2.34 9.71 12.19
CA VAL A 74 2.66 8.54 11.37
C VAL A 74 3.52 8.93 10.17
N THR A 75 4.60 8.19 9.97
CA THR A 75 5.51 8.46 8.86
C THR A 75 5.66 7.24 7.97
N ILE A 76 5.03 7.26 6.81
CA ILE A 76 5.10 6.14 5.87
C ILE A 76 6.12 6.42 4.77
N LEU A 77 6.94 5.42 4.47
CA LEU A 77 7.96 5.55 3.43
C LEU A 77 7.75 4.51 2.33
N VAL A 78 6.73 4.74 1.51
CA VAL A 78 6.42 3.83 0.41
C VAL A 78 7.04 4.32 -0.90
N ASN A 79 7.49 3.39 -1.74
CA ASN A 79 8.10 3.72 -3.01
C ASN A 79 7.06 4.34 -3.96
N GLY A 80 5.93 3.66 -4.10
CA GLY A 80 4.89 4.16 -4.98
C GLY A 80 3.51 4.07 -4.34
N ALA A 81 2.80 5.19 -4.32
CA ALA A 81 1.47 5.25 -3.73
C ALA A 81 0.45 5.81 -4.72
N GLU A 82 -0.81 5.49 -4.51
CA GLU A 82 -1.89 5.97 -5.38
C GLU A 82 -3.08 6.46 -4.58
N ARG A 83 -3.69 7.54 -5.03
CA ARG A 83 -4.85 8.11 -4.35
C ARG A 83 -6.15 7.57 -4.95
N GLY A 84 -6.07 6.42 -5.61
CA GLY A 84 -7.25 5.82 -6.22
C GLY A 84 -7.48 6.31 -7.63
N ASP A 85 -6.76 7.38 -8.01
CA ASP A 85 -6.90 7.94 -9.35
C ASP A 85 -5.84 7.36 -10.29
N THR A 86 -5.57 6.07 -10.15
CA THR A 86 -4.59 5.41 -10.98
C THR A 86 -5.14 4.14 -11.60
N ILE A 87 -6.47 3.98 -11.52
CA ILE A 87 -7.13 2.81 -12.08
C ILE A 87 -6.94 2.74 -13.59
N ASP A 88 -6.32 1.66 -14.05
CA ASP A 88 -6.09 1.47 -15.48
C ASP A 88 -6.18 -0.01 -15.85
N LEU A 89 -7.16 -0.35 -16.67
CA LEU A 89 -7.36 -1.72 -17.10
C LEU A 89 -6.08 -2.30 -17.68
N GLU A 90 -5.48 -1.58 -18.62
CA GLU A 90 -4.24 -2.02 -19.24
C GLU A 90 -3.15 -2.27 -18.20
N LYS A 91 -3.12 -1.43 -17.17
CA LYS A 91 -2.14 -1.57 -16.10
C LYS A 91 -2.22 -2.94 -15.46
N ALA A 92 -3.43 -3.32 -15.03
CA ALA A 92 -3.64 -4.62 -14.40
C ALA A 92 -3.20 -5.75 -15.32
N LYS A 93 -3.66 -5.72 -16.56
CA LYS A 93 -3.31 -6.74 -17.53
C LYS A 93 -1.80 -6.80 -17.75
N ALA A 94 -1.15 -5.65 -17.66
CA ALA A 94 0.30 -5.57 -17.85
C ALA A 94 1.03 -6.12 -16.63
N GLU A 95 0.51 -5.84 -15.45
CA GLU A 95 1.12 -6.32 -14.21
C GLU A 95 1.09 -7.84 -14.13
N PHE A 96 -0.10 -8.41 -14.34
CA PHE A 96 -0.27 -9.86 -14.29
C PHE A 96 0.66 -10.55 -15.29
N ALA A 97 0.59 -10.11 -16.54
CA ALA A 97 1.42 -10.68 -17.60
C ALA A 97 2.91 -10.47 -17.30
N ALA A 98 3.24 -9.33 -16.72
CA ALA A 98 4.61 -9.01 -16.38
C ALA A 98 5.14 -9.93 -15.29
N ALA A 99 4.30 -10.19 -14.29
CA ALA A 99 4.68 -11.07 -13.18
C ALA A 99 4.83 -12.51 -13.64
N GLN A 100 3.83 -13.00 -14.35
CA GLN A 100 3.86 -14.38 -14.85
C GLN A 100 5.15 -14.65 -15.62
N ALA A 101 5.49 -13.76 -16.54
CA ALA A 101 6.70 -13.90 -17.34
C ALA A 101 7.95 -13.64 -16.50
N ALA A 102 7.83 -12.71 -15.55
CA ALA A 102 8.95 -12.37 -14.69
C ALA A 102 9.40 -13.57 -13.87
N LEU A 103 8.44 -14.24 -13.25
CA LEU A 103 8.74 -15.41 -12.42
C LEU A 103 9.35 -16.52 -13.26
N ALA A 104 8.64 -16.92 -14.31
CA ALA A 104 9.11 -17.98 -15.21
C ALA A 104 10.49 -17.63 -15.77
N GLN A 105 10.72 -16.36 -16.03
CA GLN A 105 11.99 -15.90 -16.58
C GLN A 105 13.10 -16.00 -15.52
N ALA A 106 12.79 -15.52 -14.31
CA ALA A 106 13.75 -15.56 -13.22
C ALA A 106 14.37 -16.95 -13.07
N GLU A 107 13.54 -17.97 -13.20
CA GLU A 107 13.99 -19.35 -13.08
C GLU A 107 14.61 -19.85 -14.38
N GLN A 108 14.23 -19.21 -15.49
CA GLN A 108 14.74 -19.58 -16.80
C GLN A 108 16.09 -18.94 -17.05
N GLY A 109 16.58 -18.19 -16.07
CA GLY A 109 17.87 -17.54 -16.21
C GLY A 109 17.76 -16.03 -16.20
N GLU A 110 17.01 -15.49 -15.25
CA GLU A 110 16.82 -14.05 -15.14
C GLU A 110 16.92 -13.60 -13.69
N SER A 111 16.53 -12.36 -13.43
CA SER A 111 16.59 -11.79 -12.09
C SER A 111 15.60 -12.51 -11.17
N LYS A 112 16.08 -13.53 -10.46
CA LYS A 112 15.23 -14.28 -9.55
C LYS A 112 15.49 -13.86 -8.10
N GLN A 113 15.70 -12.57 -7.88
CA GLN A 113 15.96 -12.05 -6.55
C GLN A 113 14.92 -12.54 -5.56
N ALA A 114 13.67 -12.12 -5.75
CA ALA A 114 12.58 -12.52 -4.87
C ALA A 114 11.41 -13.08 -5.68
N LYS A 115 11.18 -14.38 -5.54
CA LYS A 115 10.08 -15.04 -6.25
C LYS A 115 8.73 -14.64 -5.67
N ILE A 116 8.62 -14.69 -4.35
CA ILE A 116 7.38 -14.33 -3.67
C ILE A 116 7.18 -12.82 -3.67
N GLN A 117 8.20 -12.09 -3.22
CA GLN A 117 8.13 -10.64 -3.17
C GLN A 117 7.73 -10.07 -4.51
N ALA A 118 8.13 -10.73 -5.59
CA ALA A 118 7.80 -10.28 -6.94
C ALA A 118 6.38 -10.69 -7.31
N THR A 119 6.08 -11.97 -7.18
CA THR A 119 4.76 -12.50 -7.50
C THR A 119 3.66 -11.73 -6.77
N GLN A 120 3.93 -11.41 -5.50
CA GLN A 120 2.97 -10.68 -4.68
C GLN A 120 2.97 -9.20 -5.04
N ALA A 121 4.14 -8.68 -5.38
CA ALA A 121 4.28 -7.26 -5.74
C ALA A 121 3.36 -6.91 -6.92
N PHE A 122 3.45 -7.70 -7.98
CA PHE A 122 2.62 -7.47 -9.16
C PHE A 122 1.15 -7.75 -8.87
N ARG A 123 0.89 -8.87 -8.23
CA ARG A 123 -0.48 -9.25 -7.89
C ARG A 123 -1.17 -8.15 -7.10
N ARG A 124 -0.52 -7.69 -6.04
CA ARG A 124 -1.07 -6.64 -5.19
C ARG A 124 -1.27 -5.35 -5.98
N ALA A 125 -0.22 -4.93 -6.69
CA ALA A 125 -0.28 -3.72 -7.49
C ALA A 125 -1.43 -3.77 -8.49
N ARG A 126 -1.69 -4.96 -9.01
CA ARG A 126 -2.76 -5.16 -9.99
C ARG A 126 -4.12 -5.12 -9.30
N ALA A 127 -4.24 -5.86 -8.20
CA ALA A 127 -5.49 -5.92 -7.46
C ALA A 127 -5.91 -4.53 -6.98
N ARG A 128 -4.97 -3.82 -6.36
CA ARG A 128 -5.25 -2.48 -5.85
C ARG A 128 -5.56 -1.52 -6.99
N LEU A 129 -4.85 -1.70 -8.12
CA LEU A 129 -5.04 -0.85 -9.28
C LEU A 129 -6.52 -0.78 -9.66
N GLN A 130 -7.12 -1.93 -9.92
CA GLN A 130 -8.53 -2.00 -10.29
C GLN A 130 -9.43 -1.77 -9.08
N ALA A 131 -8.97 -2.21 -7.92
CA ALA A 131 -9.73 -2.05 -6.68
C ALA A 131 -9.92 -0.58 -6.34
N ALA A 132 -9.05 0.27 -6.89
CA ALA A 132 -9.12 1.70 -6.64
C ALA A 132 -10.36 2.31 -7.30
N GLY A 133 -10.99 1.55 -8.19
CA GLY A 133 -12.18 2.03 -8.87
C GLY A 133 -12.07 1.92 -10.37
N GLY A 134 -11.47 0.83 -10.84
CA GLY A 134 -11.31 0.64 -12.28
C GLY A 134 -12.35 -0.29 -12.85
N VAL A 135 -12.77 -1.27 -12.05
CA VAL A 135 -13.78 -2.23 -12.49
C VAL A 135 -14.70 -2.63 -11.34
N VAL A 136 -15.95 -2.18 -11.42
CA VAL A 136 -16.93 -2.48 -10.38
C VAL A 136 -17.94 -3.51 -10.86
N GLU A 137 -18.21 -3.50 -12.17
CA GLU A 137 -19.15 -4.43 -12.77
C GLU A 137 -18.82 -4.69 -14.22
N ILE A 138 -18.51 -5.95 -14.54
CA ILE A 138 -18.18 -6.33 -15.91
C ILE A 138 -19.39 -6.23 -16.83
N MET A 1 -5.85 12.81 21.63
CA MET A 1 -6.93 12.76 20.66
C MET A 1 -6.50 13.37 19.33
N VAL A 2 -7.24 13.07 18.27
CA VAL A 2 -6.92 13.58 16.95
C VAL A 2 -5.60 13.04 16.45
N MET A 3 -5.64 12.16 15.45
CA MET A 3 -4.44 11.57 14.89
C MET A 3 -4.13 12.17 13.53
N THR A 4 -2.88 12.01 13.09
CA THR A 4 -2.45 12.55 11.80
C THR A 4 -1.46 11.61 11.12
N VAL A 5 -1.95 10.83 10.15
CA VAL A 5 -1.11 9.90 9.43
C VAL A 5 -0.66 10.49 8.10
N ARG A 6 0.62 10.83 8.01
CA ARG A 6 1.17 11.42 6.79
C ARG A 6 1.87 10.35 5.96
N VAL A 7 1.78 10.48 4.64
CA VAL A 7 2.39 9.52 3.73
C VAL A 7 3.68 10.10 3.13
N ILE A 8 4.71 9.26 3.05
CA ILE A 8 5.99 9.67 2.50
C ILE A 8 6.63 8.56 1.68
N ALA A 9 7.36 8.94 0.64
CA ALA A 9 8.03 7.98 -0.22
C ALA A 9 9.53 8.20 -0.23
N PRO A 10 10.28 7.16 -0.64
CA PRO A 10 11.74 7.21 -0.71
C PRO A 10 12.25 8.14 -1.82
N ASP A 11 11.32 8.62 -2.63
CA ASP A 11 11.67 9.52 -3.74
C ASP A 11 11.24 10.94 -3.43
N LYS A 12 10.30 11.08 -2.50
CA LYS A 12 9.79 12.39 -2.11
C LYS A 12 8.67 12.27 -1.08
N THR A 13 7.99 13.37 -0.81
CA THR A 13 6.90 13.39 0.16
C THR A 13 5.55 13.39 -0.54
N VAL A 14 4.60 12.65 0.02
CA VAL A 14 3.25 12.57 -0.55
C VAL A 14 2.36 13.68 -0.01
N TRP A 15 1.93 13.52 1.23
CA TRP A 15 1.08 14.52 1.87
C TRP A 15 0.70 14.08 3.30
N ASP A 16 -0.24 14.79 3.89
CA ASP A 16 -0.68 14.48 5.25
C ASP A 16 -2.14 14.02 5.25
N ALA A 17 -2.37 12.84 5.83
CA ALA A 17 -3.72 12.28 5.90
C ALA A 17 -4.26 12.31 7.33
N PRO A 18 -4.78 13.48 7.73
CA PRO A 18 -5.33 13.67 9.08
C PRO A 18 -6.63 12.91 9.29
N ALA A 19 -6.79 12.31 10.47
CA ALA A 19 -7.99 11.55 10.79
C ALA A 19 -7.94 11.01 12.21
N GLU A 20 -9.07 10.54 12.71
CA GLU A 20 -9.15 10.00 14.05
C GLU A 20 -8.35 8.70 14.17
N GLU A 21 -8.85 7.65 13.55
CA GLU A 21 -8.18 6.35 13.57
C GLU A 21 -7.99 5.80 12.16
N VAL A 22 -6.94 5.00 11.98
CA VAL A 22 -6.65 4.41 10.67
C VAL A 22 -6.51 2.90 10.78
N ILE A 23 -7.23 2.18 9.92
CA ILE A 23 -7.19 0.73 9.92
C ILE A 23 -6.70 0.20 8.58
N LEU A 24 -5.77 -0.75 8.63
CA LEU A 24 -5.21 -1.34 7.42
C LEU A 24 -4.52 -2.67 7.72
N PRO A 25 -4.33 -3.49 6.67
CA PRO A 25 -3.67 -4.79 6.81
C PRO A 25 -2.18 -4.67 7.11
N SER A 26 -1.72 -5.40 8.12
CA SER A 26 -0.32 -5.36 8.50
C SER A 26 0.26 -6.77 8.61
N THR A 27 1.46 -6.89 9.15
CA THR A 27 2.11 -8.17 9.30
C THR A 27 1.19 -9.19 9.94
N THR A 28 0.73 -8.89 11.15
CA THR A 28 -0.17 -9.78 11.88
C THR A 28 -1.50 -9.93 11.15
N GLY A 29 -1.76 -9.04 10.20
CA GLY A 29 -2.99 -9.10 9.44
C GLY A 29 -3.88 -7.89 9.69
N GLN A 30 -4.03 -7.52 10.95
CA GLN A 30 -4.86 -6.38 11.33
C GLN A 30 -4.04 -5.34 12.08
N LEU A 31 -4.22 -4.08 11.72
CA LEU A 31 -3.50 -2.98 12.36
C LEU A 31 -4.42 -1.78 12.58
N GLY A 32 -4.21 -1.08 13.69
CA GLY A 32 -5.03 0.08 13.99
C GLY A 32 -4.29 1.09 14.86
N ILE A 33 -4.09 2.30 14.33
CA ILE A 33 -3.41 3.35 15.06
C ILE A 33 -4.36 4.48 15.43
N LEU A 34 -4.23 4.98 16.64
CA LEU A 34 -5.09 6.07 17.12
C LEU A 34 -4.24 7.19 17.72
N SER A 35 -4.92 8.27 18.14
CA SER A 35 -4.23 9.41 18.73
C SER A 35 -3.64 9.04 20.10
N ASN A 36 -4.44 8.36 20.91
CA ASN A 36 -3.99 7.94 22.24
C ASN A 36 -2.80 6.99 22.14
N HIS A 37 -2.60 6.42 20.96
CA HIS A 37 -1.50 5.49 20.73
C HIS A 37 -0.19 6.07 21.24
N ALA A 38 0.78 5.20 21.49
CA ALA A 38 2.08 5.62 21.99
C ALA A 38 3.12 5.64 20.86
N PRO A 39 4.25 6.32 21.11
CA PRO A 39 5.33 6.44 20.14
C PRO A 39 6.07 5.11 19.93
N LEU A 40 5.81 4.48 18.79
CA LEU A 40 6.44 3.21 18.46
C LEU A 40 6.61 3.05 16.96
N LEU A 41 7.64 2.29 16.55
CA LEU A 41 7.91 2.07 15.14
C LEU A 41 7.36 0.71 14.69
N THR A 42 6.88 0.65 13.46
CA THR A 42 6.33 -0.58 12.91
C THR A 42 6.57 -0.68 11.41
N ALA A 43 6.24 -1.82 10.83
CA ALA A 43 6.42 -2.03 9.40
C ALA A 43 5.08 -2.32 8.71
N LEU A 44 5.05 -2.13 7.40
CA LEU A 44 3.83 -2.37 6.63
C LEU A 44 4.16 -3.02 5.29
N GLU A 45 3.21 -3.79 4.77
CA GLU A 45 3.40 -4.48 3.50
C GLU A 45 2.50 -3.88 2.42
N THR A 46 2.59 -4.43 1.21
CA THR A 46 1.77 -3.95 0.09
C THR A 46 0.29 -4.06 0.41
N GLY A 47 -0.50 -3.16 -0.17
CA GLY A 47 -1.93 -3.17 0.05
C GLY A 47 -2.50 -1.79 0.27
N VAL A 48 -3.82 -1.67 0.17
CA VAL A 48 -4.49 -0.39 0.35
C VAL A 48 -4.82 -0.15 1.82
N MET A 49 -4.88 1.12 2.20
CA MET A 49 -5.18 1.50 3.58
C MET A 49 -6.50 2.26 3.66
N ARG A 50 -7.15 2.19 4.82
CA ARG A 50 -8.42 2.87 5.03
C ARG A 50 -8.29 3.92 6.12
N VAL A 51 -8.74 5.14 5.81
CA VAL A 51 -8.69 6.23 6.77
C VAL A 51 -10.05 6.50 7.40
N ARG A 52 -10.06 6.76 8.70
CA ARG A 52 -11.30 7.02 9.41
C ARG A 52 -11.26 8.38 10.10
N GLN A 53 -11.89 9.37 9.48
CA GLN A 53 -11.92 10.73 10.03
C GLN A 53 -13.07 10.89 11.02
N ASP A 54 -14.24 10.38 10.65
CA ASP A 54 -15.41 10.47 11.51
C ASP A 54 -16.57 9.66 10.92
N ARG A 55 -17.17 10.19 9.86
CA ARG A 55 -18.29 9.53 9.20
C ARG A 55 -17.90 9.02 7.82
N GLU A 56 -16.90 9.68 7.21
CA GLU A 56 -16.44 9.30 5.89
C GLU A 56 -15.14 8.50 5.98
N TRP A 57 -14.77 7.86 4.88
CA TRP A 57 -13.55 7.05 4.84
C TRP A 57 -12.76 7.32 3.56
N VAL A 58 -11.46 7.09 3.62
CA VAL A 58 -10.59 7.31 2.46
C VAL A 58 -9.76 6.07 2.15
N ALA A 59 -9.45 5.88 0.88
CA ALA A 59 -8.65 4.74 0.45
C ALA A 59 -7.42 5.17 -0.33
N ILE A 60 -6.27 4.66 0.05
CA ILE A 60 -5.01 5.00 -0.61
C ILE A 60 -4.11 3.78 -0.73
N ALA A 61 -3.80 3.40 -1.97
CA ALA A 61 -2.94 2.25 -2.21
C ALA A 61 -1.49 2.55 -1.80
N LEU A 62 -0.82 1.54 -1.25
CA LEU A 62 0.56 1.69 -0.81
C LEU A 62 1.30 0.36 -0.88
N MET A 63 2.55 0.42 -1.31
CA MET A 63 3.38 -0.79 -1.42
C MET A 63 4.24 -0.97 -0.18
N GLY A 64 5.17 -1.91 -0.24
CA GLY A 64 6.05 -2.17 0.89
C GLY A 64 6.71 -0.91 1.41
N GLY A 65 6.81 -0.80 2.72
CA GLY A 65 7.44 0.37 3.32
C GLY A 65 7.48 0.30 4.84
N PHE A 66 7.79 1.41 5.47
CA PHE A 66 7.87 1.47 6.93
C PHE A 66 6.81 2.43 7.49
N ALA A 67 6.72 2.48 8.82
CA ALA A 67 5.75 3.36 9.47
C ALA A 67 6.16 3.62 10.91
N GLU A 68 6.09 4.88 11.33
CA GLU A 68 6.45 5.27 12.68
C GLU A 68 5.46 6.28 13.24
N VAL A 69 4.70 5.88 14.27
CA VAL A 69 3.72 6.76 14.89
C VAL A 69 4.21 7.24 16.25
N GLU A 70 3.84 8.47 16.60
CA GLU A 70 4.24 9.04 17.88
C GLU A 70 3.54 10.38 18.10
N ASN A 71 2.80 10.49 19.20
CA ASN A 71 2.08 11.71 19.53
C ASN A 71 1.26 12.20 18.34
N ASN A 72 0.42 11.33 17.81
CA ASN A 72 -0.42 11.67 16.67
C ASN A 72 0.42 12.09 15.47
N GLU A 73 1.58 11.46 15.33
CA GLU A 73 2.50 11.77 14.23
C GLU A 73 2.99 10.49 13.57
N VAL A 74 2.32 10.10 12.48
CA VAL A 74 2.70 8.90 11.75
C VAL A 74 3.49 9.24 10.49
N THR A 75 4.51 8.44 10.19
CA THR A 75 5.34 8.65 9.02
C THR A 75 5.54 7.36 8.24
N ILE A 76 4.84 7.24 7.12
CA ILE A 76 4.94 6.05 6.28
C ILE A 76 5.98 6.25 5.18
N LEU A 77 6.81 5.23 4.99
CA LEU A 77 7.85 5.28 3.97
C LEU A 77 7.67 4.16 2.94
N VAL A 78 6.65 4.31 2.10
CA VAL A 78 6.37 3.32 1.06
C VAL A 78 6.99 3.73 -0.27
N ASN A 79 7.45 2.74 -1.03
CA ASN A 79 8.07 2.98 -2.33
C ASN A 79 7.09 3.65 -3.27
N GLY A 80 5.86 3.16 -3.29
CA GLY A 80 4.84 3.73 -4.17
C GLY A 80 3.47 3.75 -3.52
N ALA A 81 2.59 4.59 -4.04
CA ALA A 81 1.24 4.71 -3.50
C ALA A 81 0.30 5.39 -4.52
N GLU A 82 -1.00 5.25 -4.29
CA GLU A 82 -2.00 5.84 -5.17
C GLU A 82 -3.18 6.39 -4.38
N ARG A 83 -3.70 7.53 -4.83
CA ARG A 83 -4.83 8.16 -4.15
C ARG A 83 -6.14 7.74 -4.82
N GLY A 84 -6.13 6.61 -5.50
CA GLY A 84 -7.33 6.13 -6.16
C GLY A 84 -7.42 6.61 -7.60
N ASP A 85 -6.66 7.65 -7.93
CA ASP A 85 -6.65 8.20 -9.28
C ASP A 85 -5.53 7.59 -10.11
N THR A 86 -5.30 6.30 -9.93
CA THR A 86 -4.24 5.61 -10.67
C THR A 86 -4.79 4.34 -11.33
N ILE A 87 -6.10 4.23 -11.38
CA ILE A 87 -6.74 3.06 -11.99
C ILE A 87 -6.48 3.02 -13.49
N ASP A 88 -5.84 1.95 -13.94
CA ASP A 88 -5.52 1.78 -15.36
C ASP A 88 -5.59 0.31 -15.76
N LEU A 89 -6.37 0.02 -16.79
CA LEU A 89 -6.53 -1.34 -17.28
C LEU A 89 -5.27 -1.82 -17.98
N GLU A 90 -4.56 -0.89 -18.61
CA GLU A 90 -3.33 -1.21 -19.32
C GLU A 90 -2.20 -1.53 -18.35
N LYS A 91 -2.27 -0.94 -17.17
CA LYS A 91 -1.26 -1.16 -16.14
C LYS A 91 -1.37 -2.57 -15.56
N ALA A 92 -2.60 -3.01 -15.33
CA ALA A 92 -2.85 -4.34 -14.78
C ALA A 92 -2.46 -5.42 -15.77
N LYS A 93 -2.92 -5.28 -17.01
CA LYS A 93 -2.63 -6.25 -18.06
C LYS A 93 -1.13 -6.27 -18.36
N ALA A 94 -0.49 -5.12 -18.23
CA ALA A 94 0.94 -5.00 -18.49
C ALA A 94 1.76 -5.54 -17.31
N GLU A 95 1.21 -5.42 -16.12
CA GLU A 95 1.88 -5.90 -14.91
C GLU A 95 1.93 -7.42 -14.88
N PHE A 96 0.77 -8.05 -15.06
CA PHE A 96 0.67 -9.50 -15.06
C PHE A 96 1.37 -10.10 -16.27
N ALA A 97 1.32 -9.38 -17.39
CA ALA A 97 1.96 -9.83 -18.63
C ALA A 97 3.48 -9.91 -18.47
N ALA A 98 4.07 -8.85 -17.92
CA ALA A 98 5.50 -8.79 -17.72
C ALA A 98 5.94 -9.68 -16.57
N ALA A 99 5.10 -9.75 -15.53
CA ALA A 99 5.40 -10.57 -14.36
C ALA A 99 5.33 -12.06 -14.71
N GLN A 100 4.25 -12.46 -15.36
CA GLN A 100 4.07 -13.86 -15.75
C GLN A 100 5.24 -14.34 -16.60
N ALA A 101 5.51 -13.61 -17.69
CA ALA A 101 6.59 -13.96 -18.59
C ALA A 101 7.94 -13.93 -17.87
N ALA A 102 8.08 -13.00 -16.93
CA ALA A 102 9.31 -12.86 -16.17
C ALA A 102 9.54 -14.07 -15.27
N LEU A 103 8.49 -14.49 -14.57
CA LEU A 103 8.58 -15.64 -13.67
C LEU A 103 9.11 -16.86 -14.40
N ALA A 104 8.43 -17.24 -15.48
CA ALA A 104 8.82 -18.39 -16.27
C ALA A 104 10.24 -18.23 -16.81
N GLN A 105 10.53 -17.05 -17.36
CA GLN A 105 11.85 -16.76 -17.91
C GLN A 105 12.94 -16.97 -16.85
N ALA A 106 12.71 -16.43 -15.66
CA ALA A 106 13.66 -16.55 -14.57
C ALA A 106 14.08 -18.01 -14.36
N GLU A 107 13.08 -18.89 -14.26
CA GLU A 107 13.35 -20.31 -14.06
C GLU A 107 13.86 -20.95 -15.34
N GLN A 108 13.57 -20.33 -16.47
CA GLN A 108 14.00 -20.84 -17.77
C GLN A 108 15.45 -20.45 -18.05
N GLY A 109 16.06 -19.73 -17.10
CA GLY A 109 17.44 -19.31 -17.27
C GLY A 109 17.58 -17.80 -17.35
N GLU A 110 16.92 -17.10 -16.43
CA GLU A 110 16.98 -15.65 -16.41
C GLU A 110 17.10 -15.13 -14.97
N SER A 111 16.90 -13.83 -14.80
CA SER A 111 17.00 -13.21 -13.49
C SER A 111 15.91 -13.74 -12.56
N LYS A 112 16.23 -14.80 -11.82
CA LYS A 112 15.28 -15.40 -10.89
C LYS A 112 15.59 -14.99 -9.46
N GLN A 113 15.98 -13.74 -9.28
CA GLN A 113 16.31 -13.23 -7.95
C GLN A 113 15.23 -13.61 -6.94
N ALA A 114 14.00 -13.17 -7.19
CA ALA A 114 12.88 -13.47 -6.30
C ALA A 114 11.59 -13.65 -7.09
N LYS A 115 11.09 -14.88 -7.13
CA LYS A 115 9.87 -15.20 -7.85
C LYS A 115 8.66 -14.64 -7.11
N ILE A 116 8.64 -14.79 -5.79
CA ILE A 116 7.53 -14.29 -4.98
C ILE A 116 7.42 -12.78 -5.08
N GLN A 117 8.54 -12.10 -4.93
CA GLN A 117 8.57 -10.64 -5.00
C GLN A 117 7.93 -10.14 -6.29
N ALA A 118 8.11 -10.91 -7.37
CA ALA A 118 7.56 -10.56 -8.66
C ALA A 118 6.08 -10.93 -8.75
N THR A 119 5.76 -12.19 -8.44
CA THR A 119 4.39 -12.66 -8.48
C THR A 119 3.48 -11.79 -7.62
N GLN A 120 3.99 -11.38 -6.47
CA GLN A 120 3.22 -10.55 -5.55
C GLN A 120 3.20 -9.09 -6.02
N ALA A 121 4.31 -8.66 -6.62
CA ALA A 121 4.43 -7.29 -7.12
C ALA A 121 3.32 -6.97 -8.11
N PHE A 122 3.15 -7.82 -9.11
CA PHE A 122 2.13 -7.62 -10.12
C PHE A 122 0.74 -7.94 -9.56
N ARG A 123 0.68 -8.90 -8.64
CA ARG A 123 -0.57 -9.30 -8.03
C ARG A 123 -1.18 -8.14 -7.23
N ARG A 124 -0.37 -7.56 -6.35
CA ARG A 124 -0.83 -6.46 -5.51
C ARG A 124 -1.01 -5.19 -6.35
N ALA A 125 -0.10 -4.97 -7.29
CA ALA A 125 -0.17 -3.81 -8.16
C ALA A 125 -1.46 -3.78 -8.96
N ARG A 126 -1.84 -4.93 -9.52
CA ARG A 126 -3.06 -5.02 -10.30
C ARG A 126 -4.30 -5.01 -9.40
N ALA A 127 -4.22 -5.75 -8.30
CA ALA A 127 -5.33 -5.82 -7.35
C ALA A 127 -5.70 -4.43 -6.84
N ARG A 128 -4.70 -3.66 -6.42
CA ARG A 128 -4.93 -2.32 -5.91
C ARG A 128 -5.25 -1.35 -7.05
N LEU A 129 -4.62 -1.58 -8.20
CA LEU A 129 -4.84 -0.73 -9.37
C LEU A 129 -6.33 -0.57 -9.66
N GLN A 130 -7.01 -1.70 -9.86
CA GLN A 130 -8.44 -1.70 -10.14
C GLN A 130 -9.25 -1.38 -8.88
N ALA A 131 -8.78 -1.89 -7.75
CA ALA A 131 -9.46 -1.65 -6.48
C ALA A 131 -9.53 -0.17 -6.16
N ALA A 132 -8.63 0.61 -6.76
CA ALA A 132 -8.60 2.05 -6.54
C ALA A 132 -9.83 2.73 -7.13
N GLY A 133 -10.54 2.01 -7.99
CA GLY A 133 -11.73 2.56 -8.61
C GLY A 133 -11.71 2.45 -10.12
N GLY A 134 -11.20 1.32 -10.61
CA GLY A 134 -11.13 1.12 -12.05
C GLY A 134 -12.26 0.26 -12.58
N VAL A 135 -12.71 -0.69 -11.77
CA VAL A 135 -13.80 -1.58 -12.14
C VAL A 135 -14.17 -2.52 -11.01
N VAL A 136 -15.47 -2.71 -10.80
CA VAL A 136 -15.97 -3.58 -9.74
C VAL A 136 -16.88 -4.66 -10.30
N GLU A 137 -16.71 -5.88 -9.82
CA GLU A 137 -17.52 -7.00 -10.27
C GLU A 137 -17.26 -8.25 -9.42
N ILE A 138 -18.25 -9.13 -9.34
CA ILE A 138 -18.12 -10.35 -8.57
C ILE A 138 -18.20 -11.58 -9.47
N MET A 1 -10.95 12.13 14.45
CA MET A 1 -9.87 13.01 14.02
C MET A 1 -9.05 13.47 15.23
N VAL A 2 -8.33 12.53 15.84
CA VAL A 2 -7.49 12.83 16.99
C VAL A 2 -6.01 12.72 16.65
N MET A 3 -5.68 11.80 15.75
CA MET A 3 -4.30 11.59 15.33
C MET A 3 -4.00 12.35 14.04
N THR A 4 -2.74 12.33 13.63
CA THR A 4 -2.33 13.02 12.41
C THR A 4 -1.45 12.12 11.55
N VAL A 5 -2.04 11.57 10.49
CA VAL A 5 -1.32 10.69 9.57
C VAL A 5 -0.74 11.48 8.40
N ARG A 6 0.53 11.22 8.09
CA ARG A 6 1.21 11.90 6.99
C ARG A 6 1.96 10.90 6.11
N VAL A 7 1.72 10.97 4.81
CA VAL A 7 2.38 10.08 3.87
C VAL A 7 3.57 10.75 3.20
N ILE A 8 4.62 9.98 2.94
CA ILE A 8 5.82 10.51 2.31
C ILE A 8 6.39 9.51 1.30
N ALA A 9 7.01 10.04 0.25
CA ALA A 9 7.59 9.19 -0.78
C ALA A 9 9.08 9.48 -0.93
N PRO A 10 9.81 8.52 -1.53
CA PRO A 10 11.26 8.65 -1.75
C PRO A 10 11.59 9.69 -2.80
N ASP A 11 10.57 10.21 -3.47
CA ASP A 11 10.76 11.22 -4.50
C ASP A 11 10.34 12.60 -4.00
N LYS A 12 9.49 12.60 -2.97
CA LYS A 12 9.00 13.86 -2.39
C LYS A 12 7.99 13.58 -1.28
N THR A 13 7.31 14.64 -0.83
CA THR A 13 6.32 14.51 0.22
C THR A 13 4.91 14.42 -0.36
N VAL A 14 4.09 13.57 0.25
CA VAL A 14 2.71 13.39 -0.20
C VAL A 14 1.78 14.43 0.43
N TRP A 15 1.56 14.29 1.73
CA TRP A 15 0.70 15.21 2.46
C TRP A 15 0.62 14.84 3.93
N ASP A 16 -0.22 15.56 4.68
CA ASP A 16 -0.38 15.30 6.11
C ASP A 16 -1.79 15.66 6.57
N ALA A 17 -2.68 14.68 6.53
CA ALA A 17 -4.07 14.90 6.94
C ALA A 17 -4.36 14.22 8.28
N PRO A 18 -5.40 14.70 8.97
CA PRO A 18 -5.80 14.15 10.28
C PRO A 18 -6.40 12.76 10.15
N ALA A 19 -6.69 12.14 11.29
CA ALA A 19 -7.29 10.80 11.31
C ALA A 19 -7.66 10.40 12.74
N GLU A 20 -8.31 9.24 12.86
CA GLU A 20 -8.73 8.74 14.16
C GLU A 20 -8.34 7.27 14.32
N GLU A 21 -8.49 6.51 13.25
CA GLU A 21 -8.15 5.08 13.28
C GLU A 21 -7.86 4.57 11.87
N VAL A 22 -6.75 3.85 11.72
CA VAL A 22 -6.36 3.29 10.44
C VAL A 22 -6.00 1.82 10.55
N ILE A 23 -6.58 1.01 9.68
CA ILE A 23 -6.32 -0.42 9.68
C ILE A 23 -5.84 -0.91 8.32
N LEU A 24 -4.80 -1.74 8.32
CA LEU A 24 -4.24 -2.27 7.08
C LEU A 24 -3.39 -3.50 7.36
N PRO A 25 -3.16 -4.31 6.31
CA PRO A 25 -2.35 -5.53 6.41
C PRO A 25 -0.88 -5.24 6.64
N SER A 26 -0.33 -5.81 7.71
CA SER A 26 1.09 -5.61 8.03
C SER A 26 1.81 -6.95 8.19
N THR A 27 3.03 -6.89 8.68
CA THR A 27 3.83 -8.10 8.88
C THR A 27 3.04 -9.17 9.62
N THR A 28 2.60 -8.83 10.83
CA THR A 28 1.82 -9.76 11.65
C THR A 28 0.48 -10.09 10.99
N GLY A 29 0.10 -9.28 10.01
CA GLY A 29 -1.15 -9.49 9.32
C GLY A 29 -2.15 -8.39 9.57
N GLN A 30 -2.29 -8.00 10.83
CA GLN A 30 -3.22 -6.93 11.20
C GLN A 30 -2.48 -5.78 11.88
N LEU A 31 -2.80 -4.56 11.44
CA LEU A 31 -2.17 -3.36 12.00
C LEU A 31 -3.20 -2.28 12.28
N GLY A 32 -3.06 -1.60 13.41
CA GLY A 32 -3.99 -0.55 13.77
C GLY A 32 -3.31 0.61 14.47
N ILE A 33 -3.31 1.78 13.83
CA ILE A 33 -2.69 2.96 14.40
C ILE A 33 -3.73 3.99 14.82
N LEU A 34 -3.65 4.44 16.06
CA LEU A 34 -4.59 5.42 16.58
C LEU A 34 -3.85 6.60 17.23
N SER A 35 -4.60 7.58 17.68
CA SER A 35 -4.03 8.76 18.32
C SER A 35 -3.40 8.40 19.67
N ASN A 36 -4.13 7.62 20.45
CA ASN A 36 -3.64 7.20 21.76
C ASN A 36 -2.42 6.30 21.63
N HIS A 37 -2.22 5.77 20.43
CA HIS A 37 -1.08 4.89 20.17
C HIS A 37 0.22 5.50 20.69
N ALA A 38 1.22 4.66 20.91
CA ALA A 38 2.51 5.12 21.41
C ALA A 38 3.51 5.28 20.27
N PRO A 39 4.62 5.99 20.55
CA PRO A 39 5.67 6.23 19.57
C PRO A 39 6.45 4.98 19.23
N LEU A 40 6.15 4.39 18.07
CA LEU A 40 6.83 3.17 17.64
C LEU A 40 6.89 3.10 16.11
N LEU A 41 8.01 2.62 15.60
CA LEU A 41 8.20 2.51 14.16
C LEU A 41 8.00 1.06 13.70
N THR A 42 7.45 0.90 12.50
CA THR A 42 7.21 -0.43 11.94
C THR A 42 7.34 -0.43 10.43
N ALA A 43 7.26 -1.61 9.83
CA ALA A 43 7.38 -1.74 8.38
C ALA A 43 6.07 -2.22 7.77
N LEU A 44 5.79 -1.77 6.55
CA LEU A 44 4.57 -2.17 5.86
C LEU A 44 4.86 -2.60 4.42
N GLU A 45 3.97 -3.41 3.86
CA GLU A 45 4.15 -3.90 2.50
C GLU A 45 3.14 -3.25 1.56
N THR A 46 3.22 -3.60 0.27
CA THR A 46 2.32 -3.06 -0.73
C THR A 46 0.87 -3.44 -0.43
N GLY A 47 -0.04 -2.51 -0.67
CA GLY A 47 -1.45 -2.76 -0.43
C GLY A 47 -2.24 -1.50 -0.16
N VAL A 48 -3.54 -1.64 0.04
CA VAL A 48 -4.41 -0.50 0.30
C VAL A 48 -4.63 -0.30 1.79
N MET A 49 -4.48 0.94 2.25
CA MET A 49 -4.67 1.26 3.66
C MET A 49 -5.98 2.00 3.89
N ARG A 50 -6.77 1.51 4.84
CA ARG A 50 -8.05 2.13 5.15
C ARG A 50 -7.91 3.16 6.27
N VAL A 51 -8.21 4.42 5.96
CA VAL A 51 -8.11 5.49 6.94
C VAL A 51 -9.49 5.94 7.41
N ARG A 52 -9.63 6.18 8.70
CA ARG A 52 -10.89 6.61 9.27
C ARG A 52 -10.74 7.93 10.02
N GLN A 53 -11.36 8.98 9.49
CA GLN A 53 -11.29 10.31 10.10
C GLN A 53 -12.37 10.47 11.17
N ASP A 54 -13.51 9.85 10.95
CA ASP A 54 -14.62 9.93 11.90
C ASP A 54 -15.81 9.10 11.42
N ARG A 55 -16.52 9.62 10.42
CA ARG A 55 -17.68 8.94 9.87
C ARG A 55 -17.38 8.40 8.47
N GLU A 56 -16.45 9.04 7.78
CA GLU A 56 -16.08 8.63 6.43
C GLU A 56 -14.82 7.76 6.46
N TRP A 57 -14.38 7.32 5.28
CA TRP A 57 -13.21 6.49 5.17
C TRP A 57 -12.43 6.80 3.89
N VAL A 58 -11.11 6.92 4.01
CA VAL A 58 -10.26 7.20 2.86
C VAL A 58 -9.38 6.02 2.51
N ALA A 59 -9.39 5.63 1.24
CA ALA A 59 -8.59 4.49 0.77
C ALA A 59 -7.41 4.97 -0.05
N ILE A 60 -6.21 4.74 0.45
CA ILE A 60 -4.99 5.14 -0.24
C ILE A 60 -4.12 3.93 -0.58
N ALA A 61 -4.11 3.56 -1.87
CA ALA A 61 -3.32 2.42 -2.32
C ALA A 61 -1.83 2.76 -2.32
N LEU A 62 -1.13 2.35 -1.26
CA LEU A 62 0.30 2.61 -1.14
C LEU A 62 1.10 1.32 -1.29
N MET A 63 2.14 1.36 -2.11
CA MET A 63 2.97 0.19 -2.33
C MET A 63 3.91 -0.03 -1.15
N GLY A 64 4.88 -0.93 -1.33
CA GLY A 64 5.82 -1.22 -0.26
C GLY A 64 6.47 0.03 0.30
N GLY A 65 6.63 0.06 1.63
CA GLY A 65 7.23 1.21 2.27
C GLY A 65 7.36 1.04 3.76
N PHE A 66 7.54 2.15 4.48
CA PHE A 66 7.68 2.11 5.93
C PHE A 66 6.58 2.92 6.61
N ALA A 67 6.57 2.90 7.94
CA ALA A 67 5.56 3.63 8.71
C ALA A 67 5.97 3.75 10.17
N GLU A 68 5.84 4.95 10.72
CA GLU A 68 6.20 5.19 12.11
C GLU A 68 5.26 6.21 12.74
N VAL A 69 4.54 5.78 13.78
CA VAL A 69 3.61 6.66 14.48
C VAL A 69 4.15 7.07 15.84
N GLU A 70 3.82 8.29 16.25
CA GLU A 70 4.28 8.81 17.54
C GLU A 70 3.61 10.15 17.85
N ASN A 71 2.92 10.20 18.98
CA ASN A 71 2.23 11.43 19.40
C ASN A 71 1.37 11.98 18.26
N ASN A 72 0.51 11.13 17.71
CA ASN A 72 -0.37 11.53 16.62
C ASN A 72 0.44 12.01 15.42
N GLU A 73 1.58 11.37 15.19
CA GLU A 73 2.45 11.73 14.07
C GLU A 73 2.91 10.48 13.32
N VAL A 74 2.24 10.21 12.20
CA VAL A 74 2.57 9.05 11.37
C VAL A 74 3.43 9.45 10.18
N THR A 75 4.49 8.67 9.94
CA THR A 75 5.38 8.95 8.83
C THR A 75 5.55 7.72 7.94
N ILE A 76 4.90 7.74 6.78
CA ILE A 76 4.98 6.63 5.84
C ILE A 76 5.98 6.92 4.73
N LEU A 77 6.73 5.89 4.34
CA LEU A 77 7.73 6.03 3.29
C LEU A 77 7.50 5.00 2.18
N VAL A 78 6.46 5.21 1.39
CA VAL A 78 6.15 4.31 0.29
C VAL A 78 6.72 4.81 -1.02
N ASN A 79 7.17 3.87 -1.86
CA ASN A 79 7.75 4.21 -3.15
C ASN A 79 6.74 4.95 -4.03
N GLY A 80 5.46 4.68 -3.80
CA GLY A 80 4.42 5.33 -4.57
C GLY A 80 3.02 4.90 -4.14
N ALA A 81 2.17 5.88 -3.86
CA ALA A 81 0.80 5.60 -3.44
C ALA A 81 -0.21 6.30 -4.35
N GLU A 82 -1.49 6.16 -4.02
CA GLU A 82 -2.55 6.77 -4.81
C GLU A 82 -3.81 6.95 -3.97
N ARG A 83 -4.60 7.97 -4.32
CA ARG A 83 -5.84 8.26 -3.59
C ARG A 83 -7.03 7.60 -4.28
N GLY A 84 -6.77 6.52 -5.01
CA GLY A 84 -7.83 5.82 -5.72
C GLY A 84 -8.09 6.38 -7.10
N ASP A 85 -7.51 7.55 -7.38
CA ASP A 85 -7.68 8.19 -8.68
C ASP A 85 -6.52 7.83 -9.61
N THR A 86 -6.09 6.58 -9.55
CA THR A 86 -4.99 6.11 -10.39
C THR A 86 -5.36 4.81 -11.10
N ILE A 87 -6.64 4.47 -11.08
CA ILE A 87 -7.12 3.25 -11.72
C ILE A 87 -6.74 3.23 -13.20
N ASP A 88 -5.97 2.23 -13.60
CA ASP A 88 -5.54 2.10 -14.99
C ASP A 88 -5.44 0.63 -15.38
N LEU A 89 -6.00 0.30 -16.54
CA LEU A 89 -5.98 -1.08 -17.04
C LEU A 89 -4.57 -1.47 -17.49
N GLU A 90 -3.83 -0.50 -17.99
CA GLU A 90 -2.46 -0.74 -18.47
C GLU A 90 -1.52 -0.98 -17.30
N LYS A 91 -1.79 -0.29 -16.19
CA LYS A 91 -0.96 -0.43 -14.99
C LYS A 91 -0.95 -1.87 -14.49
N ALA A 92 -2.14 -2.41 -14.23
CA ALA A 92 -2.27 -3.78 -13.75
C ALA A 92 -1.80 -4.78 -14.81
N LYS A 93 -2.29 -4.61 -16.03
CA LYS A 93 -1.93 -5.49 -17.13
C LYS A 93 -0.41 -5.52 -17.32
N ALA A 94 0.24 -4.41 -16.99
CA ALA A 94 1.69 -4.32 -17.12
C ALA A 94 2.40 -5.06 -16.00
N GLU A 95 1.84 -4.97 -14.79
CA GLU A 95 2.43 -5.63 -13.63
C GLU A 95 2.37 -7.15 -13.79
N PHE A 96 1.18 -7.66 -14.10
CA PHE A 96 0.99 -9.09 -14.27
C PHE A 96 1.76 -9.60 -15.49
N ALA A 97 1.87 -8.75 -16.50
CA ALA A 97 2.58 -9.11 -17.73
C ALA A 97 4.08 -9.31 -17.46
N ALA A 98 4.67 -8.35 -16.74
CA ALA A 98 6.09 -8.43 -16.41
C ALA A 98 6.35 -9.47 -15.33
N ALA A 99 5.43 -9.58 -14.38
CA ALA A 99 5.56 -10.54 -13.30
C ALA A 99 5.43 -11.97 -13.81
N GLN A 100 4.38 -12.23 -14.59
CA GLN A 100 4.15 -13.56 -15.15
C GLN A 100 5.35 -14.02 -15.96
N ALA A 101 5.76 -13.21 -16.92
CA ALA A 101 6.90 -13.53 -17.77
C ALA A 101 8.18 -13.68 -16.95
N ALA A 102 8.29 -12.88 -15.90
CA ALA A 102 9.46 -12.91 -15.03
C ALA A 102 9.52 -14.21 -14.24
N LEU A 103 8.36 -14.66 -13.76
CA LEU A 103 8.27 -15.89 -12.99
C LEU A 103 8.65 -17.09 -13.84
N ALA A 104 7.96 -17.27 -14.96
CA ALA A 104 8.24 -18.38 -15.86
C ALA A 104 9.68 -18.37 -16.33
N GLN A 105 10.22 -17.17 -16.54
CA GLN A 105 11.61 -17.02 -16.99
C GLN A 105 12.58 -17.38 -15.88
N ALA A 106 12.30 -16.91 -14.67
CA ALA A 106 13.14 -17.20 -13.52
C ALA A 106 13.44 -18.69 -13.40
N GLU A 107 12.41 -19.51 -13.52
CA GLU A 107 12.56 -20.96 -13.43
C GLU A 107 13.16 -21.52 -14.71
N GLN A 108 13.01 -20.78 -15.80
CA GLN A 108 13.53 -21.20 -17.10
C GLN A 108 15.01 -20.86 -17.22
N GLY A 109 15.57 -20.26 -16.18
CA GLY A 109 16.97 -19.90 -16.19
C GLY A 109 17.18 -18.40 -16.13
N GLU A 110 16.48 -17.74 -15.21
CA GLU A 110 16.59 -16.29 -15.06
C GLU A 110 16.65 -15.91 -13.58
N SER A 111 16.50 -14.62 -13.30
CA SER A 111 16.54 -14.12 -11.93
C SER A 111 15.36 -14.66 -11.13
N LYS A 112 15.58 -15.79 -10.46
CA LYS A 112 14.53 -16.40 -9.65
C LYS A 112 14.75 -16.13 -8.17
N GLN A 113 15.19 -14.92 -7.86
CA GLN A 113 15.44 -14.52 -6.48
C GLN A 113 14.27 -14.90 -5.58
N ALA A 114 13.12 -14.25 -5.81
CA ALA A 114 11.93 -14.51 -5.03
C ALA A 114 10.68 -14.53 -5.91
N LYS A 115 10.10 -15.72 -6.07
CA LYS A 115 8.91 -15.87 -6.89
C LYS A 115 7.69 -15.26 -6.21
N ILE A 116 7.50 -15.58 -4.93
CA ILE A 116 6.39 -15.05 -4.17
C ILE A 116 6.37 -13.53 -4.19
N GLN A 117 7.53 -12.93 -3.93
CA GLN A 117 7.65 -11.48 -3.93
C GLN A 117 7.12 -10.88 -5.23
N ALA A 118 7.32 -11.59 -6.32
CA ALA A 118 6.87 -11.14 -7.64
C ALA A 118 5.38 -11.42 -7.83
N THR A 119 4.99 -12.67 -7.62
CA THR A 119 3.59 -13.06 -7.77
C THR A 119 2.68 -12.17 -6.93
N GLN A 120 3.13 -11.84 -5.72
CA GLN A 120 2.34 -11.01 -4.82
C GLN A 120 2.46 -9.53 -5.21
N ALA A 121 3.63 -9.15 -5.71
CA ALA A 121 3.87 -7.77 -6.13
C ALA A 121 2.85 -7.33 -7.17
N PHE A 122 2.69 -8.12 -8.22
CA PHE A 122 1.75 -7.81 -9.28
C PHE A 122 0.32 -8.09 -8.84
N ARG A 123 0.15 -9.10 -8.00
CA ARG A 123 -1.17 -9.46 -7.50
C ARG A 123 -1.78 -8.33 -6.68
N ARG A 124 -1.00 -7.80 -5.73
CA ARG A 124 -1.47 -6.72 -4.88
C ARG A 124 -1.60 -5.42 -5.68
N ALA A 125 -0.55 -5.09 -6.42
CA ALA A 125 -0.55 -3.87 -7.23
C ALA A 125 -1.74 -3.84 -8.19
N ARG A 126 -2.01 -4.99 -8.81
CA ARG A 126 -3.12 -5.09 -9.76
C ARG A 126 -4.45 -5.09 -9.02
N ALA A 127 -4.50 -5.77 -7.88
CA ALA A 127 -5.72 -5.83 -7.09
C ALA A 127 -6.16 -4.44 -6.63
N ARG A 128 -5.25 -3.72 -5.98
CA ARG A 128 -5.55 -2.38 -5.49
C ARG A 128 -5.76 -1.41 -6.65
N LEU A 129 -5.02 -1.63 -7.74
CA LEU A 129 -5.13 -0.78 -8.92
C LEU A 129 -6.58 -0.68 -9.39
N GLN A 130 -7.18 -1.83 -9.68
CA GLN A 130 -8.56 -1.87 -10.13
C GLN A 130 -9.53 -1.62 -8.98
N ALA A 131 -9.15 -2.07 -7.79
CA ALA A 131 -9.98 -1.89 -6.61
C ALA A 131 -10.14 -0.41 -6.27
N ALA A 132 -9.22 0.41 -6.77
CA ALA A 132 -9.26 1.85 -6.52
C ALA A 132 -10.45 2.49 -7.22
N GLY A 133 -11.07 1.75 -8.13
CA GLY A 133 -12.21 2.27 -8.86
C GLY A 133 -12.05 2.14 -10.36
N GLY A 134 -11.45 1.04 -10.80
CA GLY A 134 -11.24 0.82 -12.22
C GLY A 134 -12.28 -0.08 -12.84
N VAL A 135 -12.74 -1.06 -12.06
CA VAL A 135 -13.75 -2.00 -12.54
C VAL A 135 -14.65 -2.45 -11.39
N VAL A 136 -15.92 -2.02 -11.44
CA VAL A 136 -16.88 -2.39 -10.41
C VAL A 136 -17.88 -3.41 -10.94
N GLU A 137 -18.13 -3.37 -12.24
CA GLU A 137 -19.07 -4.29 -12.87
C GLU A 137 -18.62 -4.66 -14.29
N ILE A 138 -18.91 -5.88 -14.69
CA ILE A 138 -18.54 -6.36 -16.02
C ILE A 138 -19.44 -5.77 -17.09
N MET A 1 -8.82 14.40 20.51
CA MET A 1 -8.81 12.94 20.61
C MET A 1 -8.82 12.31 19.22
N VAL A 2 -7.84 12.67 18.40
CA VAL A 2 -7.74 12.13 17.04
C VAL A 2 -6.29 12.01 16.61
N MET A 3 -6.03 11.13 15.65
CA MET A 3 -4.68 10.92 15.14
C MET A 3 -4.46 11.72 13.85
N THR A 4 -3.22 11.71 13.37
CA THR A 4 -2.88 12.43 12.15
C THR A 4 -2.01 11.58 11.24
N VAL A 5 -2.56 11.20 10.09
CA VAL A 5 -1.82 10.39 9.12
C VAL A 5 -1.11 11.25 8.10
N ARG A 6 0.18 11.02 7.91
CA ARG A 6 0.96 11.78 6.96
C ARG A 6 1.79 10.85 6.06
N VAL A 7 1.64 10.99 4.76
CA VAL A 7 2.36 10.16 3.81
C VAL A 7 3.58 10.90 3.26
N ILE A 8 4.65 10.16 3.01
CA ILE A 8 5.87 10.76 2.48
C ILE A 8 6.61 9.77 1.57
N ALA A 9 7.28 10.30 0.56
CA ALA A 9 8.04 9.47 -0.38
C ALA A 9 9.52 9.81 -0.34
N PRO A 10 10.35 8.87 -0.82
CA PRO A 10 11.81 9.05 -0.86
C PRO A 10 12.24 10.10 -1.88
N ASP A 11 11.29 10.56 -2.68
CA ASP A 11 11.57 11.57 -3.70
C ASP A 11 11.02 12.92 -3.28
N LYS A 12 10.06 12.92 -2.36
CA LYS A 12 9.46 14.16 -1.89
C LYS A 12 8.34 13.86 -0.89
N THR A 13 7.56 14.88 -0.55
CA THR A 13 6.46 14.73 0.38
C THR A 13 5.16 14.46 -0.35
N VAL A 14 4.21 13.82 0.35
CA VAL A 14 2.92 13.50 -0.23
C VAL A 14 1.83 14.41 0.31
N TRP A 15 1.48 14.21 1.58
CA TRP A 15 0.45 15.02 2.23
C TRP A 15 0.35 14.69 3.71
N ASP A 16 -0.58 15.33 4.39
CA ASP A 16 -0.78 15.11 5.82
C ASP A 16 -2.20 15.47 6.23
N ALA A 17 -3.09 14.48 6.21
CA ALA A 17 -4.48 14.69 6.59
C ALA A 17 -4.79 14.06 7.94
N PRO A 18 -5.85 14.54 8.59
CA PRO A 18 -6.28 14.04 9.90
C PRO A 18 -6.84 12.62 9.84
N ALA A 19 -7.15 12.05 10.99
CA ALA A 19 -7.70 10.70 11.05
C ALA A 19 -8.01 10.31 12.49
N GLU A 20 -8.71 9.18 12.66
CA GLU A 20 -9.08 8.70 13.98
C GLU A 20 -8.56 7.29 14.20
N GLU A 21 -8.55 6.49 13.14
CA GLU A 21 -8.08 5.11 13.23
C GLU A 21 -7.64 4.60 11.86
N VAL A 22 -6.46 3.99 11.81
CA VAL A 22 -5.92 3.46 10.55
C VAL A 22 -5.77 1.94 10.63
N ILE A 23 -6.11 1.26 9.55
CA ILE A 23 -6.01 -0.19 9.49
C ILE A 23 -5.36 -0.64 8.18
N LEU A 24 -4.19 -1.27 8.29
CA LEU A 24 -3.47 -1.75 7.12
C LEU A 24 -2.63 -2.98 7.46
N PRO A 25 -2.23 -3.73 6.43
CA PRO A 25 -1.42 -4.94 6.60
C PRO A 25 0.00 -4.62 7.04
N SER A 26 0.48 -5.35 8.05
CA SER A 26 1.83 -5.14 8.57
C SER A 26 2.60 -6.45 8.63
N THR A 27 3.80 -6.41 9.20
CA THR A 27 4.64 -7.59 9.31
C THR A 27 3.85 -8.77 9.88
N THR A 28 3.26 -8.56 11.06
CA THR A 28 2.49 -9.61 11.72
C THR A 28 1.23 -9.95 10.92
N GLY A 29 0.82 -9.01 10.05
CA GLY A 29 -0.36 -9.23 9.23
C GLY A 29 -1.38 -8.12 9.38
N GLN A 30 -1.63 -7.71 10.62
CA GLN A 30 -2.60 -6.65 10.90
C GLN A 30 -1.93 -5.49 11.62
N LEU A 31 -2.32 -4.27 11.26
CA LEU A 31 -1.76 -3.07 11.88
C LEU A 31 -2.86 -2.10 12.29
N GLY A 32 -2.82 -1.66 13.54
CA GLY A 32 -3.82 -0.73 14.03
C GLY A 32 -3.21 0.46 14.75
N ILE A 33 -3.25 1.62 14.10
CA ILE A 33 -2.69 2.84 14.68
C ILE A 33 -3.80 3.77 15.16
N LEU A 34 -3.74 4.12 16.45
CA LEU A 34 -4.73 5.00 17.03
C LEU A 34 -4.10 6.32 17.50
N SER A 35 -4.93 7.27 17.90
CA SER A 35 -4.45 8.56 18.36
C SER A 35 -3.71 8.42 19.69
N ASN A 36 -4.29 7.67 20.62
CA ASN A 36 -3.68 7.46 21.92
C ASN A 36 -2.47 6.53 21.82
N HIS A 37 -2.39 5.81 20.71
CA HIS A 37 -1.28 4.89 20.48
C HIS A 37 0.06 5.58 20.71
N ALA A 38 0.81 5.10 21.69
CA ALA A 38 2.11 5.67 22.01
C ALA A 38 3.00 5.72 20.78
N PRO A 39 4.09 6.50 20.87
CA PRO A 39 5.05 6.64 19.77
C PRO A 39 5.86 5.37 19.53
N LEU A 40 5.67 4.77 18.36
CA LEU A 40 6.39 3.54 18.01
C LEU A 40 6.63 3.47 16.50
N LEU A 41 7.72 2.83 16.11
CA LEU A 41 8.06 2.68 14.70
C LEU A 41 7.81 1.26 14.23
N THR A 42 7.35 1.12 12.98
CA THR A 42 7.07 -0.18 12.40
C THR A 42 7.33 -0.19 10.91
N ALA A 43 7.23 -1.37 10.30
CA ALA A 43 7.45 -1.51 8.86
C ALA A 43 6.19 -1.99 8.16
N LEU A 44 6.07 -1.65 6.88
CA LEU A 44 4.91 -2.04 6.08
C LEU A 44 5.34 -2.50 4.69
N GLU A 45 4.54 -3.39 4.10
CA GLU A 45 4.83 -3.91 2.77
C GLU A 45 3.78 -3.44 1.76
N THR A 46 3.95 -3.84 0.51
CA THR A 46 3.03 -3.47 -0.56
C THR A 46 1.60 -3.81 -0.18
N GLY A 47 0.69 -2.85 -0.36
CA GLY A 47 -0.70 -3.07 -0.04
C GLY A 47 -1.47 -1.78 0.17
N VAL A 48 -2.79 -1.86 0.07
CA VAL A 48 -3.64 -0.68 0.24
C VAL A 48 -3.93 -0.43 1.72
N MET A 49 -4.35 0.80 2.04
CA MET A 49 -4.66 1.17 3.41
C MET A 49 -6.04 1.80 3.50
N ARG A 50 -6.74 1.52 4.61
CA ARG A 50 -8.08 2.07 4.81
C ARG A 50 -8.10 3.01 6.01
N VAL A 51 -8.45 4.27 5.76
CA VAL A 51 -8.51 5.27 6.82
C VAL A 51 -9.95 5.51 7.27
N ARG A 52 -10.15 5.58 8.58
CA ARG A 52 -11.49 5.81 9.13
C ARG A 52 -11.46 6.90 10.18
N GLN A 53 -12.06 8.05 9.86
CA GLN A 53 -12.11 9.17 10.79
C GLN A 53 -13.29 9.06 11.74
N ASP A 54 -14.42 8.63 11.21
CA ASP A 54 -15.63 8.47 12.01
C ASP A 54 -16.73 7.77 11.21
N ARG A 55 -17.27 8.46 10.22
CA ARG A 55 -18.32 7.90 9.37
C ARG A 55 -17.84 7.74 7.93
N GLU A 56 -16.86 8.54 7.55
CA GLU A 56 -16.31 8.48 6.19
C GLU A 56 -15.12 7.53 6.13
N TRP A 57 -14.58 7.35 4.93
CA TRP A 57 -13.43 6.47 4.74
C TRP A 57 -12.69 6.81 3.45
N VAL A 58 -11.41 6.48 3.41
CA VAL A 58 -10.59 6.75 2.22
C VAL A 58 -9.72 5.55 1.88
N ALA A 59 -9.49 5.35 0.59
CA ALA A 59 -8.65 4.24 0.12
C ALA A 59 -7.42 4.75 -0.60
N ILE A 60 -6.25 4.33 -0.12
CA ILE A 60 -4.99 4.74 -0.73
C ILE A 60 -4.03 3.57 -0.86
N ALA A 61 -3.50 3.36 -2.07
CA ALA A 61 -2.57 2.27 -2.32
C ALA A 61 -1.14 2.70 -2.04
N LEU A 62 -0.52 2.05 -1.06
CA LEU A 62 0.85 2.36 -0.69
C LEU A 62 1.75 1.13 -0.83
N MET A 63 2.70 1.20 -1.75
CA MET A 63 3.63 0.10 -1.99
C MET A 63 4.58 -0.07 -0.80
N GLY A 64 5.62 -0.88 -0.99
CA GLY A 64 6.58 -1.12 0.06
C GLY A 64 7.11 0.17 0.66
N GLY A 65 7.17 0.24 1.99
CA GLY A 65 7.65 1.43 2.66
C GLY A 65 7.69 1.26 4.17
N PHE A 66 7.84 2.38 4.88
CA PHE A 66 7.90 2.35 6.33
C PHE A 66 6.77 3.19 6.93
N ALA A 67 6.61 3.08 8.25
CA ALA A 67 5.57 3.81 8.95
C ALA A 67 5.88 3.92 10.44
N GLU A 68 5.62 5.10 11.01
CA GLU A 68 5.87 5.33 12.43
C GLU A 68 4.96 6.42 12.97
N VAL A 69 4.24 6.11 14.05
CA VAL A 69 3.33 7.06 14.67
C VAL A 69 3.90 7.59 15.98
N GLU A 70 3.46 8.79 16.37
CA GLU A 70 3.93 9.40 17.61
C GLU A 70 3.11 10.65 17.94
N ASN A 71 2.41 10.61 19.07
CA ASN A 71 1.59 11.72 19.50
C ASN A 71 0.73 12.24 18.36
N ASN A 72 -0.01 11.32 17.72
CA ASN A 72 -0.87 11.69 16.60
C ASN A 72 -0.06 12.18 15.41
N GLU A 73 1.10 11.56 15.19
CA GLU A 73 1.97 11.94 14.09
C GLU A 73 2.52 10.70 13.37
N VAL A 74 1.86 10.32 12.28
CA VAL A 74 2.28 9.16 11.51
C VAL A 74 3.10 9.57 10.29
N THR A 75 4.26 8.94 10.13
CA THR A 75 5.14 9.25 9.01
C THR A 75 5.39 8.00 8.15
N ILE A 76 4.89 8.03 6.92
CA ILE A 76 5.06 6.90 6.01
C ILE A 76 6.11 7.21 4.95
N LEU A 77 7.00 6.24 4.70
CA LEU A 77 8.05 6.42 3.71
C LEU A 77 7.96 5.34 2.63
N VAL A 78 6.98 5.48 1.75
CA VAL A 78 6.80 4.53 0.67
C VAL A 78 7.45 5.00 -0.62
N ASN A 79 8.03 4.08 -1.37
CA ASN A 79 8.71 4.41 -2.62
C ASN A 79 7.72 5.00 -3.62
N GLY A 80 6.52 4.44 -3.65
CA GLY A 80 5.50 4.92 -4.57
C GLY A 80 4.10 4.53 -4.14
N ALA A 81 3.20 5.51 -4.14
CA ALA A 81 1.81 5.27 -3.73
C ALA A 81 0.84 6.05 -4.61
N GLU A 82 -0.43 5.71 -4.54
CA GLU A 82 -1.46 6.37 -5.33
C GLU A 82 -2.67 6.72 -4.46
N ARG A 83 -3.34 7.82 -4.81
CA ARG A 83 -4.51 8.26 -4.07
C ARG A 83 -5.79 7.75 -4.71
N GLY A 84 -5.67 6.64 -5.45
CA GLY A 84 -6.83 6.07 -6.12
C GLY A 84 -7.05 6.65 -7.50
N ASP A 85 -6.36 7.75 -7.80
CA ASP A 85 -6.48 8.40 -9.09
C ASP A 85 -5.41 7.92 -10.06
N THR A 86 -5.11 6.63 -10.00
CA THR A 86 -4.09 6.05 -10.87
C THR A 86 -4.63 4.82 -11.59
N ILE A 87 -5.95 4.63 -11.55
CA ILE A 87 -6.59 3.51 -12.21
C ILE A 87 -6.27 3.49 -13.71
N ASP A 88 -5.77 2.37 -14.18
CA ASP A 88 -5.43 2.22 -15.60
C ASP A 88 -5.70 0.79 -16.08
N LEU A 89 -6.34 0.67 -17.24
CA LEU A 89 -6.65 -0.63 -17.80
C LEU A 89 -5.40 -1.32 -18.32
N GLU A 90 -4.76 -0.72 -19.32
CA GLU A 90 -3.54 -1.26 -19.90
C GLU A 90 -2.52 -1.57 -18.82
N LYS A 91 -2.42 -0.69 -17.84
CA LYS A 91 -1.47 -0.85 -16.73
C LYS A 91 -1.63 -2.22 -16.10
N ALA A 92 -2.84 -2.55 -15.69
CA ALA A 92 -3.12 -3.84 -15.06
C ALA A 92 -2.67 -4.99 -15.96
N LYS A 93 -3.07 -4.94 -17.22
CA LYS A 93 -2.70 -5.98 -18.18
C LYS A 93 -1.19 -6.19 -18.21
N ALA A 94 -0.45 -5.14 -17.89
CA ALA A 94 1.01 -5.22 -17.87
C ALA A 94 1.50 -5.91 -16.61
N GLU A 95 0.84 -5.67 -15.50
CA GLU A 95 1.21 -6.28 -14.23
C GLU A 95 0.95 -7.78 -14.24
N PHE A 96 -0.27 -8.15 -14.62
CA PHE A 96 -0.66 -9.56 -14.67
C PHE A 96 0.19 -10.32 -15.70
N ALA A 97 0.48 -9.66 -16.82
CA ALA A 97 1.28 -10.26 -17.88
C ALA A 97 2.75 -10.34 -17.48
N ALA A 98 3.19 -9.37 -16.68
CA ALA A 98 4.57 -9.33 -16.22
C ALA A 98 4.82 -10.35 -15.12
N ALA A 99 3.82 -10.55 -14.27
CA ALA A 99 3.93 -11.50 -13.17
C ALA A 99 3.97 -12.93 -13.69
N GLN A 100 3.01 -13.27 -14.56
CA GLN A 100 2.94 -14.61 -15.13
C GLN A 100 4.19 -14.93 -15.93
N ALA A 101 4.66 -13.95 -16.70
CA ALA A 101 5.86 -14.13 -17.52
C ALA A 101 7.11 -14.18 -16.65
N ALA A 102 7.11 -13.40 -15.57
CA ALA A 102 8.25 -13.35 -14.67
C ALA A 102 8.48 -14.70 -14.00
N LEU A 103 7.41 -15.28 -13.46
CA LEU A 103 7.50 -16.57 -12.79
C LEU A 103 7.98 -17.66 -13.76
N ALA A 104 7.35 -17.73 -14.92
CA ALA A 104 7.72 -18.72 -15.93
C ALA A 104 9.13 -18.48 -16.43
N GLN A 105 9.54 -17.20 -16.48
CA GLN A 105 10.86 -16.85 -16.95
C GLN A 105 11.93 -17.25 -15.94
N ALA A 106 11.73 -16.88 -14.68
CA ALA A 106 12.66 -17.21 -13.62
C ALA A 106 12.89 -18.72 -13.54
N GLU A 107 11.88 -19.48 -13.92
CA GLU A 107 11.97 -20.94 -13.89
C GLU A 107 12.62 -21.47 -15.16
N GLN A 108 12.56 -20.67 -16.23
CA GLN A 108 13.13 -21.06 -17.50
C GLN A 108 14.63 -20.79 -17.54
N GLY A 109 15.15 -20.28 -16.42
CA GLY A 109 16.57 -19.98 -16.34
C GLY A 109 16.85 -18.50 -16.18
N GLU A 110 16.13 -17.86 -15.26
CA GLU A 110 16.29 -16.43 -15.01
C GLU A 110 16.36 -16.14 -13.52
N SER A 111 16.29 -14.87 -13.16
CA SER A 111 16.34 -14.45 -11.77
C SER A 111 15.11 -14.93 -11.00
N LYS A 112 15.22 -16.12 -10.41
CA LYS A 112 14.12 -16.69 -9.64
C LYS A 112 14.34 -16.52 -8.14
N GLN A 113 14.88 -15.36 -7.76
CA GLN A 113 15.14 -15.07 -6.36
C GLN A 113 13.91 -15.37 -5.50
N ALA A 114 12.80 -14.73 -5.83
CA ALA A 114 11.56 -14.93 -5.09
C ALA A 114 10.35 -14.86 -6.01
N LYS A 115 9.69 -16.00 -6.21
CA LYS A 115 8.52 -16.07 -7.07
C LYS A 115 7.33 -15.37 -6.42
N ILE A 116 7.08 -15.70 -5.16
CA ILE A 116 5.97 -15.10 -4.43
C ILE A 116 6.09 -13.58 -4.36
N GLN A 117 7.33 -13.10 -4.18
CA GLN A 117 7.58 -11.67 -4.10
C GLN A 117 7.18 -10.98 -5.40
N ALA A 118 7.41 -11.66 -6.51
CA ALA A 118 7.07 -11.10 -7.83
C ALA A 118 5.57 -11.25 -8.11
N THR A 119 5.03 -12.43 -7.83
CA THR A 119 3.62 -12.69 -8.06
C THR A 119 2.74 -11.76 -7.23
N GLN A 120 3.13 -11.57 -5.97
CA GLN A 120 2.38 -10.71 -5.07
C GLN A 120 2.59 -9.24 -5.41
N ALA A 121 3.80 -8.92 -5.86
CA ALA A 121 4.14 -7.55 -6.24
C ALA A 121 3.27 -7.07 -7.40
N PHE A 122 3.13 -7.91 -8.41
CA PHE A 122 2.33 -7.57 -9.59
C PHE A 122 0.84 -7.73 -9.29
N ARG A 123 0.49 -8.82 -8.63
CA ARG A 123 -0.90 -9.08 -8.29
C ARG A 123 -1.47 -7.97 -7.40
N ARG A 124 -0.69 -7.54 -6.42
CA ARG A 124 -1.11 -6.49 -5.52
C ARG A 124 -1.25 -5.16 -6.25
N ALA A 125 -0.18 -4.76 -6.94
CA ALA A 125 -0.18 -3.51 -7.68
C ALA A 125 -1.33 -3.46 -8.69
N ARG A 126 -1.67 -4.63 -9.24
CA ARG A 126 -2.75 -4.72 -10.21
C ARG A 126 -4.12 -4.67 -9.52
N ALA A 127 -4.21 -5.35 -8.39
CA ALA A 127 -5.46 -5.39 -7.62
C ALA A 127 -5.86 -3.99 -7.16
N ARG A 128 -4.97 -3.32 -6.47
CA ARG A 128 -5.22 -1.97 -5.97
C ARG A 128 -5.41 -0.99 -7.13
N LEU A 129 -4.66 -1.21 -8.21
CA LEU A 129 -4.74 -0.35 -9.38
C LEU A 129 -6.18 -0.22 -9.86
N GLN A 130 -6.80 -1.36 -10.17
CA GLN A 130 -8.19 -1.37 -10.64
C GLN A 130 -9.15 -1.11 -9.50
N ALA A 131 -8.83 -1.65 -8.32
CA ALA A 131 -9.68 -1.47 -7.15
C ALA A 131 -9.81 0.00 -6.78
N ALA A 132 -8.87 0.81 -7.26
CA ALA A 132 -8.88 2.25 -6.98
C ALA A 132 -10.05 2.93 -7.67
N GLY A 133 -10.66 2.23 -8.63
CA GLY A 133 -11.79 2.78 -9.35
C GLY A 133 -11.59 2.72 -10.85
N GLY A 134 -11.02 1.62 -11.33
CA GLY A 134 -10.80 1.46 -12.76
C GLY A 134 -11.85 0.61 -13.43
N VAL A 135 -12.38 -0.36 -12.69
CA VAL A 135 -13.40 -1.25 -13.22
C VAL A 135 -14.09 -2.03 -12.11
N VAL A 136 -15.41 -2.16 -12.20
CA VAL A 136 -16.18 -2.88 -11.20
C VAL A 136 -17.23 -3.78 -11.85
N GLU A 137 -17.39 -4.98 -11.31
CA GLU A 137 -18.36 -5.93 -11.84
C GLU A 137 -19.10 -6.65 -10.71
N ILE A 138 -20.02 -7.54 -11.08
CA ILE A 138 -20.79 -8.29 -10.10
C ILE A 138 -20.83 -9.77 -10.45
N MET A 1 -10.52 14.03 15.33
CA MET A 1 -9.33 13.56 14.64
C MET A 1 -8.46 12.71 15.56
N VAL A 2 -7.88 13.36 16.58
CA VAL A 2 -7.02 12.66 17.53
C VAL A 2 -5.69 12.28 16.89
N MET A 3 -5.74 11.33 15.95
CA MET A 3 -4.53 10.88 15.27
C MET A 3 -4.37 11.59 13.92
N THR A 4 -3.12 11.80 13.52
CA THR A 4 -2.83 12.47 12.27
C THR A 4 -1.84 11.67 11.42
N VAL A 5 -2.34 10.98 10.42
CA VAL A 5 -1.51 10.17 9.55
C VAL A 5 -1.08 10.96 8.31
N ARG A 6 0.20 10.84 7.95
CA ARG A 6 0.74 11.54 6.80
C ARG A 6 1.49 10.58 5.88
N VAL A 7 1.39 10.82 4.57
CA VAL A 7 2.05 9.97 3.60
C VAL A 7 3.16 10.74 2.88
N ILE A 8 4.24 10.04 2.54
CA ILE A 8 5.36 10.65 1.85
C ILE A 8 5.73 9.88 0.59
N ALA A 9 5.90 10.60 -0.51
CA ALA A 9 6.25 9.99 -1.78
C ALA A 9 7.75 9.99 -2.00
N PRO A 10 8.22 9.14 -2.92
CA PRO A 10 9.65 9.02 -3.25
C PRO A 10 10.18 10.25 -3.98
N ASP A 11 9.27 11.14 -4.35
CA ASP A 11 9.64 12.37 -5.06
C ASP A 11 9.53 13.59 -4.15
N LYS A 12 8.71 13.46 -3.10
CA LYS A 12 8.52 14.55 -2.16
C LYS A 12 7.44 14.19 -1.14
N THR A 13 7.02 15.18 -0.34
CA THR A 13 6.01 14.97 0.67
C THR A 13 4.61 15.07 0.07
N VAL A 14 3.78 14.06 0.33
CA VAL A 14 2.42 14.04 -0.17
C VAL A 14 1.52 14.99 0.62
N TRP A 15 1.24 14.63 1.87
CA TRP A 15 0.40 15.45 2.74
C TRP A 15 0.24 14.81 4.11
N ASP A 16 -0.56 15.44 4.96
CA ASP A 16 -0.80 14.93 6.30
C ASP A 16 -2.24 15.20 6.74
N ALA A 17 -3.09 14.19 6.64
CA ALA A 17 -4.48 14.32 7.02
C ALA A 17 -4.77 13.57 8.32
N PRO A 18 -5.86 13.96 9.00
CA PRO A 18 -6.26 13.34 10.28
C PRO A 18 -6.77 11.92 10.08
N ALA A 19 -7.06 11.24 11.19
CA ALA A 19 -7.56 9.88 11.15
C ALA A 19 -7.90 9.37 12.54
N GLU A 20 -8.75 8.36 12.61
CA GLU A 20 -9.16 7.79 13.88
C GLU A 20 -8.71 6.33 14.00
N GLU A 21 -8.51 5.69 12.86
CA GLU A 21 -8.07 4.29 12.82
C GLU A 21 -7.51 3.93 11.45
N VAL A 22 -6.35 3.29 11.45
CA VAL A 22 -5.70 2.89 10.21
C VAL A 22 -5.61 1.37 10.11
N ILE A 23 -6.22 0.82 9.07
CA ILE A 23 -6.21 -0.63 8.85
C ILE A 23 -5.72 -0.97 7.45
N LEU A 24 -4.69 -1.80 7.37
CA LEU A 24 -4.13 -2.21 6.09
C LEU A 24 -3.28 -3.47 6.24
N PRO A 25 -3.04 -4.16 5.12
CA PRO A 25 -2.23 -5.38 5.10
C PRO A 25 -0.76 -5.11 5.37
N SER A 26 -0.20 -5.81 6.35
CA SER A 26 1.21 -5.64 6.71
C SER A 26 1.95 -6.97 6.65
N THR A 27 3.18 -6.97 7.14
CA THR A 27 4.00 -8.18 7.15
C THR A 27 3.23 -9.36 7.74
N THR A 28 2.79 -9.21 8.99
CA THR A 28 2.05 -10.25 9.68
C THR A 28 0.70 -10.49 9.00
N GLY A 29 0.29 -9.56 8.14
CA GLY A 29 -0.97 -9.69 7.44
C GLY A 29 -1.97 -8.63 7.85
N GLN A 30 -2.07 -8.38 9.15
CA GLN A 30 -3.00 -7.37 9.66
C GLN A 30 -2.26 -6.29 10.45
N LEU A 31 -2.61 -5.04 10.19
CA LEU A 31 -1.98 -3.91 10.88
C LEU A 31 -3.00 -2.85 11.25
N GLY A 32 -3.25 -2.71 12.55
CA GLY A 32 -4.21 -1.72 13.01
C GLY A 32 -3.61 -0.73 13.98
N ILE A 33 -3.33 0.48 13.48
CA ILE A 33 -2.74 1.53 14.31
C ILE A 33 -3.78 2.58 14.68
N LEU A 34 -3.83 2.90 15.97
CA LEU A 34 -4.77 3.90 16.47
C LEU A 34 -4.05 5.10 17.06
N SER A 35 -4.81 6.08 17.54
CA SER A 35 -4.24 7.28 18.13
C SER A 35 -3.52 6.95 19.44
N ASN A 36 -4.16 6.16 20.28
CA ASN A 36 -3.58 5.76 21.56
C ASN A 36 -2.34 4.91 21.36
N HIS A 37 -2.18 4.37 20.15
CA HIS A 37 -1.03 3.54 19.82
C HIS A 37 0.26 4.22 20.25
N ALA A 38 0.97 3.58 21.18
CA ALA A 38 2.24 4.13 21.67
C ALA A 38 3.20 4.39 20.53
N PRO A 39 4.26 5.17 20.81
CA PRO A 39 5.27 5.52 19.81
C PRO A 39 6.14 4.33 19.43
N LEU A 40 5.87 3.76 18.26
CA LEU A 40 6.63 2.61 17.77
C LEU A 40 6.73 2.63 16.25
N LEU A 41 7.88 2.20 15.74
CA LEU A 41 8.12 2.17 14.31
C LEU A 41 7.92 0.76 13.75
N THR A 42 7.46 0.69 12.50
CA THR A 42 7.22 -0.60 11.86
C THR A 42 7.49 -0.52 10.36
N ALA A 43 7.41 -1.67 9.68
CA ALA A 43 7.64 -1.72 8.25
C ALA A 43 6.37 -2.07 7.50
N LEU A 44 6.21 -1.51 6.30
CA LEU A 44 5.03 -1.76 5.48
C LEU A 44 5.43 -2.15 4.06
N GLU A 45 4.48 -2.75 3.35
CA GLU A 45 4.74 -3.18 1.97
C GLU A 45 3.65 -2.67 1.04
N THR A 46 3.77 -2.99 -0.25
CA THR A 46 2.80 -2.55 -1.25
C THR A 46 1.38 -2.94 -0.83
N GLY A 47 0.42 -2.08 -1.15
CA GLY A 47 -0.96 -2.35 -0.80
C GLY A 47 -1.75 -1.08 -0.55
N VAL A 48 -3.07 -1.20 -0.48
CA VAL A 48 -3.94 -0.05 -0.25
C VAL A 48 -4.27 0.10 1.23
N MET A 49 -4.25 1.33 1.72
CA MET A 49 -4.54 1.61 3.12
C MET A 49 -5.90 2.29 3.27
N ARG A 50 -6.66 1.86 4.27
CA ARG A 50 -7.98 2.43 4.51
C ARG A 50 -7.98 3.26 5.80
N VAL A 51 -8.25 4.55 5.65
CA VAL A 51 -8.28 5.46 6.80
C VAL A 51 -9.70 5.63 7.31
N ARG A 52 -9.86 5.56 8.64
CA ARG A 52 -11.16 5.71 9.26
C ARG A 52 -11.17 6.87 10.23
N GLN A 53 -11.65 8.03 9.77
CA GLN A 53 -11.71 9.21 10.60
C GLN A 53 -13.01 9.27 11.39
N ASP A 54 -13.76 8.17 11.35
CA ASP A 54 -15.02 8.09 12.07
C ASP A 54 -16.07 9.02 11.45
N ARG A 55 -15.89 9.32 10.18
CA ARG A 55 -16.81 10.20 9.46
C ARG A 55 -16.86 9.85 7.98
N GLU A 56 -15.70 9.59 7.40
CA GLU A 56 -15.61 9.24 5.99
C GLU A 56 -14.55 8.19 5.75
N TRP A 57 -14.72 7.40 4.69
CA TRP A 57 -13.77 6.34 4.35
C TRP A 57 -12.83 6.79 3.24
N VAL A 58 -11.53 6.73 3.51
CA VAL A 58 -10.52 7.13 2.54
C VAL A 58 -9.74 5.93 2.04
N ALA A 59 -9.28 6.00 0.78
CA ALA A 59 -8.52 4.92 0.18
C ALA A 59 -7.33 5.45 -0.60
N ILE A 60 -6.13 5.13 -0.13
CA ILE A 60 -4.91 5.58 -0.79
C ILE A 60 -4.00 4.41 -1.13
N ALA A 61 -3.92 4.09 -2.42
CA ALA A 61 -3.08 2.98 -2.88
C ALA A 61 -1.61 3.39 -2.92
N LEU A 62 -0.81 2.74 -2.08
CA LEU A 62 0.62 3.03 -2.01
C LEU A 62 1.44 1.74 -2.09
N MET A 63 2.67 1.87 -2.60
CA MET A 63 3.55 0.72 -2.74
C MET A 63 4.36 0.51 -1.46
N GLY A 64 5.36 -0.36 -1.54
CA GLY A 64 6.20 -0.64 -0.39
C GLY A 64 6.74 0.62 0.26
N GLY A 65 7.03 0.55 1.55
CA GLY A 65 7.55 1.70 2.26
C GLY A 65 7.69 1.47 3.75
N PHE A 66 7.71 2.54 4.53
CA PHE A 66 7.84 2.44 5.97
C PHE A 66 6.64 3.07 6.66
N ALA A 67 6.53 2.85 7.97
CA ALA A 67 5.43 3.39 8.76
C ALA A 67 5.79 3.45 10.24
N GLU A 68 5.50 4.58 10.87
CA GLU A 68 5.79 4.76 12.30
C GLU A 68 4.77 5.70 12.94
N VAL A 69 4.15 5.23 14.02
CA VAL A 69 3.16 6.03 14.73
C VAL A 69 3.67 6.43 16.11
N GLU A 70 3.22 7.59 16.59
CA GLU A 70 3.63 8.09 17.89
C GLU A 70 2.82 9.33 18.28
N ASN A 71 2.31 9.34 19.51
CA ASN A 71 1.52 10.45 20.00
C ASN A 71 0.44 10.84 19.00
N ASN A 72 -0.31 9.84 18.52
CA ASN A 72 -1.37 10.07 17.56
C ASN A 72 -0.83 10.73 16.29
N GLU A 73 0.34 10.28 15.85
CA GLU A 73 0.96 10.83 14.65
C GLU A 73 1.63 9.73 13.83
N VAL A 74 1.06 9.43 12.66
CA VAL A 74 1.60 8.41 11.78
C VAL A 74 2.44 9.02 10.68
N THR A 75 3.55 8.35 10.36
CA THR A 75 4.46 8.83 9.32
C THR A 75 4.94 7.67 8.45
N ILE A 76 4.39 7.57 7.25
CA ILE A 76 4.77 6.52 6.32
C ILE A 76 5.41 7.10 5.06
N LEU A 77 6.42 6.40 4.54
CA LEU A 77 7.12 6.85 3.34
C LEU A 77 7.16 5.74 2.30
N VAL A 78 6.22 5.78 1.36
CA VAL A 78 6.16 4.77 0.31
C VAL A 78 6.84 5.27 -0.96
N ASN A 79 6.96 4.39 -1.95
CA ASN A 79 7.60 4.73 -3.22
C ASN A 79 6.57 4.87 -4.32
N GLY A 80 5.51 5.62 -4.05
CA GLY A 80 4.46 5.82 -5.04
C GLY A 80 3.08 5.58 -4.48
N ALA A 81 2.31 6.65 -4.31
CA ALA A 81 0.97 6.55 -3.77
C ALA A 81 -0.06 7.10 -4.76
N GLU A 82 -1.34 6.96 -4.42
CA GLU A 82 -2.42 7.44 -5.28
C GLU A 82 -3.72 7.55 -4.50
N ARG A 83 -4.58 8.49 -4.92
CA ARG A 83 -5.86 8.69 -4.25
C ARG A 83 -6.97 7.91 -4.97
N GLY A 84 -6.58 6.83 -5.64
CA GLY A 84 -7.56 6.02 -6.35
C GLY A 84 -7.78 6.50 -7.78
N ASP A 85 -7.29 7.70 -8.08
CA ASP A 85 -7.45 8.27 -9.41
C ASP A 85 -6.21 7.99 -10.27
N THR A 86 -5.60 6.82 -10.05
CA THR A 86 -4.41 6.43 -10.80
C THR A 86 -4.57 5.02 -11.37
N ILE A 87 -5.78 4.51 -11.33
CA ILE A 87 -6.06 3.17 -11.85
C ILE A 87 -5.70 3.06 -13.32
N ASP A 88 -5.15 1.91 -13.71
CA ASP A 88 -4.76 1.68 -15.10
C ASP A 88 -4.98 0.22 -15.48
N LEU A 89 -6.03 -0.03 -16.25
CA LEU A 89 -6.36 -1.38 -16.69
C LEU A 89 -5.15 -2.04 -17.34
N GLU A 90 -4.52 -1.33 -18.27
CA GLU A 90 -3.35 -1.85 -18.96
C GLU A 90 -2.29 -2.31 -17.97
N LYS A 91 -2.26 -1.68 -16.80
CA LYS A 91 -1.29 -2.01 -15.77
C LYS A 91 -1.64 -3.34 -15.11
N ALA A 92 -2.93 -3.63 -15.02
CA ALA A 92 -3.40 -4.88 -14.41
C ALA A 92 -2.99 -6.08 -15.25
N LYS A 93 -3.27 -6.01 -16.56
CA LYS A 93 -2.94 -7.09 -17.47
C LYS A 93 -1.43 -7.24 -17.61
N ALA A 94 -0.71 -6.12 -17.47
CA ALA A 94 0.74 -6.13 -17.58
C ALA A 94 1.38 -6.68 -16.31
N GLU A 95 0.79 -6.38 -15.17
CA GLU A 95 1.30 -6.85 -13.89
C GLU A 95 1.15 -8.36 -13.76
N PHE A 96 -0.06 -8.85 -14.01
CA PHE A 96 -0.34 -10.27 -13.92
C PHE A 96 0.51 -11.06 -14.91
N ALA A 97 0.62 -10.54 -16.13
CA ALA A 97 1.41 -11.19 -17.17
C ALA A 97 2.90 -11.13 -16.84
N ALA A 98 3.33 -10.00 -16.29
CA ALA A 98 4.73 -9.82 -15.92
C ALA A 98 5.12 -10.72 -14.74
N ALA A 99 4.18 -10.91 -13.82
CA ALA A 99 4.42 -11.74 -12.64
C ALA A 99 4.51 -13.21 -13.03
N GLN A 100 3.54 -13.69 -13.80
CA GLN A 100 3.51 -15.08 -14.23
C GLN A 100 4.73 -15.41 -15.06
N ALA A 101 5.13 -14.48 -15.92
CA ALA A 101 6.30 -14.67 -16.78
C ALA A 101 7.59 -14.55 -15.99
N ALA A 102 7.61 -13.62 -15.04
CA ALA A 102 8.80 -13.40 -14.21
C ALA A 102 9.14 -14.65 -13.41
N LEU A 103 8.13 -15.21 -12.74
CA LEU A 103 8.32 -16.40 -11.93
C LEU A 103 8.77 -17.58 -12.79
N ALA A 104 7.98 -17.89 -13.82
CA ALA A 104 8.30 -19.00 -14.72
C ALA A 104 9.68 -18.81 -15.34
N GLN A 105 10.05 -17.56 -15.59
CA GLN A 105 11.35 -17.26 -16.18
C GLN A 105 12.47 -17.50 -15.18
N ALA A 106 12.28 -17.03 -13.96
CA ALA A 106 13.28 -17.20 -12.91
C ALA A 106 13.73 -18.65 -12.81
N GLU A 107 12.76 -19.57 -12.81
CA GLU A 107 13.06 -20.99 -12.72
C GLU A 107 13.62 -21.51 -14.04
N GLN A 108 13.34 -20.80 -15.13
CA GLN A 108 13.81 -21.20 -16.45
C GLN A 108 15.26 -20.75 -16.66
N GLY A 109 15.83 -20.11 -15.65
CA GLY A 109 17.20 -19.65 -15.74
C GLY A 109 17.30 -18.13 -15.68
N GLU A 110 16.61 -17.53 -14.72
CA GLU A 110 16.63 -16.08 -14.57
C GLU A 110 16.75 -15.69 -13.10
N SER A 111 16.54 -14.41 -12.82
CA SER A 111 16.63 -13.91 -11.45
C SER A 111 15.52 -14.49 -10.58
N LYS A 112 15.81 -15.62 -9.93
CA LYS A 112 14.84 -16.28 -9.07
C LYS A 112 15.14 -16.00 -7.60
N GLN A 113 15.57 -14.77 -7.31
CA GLN A 113 15.88 -14.38 -5.94
C GLN A 113 14.75 -14.75 -4.99
N ALA A 114 13.60 -14.11 -5.17
CA ALA A 114 12.44 -14.38 -4.32
C ALA A 114 11.19 -14.59 -5.16
N LYS A 115 10.68 -15.81 -5.16
CA LYS A 115 9.49 -16.15 -5.93
C LYS A 115 8.24 -15.54 -5.29
N ILE A 116 8.16 -15.63 -3.96
CA ILE A 116 7.03 -15.07 -3.23
C ILE A 116 7.04 -13.54 -3.25
N GLN A 117 8.25 -12.97 -3.19
CA GLN A 117 8.40 -11.52 -3.20
C GLN A 117 8.04 -10.95 -4.57
N ALA A 118 8.35 -11.71 -5.62
CA ALA A 118 8.05 -11.27 -6.98
C ALA A 118 6.59 -11.51 -7.33
N THR A 119 6.04 -12.61 -6.83
CA THR A 119 4.65 -12.96 -7.09
C THR A 119 3.70 -12.10 -6.26
N GLN A 120 4.11 -11.78 -5.04
CA GLN A 120 3.29 -10.96 -4.15
C GLN A 120 3.39 -9.49 -4.53
N ALA A 121 4.56 -9.07 -4.99
CA ALA A 121 4.78 -7.69 -5.40
C ALA A 121 3.91 -7.32 -6.60
N PHE A 122 4.03 -8.10 -7.66
CA PHE A 122 3.26 -7.85 -8.88
C PHE A 122 1.77 -8.03 -8.62
N ARG A 123 1.40 -9.14 -7.98
CA ARG A 123 0.01 -9.42 -7.67
C ARG A 123 -0.60 -8.30 -6.85
N ARG A 124 0.07 -7.92 -5.77
CA ARG A 124 -0.41 -6.84 -4.90
C ARG A 124 -0.63 -5.56 -5.69
N ALA A 125 0.41 -5.13 -6.41
CA ALA A 125 0.33 -3.91 -7.21
C ALA A 125 -0.82 -3.98 -8.20
N ARG A 126 -1.00 -5.15 -8.82
CA ARG A 126 -2.07 -5.34 -9.78
C ARG A 126 -3.44 -5.17 -9.13
N ALA A 127 -3.68 -5.92 -8.06
CA ALA A 127 -4.95 -5.85 -7.35
C ALA A 127 -5.21 -4.44 -6.83
N ARG A 128 -4.15 -3.79 -6.36
CA ARG A 128 -4.26 -2.42 -5.84
C ARG A 128 -4.60 -1.44 -6.96
N LEU A 129 -4.00 -1.65 -8.13
CA LEU A 129 -4.25 -0.78 -9.27
C LEU A 129 -5.73 -0.72 -9.61
N GLN A 130 -6.36 -1.87 -9.73
CA GLN A 130 -7.77 -1.95 -10.04
C GLN A 130 -8.63 -1.59 -8.83
N ALA A 131 -8.20 -2.03 -7.65
CA ALA A 131 -8.91 -1.75 -6.42
C ALA A 131 -8.94 -0.25 -6.12
N ALA A 132 -8.00 0.48 -6.72
CA ALA A 132 -7.91 1.92 -6.52
C ALA A 132 -9.11 2.64 -7.15
N GLY A 133 -9.85 1.91 -7.99
CA GLY A 133 -11.00 2.49 -8.64
C GLY A 133 -10.97 2.32 -10.15
N GLY A 134 -10.48 1.16 -10.60
CA GLY A 134 -10.39 0.89 -12.02
C GLY A 134 -11.55 0.04 -12.52
N VAL A 135 -12.10 -0.78 -11.63
CA VAL A 135 -13.21 -1.65 -11.98
C VAL A 135 -14.20 -1.79 -10.82
N VAL A 136 -15.46 -1.49 -11.09
CA VAL A 136 -16.50 -1.58 -10.07
C VAL A 136 -17.88 -1.76 -10.69
N GLU A 137 -18.72 -2.57 -10.05
CA GLU A 137 -20.06 -2.83 -10.55
C GLU A 137 -21.07 -2.83 -9.41
N ILE A 138 -22.33 -3.10 -9.74
CA ILE A 138 -23.40 -3.13 -8.74
C ILE A 138 -23.64 -4.55 -8.25
N MET A 1 -6.94 11.68 21.87
CA MET A 1 -8.26 12.07 21.40
C MET A 1 -8.43 11.74 19.92
N VAL A 2 -7.31 11.71 19.19
CA VAL A 2 -7.33 11.41 17.76
C VAL A 2 -5.92 11.28 17.21
N MET A 3 -5.77 10.47 16.17
CA MET A 3 -4.47 10.26 15.55
C MET A 3 -4.30 11.16 14.32
N THR A 4 -3.08 11.18 13.78
CA THR A 4 -2.78 11.99 12.61
C THR A 4 -1.76 11.31 11.70
N VAL A 5 -2.24 10.76 10.59
CA VAL A 5 -1.36 10.09 9.64
C VAL A 5 -0.88 11.04 8.55
N ARG A 6 0.38 10.91 8.18
CA ARG A 6 0.96 11.76 7.15
C ARG A 6 1.70 10.92 6.10
N VAL A 7 1.31 11.09 4.84
CA VAL A 7 1.94 10.36 3.75
C VAL A 7 2.97 11.20 3.04
N ILE A 8 4.07 10.57 2.62
CA ILE A 8 5.14 11.27 1.93
C ILE A 8 5.53 10.54 0.64
N ALA A 9 5.50 11.27 -0.48
CA ALA A 9 5.85 10.70 -1.77
C ALA A 9 7.32 10.91 -2.08
N PRO A 10 7.86 10.11 -3.01
CA PRO A 10 9.26 10.20 -3.42
C PRO A 10 9.55 11.47 -4.22
N ASP A 11 8.50 12.20 -4.55
CA ASP A 11 8.64 13.44 -5.32
C ASP A 11 8.22 14.64 -4.48
N LYS A 12 7.45 14.38 -3.42
CA LYS A 12 6.97 15.44 -2.55
C LYS A 12 6.02 14.89 -1.49
N THR A 13 6.03 15.50 -0.31
CA THR A 13 5.17 15.07 0.78
C THR A 13 3.70 15.21 0.40
N VAL A 14 2.96 14.11 0.53
CA VAL A 14 1.53 14.10 0.21
C VAL A 14 0.77 15.09 1.09
N TRP A 15 0.60 14.73 2.36
CA TRP A 15 -0.11 15.58 3.29
C TRP A 15 -0.17 14.94 4.68
N ASP A 16 -0.90 15.56 5.60
CA ASP A 16 -1.04 15.04 6.95
C ASP A 16 -2.43 15.31 7.49
N ALA A 17 -3.31 14.32 7.36
CA ALA A 17 -4.68 14.43 7.83
C ALA A 17 -4.90 13.58 9.08
N PRO A 18 -5.92 13.95 9.88
CA PRO A 18 -6.26 13.24 11.12
C PRO A 18 -6.85 11.87 10.84
N ALA A 19 -7.09 11.11 11.91
CA ALA A 19 -7.66 9.78 11.79
C ALA A 19 -7.89 9.15 13.16
N GLU A 20 -9.03 8.48 13.31
CA GLU A 20 -9.37 7.83 14.57
C GLU A 20 -8.90 6.38 14.60
N GLU A 21 -8.79 5.79 13.41
CA GLU A 21 -8.36 4.40 13.29
C GLU A 21 -7.65 4.16 11.95
N VAL A 22 -6.49 3.52 12.01
CA VAL A 22 -5.71 3.23 10.82
C VAL A 22 -5.59 1.74 10.58
N ILE A 23 -6.08 1.27 9.44
CA ILE A 23 -6.02 -0.15 9.10
C ILE A 23 -5.41 -0.36 7.72
N LEU A 24 -4.36 -1.17 7.66
CA LEU A 24 -3.68 -1.45 6.41
C LEU A 24 -2.82 -2.71 6.52
N PRO A 25 -2.45 -3.29 5.37
CA PRO A 25 -1.63 -4.51 5.32
C PRO A 25 -0.20 -4.25 5.76
N SER A 26 0.25 -4.99 6.76
CA SER A 26 1.61 -4.85 7.28
C SER A 26 2.39 -6.14 7.14
N THR A 27 3.58 -6.18 7.73
CA THR A 27 4.42 -7.37 7.67
C THR A 27 3.63 -8.63 8.02
N THR A 28 3.06 -8.66 9.22
CA THR A 28 2.29 -9.80 9.67
C THR A 28 1.03 -9.97 8.83
N GLY A 29 0.67 -8.92 8.09
CA GLY A 29 -0.52 -8.98 7.26
C GLY A 29 -1.60 -8.03 7.73
N GLN A 30 -1.86 -8.03 9.04
CA GLN A 30 -2.88 -7.16 9.62
C GLN A 30 -2.24 -6.07 10.46
N LEU A 31 -2.71 -4.83 10.29
CA LEU A 31 -2.18 -3.70 11.03
C LEU A 31 -3.32 -2.78 11.48
N GLY A 32 -3.34 -2.45 12.77
CA GLY A 32 -4.37 -1.58 13.30
C GLY A 32 -3.84 -0.64 14.36
N ILE A 33 -3.84 0.66 14.05
CA ILE A 33 -3.36 1.68 14.96
C ILE A 33 -4.51 2.47 15.58
N LEU A 34 -4.54 2.55 16.90
CA LEU A 34 -5.59 3.27 17.61
C LEU A 34 -5.00 4.40 18.45
N SER A 35 -5.87 5.14 19.13
CA SER A 35 -5.43 6.25 19.98
C SER A 35 -4.45 5.77 21.04
N ASN A 36 -4.55 4.50 21.40
CA ASN A 36 -3.68 3.91 22.41
C ASN A 36 -2.28 3.67 21.83
N HIS A 37 -2.18 3.69 20.50
CA HIS A 37 -0.90 3.46 19.84
C HIS A 37 0.22 4.24 20.54
N ALA A 38 1.44 3.72 20.43
CA ALA A 38 2.59 4.37 21.05
C ALA A 38 3.65 4.71 20.00
N PRO A 39 4.62 5.56 20.39
CA PRO A 39 5.71 5.98 19.51
C PRO A 39 6.68 4.85 19.20
N LEU A 40 6.68 4.39 17.95
CA LEU A 40 7.56 3.31 17.53
C LEU A 40 7.70 3.27 16.02
N LEU A 41 8.83 2.78 15.54
CA LEU A 41 9.09 2.69 14.10
C LEU A 41 8.68 1.32 13.57
N THR A 42 8.19 1.30 12.33
CA THR A 42 7.77 0.06 11.69
C THR A 42 8.01 0.10 10.19
N ALA A 43 7.78 -1.03 9.53
CA ALA A 43 7.96 -1.12 8.09
C ALA A 43 6.67 -1.53 7.39
N LEU A 44 6.56 -1.18 6.11
CA LEU A 44 5.37 -1.52 5.33
C LEU A 44 5.76 -1.95 3.92
N GLU A 45 4.96 -2.84 3.33
CA GLU A 45 5.21 -3.33 1.99
C GLU A 45 4.22 -2.73 0.99
N THR A 46 4.37 -3.09 -0.29
CA THR A 46 3.49 -2.59 -1.33
C THR A 46 2.03 -2.92 -1.03
N GLY A 47 1.16 -1.93 -1.21
CA GLY A 47 -0.25 -2.13 -0.95
C GLY A 47 -0.97 -0.83 -0.62
N VAL A 48 -2.30 -0.88 -0.61
CA VAL A 48 -3.10 0.29 -0.30
C VAL A 48 -3.46 0.35 1.18
N MET A 49 -3.83 1.53 1.65
CA MET A 49 -4.21 1.72 3.04
C MET A 49 -5.57 2.38 3.17
N ARG A 50 -6.30 2.05 4.23
CA ARG A 50 -7.62 2.61 4.45
C ARG A 50 -7.69 3.33 5.80
N VAL A 51 -8.08 4.60 5.77
CA VAL A 51 -8.18 5.40 6.98
C VAL A 51 -9.64 5.60 7.39
N ARG A 52 -9.92 5.40 8.68
CA ARG A 52 -11.28 5.56 9.19
C ARG A 52 -11.33 6.63 10.27
N GLN A 53 -11.97 7.75 9.94
CA GLN A 53 -12.09 8.87 10.87
C GLN A 53 -13.29 8.68 11.79
N ASP A 54 -14.33 8.00 11.28
CA ASP A 54 -15.53 7.76 12.06
C ASP A 54 -16.54 6.96 11.24
N ARG A 55 -17.18 7.62 10.29
CA ARG A 55 -18.18 6.96 9.45
C ARG A 55 -17.74 6.96 7.99
N GLU A 56 -16.88 7.92 7.63
CA GLU A 56 -16.38 8.03 6.27
C GLU A 56 -15.32 6.97 5.99
N TRP A 57 -14.69 7.05 4.83
CA TRP A 57 -13.66 6.10 4.44
C TRP A 57 -12.77 6.66 3.34
N VAL A 58 -11.46 6.59 3.54
CA VAL A 58 -10.50 7.11 2.56
C VAL A 58 -9.59 5.99 2.06
N ALA A 59 -9.21 6.08 0.79
CA ALA A 59 -8.33 5.08 0.18
C ALA A 59 -7.12 5.74 -0.48
N ILE A 60 -5.94 5.18 -0.22
CA ILE A 60 -4.71 5.72 -0.79
C ILE A 60 -3.70 4.60 -1.04
N ALA A 61 -3.18 4.54 -2.27
CA ALA A 61 -2.20 3.52 -2.63
C ALA A 61 -0.79 3.95 -2.20
N LEU A 62 0.00 2.98 -1.76
CA LEU A 62 1.36 3.24 -1.32
C LEU A 62 2.24 2.01 -1.48
N MET A 63 3.15 2.06 -2.45
CA MET A 63 4.06 0.95 -2.70
C MET A 63 5.00 0.73 -1.52
N GLY A 64 6.03 -0.09 -1.74
CA GLY A 64 6.99 -0.37 -0.68
C GLY A 64 7.52 0.90 -0.03
N GLY A 65 7.67 0.86 1.29
CA GLY A 65 8.17 2.03 2.01
C GLY A 65 8.25 1.79 3.50
N PHE A 66 8.51 2.86 4.25
CA PHE A 66 8.61 2.77 5.70
C PHE A 66 7.56 3.65 6.38
N ALA A 67 7.43 3.49 7.69
CA ALA A 67 6.46 4.27 8.45
C ALA A 67 6.83 4.31 9.93
N GLU A 68 6.48 5.41 10.60
CA GLU A 68 6.78 5.58 12.02
C GLU A 68 5.76 6.50 12.69
N VAL A 69 5.13 6.00 13.74
CA VAL A 69 4.14 6.77 14.48
C VAL A 69 4.68 7.25 15.81
N GLU A 70 4.13 8.34 16.32
CA GLU A 70 4.57 8.89 17.60
C GLU A 70 3.65 10.04 18.04
N ASN A 71 2.85 9.78 19.07
CA ASN A 71 1.93 10.78 19.59
C ASN A 71 1.04 11.33 18.48
N ASN A 72 0.34 10.44 17.78
CA ASN A 72 -0.54 10.83 16.69
C ASN A 72 0.25 11.46 15.55
N GLU A 73 1.51 11.06 15.44
CA GLU A 73 2.38 11.58 14.38
C GLU A 73 2.96 10.44 13.55
N VAL A 74 2.27 10.10 12.46
CA VAL A 74 2.72 9.03 11.58
C VAL A 74 3.45 9.59 10.36
N THR A 75 4.63 9.05 10.08
CA THR A 75 5.43 9.50 8.95
C THR A 75 5.79 8.32 8.04
N ILE A 76 5.11 8.23 6.91
CA ILE A 76 5.36 7.16 5.95
C ILE A 76 6.13 7.67 4.75
N LEU A 77 7.19 6.96 4.39
CA LEU A 77 8.02 7.35 3.24
C LEU A 77 7.99 6.27 2.16
N VAL A 78 7.03 6.40 1.24
CA VAL A 78 6.88 5.45 0.15
C VAL A 78 7.65 5.90 -1.08
N ASN A 79 8.07 4.94 -1.90
CA ASN A 79 8.82 5.24 -3.12
C ASN A 79 7.91 5.20 -4.34
N GLY A 80 6.68 5.67 -4.18
CA GLY A 80 5.73 5.68 -5.27
C GLY A 80 4.32 5.37 -4.82
N ALA A 81 3.55 6.41 -4.52
CA ALA A 81 2.18 6.24 -4.08
C ALA A 81 1.19 6.75 -5.12
N GLU A 82 -0.10 6.59 -4.85
CA GLU A 82 -1.14 7.04 -5.77
C GLU A 82 -2.36 7.54 -5.00
N ARG A 83 -3.12 8.43 -5.63
CA ARG A 83 -4.31 8.99 -5.01
C ARG A 83 -5.56 8.22 -5.44
N GLY A 84 -5.38 6.95 -5.76
CA GLY A 84 -6.49 6.12 -6.17
C GLY A 84 -6.73 6.18 -7.67
N ASP A 85 -6.08 7.14 -8.33
CA ASP A 85 -6.22 7.31 -9.77
C ASP A 85 -5.11 6.58 -10.52
N THR A 86 -4.75 5.40 -10.03
CA THR A 86 -3.69 4.61 -10.64
C THR A 86 -4.26 3.37 -11.32
N ILE A 87 -5.58 3.35 -11.49
CA ILE A 87 -6.25 2.22 -12.14
C ILE A 87 -5.96 2.20 -13.63
N ASP A 88 -5.54 1.04 -14.13
CA ASP A 88 -5.24 0.89 -15.55
C ASP A 88 -5.60 -0.51 -16.03
N LEU A 89 -6.62 -0.59 -16.88
CA LEU A 89 -7.06 -1.87 -17.42
C LEU A 89 -5.89 -2.64 -18.04
N GLU A 90 -5.12 -1.95 -18.86
CA GLU A 90 -3.97 -2.57 -19.52
C GLU A 90 -2.96 -3.06 -18.49
N LYS A 91 -2.63 -2.20 -17.54
CA LYS A 91 -1.67 -2.55 -16.49
C LYS A 91 -2.17 -3.75 -15.68
N ALA A 92 -3.48 -3.83 -15.50
CA ALA A 92 -4.07 -4.92 -14.73
C ALA A 92 -3.76 -6.27 -15.39
N LYS A 93 -4.00 -6.36 -16.69
CA LYS A 93 -3.75 -7.59 -17.43
C LYS A 93 -2.26 -7.79 -17.67
N ALA A 94 -1.51 -6.69 -17.68
CA ALA A 94 -0.07 -6.74 -17.89
C ALA A 94 0.64 -7.33 -16.67
N GLU A 95 0.40 -6.73 -15.51
CA GLU A 95 1.02 -7.19 -14.28
C GLU A 95 0.60 -8.62 -13.96
N PHE A 96 -0.71 -8.86 -13.97
CA PHE A 96 -1.23 -10.19 -13.68
C PHE A 96 -0.61 -11.24 -14.60
N ALA A 97 -0.59 -10.95 -15.89
CA ALA A 97 -0.03 -11.86 -16.88
C ALA A 97 1.45 -12.12 -16.60
N ALA A 98 2.20 -11.05 -16.38
CA ALA A 98 3.63 -11.16 -16.09
C ALA A 98 3.88 -11.99 -14.85
N ALA A 99 3.05 -11.80 -13.83
CA ALA A 99 3.18 -12.52 -12.57
C ALA A 99 2.81 -14.00 -12.77
N GLN A 100 1.75 -14.24 -13.52
CA GLN A 100 1.29 -15.60 -13.78
C GLN A 100 2.39 -16.43 -14.43
N ALA A 101 2.92 -15.93 -15.54
CA ALA A 101 3.99 -16.63 -16.25
C ALA A 101 5.27 -16.68 -15.43
N ALA A 102 5.53 -15.61 -14.69
CA ALA A 102 6.72 -15.53 -13.85
C ALA A 102 6.66 -16.56 -12.72
N LEU A 103 5.45 -16.86 -12.26
CA LEU A 103 5.27 -17.82 -11.18
C LEU A 103 5.57 -19.24 -11.66
N ALA A 104 4.89 -19.66 -12.72
CA ALA A 104 5.09 -20.99 -13.28
C ALA A 104 6.55 -21.22 -13.65
N GLN A 105 7.16 -20.21 -14.27
CA GLN A 105 8.55 -20.30 -14.68
C GLN A 105 9.48 -20.27 -13.47
N ALA A 106 9.13 -19.47 -12.48
CA ALA A 106 9.93 -19.35 -11.27
C ALA A 106 10.22 -20.73 -10.66
N GLU A 107 9.17 -21.52 -10.49
CA GLU A 107 9.30 -22.85 -9.91
C GLU A 107 10.29 -23.69 -10.72
N GLN A 108 10.30 -23.47 -12.04
CA GLN A 108 11.19 -24.20 -12.92
C GLN A 108 12.65 -23.85 -12.65
N GLY A 109 12.86 -22.72 -11.98
CA GLY A 109 14.20 -22.29 -11.66
C GLY A 109 14.57 -20.98 -12.35
N GLU A 110 13.67 -20.01 -12.31
CA GLU A 110 13.90 -18.72 -12.94
C GLU A 110 13.60 -17.57 -11.97
N SER A 111 14.64 -17.01 -11.38
CA SER A 111 14.48 -15.92 -10.43
C SER A 111 15.71 -15.01 -10.44
N LYS A 112 15.48 -13.70 -10.33
CA LYS A 112 16.56 -12.73 -10.32
C LYS A 112 16.85 -12.24 -8.91
N GLN A 113 15.98 -11.39 -8.39
CA GLN A 113 16.15 -10.84 -7.04
C GLN A 113 15.46 -11.74 -6.01
N ALA A 114 14.14 -11.78 -6.08
CA ALA A 114 13.35 -12.60 -5.16
C ALA A 114 12.12 -13.18 -5.85
N LYS A 115 11.92 -14.48 -5.69
CA LYS A 115 10.78 -15.16 -6.30
C LYS A 115 9.48 -14.77 -5.59
N ILE A 116 9.56 -14.61 -4.27
CA ILE A 116 8.39 -14.25 -3.48
C ILE A 116 8.11 -12.75 -3.58
N GLN A 117 9.18 -11.95 -3.61
CA GLN A 117 9.04 -10.51 -3.70
C GLN A 117 8.56 -10.09 -5.09
N ALA A 118 9.05 -10.79 -6.11
CA ALA A 118 8.68 -10.50 -7.49
C ALA A 118 7.26 -10.96 -7.78
N THR A 119 6.86 -12.09 -7.20
CA THR A 119 5.52 -12.63 -7.40
C THR A 119 4.50 -11.87 -6.56
N GLN A 120 4.90 -11.49 -5.35
CA GLN A 120 4.01 -10.76 -4.45
C GLN A 120 3.84 -9.31 -4.90
N ALA A 121 4.91 -8.75 -5.46
CA ALA A 121 4.88 -7.37 -5.93
C ALA A 121 3.96 -7.22 -7.14
N PHE A 122 4.13 -8.12 -8.11
CA PHE A 122 3.33 -8.09 -9.32
C PHE A 122 1.85 -8.28 -9.00
N ARG A 123 1.56 -9.30 -8.19
CA ARG A 123 0.18 -9.60 -7.80
C ARG A 123 -0.41 -8.45 -6.99
N ARG A 124 0.32 -8.02 -5.97
CA ARG A 124 -0.14 -6.94 -5.11
C ARG A 124 -0.41 -5.67 -5.93
N ALA A 125 0.56 -5.29 -6.75
CA ALA A 125 0.44 -4.10 -7.58
C ALA A 125 -0.81 -4.18 -8.46
N ARG A 126 -0.98 -5.34 -9.11
CA ARG A 126 -2.12 -5.54 -10.00
C ARG A 126 -3.43 -5.48 -9.22
N ALA A 127 -3.44 -6.09 -8.04
CA ALA A 127 -4.63 -6.10 -7.19
C ALA A 127 -5.03 -4.68 -6.79
N ARG A 128 -4.09 -3.95 -6.21
CA ARG A 128 -4.34 -2.59 -5.78
C ARG A 128 -4.67 -1.69 -6.97
N LEU A 129 -4.02 -1.97 -8.10
CA LEU A 129 -4.25 -1.18 -9.31
C LEU A 129 -5.74 -1.10 -9.64
N GLN A 130 -6.37 -2.27 -9.79
CA GLN A 130 -7.79 -2.33 -10.12
C GLN A 130 -8.63 -2.01 -8.90
N ALA A 131 -8.16 -2.43 -7.73
CA ALA A 131 -8.87 -2.18 -6.48
C ALA A 131 -9.01 -0.69 -6.20
N ALA A 132 -8.15 0.10 -6.84
CA ALA A 132 -8.17 1.55 -6.67
C ALA A 132 -9.44 2.15 -7.28
N GLY A 133 -10.10 1.39 -8.15
CA GLY A 133 -11.31 1.87 -8.78
C GLY A 133 -11.26 1.75 -10.29
N GLY A 134 -10.71 0.64 -10.78
CA GLY A 134 -10.61 0.43 -12.21
C GLY A 134 -11.71 -0.46 -12.75
N VAL A 135 -12.15 -1.41 -11.93
CA VAL A 135 -13.22 -2.33 -12.34
C VAL A 135 -14.51 -1.58 -12.64
N VAL A 136 -14.77 -1.35 -13.92
CA VAL A 136 -15.96 -0.64 -14.35
C VAL A 136 -16.21 -0.81 -15.85
N GLU A 137 -17.46 -1.02 -16.22
CA GLU A 137 -17.83 -1.20 -17.63
C GLU A 137 -18.96 -0.26 -18.01
N ILE A 138 -19.02 0.10 -19.29
CA ILE A 138 -20.05 0.99 -19.80
C ILE A 138 -20.90 0.31 -20.86
N MET A 1 -7.85 15.85 19.07
CA MET A 1 -7.95 14.67 19.93
C MET A 1 -8.11 13.40 19.09
N VAL A 2 -7.29 13.28 18.04
CA VAL A 2 -7.34 12.12 17.16
C VAL A 2 -5.97 11.81 16.58
N MET A 3 -5.92 10.85 15.67
CA MET A 3 -4.67 10.45 15.04
C MET A 3 -4.50 11.14 13.69
N THR A 4 -3.25 11.27 13.24
CA THR A 4 -2.95 11.92 11.96
C THR A 4 -1.89 11.14 11.20
N VAL A 5 -2.32 10.36 10.22
CA VAL A 5 -1.40 9.57 9.41
C VAL A 5 -1.01 10.32 8.14
N ARG A 6 0.24 10.80 8.10
CA ARG A 6 0.74 11.53 6.95
C ARG A 6 1.41 10.59 5.95
N VAL A 7 1.09 10.77 4.67
CA VAL A 7 1.66 9.93 3.62
C VAL A 7 2.73 10.70 2.84
N ILE A 8 3.80 9.98 2.49
CA ILE A 8 4.90 10.59 1.74
C ILE A 8 5.30 9.72 0.55
N ALA A 9 5.50 10.36 -0.60
CA ALA A 9 5.88 9.64 -1.81
C ALA A 9 7.40 9.61 -1.96
N PRO A 10 7.89 8.66 -2.78
CA PRO A 10 9.32 8.50 -3.03
C PRO A 10 9.90 9.65 -3.84
N ASP A 11 9.04 10.51 -4.33
CA ASP A 11 9.47 11.66 -5.13
C ASP A 11 9.19 12.97 -4.39
N LYS A 12 8.31 12.92 -3.41
CA LYS A 12 7.96 14.09 -2.62
C LYS A 12 6.80 13.78 -1.68
N THR A 13 6.55 14.71 -0.75
CA THR A 13 5.46 14.54 0.22
C THR A 13 4.11 14.48 -0.47
N VAL A 14 3.25 13.60 0.01
CA VAL A 14 1.91 13.44 -0.56
C VAL A 14 0.91 14.38 0.11
N TRP A 15 0.56 14.07 1.35
CA TRP A 15 -0.38 14.90 2.10
C TRP A 15 -0.61 14.32 3.50
N ASP A 16 -1.60 14.86 4.20
CA ASP A 16 -1.92 14.41 5.54
C ASP A 16 -3.28 13.72 5.58
N ALA A 17 -3.32 12.50 6.11
CA ALA A 17 -4.57 11.75 6.20
C ALA A 17 -5.03 11.63 7.65
N PRO A 18 -5.67 12.69 8.15
CA PRO A 18 -6.19 12.74 9.52
C PRO A 18 -7.37 11.80 9.73
N ALA A 19 -7.37 11.10 10.86
CA ALA A 19 -8.44 10.16 11.19
C ALA A 19 -8.28 9.61 12.59
N GLU A 20 -9.38 9.15 13.18
CA GLU A 20 -9.36 8.59 14.53
C GLU A 20 -8.48 7.34 14.59
N GLU A 21 -8.64 6.47 13.60
CA GLU A 21 -7.87 5.23 13.54
C GLU A 21 -7.61 4.82 12.10
N VAL A 22 -6.49 4.14 11.87
CA VAL A 22 -6.13 3.69 10.53
C VAL A 22 -5.89 2.18 10.52
N ILE A 23 -6.40 1.52 9.49
CA ILE A 23 -6.23 0.08 9.35
C ILE A 23 -5.66 -0.28 7.99
N LEU A 24 -4.57 -1.05 8.00
CA LEU A 24 -3.92 -1.46 6.76
C LEU A 24 -3.16 -2.78 6.96
N PRO A 25 -2.88 -3.47 5.85
CA PRO A 25 -2.17 -4.75 5.87
C PRO A 25 -0.69 -4.58 6.24
N SER A 26 -0.24 -5.37 7.21
CA SER A 26 1.15 -5.31 7.65
C SER A 26 1.78 -6.70 7.69
N THR A 27 2.96 -6.80 8.29
CA THR A 27 3.67 -8.06 8.38
C THR A 27 2.75 -9.17 8.90
N THR A 28 2.20 -8.98 10.10
CA THR A 28 1.32 -9.95 10.70
C THR A 28 0.04 -10.11 9.88
N GLY A 29 -0.21 -9.16 8.98
CA GLY A 29 -1.39 -9.22 8.15
C GLY A 29 -2.37 -8.10 8.45
N GLN A 30 -2.63 -7.87 9.74
CA GLN A 30 -3.55 -6.83 10.17
C GLN A 30 -2.86 -5.83 11.08
N LEU A 31 -3.05 -4.55 10.80
CA LEU A 31 -2.44 -3.49 11.60
C LEU A 31 -3.46 -2.38 11.91
N GLY A 32 -3.40 -1.86 13.12
CA GLY A 32 -4.31 -0.81 13.52
C GLY A 32 -3.70 0.17 14.51
N ILE A 33 -3.52 1.41 14.09
CA ILE A 33 -2.93 2.43 14.94
C ILE A 33 -3.95 3.52 15.29
N LEU A 34 -3.82 4.10 16.47
CA LEU A 34 -4.72 5.15 16.92
C LEU A 34 -3.95 6.32 17.51
N SER A 35 -4.67 7.35 17.94
CA SER A 35 -4.05 8.53 18.53
C SER A 35 -3.42 8.20 19.87
N ASN A 36 -4.15 7.47 20.70
CA ASN A 36 -3.66 7.08 22.02
C ASN A 36 -2.42 6.19 21.90
N HIS A 37 -2.22 5.63 20.71
CA HIS A 37 -1.07 4.76 20.47
C HIS A 37 0.22 5.41 20.96
N ALA A 38 1.24 4.59 21.19
CA ALA A 38 2.53 5.08 21.66
C ALA A 38 3.52 5.22 20.51
N PRO A 39 4.60 5.97 20.75
CA PRO A 39 5.64 6.20 19.75
C PRO A 39 6.45 4.95 19.45
N LEU A 40 6.20 4.34 18.30
CA LEU A 40 6.91 3.13 17.90
C LEU A 40 7.08 3.08 16.38
N LEU A 41 8.15 2.41 15.94
CA LEU A 41 8.42 2.29 14.51
C LEU A 41 7.97 0.93 13.98
N THR A 42 7.50 0.92 12.73
CA THR A 42 7.03 -0.32 12.11
C THR A 42 7.31 -0.31 10.61
N ALA A 43 7.04 -1.44 9.96
CA ALA A 43 7.26 -1.55 8.52
C ALA A 43 5.99 -2.03 7.82
N LEU A 44 5.86 -1.69 6.53
CA LEU A 44 4.71 -2.09 5.75
C LEU A 44 5.12 -2.50 4.34
N GLU A 45 4.34 -3.39 3.74
CA GLU A 45 4.63 -3.87 2.39
C GLU A 45 3.55 -3.40 1.42
N THR A 46 3.71 -3.76 0.14
CA THR A 46 2.75 -3.38 -0.89
C THR A 46 1.32 -3.74 -0.48
N GLY A 47 0.41 -2.80 -0.70
CA GLY A 47 -0.98 -3.04 -0.34
C GLY A 47 -1.79 -1.76 -0.29
N VAL A 48 -3.09 -1.90 -0.03
CA VAL A 48 -3.97 -0.74 0.04
C VAL A 48 -4.15 -0.28 1.49
N MET A 49 -4.33 1.03 1.67
CA MET A 49 -4.51 1.59 3.00
C MET A 49 -5.93 2.12 3.18
N ARG A 50 -6.54 1.80 4.31
CA ARG A 50 -7.90 2.24 4.60
C ARG A 50 -7.92 3.17 5.81
N VAL A 51 -8.24 4.44 5.56
CA VAL A 51 -8.31 5.43 6.63
C VAL A 51 -9.73 5.58 7.16
N ARG A 52 -9.86 5.64 8.48
CA ARG A 52 -11.16 5.79 9.11
C ARG A 52 -11.19 7.00 10.04
N GLN A 53 -11.87 8.05 9.61
CA GLN A 53 -11.97 9.26 10.42
C GLN A 53 -12.96 9.09 11.56
N ASP A 54 -14.25 9.10 11.23
CA ASP A 54 -15.29 8.94 12.25
C ASP A 54 -16.68 8.96 11.60
N ARG A 55 -16.76 8.43 10.39
CA ARG A 55 -18.03 8.39 9.66
C ARG A 55 -17.86 7.71 8.31
N GLU A 56 -16.83 8.12 7.57
CA GLU A 56 -16.57 7.55 6.26
C GLU A 56 -15.18 6.92 6.21
N TRP A 57 -14.81 6.38 5.05
CA TRP A 57 -13.51 5.76 4.88
C TRP A 57 -12.95 6.04 3.49
N VAL A 58 -11.65 6.32 3.41
CA VAL A 58 -11.00 6.61 2.14
C VAL A 58 -10.05 5.49 1.75
N ALA A 59 -9.88 5.30 0.44
CA ALA A 59 -9.00 4.25 -0.06
C ALA A 59 -7.81 4.86 -0.81
N ILE A 60 -6.61 4.37 -0.50
CA ILE A 60 -5.40 4.85 -1.14
C ILE A 60 -4.37 3.74 -1.30
N ALA A 61 -4.01 3.46 -2.55
CA ALA A 61 -3.03 2.41 -2.84
C ALA A 61 -1.62 2.88 -2.52
N LEU A 62 -0.76 1.94 -2.10
CA LEU A 62 0.62 2.27 -1.76
C LEU A 62 1.49 1.02 -1.84
N MET A 63 2.71 1.19 -2.34
CA MET A 63 3.65 0.09 -2.48
C MET A 63 4.47 -0.08 -1.19
N GLY A 64 5.51 -0.91 -1.26
CA GLY A 64 6.35 -1.13 -0.10
C GLY A 64 6.87 0.16 0.50
N GLY A 65 7.28 0.09 1.75
CA GLY A 65 7.79 1.27 2.43
C GLY A 65 7.85 1.10 3.94
N PHE A 66 8.11 2.19 4.64
CA PHE A 66 8.20 2.16 6.10
C PHE A 66 7.12 3.04 6.74
N ALA A 67 7.04 3.01 8.06
CA ALA A 67 6.06 3.81 8.79
C ALA A 67 6.47 3.97 10.25
N GLU A 68 6.19 5.15 10.81
CA GLU A 68 6.53 5.43 12.19
C GLU A 68 5.46 6.32 12.84
N VAL A 69 4.79 5.79 13.86
CA VAL A 69 3.76 6.53 14.56
C VAL A 69 4.24 7.00 15.93
N GLU A 70 3.82 8.19 16.33
CA GLU A 70 4.22 8.74 17.62
C GLU A 70 3.45 10.04 17.90
N ASN A 71 2.76 10.07 19.03
CA ASN A 71 1.99 11.24 19.42
C ASN A 71 1.08 11.70 18.30
N ASN A 72 0.26 10.77 17.79
CA ASN A 72 -0.66 11.08 16.71
C ASN A 72 0.09 11.59 15.48
N GLU A 73 1.29 11.05 15.26
CA GLU A 73 2.11 11.45 14.13
C GLU A 73 2.66 10.23 13.40
N VAL A 74 1.95 9.81 12.35
CA VAL A 74 2.38 8.65 11.57
C VAL A 74 3.04 9.08 10.27
N THR A 75 4.34 8.82 10.16
CA THR A 75 5.10 9.19 8.96
C THR A 75 5.46 7.95 8.15
N ILE A 76 4.74 7.75 7.05
CA ILE A 76 4.99 6.60 6.18
C ILE A 76 5.62 7.04 4.86
N LEU A 77 6.59 6.26 4.39
CA LEU A 77 7.28 6.56 3.14
C LEU A 77 7.23 5.37 2.19
N VAL A 78 6.33 5.45 1.21
CA VAL A 78 6.18 4.38 0.23
C VAL A 78 7.02 4.65 -1.02
N ASN A 79 7.07 3.67 -1.92
CA ASN A 79 7.83 3.82 -3.15
C ASN A 79 6.91 3.72 -4.37
N GLY A 80 5.74 4.34 -4.27
CA GLY A 80 4.79 4.32 -5.37
C GLY A 80 3.36 4.10 -4.90
N ALA A 81 2.66 5.19 -4.63
CA ALA A 81 1.27 5.10 -4.18
C ALA A 81 0.34 5.86 -5.10
N GLU A 82 -0.96 5.80 -4.81
CA GLU A 82 -1.95 6.49 -5.63
C GLU A 82 -3.21 6.79 -4.81
N ARG A 83 -3.85 7.92 -5.11
CA ARG A 83 -5.06 8.32 -4.41
C ARG A 83 -6.31 7.86 -5.16
N GLY A 84 -6.17 6.78 -5.92
CA GLY A 84 -7.30 6.26 -6.69
C GLY A 84 -7.37 6.86 -8.07
N ASP A 85 -6.63 7.95 -8.29
CA ASP A 85 -6.61 8.62 -9.58
C ASP A 85 -5.46 8.12 -10.45
N THR A 86 -5.01 6.90 -10.18
CA THR A 86 -3.90 6.32 -10.92
C THR A 86 -4.29 4.96 -11.51
N ILE A 87 -5.52 4.53 -11.23
CA ILE A 87 -6.01 3.26 -11.74
C ILE A 87 -5.82 3.16 -13.25
N ASP A 88 -5.38 2.00 -13.71
CA ASP A 88 -5.15 1.77 -15.13
C ASP A 88 -5.49 0.33 -15.51
N LEU A 89 -6.18 0.17 -16.64
CA LEU A 89 -6.57 -1.16 -17.11
C LEU A 89 -5.36 -1.93 -17.62
N GLU A 90 -4.66 -1.35 -18.59
CA GLU A 90 -3.47 -1.98 -19.16
C GLU A 90 -2.45 -2.32 -18.08
N LYS A 91 -2.47 -1.53 -17.01
CA LYS A 91 -1.54 -1.75 -15.90
C LYS A 91 -1.74 -3.13 -15.28
N ALA A 92 -2.97 -3.40 -14.85
CA ALA A 92 -3.30 -4.68 -14.25
C ALA A 92 -2.94 -5.84 -15.17
N LYS A 93 -3.38 -5.74 -16.42
CA LYS A 93 -3.10 -6.77 -17.41
C LYS A 93 -1.60 -6.93 -17.63
N ALA A 94 -0.86 -5.84 -17.47
CA ALA A 94 0.59 -5.87 -17.65
C ALA A 94 1.27 -6.52 -16.46
N GLU A 95 0.76 -6.24 -15.26
CA GLU A 95 1.33 -6.80 -14.04
C GLU A 95 1.15 -8.31 -14.00
N PHE A 96 -0.09 -8.76 -14.22
CA PHE A 96 -0.39 -10.19 -14.21
C PHE A 96 0.46 -10.94 -15.23
N ALA A 97 0.48 -10.42 -16.46
CA ALA A 97 1.26 -11.05 -17.53
C ALA A 97 2.75 -10.96 -17.24
N ALA A 98 3.17 -9.90 -16.55
CA ALA A 98 4.57 -9.71 -16.21
C ALA A 98 5.01 -10.71 -15.14
N ALA A 99 4.15 -10.94 -14.16
CA ALA A 99 4.45 -11.87 -13.07
C ALA A 99 4.48 -13.30 -13.58
N GLN A 100 3.44 -13.69 -14.31
CA GLN A 100 3.34 -15.04 -14.85
C GLN A 100 4.58 -15.40 -15.64
N ALA A 101 5.01 -14.49 -16.51
CA ALA A 101 6.20 -14.71 -17.33
C ALA A 101 7.46 -14.59 -16.50
N ALA A 102 7.45 -13.69 -15.53
CA ALA A 102 8.61 -13.48 -14.66
C ALA A 102 8.95 -14.75 -13.89
N LEU A 103 7.94 -15.35 -13.27
CA LEU A 103 8.14 -16.57 -12.50
C LEU A 103 8.61 -17.71 -13.40
N ALA A 104 7.85 -18.00 -14.44
CA ALA A 104 8.19 -19.06 -15.37
C ALA A 104 9.59 -18.86 -15.95
N GLN A 105 9.95 -17.59 -16.17
CA GLN A 105 11.25 -17.25 -16.72
C GLN A 105 12.36 -17.51 -15.69
N ALA A 106 12.13 -17.08 -14.47
CA ALA A 106 13.11 -17.26 -13.39
C ALA A 106 13.57 -18.72 -13.32
N GLU A 107 12.61 -19.64 -13.44
CA GLU A 107 12.92 -21.06 -13.38
C GLU A 107 13.45 -21.56 -14.72
N GLN A 108 13.12 -20.83 -15.79
CA GLN A 108 13.57 -21.21 -17.13
C GLN A 108 14.99 -20.72 -17.38
N GLY A 109 15.58 -20.09 -16.39
CA GLY A 109 16.93 -19.58 -16.52
C GLY A 109 17.00 -18.07 -16.45
N GLU A 110 16.33 -17.49 -15.46
CA GLU A 110 16.31 -16.05 -15.30
C GLU A 110 16.48 -15.67 -13.82
N SER A 111 16.26 -14.40 -13.51
CA SER A 111 16.39 -13.91 -12.14
C SER A 111 15.32 -14.51 -11.25
N LYS A 112 15.67 -15.59 -10.55
CA LYS A 112 14.74 -16.27 -9.66
C LYS A 112 15.03 -15.91 -8.20
N GLN A 113 15.37 -14.64 -7.97
CA GLN A 113 15.67 -14.17 -6.63
C GLN A 113 14.56 -14.56 -5.64
N ALA A 114 13.33 -14.18 -5.97
CA ALA A 114 12.19 -14.49 -5.13
C ALA A 114 10.95 -14.76 -5.96
N LYS A 115 10.49 -16.00 -5.97
CA LYS A 115 9.30 -16.38 -6.73
C LYS A 115 8.04 -15.83 -6.09
N ILE A 116 7.92 -16.01 -4.78
CA ILE A 116 6.76 -15.52 -4.05
C ILE A 116 6.74 -13.99 -4.00
N GLN A 117 7.88 -13.40 -3.66
CA GLN A 117 7.99 -11.95 -3.59
C GLN A 117 7.56 -11.30 -4.90
N ALA A 118 7.86 -11.97 -6.02
CA ALA A 118 7.50 -11.45 -7.33
C ALA A 118 6.03 -11.69 -7.62
N THR A 119 5.59 -12.93 -7.46
CA THR A 119 4.20 -13.30 -7.71
C THR A 119 3.25 -12.42 -6.90
N GLN A 120 3.62 -12.14 -5.66
CA GLN A 120 2.80 -11.32 -4.78
C GLN A 120 2.96 -9.84 -5.11
N ALA A 121 4.16 -9.45 -5.52
CA ALA A 121 4.45 -8.06 -5.88
C ALA A 121 3.53 -7.60 -7.00
N PHE A 122 3.42 -8.39 -8.05
CA PHE A 122 2.59 -8.06 -9.19
C PHE A 122 1.10 -8.14 -8.83
N ARG A 123 0.72 -9.25 -8.21
CA ARG A 123 -0.67 -9.46 -7.80
C ARG A 123 -1.16 -8.30 -6.94
N ARG A 124 -0.34 -7.90 -5.97
CA ARG A 124 -0.69 -6.80 -5.08
C ARG A 124 -0.70 -5.47 -5.82
N ALA A 125 0.30 -5.26 -6.66
CA ALA A 125 0.40 -4.02 -7.43
C ALA A 125 -0.83 -3.83 -8.32
N ARG A 126 -1.23 -4.91 -8.99
CA ARG A 126 -2.40 -4.86 -9.87
C ARG A 126 -3.69 -4.83 -9.07
N ALA A 127 -3.69 -5.51 -7.92
CA ALA A 127 -4.86 -5.56 -7.06
C ALA A 127 -5.18 -4.18 -6.48
N ARG A 128 -4.19 -3.58 -5.82
CA ARG A 128 -4.36 -2.27 -5.22
C ARG A 128 -4.56 -1.21 -6.29
N LEU A 129 -3.91 -1.37 -7.43
CA LEU A 129 -4.01 -0.43 -8.53
C LEU A 129 -5.48 -0.22 -8.92
N GLN A 130 -6.16 -1.31 -9.24
CA GLN A 130 -7.56 -1.24 -9.63
C GLN A 130 -8.46 -1.01 -8.42
N ALA A 131 -8.11 -1.64 -7.30
CA ALA A 131 -8.88 -1.49 -6.08
C ALA A 131 -8.86 -0.04 -5.59
N ALA A 132 -7.93 0.74 -6.11
CA ALA A 132 -7.81 2.14 -5.72
C ALA A 132 -9.00 2.94 -6.22
N GLY A 133 -9.79 2.34 -7.10
CA GLY A 133 -10.96 3.02 -7.65
C GLY A 133 -10.98 3.03 -9.16
N GLY A 134 -10.54 1.93 -9.76
CA GLY A 134 -10.52 1.82 -11.21
C GLY A 134 -11.72 1.07 -11.76
N VAL A 135 -12.21 0.11 -10.98
CA VAL A 135 -13.36 -0.69 -11.41
C VAL A 135 -14.67 -0.12 -10.84
N VAL A 136 -15.27 0.80 -11.58
CA VAL A 136 -16.52 1.43 -11.15
C VAL A 136 -17.65 1.06 -12.09
N GLU A 137 -17.33 0.83 -13.35
CA GLU A 137 -18.34 0.47 -14.35
C GLU A 137 -18.03 -0.90 -14.97
N ILE A 138 -19.07 -1.64 -15.29
CA ILE A 138 -18.92 -2.96 -15.89
C ILE A 138 -19.84 -3.14 -17.09
N MET A 1 -7.64 12.09 21.31
CA MET A 1 -8.39 11.02 20.67
C MET A 1 -8.46 11.22 19.16
N VAL A 2 -7.30 11.19 18.51
CA VAL A 2 -7.23 11.37 17.06
C VAL A 2 -5.80 11.17 16.56
N MET A 3 -5.69 10.49 15.42
CA MET A 3 -4.38 10.21 14.83
C MET A 3 -4.24 10.94 13.49
N THR A 4 -2.99 11.11 13.05
CA THR A 4 -2.72 11.78 11.79
C THR A 4 -1.67 11.03 10.98
N VAL A 5 -2.13 10.27 9.99
CA VAL A 5 -1.23 9.49 9.14
C VAL A 5 -0.90 10.25 7.86
N ARG A 6 0.33 10.73 7.74
CA ARG A 6 0.76 11.47 6.56
C ARG A 6 1.54 10.57 5.62
N VAL A 7 1.39 10.80 4.32
CA VAL A 7 2.08 10.01 3.31
C VAL A 7 3.27 10.77 2.75
N ILE A 8 4.38 10.05 2.52
CA ILE A 8 5.59 10.66 1.98
C ILE A 8 6.32 9.70 1.06
N ALA A 9 6.98 10.25 0.05
CA ALA A 9 7.73 9.44 -0.91
C ALA A 9 9.21 9.78 -0.89
N PRO A 10 10.04 8.86 -1.39
CA PRO A 10 11.49 9.04 -1.43
C PRO A 10 11.91 10.11 -2.43
N ASP A 11 10.95 10.59 -3.22
CA ASP A 11 11.23 11.61 -4.22
C ASP A 11 10.66 12.96 -3.77
N LYS A 12 9.69 12.93 -2.86
CA LYS A 12 9.07 14.14 -2.36
C LYS A 12 7.94 13.81 -1.40
N THR A 13 7.24 14.84 -0.94
CA THR A 13 6.13 14.67 0.00
C THR A 13 4.82 14.48 -0.75
N VAL A 14 3.90 13.73 -0.13
CA VAL A 14 2.60 13.46 -0.74
C VAL A 14 1.53 14.36 -0.14
N TRP A 15 1.12 14.06 1.08
CA TRP A 15 0.09 14.84 1.77
C TRP A 15 -0.17 14.29 3.16
N ASP A 16 -1.09 14.93 3.88
CA ASP A 16 -1.44 14.50 5.24
C ASP A 16 -2.82 13.85 5.26
N ALA A 17 -2.87 12.61 5.73
CA ALA A 17 -4.12 11.88 5.81
C ALA A 17 -4.57 11.71 7.26
N PRO A 18 -5.23 12.74 7.79
CA PRO A 18 -5.72 12.74 9.18
C PRO A 18 -6.89 11.77 9.37
N ALA A 19 -6.85 11.03 10.47
CA ALA A 19 -7.91 10.06 10.77
C ALA A 19 -7.64 9.37 12.11
N GLU A 20 -8.72 9.07 12.83
CA GLU A 20 -8.60 8.41 14.13
C GLU A 20 -7.75 7.15 14.02
N GLU A 21 -8.26 6.17 13.26
CA GLU A 21 -7.55 4.90 13.07
C GLU A 21 -7.42 4.57 11.59
N VAL A 22 -6.37 3.82 11.24
CA VAL A 22 -6.14 3.43 9.86
C VAL A 22 -5.73 1.97 9.77
N ILE A 23 -6.39 1.23 8.88
CA ILE A 23 -6.09 -0.19 8.70
C ILE A 23 -5.49 -0.45 7.32
N LEU A 24 -4.51 -1.34 7.26
CA LEU A 24 -3.86 -1.68 6.00
C LEU A 24 -3.11 -3.00 6.11
N PRO A 25 -2.84 -3.63 4.96
CA PRO A 25 -2.12 -4.91 4.91
C PRO A 25 -0.66 -4.77 5.29
N SER A 26 -0.19 -5.64 6.19
CA SER A 26 1.19 -5.60 6.64
C SER A 26 1.78 -7.02 6.68
N THR A 27 2.96 -7.14 7.27
CA THR A 27 3.63 -8.43 7.38
C THR A 27 2.69 -9.51 7.90
N THR A 28 2.15 -9.29 9.10
CA THR A 28 1.23 -10.24 9.71
C THR A 28 -0.05 -10.38 8.88
N GLY A 29 -0.26 -9.43 7.98
CA GLY A 29 -1.45 -9.46 7.15
C GLY A 29 -2.40 -8.31 7.43
N GLN A 30 -2.64 -8.05 8.71
CA GLN A 30 -3.54 -6.97 9.11
C GLN A 30 -2.81 -5.97 10.01
N LEU A 31 -2.96 -4.69 9.69
CA LEU A 31 -2.32 -3.64 10.48
C LEU A 31 -3.36 -2.66 11.01
N GLY A 32 -3.14 -2.18 12.24
CA GLY A 32 -4.06 -1.24 12.85
C GLY A 32 -3.37 -0.25 13.76
N ILE A 33 -3.35 1.01 13.35
CA ILE A 33 -2.70 2.07 14.13
C ILE A 33 -3.71 3.11 14.58
N LEU A 34 -3.64 3.50 15.84
CA LEU A 34 -4.54 4.51 16.39
C LEU A 34 -3.77 5.61 17.11
N SER A 35 -4.49 6.58 17.64
CA SER A 35 -3.87 7.71 18.34
C SER A 35 -3.22 7.24 19.64
N ASN A 36 -3.94 6.38 20.37
CA ASN A 36 -3.44 5.85 21.64
C ASN A 36 -2.16 5.05 21.43
N HIS A 37 -1.92 4.65 20.18
CA HIS A 37 -0.73 3.89 19.85
C HIS A 37 0.53 4.53 20.44
N ALA A 38 1.58 3.74 20.57
CA ALA A 38 2.84 4.24 21.12
C ALA A 38 3.85 4.52 20.01
N PRO A 39 4.91 5.27 20.35
CA PRO A 39 5.95 5.64 19.39
C PRO A 39 6.81 4.45 18.99
N LEU A 40 6.56 3.91 17.80
CA LEU A 40 7.31 2.76 17.31
C LEU A 40 7.36 2.76 15.78
N LEU A 41 8.42 2.19 15.22
CA LEU A 41 8.58 2.12 13.78
C LEU A 41 8.25 0.73 13.26
N THR A 42 7.67 0.67 12.06
CA THR A 42 7.30 -0.60 11.45
C THR A 42 7.44 -0.54 9.94
N ALA A 43 7.24 -1.69 9.28
CA ALA A 43 7.33 -1.75 7.82
C ALA A 43 6.00 -2.17 7.22
N LEU A 44 5.77 -1.73 5.98
CA LEU A 44 4.53 -2.04 5.28
C LEU A 44 4.81 -2.39 3.81
N GLU A 45 3.92 -3.18 3.23
CA GLU A 45 4.07 -3.59 1.84
C GLU A 45 2.99 -2.97 0.96
N THR A 46 3.11 -3.13 -0.35
CA THR A 46 2.15 -2.59 -1.29
C THR A 46 0.73 -3.03 -0.95
N GLY A 47 -0.25 -2.27 -1.44
CA GLY A 47 -1.65 -2.60 -1.17
C GLY A 47 -2.48 -1.38 -0.84
N VAL A 48 -3.79 -1.54 -0.87
CA VAL A 48 -4.70 -0.43 -0.58
C VAL A 48 -4.76 -0.15 0.92
N MET A 49 -4.97 1.12 1.26
CA MET A 49 -5.05 1.53 2.66
C MET A 49 -6.44 2.03 3.01
N ARG A 50 -6.94 1.63 4.17
CA ARG A 50 -8.27 2.05 4.62
C ARG A 50 -8.17 3.12 5.70
N VAL A 51 -8.72 4.29 5.42
CA VAL A 51 -8.70 5.40 6.37
C VAL A 51 -10.03 5.53 7.10
N ARG A 52 -9.98 5.71 8.42
CA ARG A 52 -11.18 5.84 9.22
C ARG A 52 -11.09 7.08 10.11
N GLN A 53 -11.69 8.18 9.64
CA GLN A 53 -11.67 9.43 10.40
C GLN A 53 -12.66 9.38 11.56
N ASP A 54 -13.91 9.00 11.25
CA ASP A 54 -14.95 8.92 12.27
C ASP A 54 -16.26 8.43 11.66
N ARG A 55 -16.75 9.15 10.65
CA ARG A 55 -17.99 8.80 9.98
C ARG A 55 -17.74 8.43 8.52
N GLU A 56 -16.66 8.98 7.96
CA GLU A 56 -16.31 8.71 6.56
C GLU A 56 -15.04 7.87 6.47
N TRP A 57 -14.64 7.56 5.26
CA TRP A 57 -13.43 6.75 5.03
C TRP A 57 -12.75 7.15 3.73
N VAL A 58 -11.44 6.91 3.65
CA VAL A 58 -10.67 7.24 2.47
C VAL A 58 -9.85 6.04 1.99
N ALA A 59 -9.62 5.98 0.69
CA ALA A 59 -8.85 4.88 0.10
C ALA A 59 -7.58 5.40 -0.57
N ILE A 60 -6.44 4.83 -0.20
CA ILE A 60 -5.16 5.23 -0.78
C ILE A 60 -4.27 4.03 -1.05
N ALA A 61 -3.93 3.83 -2.32
CA ALA A 61 -3.09 2.72 -2.72
C ALA A 61 -1.61 3.10 -2.67
N LEU A 62 -0.89 2.50 -1.72
CA LEU A 62 0.53 2.77 -1.55
C LEU A 62 1.35 1.50 -1.75
N MET A 63 2.52 1.64 -2.36
CA MET A 63 3.41 0.52 -2.60
C MET A 63 4.32 0.27 -1.40
N GLY A 64 5.30 -0.60 -1.58
CA GLY A 64 6.22 -0.91 -0.51
C GLY A 64 6.84 0.33 0.10
N GLY A 65 7.18 0.25 1.38
CA GLY A 65 7.79 1.38 2.06
C GLY A 65 7.88 1.18 3.56
N PHE A 66 8.16 2.26 4.28
CA PHE A 66 8.27 2.20 5.74
C PHE A 66 7.22 3.08 6.40
N ALA A 67 7.11 2.96 7.72
CA ALA A 67 6.14 3.74 8.48
C ALA A 67 6.58 3.90 9.93
N GLU A 68 6.44 5.12 10.45
CA GLU A 68 6.83 5.40 11.83
C GLU A 68 5.76 6.24 12.54
N VAL A 69 5.08 5.63 13.51
CA VAL A 69 4.03 6.32 14.25
C VAL A 69 4.51 6.68 15.66
N GLU A 70 4.08 7.83 16.16
CA GLU A 70 4.46 8.29 17.48
C GLU A 70 3.69 9.54 17.87
N ASN A 71 3.00 9.48 19.01
CA ASN A 71 2.22 10.61 19.50
C ASN A 71 1.30 11.14 18.40
N ASN A 72 0.49 10.27 17.84
CA ASN A 72 -0.44 10.65 16.78
C ASN A 72 0.30 11.28 15.61
N GLU A 73 1.50 10.75 15.33
CA GLU A 73 2.31 11.25 14.23
C GLU A 73 2.89 10.10 13.41
N VAL A 74 2.24 9.79 12.30
CA VAL A 74 2.69 8.71 11.43
C VAL A 74 3.38 9.26 10.19
N THR A 75 4.46 8.60 9.77
CA THR A 75 5.21 9.01 8.60
C THR A 75 5.47 7.84 7.67
N ILE A 76 4.72 7.79 6.56
CA ILE A 76 4.88 6.73 5.59
C ILE A 76 5.90 7.10 4.51
N LEU A 77 6.78 6.17 4.20
CA LEU A 77 7.81 6.40 3.18
C LEU A 77 7.73 5.35 2.08
N VAL A 78 6.70 5.46 1.24
CA VAL A 78 6.51 4.53 0.14
C VAL A 78 7.09 5.08 -1.15
N ASN A 79 7.58 4.19 -2.00
CA ASN A 79 8.16 4.58 -3.28
C ASN A 79 7.10 5.17 -4.20
N GLY A 80 5.95 4.50 -4.30
CA GLY A 80 4.88 4.96 -5.15
C GLY A 80 3.63 5.32 -4.35
N ALA A 81 2.93 6.35 -4.80
CA ALA A 81 1.71 6.80 -4.12
C ALA A 81 0.54 6.84 -5.10
N GLU A 82 -0.64 6.46 -4.61
CA GLU A 82 -1.84 6.46 -5.44
C GLU A 82 -3.05 6.94 -4.65
N ARG A 83 -3.81 7.85 -5.23
CA ARG A 83 -4.99 8.40 -4.58
C ARG A 83 -6.24 7.60 -4.95
N GLY A 84 -6.03 6.42 -5.52
CA GLY A 84 -7.14 5.58 -5.92
C GLY A 84 -7.60 5.87 -7.34
N ASP A 85 -7.15 6.99 -7.89
CA ASP A 85 -7.52 7.37 -9.25
C ASP A 85 -6.47 6.92 -10.25
N THR A 86 -5.93 5.73 -10.03
CA THR A 86 -4.91 5.19 -10.91
C THR A 86 -5.31 3.81 -11.45
N ILE A 87 -6.58 3.46 -11.28
CA ILE A 87 -7.09 2.19 -11.73
C ILE A 87 -6.73 1.93 -13.20
N ASP A 88 -6.13 0.77 -13.46
CA ASP A 88 -5.72 0.41 -14.80
C ASP A 88 -5.89 -1.08 -15.04
N LEU A 89 -6.88 -1.45 -15.85
CA LEU A 89 -7.14 -2.85 -16.16
C LEU A 89 -6.06 -3.42 -17.07
N GLU A 90 -5.88 -2.80 -18.24
CA GLU A 90 -4.86 -3.25 -19.19
C GLU A 90 -3.48 -3.29 -18.54
N LYS A 91 -3.13 -2.21 -17.86
CA LYS A 91 -1.84 -2.12 -17.19
C LYS A 91 -1.60 -3.34 -16.30
N ALA A 92 -2.66 -3.80 -15.64
CA ALA A 92 -2.57 -4.96 -14.76
C ALA A 92 -2.35 -6.24 -15.55
N LYS A 93 -2.90 -6.27 -16.76
CA LYS A 93 -2.79 -7.45 -17.62
C LYS A 93 -1.34 -7.62 -18.10
N ALA A 94 -0.73 -6.52 -18.52
CA ALA A 94 0.65 -6.55 -18.99
C ALA A 94 1.62 -6.85 -17.85
N GLU A 95 1.27 -6.41 -16.65
CA GLU A 95 2.10 -6.62 -15.48
C GLU A 95 1.95 -8.05 -14.95
N PHE A 96 0.72 -8.55 -14.95
CA PHE A 96 0.45 -9.90 -14.48
C PHE A 96 1.03 -10.94 -15.44
N ALA A 97 1.03 -10.60 -16.72
CA ALA A 97 1.57 -11.50 -17.74
C ALA A 97 3.07 -11.63 -17.63
N ALA A 98 3.76 -10.49 -17.60
CA ALA A 98 5.21 -10.47 -17.51
C ALA A 98 5.69 -11.13 -16.21
N ALA A 99 4.98 -10.85 -15.12
CA ALA A 99 5.32 -11.42 -13.82
C ALA A 99 5.00 -12.91 -13.77
N GLN A 100 3.87 -13.28 -14.34
CA GLN A 100 3.44 -14.67 -14.36
C GLN A 100 4.51 -15.56 -14.99
N ALA A 101 4.92 -15.21 -16.20
CA ALA A 101 5.95 -15.96 -16.92
C ALA A 101 7.29 -15.87 -16.21
N ALA A 102 7.65 -14.67 -15.75
CA ALA A 102 8.91 -14.44 -15.06
C ALA A 102 9.00 -15.31 -13.81
N LEU A 103 7.85 -15.57 -13.20
CA LEU A 103 7.80 -16.38 -11.97
C LEU A 103 8.03 -17.85 -12.30
N ALA A 104 7.23 -18.39 -13.23
CA ALA A 104 7.35 -19.78 -13.63
C ALA A 104 8.79 -20.13 -13.96
N GLN A 105 9.43 -19.29 -14.77
CA GLN A 105 10.81 -19.51 -15.18
C GLN A 105 11.77 -19.29 -14.01
N ALA A 106 11.46 -18.29 -13.18
CA ALA A 106 12.29 -17.97 -12.02
C ALA A 106 12.42 -19.18 -11.10
N GLU A 107 11.31 -19.88 -10.89
CA GLU A 107 11.30 -21.06 -10.02
C GLU A 107 12.30 -22.10 -10.51
N GLN A 108 12.64 -22.03 -11.79
CA GLN A 108 13.59 -22.97 -12.38
C GLN A 108 15.01 -22.67 -11.93
N GLY A 109 15.17 -21.56 -11.21
CA GLY A 109 16.49 -21.18 -10.72
C GLY A 109 16.96 -19.87 -11.31
N GLU A 110 16.09 -18.87 -11.31
CA GLU A 110 16.42 -17.55 -11.85
C GLU A 110 15.73 -16.45 -11.07
N SER A 111 16.48 -15.82 -10.16
CA SER A 111 15.95 -14.74 -9.34
C SER A 111 16.95 -13.61 -9.18
N LYS A 112 16.46 -12.39 -9.07
CA LYS A 112 17.32 -11.22 -8.91
C LYS A 112 17.35 -10.76 -7.46
N GLN A 113 16.34 -10.02 -7.05
CA GLN A 113 16.25 -9.51 -5.69
C GLN A 113 15.49 -10.48 -4.80
N ALA A 114 14.18 -10.60 -5.05
CA ALA A 114 13.34 -11.51 -4.27
C ALA A 114 12.23 -12.10 -5.12
N LYS A 115 12.12 -13.42 -5.13
CA LYS A 115 11.10 -14.11 -5.90
C LYS A 115 9.72 -13.91 -5.28
N ILE A 116 9.63 -14.12 -3.97
CA ILE A 116 8.37 -13.96 -3.26
C ILE A 116 7.94 -12.51 -3.23
N GLN A 117 8.82 -11.64 -2.74
CA GLN A 117 8.53 -10.21 -2.66
C GLN A 117 8.10 -9.67 -4.02
N ALA A 118 8.59 -10.29 -5.08
CA ALA A 118 8.25 -9.88 -6.44
C ALA A 118 6.87 -10.36 -6.84
N THR A 119 6.64 -11.67 -6.71
CA THR A 119 5.36 -12.26 -7.05
C THR A 119 4.22 -11.56 -6.33
N GLN A 120 4.45 -11.18 -5.08
CA GLN A 120 3.44 -10.51 -4.28
C GLN A 120 3.36 -9.03 -4.64
N ALA A 121 4.50 -8.45 -4.98
CA ALA A 121 4.57 -7.04 -5.35
C ALA A 121 3.65 -6.74 -6.53
N PHE A 122 3.79 -7.52 -7.60
CA PHE A 122 2.97 -7.33 -8.79
C PHE A 122 1.55 -7.84 -8.56
N ARG A 123 1.43 -8.88 -7.75
CA ARG A 123 0.13 -9.47 -7.45
C ARG A 123 -0.76 -8.48 -6.71
N ARG A 124 -0.22 -7.87 -5.66
CA ARG A 124 -0.96 -6.90 -4.87
C ARG A 124 -1.18 -5.61 -5.66
N ALA A 125 -0.11 -5.08 -6.24
CA ALA A 125 -0.18 -3.86 -7.02
C ALA A 125 -1.20 -3.98 -8.14
N ARG A 126 -1.27 -5.16 -8.74
CA ARG A 126 -2.21 -5.41 -9.83
C ARG A 126 -3.63 -5.57 -9.30
N ALA A 127 -3.77 -6.36 -8.24
CA ALA A 127 -5.08 -6.61 -7.63
C ALA A 127 -5.71 -5.31 -7.16
N ARG A 128 -4.96 -4.53 -6.38
CA ARG A 128 -5.45 -3.26 -5.86
C ARG A 128 -5.73 -2.28 -7.00
N LEU A 129 -4.92 -2.35 -8.04
CA LEU A 129 -5.08 -1.47 -9.20
C LEU A 129 -6.51 -1.54 -9.74
N GLN A 130 -6.94 -2.73 -10.10
CA GLN A 130 -8.29 -2.93 -10.62
C GLN A 130 -9.33 -2.89 -9.51
N ALA A 131 -8.92 -3.34 -8.33
CA ALA A 131 -9.82 -3.36 -7.17
C ALA A 131 -10.12 -1.95 -6.68
N ALA A 132 -9.37 -0.98 -7.20
CA ALA A 132 -9.55 0.41 -6.83
C ALA A 132 -10.90 0.94 -7.30
N GLY A 133 -11.54 0.19 -8.19
CA GLY A 133 -12.84 0.59 -8.72
C GLY A 133 -12.73 1.73 -9.71
N GLY A 134 -12.18 1.42 -10.89
CA GLY A 134 -12.02 2.44 -11.92
C GLY A 134 -13.13 2.38 -12.96
N VAL A 135 -13.76 1.22 -13.08
CA VAL A 135 -14.84 1.03 -14.05
C VAL A 135 -16.02 0.30 -13.43
N VAL A 136 -17.22 0.75 -13.77
CA VAL A 136 -18.44 0.13 -13.24
C VAL A 136 -19.68 0.74 -13.89
N GLU A 137 -19.63 2.04 -14.15
CA GLU A 137 -20.75 2.74 -14.77
C GLU A 137 -20.27 3.86 -15.69
N ILE A 138 -20.45 3.67 -16.99
CA ILE A 138 -20.03 4.66 -17.97
C ILE A 138 -21.01 5.82 -18.04
N MET A 1 -6.08 11.76 21.14
CA MET A 1 -7.39 11.95 20.54
C MET A 1 -7.27 12.18 19.03
N VAL A 2 -7.76 11.22 18.25
CA VAL A 2 -7.71 11.32 16.80
C VAL A 2 -6.26 11.28 16.30
N MET A 3 -5.97 10.29 15.47
CA MET A 3 -4.62 10.14 14.91
C MET A 3 -4.54 10.75 13.52
N THR A 4 -3.41 11.39 13.23
CA THR A 4 -3.20 12.02 11.94
C THR A 4 -2.27 11.18 11.07
N VAL A 5 -2.82 10.66 9.97
CA VAL A 5 -2.03 9.85 9.04
C VAL A 5 -1.45 10.70 7.92
N ARG A 6 -0.17 10.51 7.65
CA ARG A 6 0.52 11.26 6.60
C ARG A 6 1.28 10.32 5.68
N VAL A 7 1.05 10.46 4.37
CA VAL A 7 1.72 9.62 3.39
C VAL A 7 2.88 10.36 2.73
N ILE A 8 3.93 9.63 2.41
CA ILE A 8 5.11 10.22 1.78
C ILE A 8 5.55 9.40 0.57
N ALA A 9 5.63 10.05 -0.58
CA ALA A 9 6.05 9.38 -1.80
C ALA A 9 7.55 9.50 -2.01
N PRO A 10 8.11 8.62 -2.86
CA PRO A 10 9.54 8.60 -3.15
C PRO A 10 9.97 9.81 -3.98
N ASP A 11 9.00 10.58 -4.44
CA ASP A 11 9.28 11.77 -5.24
C ASP A 11 9.03 13.04 -4.43
N LYS A 12 8.23 12.93 -3.39
CA LYS A 12 7.90 14.07 -2.54
C LYS A 12 6.86 13.69 -1.49
N THR A 13 6.44 14.68 -0.69
CA THR A 13 5.45 14.45 0.35
C THR A 13 4.04 14.40 -0.24
N VAL A 14 3.31 13.32 0.05
CA VAL A 14 1.95 13.17 -0.44
C VAL A 14 1.00 14.14 0.24
N TRP A 15 0.75 13.90 1.52
CA TRP A 15 -0.14 14.77 2.29
C TRP A 15 -0.21 14.31 3.75
N ASP A 16 -1.07 14.97 4.52
CA ASP A 16 -1.22 14.63 5.93
C ASP A 16 -2.63 14.99 6.42
N ALA A 17 -3.54 14.03 6.35
CA ALA A 17 -4.91 14.25 6.78
C ALA A 17 -5.20 13.52 8.09
N PRO A 18 -6.22 13.99 8.82
CA PRO A 18 -6.61 13.40 10.10
C PRO A 18 -7.25 12.03 9.93
N ALA A 19 -7.54 11.36 11.06
CA ALA A 19 -8.14 10.04 11.03
C ALA A 19 -8.56 9.61 12.43
N GLU A 20 -9.73 8.98 12.52
CA GLU A 20 -10.25 8.52 13.81
C GLU A 20 -9.83 7.07 14.07
N GLU A 21 -9.53 6.34 13.00
CA GLU A 21 -9.12 4.95 13.11
C GLU A 21 -8.27 4.53 11.91
N VAL A 22 -7.19 3.82 12.18
CA VAL A 22 -6.29 3.36 11.12
C VAL A 22 -6.28 1.84 11.04
N ILE A 23 -6.67 1.31 9.89
CA ILE A 23 -6.69 -0.13 9.68
C ILE A 23 -6.13 -0.51 8.32
N LEU A 24 -5.08 -1.33 8.32
CA LEU A 24 -4.43 -1.75 7.08
C LEU A 24 -3.56 -2.98 7.32
N PRO A 25 -3.25 -3.71 6.24
CA PRO A 25 -2.41 -4.91 6.31
C PRO A 25 -0.96 -4.59 6.64
N SER A 26 -0.41 -5.31 7.61
CA SER A 26 0.97 -5.11 8.03
C SER A 26 1.73 -6.44 8.07
N THR A 27 2.93 -6.40 8.64
CA THR A 27 3.76 -7.60 8.75
C THR A 27 2.97 -8.78 9.29
N THR A 28 2.43 -8.60 10.50
CA THR A 28 1.64 -9.65 11.13
C THR A 28 0.39 -9.98 10.33
N GLY A 29 0.04 -9.08 9.41
CA GLY A 29 -1.13 -9.29 8.58
C GLY A 29 -2.21 -8.26 8.82
N GLN A 30 -2.50 -7.98 10.09
CA GLN A 30 -3.51 -7.00 10.44
C GLN A 30 -2.92 -5.88 11.31
N LEU A 31 -3.33 -4.65 11.03
CA LEU A 31 -2.84 -3.50 11.78
C LEU A 31 -3.99 -2.60 12.20
N GLY A 32 -3.97 -2.16 13.46
CA GLY A 32 -5.01 -1.29 13.96
C GLY A 32 -4.49 -0.27 14.96
N ILE A 33 -4.58 1.00 14.59
CA ILE A 33 -4.11 2.08 15.46
C ILE A 33 -5.28 2.92 15.96
N LEU A 34 -5.12 3.47 17.17
CA LEU A 34 -6.17 4.29 17.77
C LEU A 34 -5.57 5.56 18.38
N SER A 35 -6.42 6.38 18.97
CA SER A 35 -5.98 7.63 19.60
C SER A 35 -5.06 7.35 20.77
N ASN A 36 -5.27 6.21 21.43
CA ASN A 36 -4.45 5.83 22.58
C ASN A 36 -3.08 5.34 22.13
N HIS A 37 -2.96 5.05 20.84
CA HIS A 37 -1.70 4.57 20.28
C HIS A 37 -0.52 5.40 20.82
N ALA A 38 0.68 4.81 20.77
CA ALA A 38 1.87 5.50 21.24
C ALA A 38 2.91 5.63 20.13
N PRO A 39 3.92 6.48 20.36
CA PRO A 39 4.99 6.71 19.39
C PRO A 39 5.90 5.50 19.23
N LEU A 40 5.70 4.76 18.14
CA LEU A 40 6.51 3.58 17.86
C LEU A 40 6.81 3.46 16.37
N LEU A 41 7.93 2.82 16.04
CA LEU A 41 8.33 2.63 14.65
C LEU A 41 8.03 1.22 14.19
N THR A 42 7.58 1.09 12.93
CA THR A 42 7.26 -0.21 12.37
C THR A 42 7.54 -0.23 10.87
N ALA A 43 7.39 -1.41 10.26
CA ALA A 43 7.63 -1.57 8.84
C ALA A 43 6.33 -1.93 8.11
N LEU A 44 6.31 -1.67 6.80
CA LEU A 44 5.14 -1.95 5.98
C LEU A 44 5.54 -2.58 4.65
N GLU A 45 4.68 -3.45 4.13
CA GLU A 45 4.95 -4.11 2.85
C GLU A 45 3.96 -3.66 1.79
N THR A 46 4.11 -4.20 0.58
CA THR A 46 3.23 -3.86 -0.53
C THR A 46 1.78 -4.13 -0.18
N GLY A 47 0.90 -3.20 -0.55
CA GLY A 47 -0.51 -3.37 -0.27
C GLY A 47 -1.23 -2.04 -0.07
N VAL A 48 -2.55 -2.09 -0.01
CA VAL A 48 -3.35 -0.88 0.17
C VAL A 48 -3.68 -0.66 1.64
N MET A 49 -4.24 0.51 1.94
CA MET A 49 -4.60 0.85 3.32
C MET A 49 -5.98 1.51 3.36
N ARG A 50 -6.61 1.47 4.53
CA ARG A 50 -7.92 2.07 4.72
C ARG A 50 -7.95 2.98 5.94
N VAL A 51 -8.30 4.24 5.73
CA VAL A 51 -8.36 5.22 6.82
C VAL A 51 -9.81 5.54 7.17
N ARG A 52 -10.09 5.59 8.47
CA ARG A 52 -11.43 5.89 8.95
C ARG A 52 -11.52 7.31 9.48
N GLN A 53 -12.04 8.22 8.64
CA GLN A 53 -12.17 9.62 9.02
C GLN A 53 -13.17 9.78 10.16
N ASP A 54 -14.37 9.25 9.97
CA ASP A 54 -15.41 9.33 10.98
C ASP A 54 -16.68 8.63 10.51
N ARG A 55 -17.22 9.07 9.40
CA ARG A 55 -18.44 8.48 8.85
C ARG A 55 -18.15 7.75 7.54
N GLU A 56 -17.14 8.22 6.81
CA GLU A 56 -16.76 7.60 5.55
C GLU A 56 -15.38 6.95 5.65
N TRP A 57 -14.88 6.45 4.53
CA TRP A 57 -13.58 5.80 4.50
C TRP A 57 -12.86 6.07 3.17
N VAL A 58 -11.56 6.33 3.25
CA VAL A 58 -10.76 6.60 2.06
C VAL A 58 -9.81 5.46 1.76
N ALA A 59 -9.61 5.18 0.48
CA ALA A 59 -8.71 4.10 0.07
C ALA A 59 -7.43 4.66 -0.56
N ILE A 60 -6.29 4.10 -0.18
CA ILE A 60 -5.01 4.54 -0.70
C ILE A 60 -4.04 3.37 -0.84
N ALA A 61 -3.39 3.28 -1.99
CA ALA A 61 -2.42 2.21 -2.24
C ALA A 61 -1.00 2.67 -1.94
N LEU A 62 -0.16 1.73 -1.52
CA LEU A 62 1.23 2.03 -1.20
C LEU A 62 2.09 0.78 -1.28
N MET A 63 3.17 0.86 -2.07
CA MET A 63 4.08 -0.26 -2.22
C MET A 63 4.97 -0.42 -1.00
N GLY A 64 6.00 -1.26 -1.12
CA GLY A 64 6.91 -1.49 -0.01
C GLY A 64 7.46 -0.19 0.56
N GLY A 65 7.66 -0.16 1.87
CA GLY A 65 8.18 1.03 2.51
C GLY A 65 8.18 0.92 4.02
N PHE A 66 8.33 2.06 4.69
CA PHE A 66 8.35 2.09 6.15
C PHE A 66 7.29 3.05 6.68
N ALA A 67 6.98 2.92 7.97
CA ALA A 67 5.98 3.78 8.60
C ALA A 67 6.29 3.96 10.08
N GLU A 68 5.94 5.14 10.62
CA GLU A 68 6.19 5.44 12.02
C GLU A 68 5.17 6.46 12.53
N VAL A 69 4.55 6.14 13.66
CA VAL A 69 3.55 7.03 14.26
C VAL A 69 4.04 7.59 15.59
N GLU A 70 3.51 8.74 15.96
CA GLU A 70 3.90 9.39 17.21
C GLU A 70 3.02 10.62 17.49
N ASN A 71 2.37 10.61 18.64
CA ASN A 71 1.50 11.72 19.02
C ASN A 71 0.52 12.06 17.91
N ASN A 72 -0.20 11.04 17.44
CA ASN A 72 -1.18 11.23 16.37
C ASN A 72 -0.50 11.77 15.11
N GLU A 73 0.72 11.30 14.85
CA GLU A 73 1.47 11.74 13.68
C GLU A 73 2.12 10.55 12.98
N VAL A 74 1.48 10.09 11.91
CA VAL A 74 2.00 8.95 11.14
C VAL A 74 2.77 9.42 9.93
N THR A 75 3.91 8.77 9.67
CA THR A 75 4.74 9.13 8.52
C THR A 75 5.23 7.87 7.80
N ILE A 76 4.62 7.59 6.65
CA ILE A 76 4.99 6.42 5.85
C ILE A 76 5.77 6.84 4.61
N LEU A 77 6.92 6.22 4.40
CA LEU A 77 7.76 6.51 3.25
C LEU A 77 7.85 5.31 2.32
N VAL A 78 6.93 5.25 1.35
CA VAL A 78 6.91 4.16 0.39
C VAL A 78 7.63 4.53 -0.90
N ASN A 79 7.85 3.55 -1.77
CA ASN A 79 8.53 3.78 -3.03
C ASN A 79 7.57 3.66 -4.20
N GLY A 80 6.43 4.34 -4.09
CA GLY A 80 5.44 4.30 -5.15
C GLY A 80 4.05 3.99 -4.63
N ALA A 81 3.30 5.04 -4.29
CA ALA A 81 1.94 4.87 -3.77
C ALA A 81 0.94 5.60 -4.65
N GLU A 82 -0.35 5.32 -4.42
CA GLU A 82 -1.41 5.95 -5.19
C GLU A 82 -2.50 6.50 -4.28
N ARG A 83 -2.97 7.71 -4.59
CA ARG A 83 -4.00 8.35 -3.79
C ARG A 83 -5.38 8.06 -4.37
N GLY A 84 -5.48 7.02 -5.18
CA GLY A 84 -6.75 6.66 -5.79
C GLY A 84 -6.99 7.39 -7.10
N ASP A 85 -6.19 8.40 -7.37
CA ASP A 85 -6.31 9.18 -8.59
C ASP A 85 -5.40 8.65 -9.68
N THR A 86 -4.79 7.49 -9.42
CA THR A 86 -3.88 6.86 -10.38
C THR A 86 -4.24 5.39 -10.59
N ILE A 87 -5.42 5.00 -10.13
CA ILE A 87 -5.88 3.63 -10.28
C ILE A 87 -6.43 3.38 -11.68
N ASP A 88 -5.86 2.39 -12.36
CA ASP A 88 -6.29 2.05 -13.71
C ASP A 88 -6.19 0.54 -13.95
N LEU A 89 -7.12 0.01 -14.73
CA LEU A 89 -7.14 -1.41 -15.03
C LEU A 89 -6.00 -1.79 -15.98
N GLU A 90 -5.58 -0.82 -16.79
CA GLU A 90 -4.50 -1.04 -17.75
C GLU A 90 -3.21 -1.44 -17.03
N LYS A 91 -2.82 -0.62 -16.06
CA LYS A 91 -1.61 -0.89 -15.29
C LYS A 91 -1.62 -2.29 -14.70
N ALA A 92 -2.67 -2.60 -13.93
CA ALA A 92 -2.81 -3.90 -13.31
C ALA A 92 -2.75 -5.01 -14.36
N LYS A 93 -3.11 -4.67 -15.60
CA LYS A 93 -3.10 -5.64 -16.68
C LYS A 93 -1.68 -5.96 -17.11
N ALA A 94 -0.80 -4.96 -17.04
CA ALA A 94 0.59 -5.14 -17.42
C ALA A 94 1.34 -5.96 -16.38
N GLU A 95 1.33 -5.48 -15.14
CA GLU A 95 2.02 -6.16 -14.05
C GLU A 95 1.53 -7.60 -13.92
N PHE A 96 0.22 -7.79 -14.01
CA PHE A 96 -0.37 -9.11 -13.89
C PHE A 96 0.14 -10.03 -14.99
N ALA A 97 0.13 -9.54 -16.23
CA ALA A 97 0.60 -10.32 -17.36
C ALA A 97 2.07 -10.70 -17.19
N ALA A 98 2.90 -9.71 -16.90
CA ALA A 98 4.33 -9.94 -16.71
C ALA A 98 4.57 -10.98 -15.62
N ALA A 99 3.82 -10.88 -14.53
CA ALA A 99 3.96 -11.82 -13.42
C ALA A 99 3.49 -13.22 -13.81
N GLN A 100 2.38 -13.28 -14.53
CA GLN A 100 1.83 -14.56 -14.97
C GLN A 100 2.84 -15.33 -15.80
N ALA A 101 3.36 -14.69 -16.84
CA ALA A 101 4.34 -15.32 -17.71
C ALA A 101 5.66 -15.56 -16.97
N ALA A 102 6.01 -14.64 -16.08
CA ALA A 102 7.24 -14.76 -15.31
C ALA A 102 7.19 -15.95 -14.36
N LEU A 103 5.99 -16.26 -13.88
CA LEU A 103 5.80 -17.38 -12.96
C LEU A 103 5.99 -18.71 -13.69
N ALA A 104 5.22 -18.92 -14.76
CA ALA A 104 5.31 -20.14 -15.53
C ALA A 104 6.74 -20.40 -16.00
N GLN A 105 7.40 -19.35 -16.48
CA GLN A 105 8.77 -19.45 -16.96
C GLN A 105 9.73 -19.67 -15.81
N ALA A 106 9.47 -19.00 -14.69
CA ALA A 106 10.32 -19.11 -13.51
C ALA A 106 10.54 -20.58 -13.13
N GLU A 107 9.44 -21.33 -13.05
CA GLU A 107 9.52 -22.74 -12.70
C GLU A 107 10.42 -23.50 -13.67
N GLN A 108 10.50 -23.00 -14.90
CA GLN A 108 11.32 -23.63 -15.93
C GLN A 108 12.81 -23.38 -15.67
N GLY A 109 13.09 -22.40 -14.81
CA GLY A 109 14.47 -22.07 -14.49
C GLY A 109 14.85 -20.67 -14.97
N GLU A 110 13.99 -19.70 -14.69
CA GLU A 110 14.25 -18.33 -15.08
C GLU A 110 14.03 -17.38 -13.92
N SER A 111 15.12 -16.96 -13.28
CA SER A 111 15.05 -16.05 -12.14
C SER A 111 16.32 -15.20 -12.04
N LYS A 112 16.14 -13.93 -11.73
CA LYS A 112 17.27 -13.01 -11.60
C LYS A 112 17.61 -12.77 -10.13
N GLN A 113 16.80 -11.95 -9.46
CA GLN A 113 17.01 -11.64 -8.05
C GLN A 113 16.29 -12.65 -7.16
N ALA A 114 14.97 -12.62 -7.20
CA ALA A 114 14.15 -13.52 -6.40
C ALA A 114 12.88 -13.94 -7.13
N LYS A 115 12.66 -15.24 -7.23
CA LYS A 115 11.48 -15.75 -7.92
C LYS A 115 10.22 -15.49 -7.10
N ILE A 116 10.34 -15.60 -5.78
CA ILE A 116 9.22 -15.38 -4.89
C ILE A 116 8.96 -13.88 -4.69
N GLN A 117 10.03 -13.12 -4.56
CA GLN A 117 9.92 -11.68 -4.36
C GLN A 117 9.40 -11.00 -5.63
N ALA A 118 9.88 -11.46 -6.79
CA ALA A 118 9.46 -10.90 -8.07
C ALA A 118 8.02 -11.27 -8.38
N THR A 119 7.63 -12.48 -8.01
CA THR A 119 6.28 -12.96 -8.26
C THR A 119 5.29 -12.35 -7.27
N GLN A 120 5.73 -12.17 -6.03
CA GLN A 120 4.88 -11.59 -4.99
C GLN A 120 4.77 -10.09 -5.17
N ALA A 121 5.85 -9.46 -5.62
CA ALA A 121 5.88 -8.02 -5.83
C ALA A 121 4.94 -7.62 -6.96
N PHE A 122 4.99 -8.37 -8.05
CA PHE A 122 4.16 -8.09 -9.22
C PHE A 122 2.69 -8.34 -8.90
N ARG A 123 2.40 -9.50 -8.32
CA ARG A 123 1.04 -9.87 -7.97
C ARG A 123 0.46 -8.89 -6.95
N ARG A 124 1.27 -8.53 -5.95
CA ARG A 124 0.84 -7.60 -4.91
C ARG A 124 0.69 -6.19 -5.47
N ALA A 125 1.56 -5.84 -6.42
CA ALA A 125 1.52 -4.51 -7.03
C ALA A 125 0.26 -4.33 -7.86
N ARG A 126 -0.02 -5.30 -8.73
CA ARG A 126 -1.20 -5.24 -9.58
C ARG A 126 -2.48 -5.44 -8.76
N ALA A 127 -2.37 -6.21 -7.69
CA ALA A 127 -3.51 -6.48 -6.82
C ALA A 127 -3.94 -5.23 -6.07
N ARG A 128 -3.00 -4.62 -5.36
CA ARG A 128 -3.28 -3.41 -4.60
C ARG A 128 -3.61 -2.25 -5.52
N LEU A 129 -2.99 -2.23 -6.69
CA LEU A 129 -3.21 -1.17 -7.66
C LEU A 129 -4.69 -1.08 -8.03
N GLN A 130 -5.25 -2.20 -8.47
CA GLN A 130 -6.66 -2.24 -8.84
C GLN A 130 -7.56 -2.25 -7.62
N ALA A 131 -7.10 -2.92 -6.56
CA ALA A 131 -7.86 -3.00 -5.31
C ALA A 131 -7.92 -1.65 -4.61
N ALA A 132 -7.11 -0.70 -5.09
CA ALA A 132 -7.06 0.62 -4.51
C ALA A 132 -8.37 1.38 -4.75
N GLY A 133 -9.22 0.82 -5.61
CA GLY A 133 -10.49 1.45 -5.90
C GLY A 133 -10.73 1.61 -7.39
N GLY A 134 -10.29 0.62 -8.17
CA GLY A 134 -10.46 0.68 -9.61
C GLY A 134 -11.66 -0.12 -10.08
N VAL A 135 -11.94 -1.22 -9.39
CA VAL A 135 -13.08 -2.08 -9.75
C VAL A 135 -14.40 -1.41 -9.40
N VAL A 136 -15.16 -1.05 -10.43
CA VAL A 136 -16.46 -0.42 -10.24
C VAL A 136 -17.17 -0.19 -11.57
N GLU A 137 -16.39 0.12 -12.60
CA GLU A 137 -16.94 0.37 -13.93
C GLU A 137 -16.10 -0.32 -15.00
N ILE A 138 -16.77 -0.82 -16.03
CA ILE A 138 -16.10 -1.50 -17.12
C ILE A 138 -16.17 -0.69 -18.41
N MET A 1 -8.29 9.72 18.37
CA MET A 1 -9.16 10.88 18.48
C MET A 1 -8.76 11.97 17.49
N VAL A 2 -7.52 12.44 17.61
CA VAL A 2 -7.01 13.47 16.72
C VAL A 2 -5.65 13.09 16.16
N MET A 3 -5.64 12.08 15.30
CA MET A 3 -4.41 11.62 14.67
C MET A 3 -4.22 12.23 13.30
N THR A 4 -2.97 12.43 12.90
CA THR A 4 -2.65 13.01 11.60
C THR A 4 -1.68 12.14 10.83
N VAL A 5 -2.21 11.36 9.88
CA VAL A 5 -1.38 10.48 9.06
C VAL A 5 -0.97 11.16 7.75
N ARG A 6 0.29 10.99 7.38
CA ARG A 6 0.81 11.58 6.15
C ARG A 6 1.68 10.59 5.40
N VAL A 7 1.49 10.52 4.08
CA VAL A 7 2.27 9.61 3.24
C VAL A 7 3.41 10.35 2.55
N ILE A 8 4.55 9.68 2.44
CA ILE A 8 5.72 10.26 1.80
C ILE A 8 6.44 9.24 0.91
N ALA A 9 7.04 9.73 -0.18
CA ALA A 9 7.76 8.86 -1.09
C ALA A 9 9.21 9.30 -1.25
N PRO A 10 10.07 8.40 -1.73
CA PRO A 10 11.49 8.67 -1.93
C PRO A 10 11.73 9.64 -3.09
N ASP A 11 10.66 9.95 -3.82
CA ASP A 11 10.75 10.86 -4.96
C ASP A 11 10.14 12.22 -4.62
N LYS A 12 9.28 12.23 -3.60
CA LYS A 12 8.61 13.45 -3.17
C LYS A 12 7.63 13.18 -2.04
N THR A 13 6.81 14.17 -1.71
CA THR A 13 5.83 14.03 -0.64
C THR A 13 4.42 13.82 -1.21
N VAL A 14 3.63 13.01 -0.54
CA VAL A 14 2.26 12.72 -0.98
C VAL A 14 1.29 13.73 -0.38
N TRP A 15 1.06 13.63 0.92
CA TRP A 15 0.14 14.53 1.61
C TRP A 15 0.06 14.19 3.09
N ASP A 16 -0.71 14.99 3.84
CA ASP A 16 -0.87 14.77 5.26
C ASP A 16 -2.31 15.07 5.69
N ALA A 17 -3.15 14.04 5.73
CA ALA A 17 -4.54 14.19 6.12
C ALA A 17 -4.79 13.62 7.50
N PRO A 18 -5.85 14.09 8.17
CA PRO A 18 -6.23 13.62 9.50
C PRO A 18 -6.75 12.18 9.50
N ALA A 19 -7.01 11.66 10.69
CA ALA A 19 -7.50 10.29 10.82
C ALA A 19 -7.80 9.96 12.29
N GLU A 20 -8.64 8.95 12.50
CA GLU A 20 -8.99 8.53 13.85
C GLU A 20 -8.45 7.14 14.15
N GLU A 21 -8.21 6.36 13.10
CA GLU A 21 -7.67 5.01 13.25
C GLU A 21 -7.25 4.43 11.89
N VAL A 22 -6.05 3.87 11.85
CA VAL A 22 -5.52 3.29 10.62
C VAL A 22 -5.28 1.80 10.79
N ILE A 23 -5.94 0.99 9.97
CA ILE A 23 -5.79 -0.45 10.02
C ILE A 23 -5.26 -1.01 8.70
N LEU A 24 -4.23 -1.83 8.79
CA LEU A 24 -3.63 -2.43 7.60
C LEU A 24 -2.80 -3.66 7.97
N PRO A 25 -2.55 -4.53 6.99
CA PRO A 25 -1.76 -5.75 7.18
C PRO A 25 -0.29 -5.46 7.42
N SER A 26 0.27 -6.08 8.44
CA SER A 26 1.68 -5.89 8.78
C SER A 26 2.38 -7.23 9.01
N THR A 27 3.60 -7.17 9.54
CA THR A 27 4.37 -8.37 9.80
C THR A 27 3.54 -9.40 10.56
N THR A 28 3.07 -9.02 11.73
CA THR A 28 2.26 -9.91 12.56
C THR A 28 0.95 -10.28 11.86
N GLY A 29 0.60 -9.52 10.83
CA GLY A 29 -0.61 -9.77 10.09
C GLY A 29 -1.63 -8.66 10.25
N GLN A 30 -1.83 -8.21 11.48
CA GLN A 30 -2.79 -7.14 11.76
C GLN A 30 -2.09 -5.97 12.44
N LEU A 31 -2.40 -4.76 11.96
CA LEU A 31 -1.80 -3.55 12.52
C LEU A 31 -2.86 -2.48 12.76
N GLY A 32 -2.72 -1.74 13.86
CA GLY A 32 -3.68 -0.69 14.17
C GLY A 32 -3.06 0.42 14.99
N ILE A 33 -3.02 1.63 14.41
CA ILE A 33 -2.46 2.78 15.10
C ILE A 33 -3.51 3.86 15.31
N LEU A 34 -3.35 4.65 16.37
CA LEU A 34 -4.28 5.73 16.67
C LEU A 34 -3.54 6.95 17.20
N SER A 35 -4.29 8.00 17.52
CA SER A 35 -3.70 9.23 18.03
C SER A 35 -3.11 9.02 19.42
N ASN A 36 -3.87 8.35 20.28
CA ASN A 36 -3.43 8.07 21.63
C ASN A 36 -2.17 7.22 21.63
N HIS A 37 -1.90 6.57 20.50
CA HIS A 37 -0.72 5.72 20.38
C HIS A 37 0.54 6.45 20.83
N ALA A 38 1.56 5.69 21.16
CA ALA A 38 2.83 6.28 21.61
C ALA A 38 3.81 6.42 20.46
N PRO A 39 4.85 7.24 20.66
CA PRO A 39 5.88 7.49 19.64
C PRO A 39 6.76 6.26 19.40
N LEU A 40 6.50 5.56 18.31
CA LEU A 40 7.27 4.37 17.95
C LEU A 40 7.27 4.15 16.45
N LEU A 41 8.33 3.53 15.95
CA LEU A 41 8.46 3.25 14.52
C LEU A 41 8.25 1.77 14.23
N THR A 42 7.72 1.47 13.05
CA THR A 42 7.48 0.09 12.64
C THR A 42 7.66 -0.08 11.14
N ALA A 43 7.58 -1.33 10.68
CA ALA A 43 7.73 -1.63 9.27
C ALA A 43 6.44 -2.21 8.69
N LEU A 44 6.10 -1.79 7.47
CA LEU A 44 4.90 -2.28 6.81
C LEU A 44 5.20 -2.74 5.39
N GLU A 45 4.52 -3.80 4.96
CA GLU A 45 4.72 -4.34 3.62
C GLU A 45 3.67 -3.80 2.66
N THR A 46 3.89 -4.03 1.36
CA THR A 46 2.97 -3.57 0.33
C THR A 46 1.55 -4.04 0.62
N GLY A 47 0.57 -3.20 0.31
CA GLY A 47 -0.82 -3.55 0.53
C GLY A 47 -1.71 -2.34 0.70
N VAL A 48 -3.01 -2.53 0.56
CA VAL A 48 -3.97 -1.44 0.69
C VAL A 48 -4.17 -1.06 2.15
N MET A 49 -4.20 0.24 2.42
CA MET A 49 -4.38 0.74 3.77
C MET A 49 -5.74 1.42 3.93
N ARG A 50 -6.45 1.08 5.01
CA ARG A 50 -7.75 1.66 5.26
C ARG A 50 -7.67 2.76 6.31
N VAL A 51 -8.13 3.95 5.94
CA VAL A 51 -8.10 5.10 6.86
C VAL A 51 -9.50 5.44 7.35
N ARG A 52 -9.63 5.67 8.65
CA ARG A 52 -10.91 6.01 9.24
C ARG A 52 -10.81 7.29 10.08
N GLN A 53 -11.18 8.42 9.47
CA GLN A 53 -11.12 9.70 10.15
C GLN A 53 -12.40 9.96 10.94
N ASP A 54 -13.54 9.76 10.29
CA ASP A 54 -14.84 9.97 10.92
C ASP A 54 -15.98 9.61 9.96
N ARG A 55 -16.39 8.36 9.99
CA ARG A 55 -17.48 7.90 9.12
C ARG A 55 -17.01 7.81 7.67
N GLU A 56 -15.73 8.10 7.44
CA GLU A 56 -15.16 8.06 6.11
C GLU A 56 -14.15 6.93 5.97
N TRP A 57 -14.11 6.31 4.80
CA TRP A 57 -13.19 5.21 4.54
C TRP A 57 -12.38 5.46 3.27
N VAL A 58 -11.09 5.76 3.45
CA VAL A 58 -10.21 6.02 2.32
C VAL A 58 -9.30 4.83 2.04
N ALA A 59 -9.15 4.47 0.78
CA ALA A 59 -8.31 3.36 0.38
C ALA A 59 -7.10 3.83 -0.41
N ILE A 60 -5.91 3.63 0.14
CA ILE A 60 -4.68 4.04 -0.52
C ILE A 60 -3.70 2.88 -0.63
N ALA A 61 -3.42 2.46 -1.86
CA ALA A 61 -2.48 1.36 -2.10
C ALA A 61 -1.06 1.75 -1.73
N LEU A 62 -0.63 1.39 -0.53
CA LEU A 62 0.71 1.70 -0.07
C LEU A 62 1.63 0.49 -0.21
N MET A 63 2.64 0.62 -1.05
CA MET A 63 3.60 -0.46 -1.28
C MET A 63 4.59 -0.55 -0.12
N GLY A 64 5.64 -1.34 -0.31
CA GLY A 64 6.64 -1.50 0.72
C GLY A 64 7.16 -0.18 1.24
N GLY A 65 7.01 0.07 2.53
CA GLY A 65 7.47 1.31 3.12
C GLY A 65 7.57 1.22 4.64
N PHE A 66 8.01 2.31 5.25
CA PHE A 66 8.16 2.37 6.71
C PHE A 66 7.16 3.34 7.32
N ALA A 67 6.57 2.94 8.44
CA ALA A 67 5.59 3.78 9.14
C ALA A 67 6.04 4.07 10.56
N GLU A 68 5.85 5.32 10.99
CA GLU A 68 6.22 5.72 12.34
C GLU A 68 5.24 6.74 12.90
N VAL A 69 4.57 6.38 13.99
CA VAL A 69 3.60 7.26 14.63
C VAL A 69 4.15 7.84 15.92
N GLU A 70 3.73 9.06 16.25
CA GLU A 70 4.19 9.74 17.46
C GLU A 70 3.42 11.03 17.68
N ASN A 71 2.90 11.19 18.89
CA ASN A 71 2.13 12.39 19.24
C ASN A 71 1.04 12.66 18.20
N ASN A 72 0.27 11.64 17.87
CA ASN A 72 -0.80 11.77 16.89
C ASN A 72 -0.26 12.23 15.55
N GLU A 73 0.91 11.70 15.18
CA GLU A 73 1.54 12.06 13.92
C GLU A 73 2.19 10.84 13.26
N VAL A 74 1.60 10.39 12.16
CA VAL A 74 2.12 9.24 11.43
C VAL A 74 2.96 9.66 10.24
N THR A 75 4.09 9.00 10.05
CA THR A 75 4.99 9.30 8.94
C THR A 75 5.29 8.05 8.11
N ILE A 76 4.67 7.95 6.94
CA ILE A 76 4.88 6.82 6.06
C ILE A 76 5.90 7.14 4.97
N LEU A 77 6.76 6.18 4.67
CA LEU A 77 7.78 6.36 3.64
C LEU A 77 7.82 5.16 2.70
N VAL A 78 6.86 5.10 1.78
CA VAL A 78 6.78 4.02 0.81
C VAL A 78 7.43 4.41 -0.50
N ASN A 79 8.01 3.42 -1.19
CA ASN A 79 8.66 3.67 -2.47
C ASN A 79 7.66 4.14 -3.52
N GLY A 80 6.39 3.80 -3.31
CA GLY A 80 5.36 4.19 -4.24
C GLY A 80 3.97 3.80 -3.77
N ALA A 81 2.98 4.62 -4.08
CA ALA A 81 1.61 4.35 -3.69
C ALA A 81 0.62 5.16 -4.54
N GLU A 82 -0.67 4.93 -4.31
CA GLU A 82 -1.72 5.62 -5.05
C GLU A 82 -2.95 5.85 -4.19
N ARG A 83 -3.62 6.98 -4.40
CA ARG A 83 -4.81 7.32 -3.64
C ARG A 83 -6.07 6.88 -4.38
N GLY A 84 -5.93 5.88 -5.24
CA GLY A 84 -7.06 5.38 -6.00
C GLY A 84 -7.26 6.13 -7.31
N ASP A 85 -6.57 7.26 -7.45
CA ASP A 85 -6.66 8.06 -8.67
C ASP A 85 -5.55 7.70 -9.65
N THR A 86 -5.25 6.41 -9.75
CA THR A 86 -4.21 5.94 -10.64
C THR A 86 -4.72 4.79 -11.52
N ILE A 87 -6.03 4.60 -11.52
CA ILE A 87 -6.65 3.54 -12.32
C ILE A 87 -6.22 3.63 -13.77
N ASP A 88 -5.64 2.55 -14.28
CA ASP A 88 -5.18 2.50 -15.67
C ASP A 88 -5.37 1.10 -16.26
N LEU A 89 -6.05 1.03 -17.39
CA LEU A 89 -6.29 -0.24 -18.06
C LEU A 89 -5.01 -0.80 -18.68
N GLU A 90 -4.52 -0.12 -19.71
CA GLU A 90 -3.31 -0.55 -20.39
C GLU A 90 -2.17 -0.74 -19.39
N LYS A 91 -1.94 0.27 -18.57
CA LYS A 91 -0.88 0.20 -17.55
C LYS A 91 -1.00 -1.06 -16.72
N ALA A 92 -2.18 -1.27 -16.13
CA ALA A 92 -2.43 -2.44 -15.31
C ALA A 92 -2.12 -3.73 -16.07
N LYS A 93 -2.66 -3.83 -17.28
CA LYS A 93 -2.45 -5.01 -18.11
C LYS A 93 -0.96 -5.20 -18.41
N ALA A 94 -0.22 -4.09 -18.46
CA ALA A 94 1.21 -4.15 -18.73
C ALA A 94 1.97 -4.79 -17.58
N GLU A 95 1.63 -4.38 -16.35
CA GLU A 95 2.28 -4.91 -15.17
C GLU A 95 1.90 -6.38 -14.95
N PHE A 96 0.60 -6.65 -14.95
CA PHE A 96 0.10 -8.00 -14.75
C PHE A 96 0.74 -8.98 -15.74
N ALA A 97 1.01 -8.48 -16.95
CA ALA A 97 1.63 -9.30 -17.99
C ALA A 97 3.12 -9.48 -17.73
N ALA A 98 3.82 -8.37 -17.52
CA ALA A 98 5.25 -8.42 -17.26
C ALA A 98 5.58 -9.32 -16.08
N ALA A 99 4.83 -9.16 -14.99
CA ALA A 99 5.03 -9.96 -13.79
C ALA A 99 4.79 -11.44 -14.08
N GLN A 100 3.66 -11.74 -14.71
CA GLN A 100 3.32 -13.11 -15.04
C GLN A 100 4.46 -13.81 -15.77
N ALA A 101 4.92 -13.19 -16.86
CA ALA A 101 6.01 -13.74 -17.64
C ALA A 101 7.31 -13.78 -16.84
N ALA A 102 7.53 -12.74 -16.04
CA ALA A 102 8.72 -12.66 -15.22
C ALA A 102 8.86 -13.87 -14.31
N LEU A 103 7.75 -14.25 -13.66
CA LEU A 103 7.74 -15.39 -12.76
C LEU A 103 8.09 -16.67 -13.50
N ALA A 104 7.34 -16.96 -14.56
CA ALA A 104 7.59 -18.16 -15.36
C ALA A 104 9.02 -18.22 -15.84
N GLN A 105 9.56 -17.05 -16.21
CA GLN A 105 10.94 -16.96 -16.70
C GLN A 105 11.93 -17.20 -15.57
N ALA A 106 11.64 -16.64 -14.40
CA ALA A 106 12.51 -16.79 -13.24
C ALA A 106 12.86 -18.26 -13.00
N GLU A 107 11.84 -19.11 -13.04
CA GLU A 107 12.03 -20.54 -12.81
C GLU A 107 12.70 -21.19 -14.03
N GLN A 108 12.57 -20.54 -15.18
CA GLN A 108 13.16 -21.05 -16.41
C GLN A 108 14.63 -20.68 -16.51
N GLY A 109 15.14 -19.99 -15.49
CA GLY A 109 16.52 -19.60 -15.48
C GLY A 109 16.70 -18.09 -15.51
N GLU A 110 15.95 -17.39 -14.65
CA GLU A 110 16.02 -15.94 -14.59
C GLU A 110 15.99 -15.46 -13.13
N SER A 111 15.77 -14.16 -12.95
CA SER A 111 15.72 -13.58 -11.62
C SER A 111 14.58 -14.18 -10.80
N LYS A 112 14.88 -15.22 -10.04
CA LYS A 112 13.88 -15.88 -9.21
C LYS A 112 14.02 -15.47 -7.74
N GLN A 113 14.31 -14.20 -7.52
CA GLN A 113 14.47 -13.67 -6.16
C GLN A 113 13.34 -14.15 -5.26
N ALA A 114 12.13 -13.69 -5.55
CA ALA A 114 10.96 -14.07 -4.76
C ALA A 114 9.74 -14.27 -5.66
N LYS A 115 9.30 -15.51 -5.78
CA LYS A 115 8.14 -15.84 -6.61
C LYS A 115 6.85 -15.37 -5.94
N ILE A 116 6.70 -15.71 -4.66
CA ILE A 116 5.52 -15.31 -3.91
C ILE A 116 5.48 -13.81 -3.68
N GLN A 117 6.55 -13.27 -3.11
CA GLN A 117 6.63 -11.84 -2.84
C GLN A 117 6.33 -11.03 -4.09
N ALA A 118 6.73 -11.57 -5.24
CA ALA A 118 6.50 -10.89 -6.52
C ALA A 118 5.08 -11.10 -7.00
N THR A 119 4.59 -12.34 -6.87
CA THR A 119 3.24 -12.67 -7.30
C THR A 119 2.20 -11.88 -6.52
N GLN A 120 2.44 -11.70 -5.22
CA GLN A 120 1.53 -10.96 -4.36
C GLN A 120 1.72 -9.46 -4.55
N ALA A 121 2.96 -9.04 -4.81
CA ALA A 121 3.27 -7.64 -5.00
C ALA A 121 2.61 -7.09 -6.26
N PHE A 122 2.86 -7.75 -7.39
CA PHE A 122 2.28 -7.32 -8.66
C PHE A 122 0.77 -7.49 -8.65
N ARG A 123 0.30 -8.51 -7.95
CA ARG A 123 -1.13 -8.79 -7.87
C ARG A 123 -1.83 -7.76 -6.98
N ARG A 124 -1.17 -7.36 -5.91
CA ARG A 124 -1.73 -6.38 -4.98
C ARG A 124 -1.82 -5.01 -5.64
N ALA A 125 -0.72 -4.57 -6.23
CA ALA A 125 -0.68 -3.27 -6.90
C ALA A 125 -1.76 -3.16 -7.96
N ARG A 126 -1.87 -4.18 -8.80
CA ARG A 126 -2.87 -4.21 -9.86
C ARG A 126 -4.27 -4.38 -9.28
N ALA A 127 -4.36 -5.07 -8.16
CA ALA A 127 -5.64 -5.31 -7.50
C ALA A 127 -6.27 -4.00 -7.06
N ARG A 128 -5.53 -3.21 -6.30
CA ARG A 128 -6.03 -1.93 -5.81
C ARG A 128 -6.11 -0.91 -6.94
N LEU A 129 -5.12 -0.95 -7.84
CA LEU A 129 -5.08 -0.02 -8.97
C LEU A 129 -6.33 -0.14 -9.82
N GLN A 130 -6.70 -1.37 -10.15
CA GLN A 130 -7.88 -1.62 -10.97
C GLN A 130 -9.16 -1.45 -10.15
N ALA A 131 -9.15 -2.00 -8.94
CA ALA A 131 -10.31 -1.90 -8.05
C ALA A 131 -10.60 -0.44 -7.70
N ALA A 132 -9.62 0.43 -7.92
CA ALA A 132 -9.77 1.85 -7.62
C ALA A 132 -10.79 2.49 -8.56
N GLY A 133 -11.13 1.79 -9.63
CA GLY A 133 -12.09 2.31 -10.58
C GLY A 133 -11.56 2.27 -12.00
N GLY A 134 -10.83 1.21 -12.33
CA GLY A 134 -10.27 1.08 -13.66
C GLY A 134 -11.10 0.18 -14.55
N VAL A 135 -11.74 -0.81 -13.94
CA VAL A 135 -12.56 -1.76 -14.68
C VAL A 135 -13.97 -1.86 -14.08
N VAL A 136 -14.84 -2.60 -14.75
CA VAL A 136 -16.21 -2.77 -14.28
C VAL A 136 -16.90 -3.94 -14.99
N GLU A 137 -17.77 -4.63 -14.27
CA GLU A 137 -18.50 -5.77 -14.84
C GLU A 137 -19.68 -6.15 -13.95
N ILE A 138 -20.86 -6.23 -14.57
CA ILE A 138 -22.07 -6.58 -13.84
C ILE A 138 -22.28 -8.10 -13.82
#